data_6OPP
#
_entry.id   6OPP
#
loop_
_entity.id
_entity.type
_entity.pdbx_description
1 polymer '17b Fab light chain'
2 polymer 'Envelope glycoprotein gp41'
3 polymer 'Envelope glycoprotein gp160'
4 polymer 'T-cell surface glycoprotein CD4'
5 polymer '17b Fab heavy chain'
6 branched 2-acetamido-2-deoxy-beta-D-glucopyranose-(1-4)-2-acetamido-2-deoxy-beta-D-glucopyranose
7 branched beta-D-mannopyranose-(1-4)-2-acetamido-2-deoxy-beta-D-glucopyranose-(1-4)-2-acetamido-2-deoxy-beta-D-glucopyranose
8 branched alpha-D-mannopyranose-(1-2)-alpha-D-mannopyranose-(1-2)-alpha-D-mannopyranose-(1-3)-[alpha-D-mannopyranose-(1-6)]beta-D-mannopyranose-(1-4)-2-acetamido-2-deoxy-beta-D-glucopyranose-(1-4)-2-acetamido-2-deoxy-beta-D-glucopyranose
9 branched alpha-D-mannopyranose-(1-3)-beta-D-mannopyranose-(1-4)-2-acetamido-2-deoxy-beta-D-glucopyranose-(1-4)-2-acetamido-2-deoxy-beta-D-glucopyranose
10 branched alpha-D-mannopyranose-(1-2)-alpha-D-mannopyranose-(1-3)-[alpha-D-mannopyranose-(1-6)]beta-D-mannopyranose-(1-4)-2-acetamido-2-deoxy-beta-D-glucopyranose-(1-4)-2-acetamido-2-deoxy-beta-D-glucopyranose
11 branched alpha-D-mannopyranose-(1-6)-beta-D-mannopyranose-(1-4)-2-acetamido-2-deoxy-beta-D-glucopyranose-(1-4)-2-acetamido-2-deoxy-beta-D-glucopyranose
12 non-polymer DODECYL-BETA-D-MALTOSIDE
13 non-polymer 2-acetamido-2-deoxy-beta-D-glucopyranose
#
loop_
_entity_poly.entity_id
_entity_poly.type
_entity_poly.pdbx_seq_one_letter_code
_entity_poly.pdbx_strand_id
1 'polypeptide(L)'
;ELELTQSPATLSVSPGERATLSCRASESVSSDLAWYQQKPGQAPRLLIYGASTRATGVPARFSGSGSGAEFTLTISSLQS
EDFAVYYCQQYNNWPPRYTFGQGTRLEIKRTVAAPSVFIFPPSDEQLKSGTASVVCLLNNFYPREAKVQWKVDNALQSGN
SQESVTEQDSKDSTYSLSSTLTLSKADYEKHKVYACEVTHQGLSSPVTKSFNRG
;
L,I,O
2 'polypeptide(L)'
;AVGLGAFILGFLGAAGSTMGAASMALTVQARLLLSGIVQQQNNLLRAPEAQQHMLQLTVWGIKQLQARVLAVERYLRDQQ
LLGIWGCSGKIICCTNVPWNDSWSNKTINEIWDNMTWMQWEKEIDNYTQHIYTLLEVSQIQQEKNEQELLELD
;
B,E,K
3 'polypeptide(L)'
;MDAMKRGLCCVLLLCGAVFVSPSQEIHARFRRGARAAKKWVTVYYGVPVWKEATTTLFCASDAKAYDTEVHNVWATHACV
PTDPNPQEIVLGNVTENFNMWKNNMVEQMHEDIISLWDQSLKPCVKLTPLCVTLNCNNVNTNNTNNSTNATISDWEKMET
GEMKNCSFNVTTSIRDKIKKEYALFYKLDVVPLENKNNINNTNITNYRLINCNTSVITQACPKVSFEPIPIHYCAPAGFA
ILKCNSKTFNGSGPCTNVSTVQCTHGIRPVVSTQLLLNGSLAEEEIVIRSENITDNAKTIIVQLNEAVEINCTRPNNNTR
KSIHIGPGRAFYATGDIIGNIRQAHCNISKARWNETLGQIVAKLEEQFPNKTIIFNHSSGGDPEIVTHSFNCGGEFFYCN
TTPLFNSTWNNTRTDDYPTGGEQNITLQCRIKQIINMWQGVGKAMYAPPIRGQIRCSSNITGLLLTRDGGRDQNGTETFR
PGGGNMRDNWRSELYKYKVVKIEPLGIAPTACKRRVVQRRRRRR
;
A,D,J
4 'polypeptide(L)'
;METDTLLLWVLLLWVPGSTGKKVVLGKKGDTVELTCTASQKKSIQFHWKNSNQIKILGNQGSFLTKGPSKLNDRADSRRS
LWDQGNFPLIIKNLKIEDSDTYICEVEDQKEEVQLLVFGLTANSDTHLLQGQSLTLTLESPPGSSPSVQCRSPRGKNIQG
GKTLSVSQLELQDSGTWTCTVLQNQKKVEFKIDIVVLAGGSGHHHHHH
;
C,M,F
5 'polypeptide(L)'
;QVQLLESGAEVKKPGSSVKVSCKASGDTFIRYSFTWVRQAPGQGLEWMGRIITILDVAHYAPHLQGRVTITADKSTSTVY
LELRNLRSDDTAVYFCAGVYEGEADEGEYDNNGFLKHWGQGTLVTVTSASTKGPSVFPLAPSSKSTSGGTAALGCLVKDY
FPEPVTVSWNSGALTSGVHTFPAVLQSSGLYSLSSVVTVPSSSLGTQTYICNVNHKPSNTKVDKKVEPK
;
H,G,N
#
loop_
_chem_comp.id
_chem_comp.type
_chem_comp.name
_chem_comp.formula
BMA D-saccharide, beta linking beta-D-mannopyranose 'C6 H12 O6'
LMT D-saccharide DODECYL-BETA-D-MALTOSIDE 'C24 H46 O11'
MAN D-saccharide, alpha linking alpha-D-mannopyranose 'C6 H12 O6'
NAG D-saccharide, beta linking 2-acetamido-2-deoxy-beta-D-glucopyranose 'C8 H15 N O6'
#
# COMPACT_ATOMS: atom_id res chain seq x y z
N GLU A 1 35.91 4.21 25.05
CA GLU A 1 35.70 5.59 24.60
C GLU A 1 36.86 6.10 23.75
N LEU A 2 36.75 7.34 23.30
CA LEU A 2 37.77 7.92 22.46
C LEU A 2 39.15 8.02 23.04
N GLU A 3 40.08 7.51 22.27
CA GLU A 3 41.49 7.54 22.57
C GLU A 3 42.19 8.64 21.81
N LEU A 4 42.93 9.44 22.53
CA LEU A 4 43.70 10.49 21.92
C LEU A 4 45.15 10.15 21.95
N THR A 5 45.84 10.41 20.87
CA THR A 5 47.26 10.17 20.86
C THR A 5 48.05 11.33 20.34
N GLN A 6 49.26 11.46 20.84
CA GLN A 6 50.16 12.48 20.36
C GLN A 6 50.93 11.90 19.20
N SER A 7 51.25 12.74 18.22
CA SER A 7 52.07 12.24 17.13
C SER A 7 53.56 12.09 17.55
N PRO A 8 54.32 13.16 17.88
CA PRO A 8 55.64 13.05 18.44
C PRO A 8 55.50 12.66 19.89
N ALA A 9 56.48 11.97 20.48
CA ALA A 9 56.41 11.83 21.93
C ALA A 9 56.94 13.12 22.53
N THR A 10 57.98 13.62 21.89
CA THR A 10 58.63 14.84 22.28
C THR A 10 58.97 15.59 21.01
N LEU A 11 59.17 16.88 21.11
CA LEU A 11 59.60 17.70 19.99
C LEU A 11 60.77 18.60 20.37
N SER A 12 61.90 18.44 19.68
CA SER A 12 63.09 19.25 19.94
C SER A 12 63.22 20.41 18.98
N VAL A 13 63.15 21.60 19.55
CA VAL A 13 63.17 22.87 18.85
C VAL A 13 64.09 23.90 19.48
N SER A 14 64.43 24.93 18.73
CA SER A 14 65.23 26.03 19.25
C SER A 14 64.30 27.16 19.65
N PRO A 15 64.62 27.96 20.67
CA PRO A 15 63.84 29.12 21.00
C PRO A 15 63.77 30.00 19.75
N GLY A 16 62.60 30.52 19.46
CA GLY A 16 62.33 31.35 18.31
C GLY A 16 61.73 30.54 17.15
N GLU A 17 61.82 29.23 17.25
CA GLU A 17 61.31 28.29 16.26
C GLU A 17 59.82 28.14 16.44
N ARG A 18 59.12 27.79 15.37
CA ARG A 18 57.70 27.55 15.53
C ARG A 18 57.46 26.11 15.93
N ALA A 19 56.87 25.89 17.10
CA ALA A 19 56.61 24.52 17.52
C ALA A 19 55.44 24.03 16.71
N THR A 20 55.45 22.77 16.32
CA THR A 20 54.31 22.18 15.62
C THR A 20 53.92 20.85 16.23
N LEU A 21 52.94 20.89 17.11
CA LEU A 21 52.48 19.77 17.89
C LEU A 21 51.16 19.24 17.32
N SER A 22 50.90 17.95 17.42
CA SER A 22 49.63 17.45 16.92
C SER A 22 49.10 16.26 17.69
N CYS A 23 47.78 16.08 17.55
CA CYS A 23 47.03 15.06 18.25
C CYS A 23 45.97 14.42 17.37
N ARG A 24 45.87 13.11 17.48
CA ARG A 24 44.90 12.36 16.72
C ARG A 24 43.78 11.80 17.58
N ALA A 25 42.58 11.83 17.01
CA ALA A 25 41.37 11.34 17.66
C ALA A 25 40.76 10.18 16.91
N SER A 26 40.78 9.00 17.52
CA SER A 26 40.31 7.77 16.86
C SER A 26 38.81 7.73 16.52
N GLU A 27 38.02 8.59 17.13
CA GLU A 27 36.57 8.62 16.92
C GLU A 27 36.08 9.92 16.26
N SER A 28 36.96 10.66 15.60
CA SER A 28 36.56 11.88 14.89
C SER A 28 35.80 12.95 15.72
N VAL A 29 36.40 13.38 16.81
CA VAL A 29 35.84 14.40 17.70
C VAL A 29 35.58 15.67 16.90
N SER A 30 34.44 16.33 17.08
CA SER A 30 34.19 17.51 16.26
C SER A 30 34.13 18.82 17.02
N SER A 31 35.17 19.63 16.84
CA SER A 31 35.42 20.93 17.46
C SER A 31 35.39 20.90 18.99
N ASP A 32 35.60 19.70 19.52
CA ASP A 32 35.63 19.37 20.92
C ASP A 32 37.00 18.99 21.43
N LEU A 33 38.05 19.44 20.77
CA LEU A 33 39.38 19.09 21.23
C LEU A 33 40.14 20.31 21.70
N ALA A 34 40.50 20.33 22.98
CA ALA A 34 41.18 21.45 23.64
C ALA A 34 42.66 21.21 23.84
N TRP A 35 43.42 22.29 24.00
CA TRP A 35 44.85 22.14 24.28
C TRP A 35 45.24 22.76 25.61
N TYR A 36 46.11 22.07 26.34
CA TYR A 36 46.61 22.51 27.65
C TYR A 36 48.14 22.54 27.75
N GLN A 37 48.70 23.44 28.57
CA GLN A 37 50.15 23.55 28.80
C GLN A 37 50.56 23.20 30.23
N GLN A 38 51.30 22.12 30.41
CA GLN A 38 51.71 21.73 31.75
C GLN A 38 53.20 21.89 32.01
N LYS A 39 53.55 22.65 33.00
CA LYS A 39 54.95 22.80 33.32
C LYS A 39 55.20 21.92 34.54
N PRO A 40 56.39 21.43 34.80
CA PRO A 40 56.66 20.60 35.96
C PRO A 40 56.22 21.31 37.22
N GLY A 41 55.46 20.59 38.05
CA GLY A 41 54.98 21.12 39.31
C GLY A 41 53.73 22.00 39.18
N GLN A 42 53.26 22.20 37.95
CA GLN A 42 52.12 23.07 37.69
C GLN A 42 50.90 22.34 37.22
N ALA A 43 49.75 22.99 37.37
CA ALA A 43 48.52 22.46 36.82
C ALA A 43 48.61 22.58 35.30
N PRO A 44 47.98 21.71 34.53
CA PRO A 44 47.93 21.73 33.08
C PRO A 44 46.95 22.77 32.55
N ARG A 45 47.33 24.02 32.67
CA ARG A 45 46.54 25.21 32.31
C ARG A 45 46.05 25.24 30.85
N LEU A 46 44.79 25.62 30.64
CA LEU A 46 44.21 25.69 29.29
C LEU A 46 44.80 26.75 28.39
N LEU A 47 45.12 26.34 27.16
CA LEU A 47 45.61 27.24 26.15
C LEU A 47 44.54 27.54 25.14
N ILE A 48 43.95 26.50 24.60
CA ILE A 48 42.96 26.70 23.57
C ILE A 48 41.65 26.09 23.97
N TYR A 49 40.65 26.94 23.97
CA TYR A 49 39.29 26.65 24.30
C TYR A 49 38.63 26.16 23.02
N GLY A 50 38.03 25.01 23.10
CA GLY A 50 37.44 24.45 21.92
C GLY A 50 38.62 24.12 21.04
N ALA A 51 38.41 24.09 19.73
CA ALA A 51 39.50 23.75 18.84
C ALA A 51 40.42 24.92 18.52
N SER A 52 39.92 26.16 18.58
CA SER A 52 40.76 27.26 18.12
C SER A 52 40.73 28.58 18.89
N THR A 53 40.06 28.70 20.02
CA THR A 53 40.04 30.01 20.65
C THR A 53 41.09 30.09 21.75
N ARG A 54 42.03 31.02 21.66
CA ARG A 54 42.98 30.97 22.75
C ARG A 54 42.26 31.49 23.99
N ALA A 55 42.52 30.85 25.11
CA ALA A 55 41.93 31.25 26.38
C ALA A 55 42.48 32.58 26.81
N THR A 56 41.71 33.32 27.57
CA THR A 56 42.19 34.59 28.06
C THR A 56 43.46 34.38 28.87
N GLY A 57 44.46 35.20 28.59
CA GLY A 57 45.74 35.14 29.28
C GLY A 57 46.78 34.38 28.48
N VAL A 58 46.36 33.71 27.44
CA VAL A 58 47.24 32.95 26.59
C VAL A 58 47.92 33.89 25.60
N PRO A 59 49.26 33.86 25.47
CA PRO A 59 50.04 34.65 24.55
C PRO A 59 49.60 34.39 23.13
N ALA A 60 49.75 35.41 22.28
CA ALA A 60 49.38 35.39 20.86
C ALA A 60 50.18 34.37 20.06
N ARG A 61 51.26 33.90 20.67
CA ARG A 61 52.11 32.89 20.08
C ARG A 61 51.33 31.63 19.85
N PHE A 62 50.36 31.36 20.73
CA PHE A 62 49.60 30.14 20.69
C PHE A 62 48.37 30.19 19.82
N SER A 63 48.29 29.23 18.92
CA SER A 63 47.16 29.13 18.02
C SER A 63 47.01 27.69 17.59
N GLY A 64 45.88 27.36 17.01
CA GLY A 64 45.69 26.00 16.55
C GLY A 64 44.35 25.85 15.88
N SER A 65 44.12 24.65 15.37
CA SER A 65 42.91 24.29 14.64
C SER A 65 42.80 22.82 14.38
N GLY A 66 41.77 22.43 13.66
CA GLY A 66 41.60 21.05 13.29
C GLY A 66 40.17 20.59 13.31
N SER A 67 40.00 19.35 12.90
CA SER A 67 38.68 18.74 12.83
C SER A 67 38.80 17.23 12.77
N GLY A 68 37.74 16.55 13.14
CA GLY A 68 37.67 15.12 12.97
C GLY A 68 38.78 14.41 13.69
N ALA A 69 39.51 13.59 12.97
CA ALA A 69 40.57 12.84 13.60
C ALA A 69 41.85 13.63 13.81
N GLU A 70 42.02 14.82 13.24
CA GLU A 70 43.33 15.45 13.44
C GLU A 70 43.31 16.92 13.77
N PHE A 71 44.03 17.23 14.85
CA PHE A 71 44.17 18.58 15.36
C PHE A 71 45.60 18.99 15.60
N THR A 72 45.85 20.29 15.44
CA THR A 72 47.18 20.81 15.69
C THR A 72 47.22 22.03 16.59
N LEU A 73 48.39 22.18 17.20
CA LEU A 73 48.78 23.29 18.05
C LEU A 73 50.12 23.82 17.63
N THR A 74 50.22 25.11 17.40
CA THR A 74 51.51 25.62 17.05
C THR A 74 51.88 26.77 17.94
N ILE A 75 53.18 26.97 18.11
CA ILE A 75 53.61 28.09 18.91
C ILE A 75 54.55 28.95 18.11
N SER A 76 54.13 30.13 17.72
CA SER A 76 54.99 31.00 16.92
C SER A 76 56.06 31.57 17.81
N SER A 77 57.27 31.75 17.31
CA SER A 77 58.29 32.41 18.11
C SER A 77 58.38 31.82 19.52
N LEU A 78 58.53 30.51 19.61
CA LEU A 78 58.55 29.80 20.87
C LEU A 78 59.54 30.36 21.87
N GLN A 79 59.08 30.60 23.10
CA GLN A 79 59.97 31.15 24.11
C GLN A 79 60.48 30.10 25.07
N SER A 80 61.52 30.40 25.84
CA SER A 80 62.04 29.40 26.78
C SER A 80 61.01 29.02 27.85
N GLU A 81 60.12 29.94 28.17
CA GLU A 81 59.09 29.68 29.16
C GLU A 81 58.00 28.73 28.65
N ASP A 82 58.01 28.40 27.36
CA ASP A 82 57.01 27.54 26.77
C ASP A 82 57.45 26.09 26.67
N PHE A 83 58.60 25.75 27.21
CA PHE A 83 59.00 24.35 27.10
C PHE A 83 58.33 23.49 28.17
N ALA A 84 57.08 23.20 27.87
CA ALA A 84 56.09 22.51 28.66
C ALA A 84 55.62 21.24 27.96
N VAL A 85 54.82 20.46 28.66
CA VAL A 85 54.20 19.30 28.04
C VAL A 85 52.81 19.70 27.60
N TYR A 86 52.50 19.49 26.35
CA TYR A 86 51.21 19.92 25.87
C TYR A 86 50.23 18.78 25.78
N TYR A 87 49.02 19.02 26.25
CA TYR A 87 48.01 17.98 26.25
C TYR A 87 46.81 18.26 25.42
N CYS A 88 46.33 17.18 24.87
CA CYS A 88 45.16 17.08 24.04
C CYS A 88 43.96 16.55 24.81
N GLN A 89 42.82 17.27 24.83
CA GLN A 89 41.62 16.78 25.55
C GLN A 89 40.37 16.76 24.70
N GLN A 90 39.60 15.69 24.79
CA GLN A 90 38.36 15.58 24.02
C GLN A 90 37.09 15.62 24.86
N TYR A 91 36.11 16.39 24.36
CA TYR A 91 34.79 16.57 24.97
C TYR A 91 33.57 16.04 24.22
N ASN A 92 33.71 15.33 23.12
CA ASN A 92 32.49 14.94 22.40
C ASN A 92 31.87 13.69 22.98
N ASN A 93 31.39 13.80 24.19
CA ASN A 93 30.83 12.65 24.90
C ASN A 93 29.68 13.02 25.77
N TRP A 94 28.62 12.27 25.62
CA TRP A 94 27.49 12.44 26.45
C TRP A 94 26.75 11.10 26.54
N PRO A 95 26.77 10.44 27.69
CA PRO A 95 27.33 10.76 28.99
C PRO A 95 28.82 11.02 28.85
N PRO A 96 29.42 11.88 29.65
CA PRO A 96 30.81 12.22 29.63
C PRO A 96 31.70 11.00 29.75
N ARG A 97 32.69 10.99 28.90
CA ARG A 97 33.73 9.99 28.77
C ARG A 97 34.89 10.78 28.22
N TYR A 98 35.33 11.73 29.00
CA TYR A 98 36.35 12.65 28.59
C TYR A 98 37.69 12.02 28.77
N THR A 99 38.56 12.29 27.81
CA THR A 99 39.90 11.73 27.85
C THR A 99 40.95 12.73 27.46
N PHE A 100 42.17 12.38 27.80
CA PHE A 100 43.34 13.15 27.45
C PHE A 100 44.33 12.27 26.73
N GLY A 101 45.17 12.90 25.92
CA GLY A 101 46.28 12.21 25.26
C GLY A 101 47.44 12.08 26.24
N GLN A 102 48.58 11.62 25.74
CA GLN A 102 49.74 11.34 26.60
C GLN A 102 50.54 12.55 26.97
N GLY A 103 50.51 13.56 26.12
CA GLY A 103 51.26 14.78 26.34
C GLY A 103 52.55 14.86 25.53
N THR A 104 52.75 15.95 24.78
CA THR A 104 53.99 16.08 24.00
C THR A 104 54.92 17.02 24.68
N ARG A 105 56.12 16.56 24.95
CA ARG A 105 57.07 17.42 25.63
C ARG A 105 57.94 18.21 24.68
N LEU A 106 58.03 19.52 24.88
CA LEU A 106 58.99 20.22 24.05
C LEU A 106 60.34 20.09 24.70
N GLU A 107 61.35 19.93 23.89
CA GLU A 107 62.71 19.83 24.34
C GLU A 107 63.47 21.00 23.81
N ILE A 108 64.40 21.50 24.60
CA ILE A 108 65.21 22.57 24.12
C ILE A 108 66.38 21.95 23.42
N LYS A 109 66.58 22.28 22.15
CA LYS A 109 67.70 21.71 21.46
C LYS A 109 68.98 22.22 22.11
N ARG A 110 69.88 21.29 22.43
CA ARG A 110 71.16 21.63 23.05
C ARG A 110 72.28 20.81 22.45
N ALA B 1 -30.35 1.91 8.03
CA ALA B 1 -31.60 1.25 7.68
C ALA B 1 -32.64 2.25 7.26
N VAL B 2 -33.19 2.96 8.24
CA VAL B 2 -34.23 3.93 7.99
C VAL B 2 -33.70 5.30 8.35
N GLY B 3 -33.65 6.19 7.37
CA GLY B 3 -33.03 7.52 7.49
C GLY B 3 -33.77 8.56 8.31
N LEU B 4 -34.23 8.17 9.47
CA LEU B 4 -34.84 9.06 10.42
C LEU B 4 -33.90 9.22 11.61
N GLY B 5 -33.17 8.17 11.92
CA GLY B 5 -32.34 8.15 13.14
C GLY B 5 -31.13 9.10 13.20
N ALA B 6 -30.44 9.32 12.07
CA ALA B 6 -29.17 10.09 11.97
C ALA B 6 -27.98 9.34 12.61
N PHE B 7 -28.24 8.12 13.04
CA PHE B 7 -27.29 7.21 13.65
C PHE B 7 -27.58 5.81 13.15
N ILE B 8 -26.63 4.90 13.21
CA ILE B 8 -26.93 3.54 12.79
C ILE B 8 -27.93 2.90 13.77
N LEU B 9 -27.68 3.07 15.05
CA LEU B 9 -28.59 2.57 16.06
C LEU B 9 -29.38 3.77 16.48
N GLY B 10 -30.57 3.59 17.06
CA GLY B 10 -31.35 4.79 17.35
C GLY B 10 -32.20 5.13 16.11
N PHE B 11 -32.41 4.13 15.28
CA PHE B 11 -33.13 4.22 14.02
C PHE B 11 -34.62 4.46 14.06
N LEU B 12 -35.24 4.43 15.24
CA LEU B 12 -36.68 4.67 15.29
C LEU B 12 -37.02 6.13 15.01
N GLY B 13 -36.06 7.04 15.12
CA GLY B 13 -36.42 8.42 14.83
C GLY B 13 -35.32 9.39 15.15
N ALA B 14 -35.48 10.62 14.70
CA ALA B 14 -34.47 11.64 14.91
C ALA B 14 -34.46 12.14 16.33
N ALA B 15 -33.28 12.50 16.80
CA ALA B 15 -33.24 13.11 18.10
C ALA B 15 -33.95 14.44 17.97
N GLY B 16 -34.70 14.80 18.99
CA GLY B 16 -35.39 16.09 19.03
C GLY B 16 -36.86 15.96 18.64
N SER B 17 -37.25 14.86 18.01
CA SER B 17 -38.65 14.69 17.66
C SER B 17 -39.39 14.11 18.82
N THR B 18 -40.67 14.38 18.93
CA THR B 18 -41.34 13.77 20.06
C THR B 18 -41.50 12.31 19.77
N MET B 19 -41.78 11.54 20.81
CA MET B 19 -41.88 10.11 20.67
C MET B 19 -43.02 9.76 19.72
N GLY B 20 -44.12 10.49 19.84
CA GLY B 20 -45.28 10.27 18.99
C GLY B 20 -44.95 10.57 17.55
N ALA B 21 -44.30 11.71 17.31
CA ALA B 21 -43.96 12.08 15.95
C ALA B 21 -43.03 11.07 15.33
N ALA B 22 -42.10 10.54 16.11
CA ALA B 22 -41.18 9.58 15.56
C ALA B 22 -41.91 8.33 15.09
N SER B 23 -42.91 7.88 15.84
CA SER B 23 -43.63 6.68 15.42
C SER B 23 -44.38 6.92 14.14
N MET B 24 -44.97 8.10 14.00
CA MET B 24 -45.72 8.37 12.80
C MET B 24 -44.81 8.42 11.59
N ALA B 25 -43.64 9.04 11.75
CA ALA B 25 -42.70 9.15 10.67
C ALA B 25 -42.19 7.79 10.24
N LEU B 26 -42.01 6.92 11.22
CA LEU B 26 -41.50 5.60 10.98
C LEU B 26 -42.48 4.78 10.18
N THR B 27 -43.77 4.92 10.47
CA THR B 27 -44.80 4.21 9.72
C THR B 27 -44.78 4.63 8.27
N VAL B 28 -44.65 5.94 8.04
CA VAL B 28 -44.62 6.43 6.67
C VAL B 28 -43.45 5.87 5.92
N GLN B 29 -42.28 5.85 6.55
CA GLN B 29 -41.14 5.32 5.84
C GLN B 29 -41.30 3.86 5.55
N ALA B 30 -41.90 3.11 6.46
CA ALA B 30 -42.04 1.70 6.16
C ALA B 30 -42.90 1.50 4.92
N ARG B 31 -43.93 2.30 4.76
CA ARG B 31 -44.71 2.12 3.57
C ARG B 31 -43.93 2.46 2.32
N LEU B 32 -43.16 3.54 2.36
CA LEU B 32 -42.39 3.93 1.19
C LEU B 32 -41.30 2.95 0.84
N LEU B 33 -40.68 2.39 1.84
CA LEU B 33 -39.62 1.45 1.59
C LEU B 33 -40.11 0.11 1.05
N LEU B 34 -41.24 -0.39 1.56
CA LEU B 34 -41.75 -1.68 1.09
C LEU B 34 -42.49 -1.59 -0.22
N SER B 35 -43.09 -0.45 -0.51
CA SER B 35 -43.86 -0.28 -1.74
C SER B 35 -42.95 -0.14 -2.94
N GLY B 36 -41.68 0.08 -2.67
CA GLY B 36 -40.66 0.30 -3.68
C GLY B 36 -40.58 1.77 -4.04
N ILE B 37 -41.40 2.59 -3.39
CA ILE B 37 -41.47 4.00 -3.64
C ILE B 37 -41.06 4.77 -2.38
N GLN B 56 -6.99 8.72 2.47
CA GLN B 56 -6.66 7.34 2.14
C GLN B 56 -7.91 6.51 2.23
N LEU B 57 -8.40 6.09 1.08
CA LEU B 57 -9.65 5.37 1.01
C LEU B 57 -9.63 4.03 1.70
N THR B 58 -8.52 3.32 1.67
CA THR B 58 -8.52 2.00 2.30
C THR B 58 -8.64 2.11 3.82
N VAL B 59 -8.03 3.12 4.39
CA VAL B 59 -8.08 3.30 5.81
C VAL B 59 -9.46 3.65 6.25
N TRP B 60 -10.07 4.57 5.54
CA TRP B 60 -11.38 4.96 5.97
C TRP B 60 -12.41 3.91 5.61
N GLY B 61 -12.19 3.15 4.54
CA GLY B 61 -13.14 2.12 4.17
C GLY B 61 -13.22 1.11 5.29
N ILE B 62 -12.07 0.73 5.84
CA ILE B 62 -12.07 -0.23 6.93
C ILE B 62 -12.74 0.36 8.15
N LYS B 63 -12.44 1.60 8.49
CA LYS B 63 -13.04 2.19 9.68
C LYS B 63 -14.57 2.24 9.55
N GLN B 64 -15.06 2.58 8.37
CA GLN B 64 -16.50 2.65 8.17
C GLN B 64 -17.13 1.29 8.29
N LEU B 65 -16.47 0.28 7.74
CA LEU B 65 -17.03 -1.04 7.86
C LEU B 65 -17.02 -1.50 9.28
N GLN B 66 -15.99 -1.19 10.04
CA GLN B 66 -15.99 -1.64 11.41
C GLN B 66 -17.18 -1.08 12.15
N ALA B 67 -17.51 0.18 11.90
CA ALA B 67 -18.67 0.75 12.57
C ALA B 67 -19.95 0.05 12.19
N ARG B 68 -20.07 -0.32 10.92
CA ARG B 68 -21.30 -0.95 10.47
C ARG B 68 -21.40 -2.39 10.94
N VAL B 69 -20.30 -3.11 10.94
CA VAL B 69 -20.32 -4.49 11.38
C VAL B 69 -20.63 -4.53 12.85
N LEU B 70 -20.02 -3.65 13.62
CA LEU B 70 -20.26 -3.62 15.03
C LEU B 70 -21.71 -3.35 15.33
N ALA B 71 -22.31 -2.38 14.64
CA ALA B 71 -23.69 -2.10 14.91
C ALA B 71 -24.55 -3.30 14.60
N VAL B 72 -24.25 -4.04 13.53
CA VAL B 72 -25.03 -5.21 13.22
C VAL B 72 -24.89 -6.25 14.30
N GLU B 73 -23.67 -6.48 14.77
CA GLU B 73 -23.50 -7.47 15.80
C GLU B 73 -24.26 -7.09 17.06
N ARG B 74 -24.27 -5.81 17.43
CA ARG B 74 -25.03 -5.43 18.61
C ARG B 74 -26.50 -5.61 18.38
N TYR B 75 -26.95 -5.26 17.19
CA TYR B 75 -28.34 -5.42 16.90
C TYR B 75 -28.77 -6.85 17.06
N LEU B 76 -28.04 -7.77 16.45
CA LEU B 76 -28.44 -9.14 16.52
C LEU B 76 -28.36 -9.67 17.93
N ARG B 77 -27.33 -9.26 18.66
CA ARG B 77 -27.17 -9.72 20.00
C ARG B 77 -28.38 -9.34 20.81
N ASP B 78 -28.78 -8.09 20.72
CA ASP B 78 -29.88 -7.61 21.53
C ASP B 78 -31.19 -8.23 21.09
N GLN B 79 -31.35 -8.47 19.81
CA GLN B 79 -32.59 -9.06 19.37
C GLN B 79 -32.79 -10.41 20.02
N GLN B 80 -31.71 -11.14 20.26
CA GLN B 80 -31.87 -12.39 20.96
C GLN B 80 -31.91 -12.20 22.48
N LEU B 81 -31.17 -11.23 23.02
CA LEU B 81 -31.15 -11.07 24.48
C LEU B 81 -32.50 -10.69 25.02
N LEU B 82 -33.27 -9.95 24.24
CA LEU B 82 -34.61 -9.51 24.61
C LEU B 82 -35.57 -10.65 24.81
N GLY B 83 -35.19 -11.84 24.38
CA GLY B 83 -36.00 -13.01 24.59
C GLY B 83 -36.23 -13.25 26.06
N ILE B 84 -35.31 -12.80 26.91
CA ILE B 84 -35.45 -12.98 28.34
C ILE B 84 -36.70 -12.33 28.91
N TRP B 85 -37.26 -11.32 28.21
CA TRP B 85 -38.48 -10.64 28.62
C TRP B 85 -39.65 -11.03 27.72
N GLY B 86 -39.41 -12.00 26.85
CA GLY B 86 -40.40 -12.45 25.87
C GLY B 86 -40.51 -11.55 24.64
N CYS B 87 -39.47 -10.77 24.35
CA CYS B 87 -39.50 -9.85 23.22
C CYS B 87 -38.47 -10.17 22.15
N SER B 88 -38.11 -11.43 22.03
CA SER B 88 -37.10 -11.78 21.05
C SER B 88 -37.52 -11.46 19.66
N GLY B 89 -36.60 -10.87 18.91
CA GLY B 89 -36.84 -10.60 17.51
C GLY B 89 -37.71 -9.37 17.25
N LYS B 90 -38.02 -8.61 18.29
CA LYS B 90 -38.86 -7.47 18.09
C LYS B 90 -38.20 -6.13 18.27
N ILE B 91 -38.75 -5.16 17.58
CA ILE B 91 -38.39 -3.77 17.71
C ILE B 91 -39.33 -3.10 18.68
N ILE B 92 -40.60 -3.40 18.52
CA ILE B 92 -41.61 -2.85 19.39
C ILE B 92 -42.18 -4.05 20.10
N CYS B 93 -42.20 -4.03 21.41
CA CYS B 93 -42.73 -5.19 22.10
C CYS B 93 -43.62 -4.86 23.27
N CYS B 94 -44.78 -5.47 23.27
CA CYS B 94 -45.76 -5.25 24.30
C CYS B 94 -45.61 -6.31 25.38
N THR B 95 -45.77 -5.92 26.65
CA THR B 95 -45.61 -6.83 27.77
C THR B 95 -46.86 -6.82 28.62
N ASN B 96 -46.88 -7.59 29.69
CA ASN B 96 -48.04 -7.59 30.57
C ASN B 96 -47.69 -7.01 31.95
N VAL B 97 -46.66 -6.19 32.02
CA VAL B 97 -46.31 -5.56 33.28
C VAL B 97 -46.99 -4.20 33.33
N PRO B 98 -47.83 -3.91 34.32
CA PRO B 98 -48.59 -2.70 34.43
C PRO B 98 -47.69 -1.55 34.73
N TRP B 99 -48.08 -0.36 34.33
CA TRP B 99 -47.33 0.82 34.66
C TRP B 99 -47.65 1.30 36.06
N ASN B 100 -46.60 1.63 36.78
CA ASN B 100 -46.65 2.20 38.13
C ASN B 100 -46.68 3.71 38.05
N ASP B 101 -47.74 4.33 38.53
CA ASP B 101 -47.84 5.79 38.46
C ASP B 101 -46.72 6.45 39.28
N SER B 102 -46.13 5.67 40.17
CA SER B 102 -45.02 6.08 40.98
C SER B 102 -43.80 6.32 40.12
N TRP B 103 -43.63 5.55 39.04
CA TRP B 103 -42.49 5.73 38.16
C TRP B 103 -42.71 7.00 37.37
N SER B 104 -43.97 7.19 36.97
CA SER B 104 -44.37 8.37 36.23
C SER B 104 -45.84 8.64 36.35
N ASN B 105 -46.14 9.90 36.61
CA ASN B 105 -47.48 10.43 36.81
C ASN B 105 -48.09 11.01 35.55
N LYS B 106 -47.43 10.86 34.42
CA LYS B 106 -47.95 11.45 33.20
C LYS B 106 -48.84 10.53 32.39
N THR B 107 -49.70 11.12 31.55
CA THR B 107 -50.61 10.33 30.73
C THR B 107 -49.96 9.90 29.44
N ILE B 108 -50.64 9.02 28.72
CA ILE B 108 -50.08 8.52 27.49
C ILE B 108 -49.93 9.60 26.45
N ASN B 109 -50.93 10.45 26.24
CA ASN B 109 -50.68 11.43 25.22
C ASN B 109 -49.75 12.50 25.75
N GLU B 110 -49.72 12.71 27.06
CA GLU B 110 -48.84 13.72 27.58
C GLU B 110 -47.40 13.44 27.23
N ILE B 111 -46.98 12.20 27.39
CA ILE B 111 -45.60 11.95 27.09
C ILE B 111 -45.39 11.67 25.62
N TRP B 112 -46.29 10.95 24.98
CA TRP B 112 -46.03 10.63 23.60
C TRP B 112 -46.13 11.84 22.68
N ASP B 113 -47.02 12.77 22.99
CA ASP B 113 -47.15 13.89 22.11
C ASP B 113 -46.10 14.97 22.34
N ASN B 114 -45.71 15.23 23.59
CA ASN B 114 -44.83 16.36 23.82
C ASN B 114 -43.38 16.03 24.16
N MET B 115 -43.07 14.83 24.61
CA MET B 115 -41.68 14.55 25.00
C MET B 115 -40.89 13.81 23.97
N THR B 116 -39.59 14.07 23.95
CA THR B 116 -38.65 13.37 23.08
C THR B 116 -38.17 12.15 23.82
N TRP B 117 -37.51 11.24 23.13
CA TRP B 117 -37.03 10.06 23.83
C TRP B 117 -36.03 10.37 24.90
N MET B 118 -35.13 11.31 24.66
CA MET B 118 -34.16 11.59 25.70
C MET B 118 -34.80 12.19 26.91
N GLN B 119 -35.79 13.06 26.71
CA GLN B 119 -36.40 13.67 27.88
C GLN B 119 -37.11 12.63 28.70
N TRP B 120 -37.76 11.71 28.01
CA TRP B 120 -38.47 10.66 28.69
C TRP B 120 -37.55 9.76 29.47
N GLU B 121 -36.45 9.34 28.86
CA GLU B 121 -35.56 8.45 29.56
C GLU B 121 -34.95 9.15 30.76
N LYS B 122 -34.67 10.45 30.66
CA LYS B 122 -34.13 11.10 31.84
C LYS B 122 -35.16 11.11 32.95
N GLU B 123 -36.42 11.39 32.61
CA GLU B 123 -37.46 11.47 33.62
C GLU B 123 -37.62 10.22 34.45
N ILE B 124 -37.52 9.06 33.85
CA ILE B 124 -37.69 7.81 34.59
C ILE B 124 -36.41 7.03 34.74
N ASP B 125 -35.27 7.69 34.62
CA ASP B 125 -34.00 6.99 34.65
C ASP B 125 -33.74 6.13 35.86
N ASN B 126 -34.18 6.52 37.04
CA ASN B 126 -33.80 5.72 38.18
C ASN B 126 -34.78 4.61 38.49
N TYR B 127 -35.71 4.37 37.59
CA TYR B 127 -36.61 3.27 37.79
C TYR B 127 -36.30 2.20 36.79
N THR B 128 -35.30 2.42 35.95
CA THR B 128 -35.04 1.48 34.89
C THR B 128 -34.71 0.10 35.40
N GLN B 129 -33.88 -0.01 36.42
CA GLN B 129 -33.52 -1.34 36.86
C GLN B 129 -34.68 -2.03 37.57
N HIS B 130 -35.58 -1.24 38.18
CA HIS B 130 -36.74 -1.81 38.83
C HIS B 130 -37.60 -2.43 37.74
N ILE B 131 -37.81 -1.68 36.68
CA ILE B 131 -38.67 -2.13 35.61
C ILE B 131 -38.07 -3.34 34.95
N TYR B 132 -36.78 -3.33 34.67
CA TYR B 132 -36.17 -4.48 34.02
C TYR B 132 -36.35 -5.72 34.86
N THR B 133 -36.21 -5.58 36.17
CA THR B 133 -36.38 -6.73 37.04
C THR B 133 -37.79 -7.27 36.92
N LEU B 134 -38.78 -6.39 36.90
CA LEU B 134 -40.15 -6.85 36.81
C LEU B 134 -40.42 -7.56 35.49
N LEU B 135 -39.83 -7.08 34.41
CA LEU B 135 -40.06 -7.70 33.14
C LEU B 135 -39.54 -9.13 33.11
N GLU B 136 -38.37 -9.36 33.71
CA GLU B 136 -37.87 -10.73 33.75
C GLU B 136 -38.77 -11.63 34.56
N VAL B 137 -39.26 -11.14 35.68
CA VAL B 137 -40.10 -11.96 36.50
C VAL B 137 -41.36 -12.34 35.77
N SER B 138 -41.97 -11.40 35.07
CA SER B 138 -43.18 -11.73 34.36
C SER B 138 -42.93 -12.80 33.33
N GLN B 139 -41.83 -12.70 32.57
CA GLN B 139 -41.62 -13.71 31.56
C GLN B 139 -41.43 -15.08 32.15
N ILE B 140 -40.79 -15.17 33.29
CA ILE B 140 -40.60 -16.46 33.90
C ILE B 140 -41.95 -17.03 34.28
N GLN B 141 -42.80 -16.22 34.88
CA GLN B 141 -44.09 -16.73 35.26
C GLN B 141 -44.90 -17.15 34.05
N GLN B 142 -44.79 -16.42 32.95
CA GLN B 142 -45.57 -16.79 31.78
C GLN B 142 -45.13 -18.13 31.22
N GLU B 143 -43.82 -18.39 31.19
CA GLU B 143 -43.38 -19.66 30.67
C GLU B 143 -43.74 -20.78 31.57
N LYS B 144 -43.66 -20.53 32.88
CA LYS B 144 -43.99 -21.55 33.82
C LYS B 144 -45.44 -21.94 33.66
N ASN B 145 -46.31 -20.94 33.51
CA ASN B 145 -47.71 -21.25 33.41
C ASN B 145 -48.00 -22.05 32.16
N GLU B 146 -47.35 -21.69 31.05
CA GLU B 146 -47.63 -22.42 29.83
C GLU B 146 -47.16 -23.86 29.93
N GLN B 147 -45.98 -24.09 30.49
CA GLN B 147 -45.51 -25.45 30.58
C GLN B 147 -46.36 -26.27 31.53
N GLU B 148 -46.88 -25.65 32.59
CA GLU B 148 -47.76 -26.41 33.47
C GLU B 148 -49.03 -26.80 32.72
N LEU B 149 -49.57 -25.91 31.89
CA LEU B 149 -50.76 -26.26 31.16
C LEU B 149 -50.48 -27.43 30.24
N LEU B 150 -49.29 -27.45 29.66
CA LEU B 150 -48.87 -28.48 28.74
C LEU B 150 -48.49 -29.78 29.44
N GLU B 151 -48.60 -29.81 30.77
CA GLU B 151 -48.39 -31.02 31.52
C GLU B 151 -49.56 -31.93 31.18
N LEU B 152 -50.74 -31.32 30.99
CA LEU B 152 -51.92 -32.09 30.69
C LEU B 152 -52.24 -32.04 29.21
N ASP B 153 -51.89 -30.91 28.57
CA ASP B 153 -52.17 -30.68 27.15
C ASP B 153 -50.93 -30.83 26.27
N ALA C 37 -58.24 3.55 30.36
CA ALA C 37 -57.37 2.44 29.99
C ALA C 37 -56.24 2.29 30.98
N LYS C 38 -55.80 1.08 31.16
CA LYS C 38 -54.67 0.81 32.02
C LYS C 38 -53.41 0.93 31.21
N LYS C 39 -52.43 1.67 31.72
CA LYS C 39 -51.15 1.84 31.07
C LYS C 39 -50.29 0.61 31.33
N TRP C 40 -49.60 0.15 30.30
CA TRP C 40 -48.71 -1.03 30.37
C TRP C 40 -47.33 -0.70 29.90
N VAL C 41 -46.34 -1.39 30.44
CA VAL C 41 -44.95 -1.16 30.06
C VAL C 41 -44.63 -1.76 28.72
N THR C 42 -44.04 -0.98 27.81
CA THR C 42 -43.60 -1.58 26.57
C THR C 42 -42.13 -1.29 26.39
N VAL C 43 -41.47 -2.06 25.55
CA VAL C 43 -40.06 -1.83 25.34
C VAL C 43 -39.81 -1.52 23.89
N TYR C 44 -38.85 -0.64 23.65
CA TYR C 44 -38.55 -0.22 22.31
C TYR C 44 -37.10 -0.37 22.00
N TYR C 45 -36.79 -0.91 20.86
CA TYR C 45 -35.40 -1.01 20.52
C TYR C 45 -35.15 -0.10 19.34
N GLY C 46 -34.09 0.69 19.40
CA GLY C 46 -33.77 1.62 18.35
C GLY C 46 -34.09 3.04 18.79
N VAL C 47 -34.18 3.23 20.09
CA VAL C 47 -34.45 4.50 20.71
C VAL C 47 -33.22 5.43 20.65
N PRO C 48 -33.33 6.67 20.15
CA PRO C 48 -32.24 7.60 19.96
C PRO C 48 -31.77 8.32 21.22
N VAL C 49 -31.22 7.55 22.16
CA VAL C 49 -30.76 8.13 23.42
C VAL C 49 -29.26 8.01 23.68
N TRP C 50 -28.66 9.16 23.95
CA TRP C 50 -27.23 9.30 24.17
C TRP C 50 -26.84 9.25 25.61
N LYS C 51 -25.66 8.71 25.86
CA LYS C 51 -25.02 8.71 27.16
C LYS C 51 -23.57 9.10 26.99
N GLU C 52 -22.95 9.65 28.02
CA GLU C 52 -21.55 10.01 27.94
C GLU C 52 -20.61 8.83 27.81
N ALA C 53 -19.59 9.00 26.99
CA ALA C 53 -18.60 7.98 26.76
C ALA C 53 -17.26 8.30 27.40
N THR C 54 -16.54 7.23 27.70
CA THR C 54 -15.19 7.28 28.22
C THR C 54 -14.35 6.34 27.37
N THR C 55 -13.95 6.80 26.20
CA THR C 55 -13.26 5.90 25.29
C THR C 55 -11.98 6.46 24.73
N THR C 56 -11.34 5.66 23.90
CA THR C 56 -10.08 6.05 23.28
C THR C 56 -10.29 6.45 21.85
N LEU C 57 -9.80 7.61 21.48
CA LEU C 57 -10.00 8.12 20.14
C LEU C 57 -8.76 7.95 19.31
N PHE C 58 -8.96 7.93 18.00
CA PHE C 58 -7.87 7.76 17.09
C PHE C 58 -7.30 9.09 16.79
N CYS C 59 -6.02 9.19 16.57
CA CYS C 59 -5.54 10.46 16.10
C CYS C 59 -5.29 10.39 14.61
N ALA C 60 -5.51 11.49 13.92
CA ALA C 60 -5.22 11.52 12.50
C ALA C 60 -4.51 12.81 12.14
N SER C 61 -3.61 12.73 11.19
CA SER C 61 -2.92 13.93 10.74
C SER C 61 -2.36 13.78 9.36
N ASP C 62 -2.09 14.89 8.70
CA ASP C 62 -1.44 14.83 7.41
C ASP C 62 0.06 14.79 7.59
N ALA C 63 0.53 13.67 8.11
CA ALA C 63 1.94 13.47 8.39
C ALA C 63 2.67 13.15 7.11
N LYS C 64 3.91 13.59 7.01
CA LYS C 64 4.71 13.27 5.85
C LYS C 64 5.75 12.19 6.13
N ALA C 65 6.19 12.11 7.37
CA ALA C 65 7.20 11.15 7.86
C ALA C 65 8.62 11.46 7.36
N TYR C 66 8.78 11.54 6.04
CA TYR C 66 10.05 11.76 5.37
C TYR C 66 10.68 13.11 5.68
N ASP C 67 9.91 14.02 6.24
CA ASP C 67 10.43 15.33 6.58
C ASP C 67 11.31 15.30 7.84
N THR C 68 11.28 14.18 8.60
CA THR C 68 12.08 13.92 9.82
C THR C 68 11.68 14.74 11.05
N GLU C 69 10.84 15.74 10.84
CA GLU C 69 10.36 16.58 11.91
C GLU C 69 9.68 15.66 12.90
N VAL C 70 9.88 15.91 14.18
CA VAL C 70 9.38 14.95 15.14
C VAL C 70 7.89 14.75 15.21
N HIS C 71 7.07 15.73 14.90
CA HIS C 71 5.65 15.49 15.00
C HIS C 71 5.24 14.60 13.88
N ASN C 72 5.87 14.78 12.72
CA ASN C 72 5.60 13.95 11.56
C ASN C 72 6.13 12.54 11.78
N VAL C 73 7.24 12.42 12.47
CA VAL C 73 7.80 11.10 12.74
C VAL C 73 6.93 10.38 13.76
N TRP C 74 6.52 11.07 14.81
CA TRP C 74 5.64 10.45 15.77
C TRP C 74 4.36 10.03 15.10
N ALA C 75 3.76 10.96 14.36
CA ALA C 75 2.49 10.76 13.71
C ALA C 75 2.54 9.61 12.76
N THR C 76 3.69 9.39 12.14
CA THR C 76 3.84 8.29 11.21
C THR C 76 3.30 7.01 11.80
N HIS C 77 3.54 6.72 13.07
CA HIS C 77 3.00 5.49 13.63
C HIS C 77 1.92 5.77 14.65
N ALA C 78 1.90 6.95 15.21
CA ALA C 78 0.90 7.21 16.22
C ALA C 78 -0.47 7.36 15.61
N CYS C 79 -0.54 7.92 14.40
CA CYS C 79 -1.76 8.30 13.77
C CYS C 79 -2.02 7.70 12.40
N VAL C 80 -3.19 8.02 11.89
CA VAL C 80 -3.62 7.61 10.56
C VAL C 80 -3.88 8.88 9.74
N PRO C 81 -4.05 8.80 8.41
CA PRO C 81 -4.41 9.90 7.56
C PRO C 81 -5.75 10.45 7.97
N THR C 82 -6.00 11.70 7.69
CA THR C 82 -7.26 12.33 8.02
C THR C 82 -8.32 11.85 7.06
N ASP C 83 -9.58 12.12 7.38
CA ASP C 83 -10.70 11.73 6.54
C ASP C 83 -10.75 12.63 5.33
N PRO C 84 -10.58 12.12 4.09
CA PRO C 84 -10.55 12.89 2.86
C PRO C 84 -11.90 13.50 2.53
N ASN C 85 -12.96 13.01 3.16
CA ASN C 85 -14.29 13.50 2.90
C ASN C 85 -15.17 13.38 4.13
N PRO C 86 -14.93 14.19 5.17
CA PRO C 86 -15.58 14.12 6.44
C PRO C 86 -16.99 14.58 6.24
N GLN C 87 -17.90 14.15 7.11
CA GLN C 87 -19.28 14.57 7.06
C GLN C 87 -19.77 15.02 8.41
N GLU C 88 -20.72 15.94 8.39
CA GLU C 88 -21.34 16.46 9.58
C GLU C 88 -22.84 16.45 9.46
N ILE C 89 -23.52 15.92 10.47
CA ILE C 89 -24.97 15.90 10.45
C ILE C 89 -25.52 16.87 11.44
N VAL C 90 -26.32 17.80 10.97
CA VAL C 90 -26.90 18.72 11.92
C VAL C 90 -28.13 18.05 12.48
N LEU C 91 -28.24 18.02 13.79
CA LEU C 91 -29.35 17.37 14.44
C LEU C 91 -30.51 18.32 14.54
N GLY C 92 -31.66 17.80 14.91
CA GLY C 92 -32.82 18.63 15.01
C GLY C 92 -32.75 19.46 16.26
N ASN C 93 -33.88 19.91 16.71
CA ASN C 93 -33.90 20.82 17.84
C ASN C 93 -33.69 20.06 19.14
N VAL C 94 -32.42 19.77 19.38
CA VAL C 94 -31.98 19.04 20.53
C VAL C 94 -31.14 19.97 21.36
N THR C 95 -31.31 19.92 22.66
CA THR C 95 -30.50 20.75 23.52
C THR C 95 -29.60 19.83 24.30
N GLU C 96 -28.31 20.10 24.24
CA GLU C 96 -27.35 19.22 24.89
C GLU C 96 -26.41 19.98 25.79
N ASN C 97 -26.23 19.49 27.01
CA ASN C 97 -25.33 20.15 27.95
C ASN C 97 -23.90 19.71 27.80
N PHE C 98 -23.05 20.66 27.48
CA PHE C 98 -21.63 20.48 27.29
C PHE C 98 -20.90 21.07 28.48
N ASN C 99 -19.74 20.54 28.82
CA ASN C 99 -18.94 21.10 29.89
C ASN C 99 -17.48 20.89 29.60
N MET C 100 -16.79 21.94 29.19
CA MET C 100 -15.40 21.80 28.77
C MET C 100 -14.48 21.40 29.92
N TRP C 101 -14.91 21.60 31.15
CA TRP C 101 -14.06 21.30 32.27
C TRP C 101 -14.20 19.89 32.77
N LYS C 102 -15.12 19.14 32.19
CA LYS C 102 -15.37 17.76 32.57
C LYS C 102 -15.16 16.87 31.36
N ASN C 103 -14.51 17.43 30.36
CA ASN C 103 -14.29 16.76 29.10
C ASN C 103 -13.07 15.86 29.17
N ASN C 104 -13.30 14.56 29.14
CA ASN C 104 -12.22 13.59 29.32
C ASN C 104 -11.32 13.43 28.10
N MET C 105 -11.65 14.14 27.03
CA MET C 105 -10.80 14.10 25.87
C MET C 105 -9.59 14.95 26.13
N VAL C 106 -9.67 15.84 27.13
CA VAL C 106 -8.56 16.69 27.44
C VAL C 106 -7.49 15.84 28.05
N GLU C 107 -7.89 14.94 28.94
CA GLU C 107 -6.94 14.07 29.59
C GLU C 107 -6.26 13.17 28.60
N GLN C 108 -7.02 12.72 27.62
CA GLN C 108 -6.42 11.85 26.64
C GLN C 108 -5.45 12.59 25.76
N MET C 109 -5.79 13.82 25.34
CA MET C 109 -4.86 14.57 24.51
C MET C 109 -3.59 14.87 25.28
N HIS C 110 -3.73 15.14 26.57
CA HIS C 110 -2.60 15.44 27.43
C HIS C 110 -1.66 14.26 27.43
N GLU C 111 -2.17 13.06 27.59
CA GLU C 111 -1.28 11.92 27.61
C GLU C 111 -0.60 11.69 26.27
N ASP C 112 -1.31 11.90 25.15
CA ASP C 112 -0.66 11.67 23.86
C ASP C 112 0.48 12.63 23.64
N ILE C 113 0.32 13.87 24.05
CA ILE C 113 1.34 14.86 23.86
C ILE C 113 2.52 14.58 24.74
N ILE C 114 2.28 14.17 25.99
CA ILE C 114 3.41 13.90 26.82
C ILE C 114 4.23 12.81 26.20
N SER C 115 3.58 11.77 25.69
CA SER C 115 4.35 10.71 25.08
C SER C 115 5.14 11.25 23.91
N LEU C 116 4.51 12.08 23.06
CA LEU C 116 5.21 12.62 21.92
C LEU C 116 6.47 13.33 22.37
N TRP C 117 6.35 14.19 23.38
CA TRP C 117 7.50 14.91 23.84
C TRP C 117 8.55 14.01 24.42
N ASP C 118 8.14 13.02 25.21
CA ASP C 118 9.08 12.15 25.84
C ASP C 118 9.86 11.33 24.82
N GLN C 119 9.18 10.96 23.73
CA GLN C 119 9.81 10.21 22.66
C GLN C 119 10.80 11.03 21.86
N SER C 120 10.52 12.31 21.68
CA SER C 120 11.36 13.14 20.83
C SER C 120 12.33 14.13 21.48
N LEU C 121 11.89 14.95 22.42
CA LEU C 121 12.79 15.98 22.93
C LEU C 121 13.58 15.48 24.11
N LYS C 122 14.58 14.68 23.80
CA LYS C 122 15.35 14.07 24.87
C LYS C 122 16.26 15.09 25.53
N PRO C 123 16.19 15.28 26.84
CA PRO C 123 17.02 16.17 27.59
C PRO C 123 18.32 15.47 27.74
N CYS C 124 19.35 16.21 28.00
CA CYS C 124 20.61 15.60 28.34
C CYS C 124 20.51 14.95 29.70
N VAL C 125 19.89 15.65 30.63
CA VAL C 125 19.67 15.10 31.96
C VAL C 125 18.22 15.23 32.38
N LYS C 126 17.61 14.12 32.73
CA LYS C 126 16.24 14.18 33.24
C LYS C 126 16.31 13.90 34.72
N LEU C 127 15.87 14.85 35.53
CA LEU C 127 15.98 14.68 36.97
C LEU C 127 14.62 14.81 37.68
N THR C 128 14.15 13.72 38.29
CA THR C 128 12.83 13.73 38.94
C THR C 128 12.90 13.20 40.37
N PRO C 129 11.98 13.58 41.27
CA PRO C 129 11.86 13.10 42.63
C PRO C 129 11.31 11.69 42.76
N LEU C 130 11.70 11.05 43.86
CA LEU C 130 11.25 9.74 44.33
C LEU C 130 10.91 9.80 45.80
N CYS C 131 9.77 9.28 46.23
CA CYS C 131 9.49 9.24 47.67
C CYS C 131 9.00 7.87 48.10
N VAL C 132 9.44 7.44 49.28
CA VAL C 132 9.05 6.15 49.85
C VAL C 132 7.61 6.10 50.34
N THR C 133 6.97 4.96 50.14
CA THR C 133 5.59 4.74 50.52
C THR C 133 5.44 4.41 52.00
N LEU C 134 5.78 5.37 52.83
CA LEU C 134 5.68 5.22 54.27
C LEU C 134 4.58 6.09 54.85
N ASN C 135 4.07 5.70 56.01
CA ASN C 135 3.08 6.52 56.71
C ASN C 135 3.87 7.50 57.58
N CYS C 136 3.93 8.74 57.12
CA CYS C 136 4.76 9.75 57.75
C CYS C 136 3.94 10.93 58.27
N LEU C 209 8.56 11.28 59.13
CA LEU C 209 9.58 11.56 58.14
C LEU C 209 9.49 10.69 56.91
N ILE C 210 9.37 11.35 55.77
CA ILE C 210 9.33 10.63 54.52
C ILE C 210 10.67 10.80 53.88
N ASN C 211 11.21 9.70 53.42
CA ASN C 211 12.50 9.70 52.78
C ASN C 211 12.38 9.90 51.28
N CYS C 212 12.85 11.04 50.81
CA CYS C 212 12.77 11.34 49.39
C CYS C 212 14.17 11.39 48.81
N ASN C 213 14.26 11.06 47.54
CA ASN C 213 15.49 10.96 46.78
C ASN C 213 15.17 11.33 45.35
N THR C 214 16.15 11.29 44.47
CA THR C 214 15.90 11.60 43.08
C THR C 214 16.37 10.51 42.15
N SER C 215 15.85 10.54 40.95
CA SER C 215 16.21 9.64 39.87
C SER C 215 16.76 10.43 38.72
N VAL C 216 17.98 10.12 38.33
CA VAL C 216 18.57 10.88 37.24
C VAL C 216 18.94 10.01 36.08
N ILE C 217 18.52 10.43 34.91
CA ILE C 217 18.81 9.71 33.70
C ILE C 217 19.63 10.55 32.73
N THR C 218 20.76 10.02 32.28
CA THR C 218 21.59 10.73 31.31
C THR C 218 21.29 10.14 29.95
N GLN C 219 20.93 10.99 29.00
CA GLN C 219 20.54 10.56 27.66
C GLN C 219 21.26 11.32 26.58
N ALA C 220 21.33 10.76 25.38
CA ALA C 220 21.92 11.45 24.24
C ALA C 220 21.15 12.72 23.99
N CYS C 221 21.80 13.76 23.46
CA CYS C 221 21.12 15.05 23.28
C CYS C 221 21.07 15.57 21.84
N PRO C 222 20.49 14.86 20.88
CA PRO C 222 20.44 15.29 19.49
C PRO C 222 19.50 16.45 19.33
N LYS C 223 19.75 17.32 18.37
CA LYS C 223 18.78 18.35 18.07
C LYS C 223 17.83 17.80 17.06
N VAL C 224 16.58 18.19 17.14
CA VAL C 224 15.60 17.75 16.18
C VAL C 224 14.78 18.90 15.68
N SER C 225 14.19 18.76 14.49
CA SER C 225 13.25 19.76 14.05
C SER C 225 11.98 19.61 14.86
N PHE C 226 11.40 20.72 15.27
CA PHE C 226 10.21 20.71 16.10
C PHE C 226 9.19 21.79 15.72
N GLU C 227 8.14 21.34 15.04
CA GLU C 227 7.07 22.18 14.53
C GLU C 227 5.69 21.49 14.59
N PRO C 228 4.83 21.82 15.54
CA PRO C 228 3.52 21.20 15.76
C PRO C 228 2.64 21.18 14.51
N ILE C 229 2.06 20.00 14.28
CA ILE C 229 1.20 19.61 13.15
C ILE C 229 -0.22 19.47 13.70
N PRO C 230 -1.29 19.90 13.02
CA PRO C 230 -2.62 19.73 13.53
C PRO C 230 -2.95 18.27 13.62
N ILE C 231 -3.54 17.87 14.73
CA ILE C 231 -3.97 16.51 14.95
C ILE C 231 -5.46 16.47 15.19
N HIS C 232 -6.15 15.61 14.47
CA HIS C 232 -7.59 15.48 14.59
C HIS C 232 -7.91 14.28 15.44
N TYR C 233 -8.93 14.35 16.29
CA TYR C 233 -9.30 13.13 16.99
C TYR C 233 -10.54 12.56 16.38
N CYS C 234 -10.56 11.24 16.21
CA CYS C 234 -11.71 10.60 15.61
C CYS C 234 -12.32 9.51 16.48
N ALA C 235 -13.63 9.46 16.53
CA ALA C 235 -14.30 8.48 17.36
C ALA C 235 -14.08 7.03 16.89
N PRO C 236 -13.95 6.07 17.82
CA PRO C 236 -13.87 4.65 17.59
C PRO C 236 -15.24 4.12 17.24
N ALA C 237 -15.31 2.95 16.63
CA ALA C 237 -16.60 2.39 16.30
C ALA C 237 -17.47 2.24 17.53
N GLY C 238 -18.73 2.63 17.39
CA GLY C 238 -19.71 2.57 18.46
C GLY C 238 -19.89 3.94 19.12
N PHE C 239 -19.01 4.86 18.80
CA PHE C 239 -19.04 6.19 19.38
C PHE C 239 -19.19 7.31 18.38
N ALA C 240 -19.66 8.44 18.87
CA ALA C 240 -19.83 9.61 18.04
C ALA C 240 -19.50 10.86 18.80
N ILE C 241 -19.15 11.92 18.08
CA ILE C 241 -18.84 13.16 18.76
C ILE C 241 -19.88 14.22 18.47
N LEU C 242 -20.38 14.79 19.54
CA LEU C 242 -21.35 15.84 19.38
C LEU C 242 -20.59 17.14 19.42
N LYS C 243 -20.90 18.01 18.50
CA LYS C 243 -20.25 19.29 18.42
C LYS C 243 -21.22 20.42 18.72
N CYS C 244 -20.80 21.32 19.59
CA CYS C 244 -21.62 22.46 19.93
C CYS C 244 -21.40 23.58 18.94
N ASN C 245 -22.43 23.95 18.21
CA ASN C 245 -22.30 24.94 17.17
C ASN C 245 -22.85 26.29 17.56
N SER C 246 -23.22 26.46 18.81
CA SER C 246 -23.71 27.75 19.23
C SER C 246 -22.57 28.71 19.18
N LYS C 247 -22.82 29.93 18.77
CA LYS C 247 -21.75 30.89 18.81
C LYS C 247 -21.71 31.39 20.23
N THR C 248 -20.53 31.73 20.70
CA THR C 248 -20.39 32.23 22.06
C THR C 248 -21.03 31.27 23.08
N PHE C 249 -20.64 30.00 22.95
CA PHE C 249 -21.05 28.92 23.85
C PHE C 249 -20.67 29.18 25.30
N ASN C 250 -19.48 29.67 25.50
CA ASN C 250 -18.87 30.03 26.79
C ASN C 250 -18.42 28.87 27.67
N GLY C 251 -18.42 27.67 27.15
CA GLY C 251 -17.81 26.55 27.86
C GLY C 251 -18.70 25.65 28.68
N SER C 252 -19.88 26.10 29.08
CA SER C 252 -20.69 25.14 29.81
C SER C 252 -22.15 25.42 29.71
N GLY C 253 -22.94 24.38 29.79
CA GLY C 253 -24.38 24.54 29.73
C GLY C 253 -24.88 24.10 28.38
N PRO C 254 -26.13 24.33 28.07
CA PRO C 254 -26.78 23.86 26.89
C PRO C 254 -26.34 24.51 25.61
N CYS C 255 -26.33 23.71 24.57
CA CYS C 255 -26.16 24.17 23.21
C CYS C 255 -27.44 23.83 22.53
N THR C 256 -27.93 24.73 21.69
CA THR C 256 -29.21 24.50 21.01
C THR C 256 -28.99 24.22 19.55
N ASN C 257 -27.75 24.07 19.18
CA ASN C 257 -27.35 23.74 17.83
C ASN C 257 -26.26 22.68 17.92
N VAL C 258 -26.65 21.45 17.70
CA VAL C 258 -25.73 20.36 17.89
C VAL C 258 -25.63 19.54 16.63
N SER C 259 -24.41 19.24 16.24
CA SER C 259 -24.20 18.42 15.07
C SER C 259 -23.33 17.22 15.42
N THR C 260 -23.41 16.18 14.62
CA THR C 260 -22.61 15.00 14.87
C THR C 260 -21.52 14.79 13.84
N VAL C 261 -20.31 14.56 14.35
CA VAL C 261 -19.15 14.32 13.51
C VAL C 261 -18.39 13.08 13.96
N GLN C 262 -17.54 12.54 13.10
CA GLN C 262 -16.63 11.50 13.57
C GLN C 262 -15.36 12.12 14.08
N CYS C 263 -14.92 13.19 13.42
CA CYS C 263 -13.65 13.78 13.76
C CYS C 263 -13.73 15.24 14.17
N THR C 264 -12.82 15.63 15.05
CA THR C 264 -12.67 17.00 15.50
C THR C 264 -11.85 17.73 14.48
N HIS C 265 -11.76 19.04 14.60
CA HIS C 265 -10.90 19.82 13.74
C HIS C 265 -9.49 19.52 14.18
N GLY C 266 -8.51 19.84 13.36
CA GLY C 266 -7.18 19.53 13.80
C GLY C 266 -6.73 20.55 14.81
N ILE C 267 -6.04 20.10 15.84
CA ILE C 267 -5.48 20.99 16.81
C ILE C 267 -3.99 20.82 16.85
N ARG C 268 -3.23 21.87 16.67
CA ARG C 268 -1.79 21.73 16.75
C ARG C 268 -1.43 21.59 18.21
N PRO C 269 -0.59 20.64 18.62
CA PRO C 269 -0.17 20.43 19.98
C PRO C 269 0.87 21.44 20.39
N VAL C 270 0.45 22.68 20.41
CA VAL C 270 1.37 23.72 20.76
C VAL C 270 1.45 23.86 22.25
N VAL C 271 2.66 23.87 22.76
CA VAL C 271 2.89 24.02 24.17
C VAL C 271 3.42 25.40 24.44
N SER C 272 2.65 26.19 25.17
CA SER C 272 3.02 27.56 25.50
C SER C 272 2.39 27.91 26.82
N THR C 273 2.79 29.04 27.41
CA THR C 273 2.18 29.35 28.69
C THR C 273 1.21 30.56 28.75
N GLN C 274 1.73 31.76 28.86
CA GLN C 274 0.84 32.91 29.08
C GLN C 274 -0.10 33.26 27.94
N LEU C 275 0.38 33.08 26.72
CA LEU C 275 -0.39 33.38 25.52
C LEU C 275 -0.48 32.11 24.72
N LEU C 276 -1.65 31.87 24.17
CA LEU C 276 -1.92 30.68 23.38
C LEU C 276 -1.56 30.94 21.95
N LEU C 277 -0.87 30.00 21.35
CA LEU C 277 -0.45 30.20 19.98
C LEU C 277 -1.01 29.20 19.01
N ASN C 278 -1.27 29.70 17.82
CA ASN C 278 -1.69 28.95 16.65
C ASN C 278 -2.95 28.13 16.88
N GLY C 279 -3.90 28.64 17.64
CA GLY C 279 -5.15 27.93 17.85
C GLY C 279 -6.22 28.48 16.94
N SER C 280 -7.46 28.17 17.25
CA SER C 280 -8.57 28.64 16.45
C SER C 280 -9.10 29.96 16.98
N LEU C 281 -9.86 30.66 16.15
CA LEU C 281 -10.46 31.92 16.55
C LEU C 281 -11.96 31.83 16.78
N ALA C 282 -12.44 32.74 17.60
CA ALA C 282 -13.85 32.89 17.94
C ALA C 282 -14.60 33.34 16.70
N GLU C 283 -15.86 32.93 16.59
CA GLU C 283 -16.65 33.23 15.40
C GLU C 283 -16.96 34.70 15.15
N GLU C 284 -17.28 35.44 16.21
CA GLU C 284 -17.68 36.83 16.04
C GLU C 284 -17.02 37.80 17.00
N GLU C 285 -16.95 37.39 18.25
CA GLU C 285 -16.57 38.26 19.34
C GLU C 285 -15.59 37.55 20.22
N ILE C 286 -14.87 38.31 21.01
CA ILE C 286 -13.98 37.67 21.94
C ILE C 286 -14.82 36.96 22.96
N VAL C 287 -14.51 35.71 23.21
CA VAL C 287 -15.29 34.93 24.15
C VAL C 287 -14.46 34.65 25.36
N ILE C 288 -14.97 35.04 26.51
CA ILE C 288 -14.24 34.82 27.73
C ILE C 288 -14.88 33.69 28.49
N ARG C 289 -14.12 32.61 28.69
CA ARG C 289 -14.65 31.43 29.33
C ARG C 289 -13.98 31.10 30.66
N SER C 290 -14.74 30.62 31.60
CA SER C 290 -14.15 30.14 32.84
C SER C 290 -15.05 29.11 33.46
N GLU C 291 -14.48 28.21 34.26
CA GLU C 291 -15.25 27.20 34.97
C GLU C 291 -16.19 27.84 35.96
N ASN C 292 -15.71 28.90 36.57
CA ASN C 292 -16.45 29.70 37.51
C ASN C 292 -15.93 31.12 37.42
N ILE C 293 -16.62 32.05 38.01
CA ILE C 293 -16.18 33.42 37.99
C ILE C 293 -16.18 33.99 39.39
N THR C 294 -15.19 34.86 39.67
CA THR C 294 -14.98 35.58 40.94
C THR C 294 -14.32 34.77 42.06
N ASP C 295 -14.02 33.50 41.83
CA ASP C 295 -13.40 32.72 42.90
C ASP C 295 -11.90 32.93 43.01
N ASN C 296 -11.37 33.72 42.08
CA ASN C 296 -9.98 34.07 42.01
C ASN C 296 -9.11 32.83 42.05
N ALA C 297 -9.51 31.78 41.34
CA ALA C 297 -8.75 30.56 41.29
C ALA C 297 -8.77 29.97 39.90
N LYS C 298 -9.90 30.06 39.21
CA LYS C 298 -9.99 29.42 37.92
C LYS C 298 -9.33 30.24 36.84
N THR C 299 -8.77 29.55 35.86
CA THR C 299 -8.17 30.17 34.70
C THR C 299 -9.25 30.74 33.81
N ILE C 300 -9.04 31.94 33.33
CA ILE C 300 -9.94 32.56 32.40
C ILE C 300 -9.33 32.45 31.03
N ILE C 301 -10.06 31.82 30.14
CA ILE C 301 -9.55 31.62 28.82
C ILE C 301 -10.18 32.61 27.89
N VAL C 302 -9.35 33.44 27.29
CA VAL C 302 -9.89 34.45 26.42
C VAL C 302 -9.60 34.09 25.00
N GLN C 303 -10.63 33.79 24.23
CA GLN C 303 -10.43 33.40 22.84
C GLN C 303 -10.66 34.58 21.95
N LEU C 304 -9.69 34.88 21.11
CA LEU C 304 -9.83 36.05 20.27
C LEU C 304 -10.59 35.73 19.02
N ASN C 305 -11.26 36.73 18.46
CA ASN C 305 -11.97 36.63 17.18
C ASN C 305 -11.13 37.14 16.02
N GLU C 306 -9.87 37.40 16.30
CA GLU C 306 -8.87 37.86 15.36
C GLU C 306 -7.53 37.40 15.89
N ALA C 307 -6.53 37.24 15.04
CA ALA C 307 -5.22 36.85 15.57
C ALA C 307 -4.25 38.00 15.55
N VAL C 308 -3.34 38.00 16.52
CA VAL C 308 -2.30 39.01 16.54
C VAL C 308 -0.95 38.36 16.23
N GLU C 309 -0.34 38.76 15.16
CA GLU C 309 0.93 38.15 14.82
C GLU C 309 2.03 38.57 15.75
N ILE C 310 2.84 37.60 16.13
CA ILE C 310 4.02 37.83 16.92
C ILE C 310 5.22 37.22 16.20
N ASN C 311 6.27 38.01 16.03
CA ASN C 311 7.44 37.51 15.32
C ASN C 311 8.66 37.46 16.20
N CYS C 312 9.04 36.25 16.61
CA CYS C 312 10.17 36.11 17.52
C CYS C 312 11.39 35.57 16.83
N THR C 313 12.56 36.04 17.24
CA THR C 313 13.77 35.50 16.67
C THR C 313 15.02 35.67 17.51
N ARG C 314 15.96 34.77 17.25
CA ARG C 314 17.30 34.78 17.81
C ARG C 314 18.25 34.78 16.61
N PRO C 315 18.59 35.96 16.09
CA PRO C 315 19.33 36.19 14.88
C PRO C 315 20.78 35.87 15.08
N ASN C 316 21.52 35.77 13.99
CA ASN C 316 22.95 35.53 14.09
C ASN C 316 23.66 36.83 14.44
N ASN C 317 24.98 36.79 14.44
CA ASN C 317 25.83 37.88 14.89
C ASN C 317 25.61 38.20 16.36
N ASN C 318 25.39 37.14 17.14
CA ASN C 318 25.20 37.17 18.57
C ASN C 318 26.04 36.04 19.13
N THR C 319 27.33 36.31 19.28
CA THR C 319 28.29 35.29 19.62
C THR C 319 28.98 35.44 20.97
N ARG C 320 28.54 36.37 21.79
CA ARG C 320 29.18 36.53 23.10
C ARG C 320 28.74 35.37 24.01
N LYS C 321 29.67 34.80 24.76
CA LYS C 321 29.29 33.68 25.62
C LYS C 321 29.23 34.03 27.09
N SER C 322 29.96 35.05 27.49
CA SER C 322 30.00 35.44 28.89
C SER C 322 30.24 36.91 28.97
N ILE C 323 29.87 37.48 30.11
CA ILE C 323 30.09 38.89 30.32
C ILE C 323 31.44 39.13 30.97
N HIS C 324 31.73 38.36 32.02
CA HIS C 324 32.97 38.44 32.77
C HIS C 324 33.28 37.15 33.50
N ILE C 325 34.54 36.75 33.48
CA ILE C 325 34.99 35.58 34.19
C ILE C 325 36.27 35.92 34.93
N ASN C 340 25.50 38.06 22.14
CA ASN C 340 25.09 37.19 23.24
C ASN C 340 24.28 36.05 22.68
N ILE C 341 24.84 34.86 22.81
CA ILE C 341 24.25 33.67 22.24
C ILE C 341 22.87 33.27 22.71
N ARG C 342 22.40 33.81 23.83
CA ARG C 342 21.06 33.45 24.26
C ARG C 342 20.07 34.59 24.16
N GLN C 343 20.46 35.68 23.50
CA GLN C 343 19.62 36.86 23.35
C GLN C 343 18.70 36.81 22.14
N ALA C 344 17.42 37.02 22.39
CA ALA C 344 16.38 36.96 21.37
C ALA C 344 15.29 37.97 21.67
N HIS C 345 14.48 38.30 20.67
CA HIS C 345 13.39 39.24 20.91
C HIS C 345 12.17 39.02 20.03
N CYS C 346 11.02 39.54 20.48
CA CYS C 346 9.77 39.38 19.72
C CYS C 346 9.05 40.65 19.39
N ASN C 347 8.54 40.77 18.18
CA ASN C 347 7.79 41.95 17.81
C ASN C 347 6.29 41.72 17.70
N ILE C 348 5.55 42.64 18.30
CA ILE C 348 4.09 42.72 18.30
C ILE C 348 3.64 44.06 17.74
N SER C 349 2.68 44.07 16.82
CA SER C 349 2.24 45.36 16.30
C SER C 349 1.52 46.11 17.41
N LYS C 350 1.97 47.32 17.74
CA LYS C 350 1.40 48.06 18.85
C LYS C 350 -0.07 48.32 18.70
N ALA C 351 -0.47 48.63 17.48
CA ALA C 351 -1.83 48.96 17.16
C ALA C 351 -2.75 47.76 17.19
N ARG C 352 -2.18 46.56 17.10
CA ARG C 352 -3.04 45.41 17.11
C ARG C 352 -3.25 45.05 18.54
N TRP C 353 -2.19 45.11 19.30
CA TRP C 353 -2.29 44.73 20.68
C TRP C 353 -3.22 45.64 21.45
N ASN C 354 -3.13 46.96 21.26
CA ASN C 354 -3.99 47.81 22.06
C ASN C 354 -5.45 47.68 21.64
N GLU C 355 -5.68 47.38 20.36
CA GLU C 355 -7.04 47.17 19.90
C GLU C 355 -7.58 45.90 20.50
N THR C 356 -6.74 44.87 20.55
CA THR C 356 -7.14 43.59 21.07
C THR C 356 -7.53 43.74 22.50
N LEU C 357 -6.71 44.45 23.29
CA LEU C 357 -7.06 44.62 24.67
C LEU C 357 -8.30 45.46 24.80
N GLY C 358 -8.47 46.49 23.98
CA GLY C 358 -9.67 47.27 24.15
C GLY C 358 -10.92 46.41 24.02
N GLN C 359 -10.91 45.47 23.08
CA GLN C 359 -12.06 44.60 22.93
C GLN C 359 -12.21 43.67 24.14
N ILE C 360 -11.10 43.17 24.68
CA ILE C 360 -11.15 42.28 25.83
C ILE C 360 -11.70 43.01 27.02
N VAL C 361 -11.23 44.22 27.22
CA VAL C 361 -11.63 45.05 28.33
C VAL C 361 -13.10 45.33 28.23
N ALA C 362 -13.58 45.65 27.05
CA ALA C 362 -14.99 45.90 26.89
C ALA C 362 -15.81 44.71 27.34
N LYS C 363 -15.32 43.50 27.05
CA LYS C 363 -16.06 42.32 27.49
C LYS C 363 -15.90 42.09 28.99
N LEU C 364 -14.75 42.39 29.56
CA LEU C 364 -14.59 42.18 31.00
C LEU C 364 -15.55 43.09 31.76
N GLU C 365 -15.79 44.28 31.23
CA GLU C 365 -16.69 45.27 31.81
C GLU C 365 -18.14 44.80 31.86
N GLU C 366 -18.49 43.78 31.08
CA GLU C 366 -19.84 43.29 31.10
C GLU C 366 -20.07 42.48 32.36
N GLN C 367 -18.98 42.00 32.97
CA GLN C 367 -19.08 41.19 34.16
C GLN C 367 -18.76 42.03 35.37
N PHE C 368 -17.85 42.98 35.18
CA PHE C 368 -17.42 43.83 36.26
C PHE C 368 -17.49 45.31 35.88
N PRO C 369 -18.70 45.85 35.69
CA PRO C 369 -18.96 47.18 35.16
C PRO C 369 -18.51 48.34 36.02
N ASN C 370 -18.27 48.09 37.30
CA ASN C 370 -17.87 49.18 38.19
C ASN C 370 -16.41 49.08 38.62
N LYS C 371 -15.60 48.33 37.90
CA LYS C 371 -14.20 48.25 38.30
C LYS C 371 -13.27 48.84 37.26
N THR C 372 -12.18 49.42 37.74
CA THR C 372 -11.11 49.90 36.87
C THR C 372 -10.37 48.66 36.42
N ILE C 373 -10.02 48.54 35.15
CA ILE C 373 -9.33 47.33 34.74
C ILE C 373 -7.85 47.53 34.58
N ILE C 374 -7.11 46.77 35.36
CA ILE C 374 -5.69 46.88 35.37
C ILE C 374 -5.04 45.60 34.95
N PHE C 375 -4.13 45.70 34.03
CA PHE C 375 -3.39 44.53 33.66
C PHE C 375 -2.08 44.65 34.35
N ASN C 376 -1.55 43.53 34.76
CA ASN C 376 -0.26 43.54 35.42
C ASN C 376 0.55 42.33 34.98
N HIS C 377 1.80 42.29 35.38
CA HIS C 377 2.66 41.18 35.07
C HIS C 377 2.42 40.08 36.04
N SER C 378 3.05 38.94 35.85
CA SER C 378 2.84 37.83 36.77
C SER C 378 3.29 38.17 38.16
N SER C 379 2.57 37.64 39.13
CA SER C 379 2.85 37.84 40.54
C SER C 379 4.03 37.01 41.06
N GLY C 380 4.52 36.05 40.26
CA GLY C 380 5.68 35.27 40.71
C GLY C 380 5.54 33.77 40.56
N GLY C 381 6.66 33.08 40.72
CA GLY C 381 6.68 31.65 40.59
C GLY C 381 7.74 31.21 39.61
N ASP C 382 7.64 29.98 39.19
CA ASP C 382 8.58 29.37 38.28
C ASP C 382 8.66 30.20 36.97
N PRO C 383 9.83 30.35 36.34
CA PRO C 383 10.04 31.08 35.10
C PRO C 383 9.09 30.72 33.98
N GLU C 384 8.65 29.48 33.91
CA GLU C 384 7.75 29.02 32.87
C GLU C 384 6.37 29.66 32.91
N ILE C 385 6.01 30.22 34.06
CA ILE C 385 4.75 30.89 34.22
C ILE C 385 4.92 32.38 34.43
N VAL C 386 6.10 32.79 34.91
CA VAL C 386 6.36 34.20 35.07
C VAL C 386 6.56 34.85 33.72
N THR C 387 7.32 34.19 32.85
CA THR C 387 7.55 34.69 31.52
C THR C 387 6.72 33.90 30.54
N HIS C 388 6.63 34.38 29.32
CA HIS C 388 5.95 33.63 28.29
C HIS C 388 6.88 32.54 27.90
N SER C 389 6.36 31.39 27.54
CA SER C 389 7.24 30.32 27.11
C SER C 389 6.73 29.60 25.89
N PHE C 390 7.68 29.25 25.02
CA PHE C 390 7.43 28.48 23.79
C PHE C 390 8.65 27.73 23.28
N ASN C 391 8.44 26.81 22.35
CA ASN C 391 9.52 26.00 21.79
C ASN C 391 9.61 25.98 20.27
N CYS C 392 10.72 26.46 19.73
CA CYS C 392 10.90 26.43 18.28
C CYS C 392 12.11 25.60 17.91
N GLY C 393 11.91 24.48 17.28
CA GLY C 393 13.08 23.72 16.87
C GLY C 393 13.92 23.17 18.01
N GLY C 394 13.35 22.98 19.20
CA GLY C 394 14.12 22.50 20.33
C GLY C 394 14.64 23.63 21.20
N GLU C 395 14.43 24.87 20.78
CA GLU C 395 14.89 26.00 21.56
C GLU C 395 13.79 26.45 22.50
N PHE C 396 14.08 26.50 23.78
CA PHE C 396 13.08 26.91 24.77
C PHE C 396 13.25 28.38 25.10
N PHE C 397 12.25 29.16 24.70
CA PHE C 397 12.27 30.61 24.85
C PHE C 397 11.47 31.08 26.02
N TYR C 398 12.03 32.03 26.74
CA TYR C 398 11.39 32.69 27.85
C TYR C 398 11.30 34.20 27.58
N CYS C 399 10.09 34.75 27.47
CA CYS C 399 9.96 36.16 27.10
C CYS C 399 9.25 37.02 28.14
N ASN C 400 9.77 38.22 28.30
CA ASN C 400 9.19 39.19 29.20
C ASN C 400 7.97 39.85 28.58
N THR C 401 6.81 39.63 29.18
CA THR C 401 5.53 40.13 28.67
C THR C 401 5.03 41.33 29.42
N THR C 402 5.87 41.89 30.27
CA THR C 402 5.50 43.08 30.99
C THR C 402 4.97 44.12 30.01
N PRO C 403 5.62 44.39 28.84
CA PRO C 403 5.22 45.35 27.84
C PRO C 403 3.83 45.10 27.25
N LEU C 404 3.28 43.90 27.39
CA LEU C 404 1.97 43.65 26.85
C LEU C 404 0.90 43.86 27.91
N PHE C 405 1.27 43.59 29.17
CA PHE C 405 0.32 43.64 30.27
C PHE C 405 0.67 44.63 31.37
N ASN C 406 1.12 45.82 31.01
CA ASN C 406 1.43 46.82 32.03
C ASN C 406 0.41 47.96 32.03
N SER C 407 -0.64 47.82 31.23
CA SER C 407 -1.61 48.87 31.02
C SER C 407 -2.72 49.05 32.02
N THR C 408 -3.32 50.24 31.97
CA THR C 408 -4.50 50.60 32.76
C THR C 408 -5.63 51.02 31.85
N TRP C 409 -6.81 50.47 32.10
CA TRP C 409 -7.94 50.77 31.27
C TRP C 409 -9.13 51.40 31.92
N ASN C 410 -9.66 52.31 31.14
CA ASN C 410 -10.87 53.07 31.35
C ASN C 410 -11.73 52.81 30.13
N ASN C 411 -12.39 53.81 29.55
CA ASN C 411 -13.10 53.51 28.33
C ASN C 411 -12.07 53.13 27.25
N THR C 412 -10.89 53.74 27.35
CA THR C 412 -9.78 53.53 26.45
C THR C 412 -8.52 53.25 27.26
N ARG C 413 -7.44 52.91 26.56
CA ARG C 413 -6.16 52.72 27.23
C ARG C 413 -5.72 54.09 27.71
N THR C 414 -5.20 54.21 28.93
CA THR C 414 -4.80 55.53 29.41
C THR C 414 -3.29 55.73 29.51
N ASP C 415 -2.52 54.79 28.95
CA ASP C 415 -1.06 54.80 29.06
C ASP C 415 -0.31 55.59 28.00
N ASP C 416 -0.85 55.72 26.80
CA ASP C 416 -0.14 56.42 25.73
C ASP C 416 -1.13 57.12 24.81
N TYR C 417 -0.61 57.83 23.82
CA TYR C 417 -1.45 58.56 22.87
C TYR C 417 -2.75 59.03 23.51
N GLN C 423 6.33 51.78 16.81
CA GLN C 423 4.99 51.21 16.76
C GLN C 423 5.05 49.72 16.92
N ASN C 424 6.21 49.26 17.30
CA ASN C 424 6.51 47.85 17.49
C ASN C 424 6.81 47.57 18.95
N ILE C 425 6.01 46.74 19.58
CA ILE C 425 6.28 46.42 20.95
C ILE C 425 7.30 45.31 20.90
N THR C 426 8.43 45.49 21.56
CA THR C 426 9.43 44.44 21.48
C THR C 426 9.62 43.77 22.82
N LEU C 427 9.55 42.46 22.85
CA LEU C 427 9.73 41.74 24.10
C LEU C 427 11.14 41.23 24.12
N GLN C 428 11.77 41.24 25.28
CA GLN C 428 13.09 40.65 25.36
C GLN C 428 12.96 39.21 25.78
N CYS C 429 13.64 38.35 25.06
CA CYS C 429 13.60 36.93 25.29
C CYS C 429 14.95 36.30 25.51
N ARG C 430 14.96 35.22 26.27
CA ARG C 430 16.17 34.46 26.46
C ARG C 430 15.94 33.00 26.11
N ILE C 431 16.98 32.34 25.66
CA ILE C 431 16.89 30.90 25.45
C ILE C 431 17.58 30.17 26.59
N LYS C 432 16.86 29.25 27.23
CA LYS C 432 17.40 28.56 28.41
C LYS C 432 17.66 27.08 28.19
N GLN C 433 18.58 26.52 28.98
CA GLN C 433 18.91 25.11 28.95
C GLN C 433 18.36 24.30 30.11
N ILE C 434 18.20 24.89 31.29
CA ILE C 434 17.68 24.10 32.40
C ILE C 434 16.28 24.56 32.64
N ILE C 435 15.35 23.67 32.42
CA ILE C 435 13.96 24.05 32.50
C ILE C 435 13.15 23.16 33.41
N ASN C 436 11.99 23.64 33.84
CA ASN C 436 11.10 22.79 34.60
C ASN C 436 10.27 22.04 33.59
N MET C 437 9.78 20.87 33.94
CA MET C 437 8.98 20.11 32.99
C MET C 437 7.47 20.28 33.17
N TRP C 438 6.75 20.54 32.09
CA TRP C 438 5.30 20.73 32.20
C TRP C 438 4.57 19.44 32.42
N GLN C 439 5.22 18.36 32.06
CA GLN C 439 4.64 17.05 32.16
C GLN C 439 4.72 16.42 33.54
N GLY C 440 5.39 17.06 34.49
CA GLY C 440 5.49 16.47 35.83
C GLY C 440 6.50 17.18 36.69
N VAL C 441 6.56 16.86 37.96
CA VAL C 441 7.52 17.57 38.78
C VAL C 441 8.90 17.04 38.45
N GLY C 442 9.81 17.97 38.22
CA GLY C 442 11.18 17.63 37.89
C GLY C 442 11.77 18.67 36.96
N LYS C 443 13.08 18.55 36.77
CA LYS C 443 13.85 19.45 35.92
C LYS C 443 14.52 18.70 34.82
N ALA C 444 14.85 19.41 33.77
CA ALA C 444 15.61 18.77 32.74
C ALA C 444 16.61 19.70 32.12
N MET C 445 17.75 19.15 31.76
CA MET C 445 18.75 19.93 31.08
C MET C 445 18.78 19.59 29.63
N TYR C 446 18.77 20.61 28.80
CA TYR C 446 18.87 20.51 27.37
C TYR C 446 20.19 21.05 26.88
N ALA C 447 20.58 20.64 25.69
CA ALA C 447 21.82 21.09 25.10
C ALA C 447 21.76 22.61 24.76
N PRO C 448 22.92 23.31 24.68
CA PRO C 448 23.11 24.70 24.29
C PRO C 448 22.45 24.96 22.94
N PRO C 449 22.10 26.22 22.61
CA PRO C 449 21.36 26.64 21.44
C PRO C 449 22.11 26.46 20.14
N ILE C 450 21.35 26.31 19.07
CA ILE C 450 21.88 26.15 17.73
C ILE C 450 22.46 27.50 17.29
N ARG C 451 23.32 27.49 16.27
CA ARG C 451 24.09 28.67 15.88
C ARG C 451 23.36 29.97 15.52
N GLY C 452 22.24 29.99 14.79
CA GLY C 452 21.64 31.31 14.53
C GLY C 452 20.53 31.37 13.52
N GLN C 453 19.98 32.56 13.35
CA GLN C 453 18.86 32.84 12.44
C GLN C 453 17.69 31.96 12.74
N ILE C 454 17.28 31.97 14.01
CA ILE C 454 16.19 31.14 14.47
C ILE C 454 14.91 31.96 14.46
N ARG C 455 13.95 31.59 13.63
CA ARG C 455 12.73 32.39 13.55
C ARG C 455 11.49 31.61 13.91
N CYS C 456 10.67 32.22 14.75
CA CYS C 456 9.43 31.65 15.22
C CYS C 456 8.26 32.58 14.97
N SER C 457 7.71 32.56 13.76
CA SER C 457 6.58 33.46 13.48
C SER C 457 5.32 32.75 13.95
N SER C 458 4.47 33.40 14.75
CA SER C 458 3.27 32.72 15.25
C SER C 458 2.06 33.62 15.48
N ASN C 459 0.90 32.98 15.68
CA ASN C 459 -0.35 33.69 15.87
C ASN C 459 -0.88 33.67 17.29
N ILE C 460 -1.08 34.83 17.89
CA ILE C 460 -1.68 34.82 19.21
C ILE C 460 -3.16 34.67 18.97
N THR C 461 -3.73 33.61 19.52
CA THR C 461 -5.14 33.31 19.29
C THR C 461 -5.98 33.37 20.56
N GLY C 462 -5.33 33.62 21.67
CA GLY C 462 -6.01 33.71 22.94
C GLY C 462 -5.04 33.89 24.07
N LEU C 463 -5.59 34.27 25.22
CA LEU C 463 -4.81 34.53 26.41
C LEU C 463 -5.26 33.72 27.60
N LEU C 464 -4.33 33.41 28.51
CA LEU C 464 -4.76 32.80 29.74
C LEU C 464 -4.53 33.78 30.86
N LEU C 465 -5.62 34.21 31.48
CA LEU C 465 -5.58 35.20 32.55
C LEU C 465 -6.12 34.69 33.86
N THR C 466 -5.67 35.26 34.95
CA THR C 466 -6.32 34.97 36.21
C THR C 466 -6.76 36.28 36.82
N ARG C 467 -7.81 36.20 37.60
CA ARG C 467 -8.38 37.37 38.25
C ARG C 467 -7.91 37.56 39.67
N ASP C 468 -7.38 38.73 39.95
CA ASP C 468 -6.97 39.06 41.29
C ASP C 468 -8.04 39.95 41.93
N GLY C 469 -8.80 39.34 42.84
CA GLY C 469 -9.93 39.95 43.53
C GLY C 469 -9.65 40.01 45.03
N GLY C 470 -10.65 39.71 45.85
CA GLY C 470 -10.47 39.72 47.31
C GLY C 470 -11.25 40.80 48.04
N ARG C 471 -11.16 40.80 49.35
CA ARG C 471 -11.94 41.72 50.19
C ARG C 471 -11.37 43.13 50.15
N ASP C 472 -10.18 43.21 49.59
CA ASP C 472 -9.39 44.41 49.44
C ASP C 472 -9.55 44.95 48.02
N GLN C 473 -10.54 44.45 47.29
CA GLN C 473 -10.76 44.87 45.93
C GLN C 473 -11.51 46.19 45.91
N ASN C 474 -10.74 47.24 46.15
CA ASN C 474 -11.29 48.57 46.33
C ASN C 474 -11.49 49.36 45.05
N GLY C 475 -12.44 48.90 44.25
CA GLY C 475 -12.83 49.56 43.00
C GLY C 475 -12.03 49.21 41.76
N THR C 476 -11.08 48.30 41.89
CA THR C 476 -10.28 47.92 40.75
C THR C 476 -10.31 46.42 40.61
N GLU C 477 -9.96 45.95 39.44
CA GLU C 477 -9.85 44.52 39.19
C GLU C 477 -8.54 44.29 38.49
N THR C 478 -7.73 43.34 38.95
CA THR C 478 -6.46 43.17 38.28
C THR C 478 -6.32 41.84 37.59
N PHE C 479 -5.86 41.89 36.36
CA PHE C 479 -5.64 40.67 35.62
C PHE C 479 -4.20 40.43 35.38
N ARG C 480 -3.81 39.20 35.54
CA ARG C 480 -2.45 38.84 35.30
C ARG C 480 -2.39 37.62 34.40
N PRO C 481 -1.35 37.47 33.60
CA PRO C 481 -1.10 36.29 32.83
C PRO C 481 -1.03 35.10 33.75
N GLY C 482 -1.62 34.02 33.30
CA GLY C 482 -1.66 32.75 34.02
C GLY C 482 -1.02 31.65 33.19
N GLY C 483 -1.69 30.51 33.17
CA GLY C 483 -1.22 29.35 32.43
C GLY C 483 -0.33 28.48 33.28
N GLY C 484 0.28 27.50 32.62
CA GLY C 484 1.13 26.49 33.24
C GLY C 484 0.42 25.16 33.34
N ASN C 485 -0.89 25.18 33.25
CA ASN C 485 -1.65 23.96 33.28
C ASN C 485 -1.97 23.60 31.85
N MET C 486 -1.29 22.61 31.33
CA MET C 486 -1.43 22.26 29.94
C MET C 486 -2.79 21.76 29.57
N ARG C 487 -3.55 21.35 30.55
CA ARG C 487 -4.87 20.92 30.27
C ARG C 487 -5.71 22.11 29.85
N ASP C 488 -5.39 23.32 30.33
CA ASP C 488 -6.18 24.47 29.97
C ASP C 488 -5.90 24.79 28.53
N ASN C 489 -4.67 24.56 28.11
CA ASN C 489 -4.41 24.89 26.72
C ASN C 489 -5.19 24.00 25.80
N TRP C 490 -5.24 22.72 26.10
CA TRP C 490 -5.95 21.84 25.20
C TRP C 490 -7.45 21.94 25.38
N ARG C 491 -7.86 22.27 26.57
CA ARG C 491 -9.24 22.46 26.87
C ARG C 491 -9.81 23.59 26.05
N SER C 492 -9.00 24.62 25.78
CA SER C 492 -9.44 25.78 25.03
C SER C 492 -9.81 25.45 23.59
N GLU C 493 -9.40 24.30 23.07
CA GLU C 493 -9.77 23.91 21.71
C GLU C 493 -10.83 22.81 21.69
N LEU C 494 -10.82 21.93 22.67
CA LEU C 494 -11.73 20.79 22.71
C LEU C 494 -13.07 21.10 23.35
N TYR C 495 -13.26 22.32 23.77
CA TYR C 495 -14.44 22.77 24.47
C TYR C 495 -15.76 22.57 23.75
N LYS C 496 -15.75 22.48 22.44
CA LYS C 496 -17.00 22.35 21.74
C LYS C 496 -17.33 20.90 21.45
N TYR C 497 -16.51 19.96 21.92
CA TYR C 497 -16.81 18.58 21.58
C TYR C 497 -17.12 17.70 22.78
N LYS C 498 -18.04 16.78 22.60
CA LYS C 498 -18.39 15.79 23.60
C LYS C 498 -18.46 14.41 22.98
N VAL C 499 -17.98 13.38 23.66
CA VAL C 499 -18.08 12.05 23.05
C VAL C 499 -19.12 11.22 23.76
N VAL C 500 -20.01 10.63 22.96
CA VAL C 500 -21.14 9.86 23.45
C VAL C 500 -21.30 8.50 22.82
N LYS C 501 -22.09 7.68 23.48
CA LYS C 501 -22.48 6.35 23.05
C LYS C 501 -24.00 6.28 22.97
N ILE C 502 -24.52 5.33 22.21
CA ILE C 502 -25.96 5.17 22.09
C ILE C 502 -26.49 3.96 22.79
N GLU C 503 -27.55 4.18 23.57
CA GLU C 503 -28.24 3.13 24.30
C GLU C 503 -29.62 2.95 23.68
N PRO C 504 -29.80 2.04 22.73
CA PRO C 504 -30.96 1.86 21.90
C PRO C 504 -32.18 1.27 22.58
N LEU C 505 -32.06 0.80 23.81
CA LEU C 505 -33.22 0.20 24.44
C LEU C 505 -33.90 1.15 25.39
N GLY C 506 -35.17 1.46 25.13
CA GLY C 506 -35.90 2.38 25.99
C GLY C 506 -37.23 1.81 26.44
N ILE C 507 -37.86 2.49 27.39
CA ILE C 507 -39.17 2.10 27.94
C ILE C 507 -40.15 3.22 28.04
N ALA C 508 -41.41 2.93 27.74
CA ALA C 508 -42.47 3.92 27.86
C ALA C 508 -43.76 3.17 28.05
N PRO C 509 -44.76 3.70 28.72
CA PRO C 509 -46.07 3.13 28.80
C PRO C 509 -46.85 3.31 27.53
N THR C 510 -47.72 2.36 27.23
CA THR C 510 -48.70 2.43 26.15
C THR C 510 -49.98 1.84 26.67
N ALA C 511 -51.02 1.79 25.86
CA ALA C 511 -52.26 1.20 26.32
C ALA C 511 -52.45 -0.23 25.79
N CYS C 512 -51.39 -0.89 25.33
CA CYS C 512 -51.53 -2.25 24.80
C CYS C 512 -51.30 -3.30 25.86
N LYS C 513 -51.84 -4.49 25.66
CA LYS C 513 -51.48 -5.56 26.57
C LYS C 513 -51.00 -6.79 25.81
N ARG C 514 -49.99 -7.46 26.36
CA ARG C 514 -49.56 -8.71 25.76
C ARG C 514 -50.58 -9.80 26.00
N ARG C 515 -50.91 -10.57 24.97
CA ARG C 515 -51.78 -11.72 25.21
C ARG C 515 -51.00 -12.81 25.86
N VAL C 516 -51.54 -13.37 26.93
CA VAL C 516 -50.91 -14.46 27.62
C VAL C 516 -51.91 -15.58 27.81
N LYS D 21 -11.25 24.32 63.53
CA LYS D 21 -10.10 24.93 62.85
C LYS D 21 -8.82 24.40 63.47
N LYS D 22 -7.86 24.03 62.64
CA LYS D 22 -6.59 23.55 63.15
C LYS D 22 -5.81 24.74 63.63
N VAL D 23 -5.03 24.60 64.69
CA VAL D 23 -4.21 25.72 65.11
C VAL D 23 -2.75 25.31 65.15
N VAL D 24 -1.91 26.10 64.53
CA VAL D 24 -0.48 25.88 64.46
C VAL D 24 0.26 27.04 65.08
N LEU D 25 1.20 26.73 65.97
CA LEU D 25 1.92 27.77 66.67
C LEU D 25 3.35 27.97 66.15
N GLY D 26 3.88 29.17 66.34
CA GLY D 26 5.29 29.48 66.04
C GLY D 26 5.63 30.87 66.52
N LYS D 27 6.88 31.29 66.36
CA LYS D 27 7.28 32.62 66.80
C LYS D 27 8.02 33.39 65.74
N LYS D 28 8.07 34.69 65.92
CA LYS D 28 8.73 35.53 64.96
C LYS D 28 10.15 35.04 64.70
N GLY D 29 10.47 34.90 63.41
CA GLY D 29 11.76 34.43 62.91
C GLY D 29 11.77 32.94 62.55
N ASP D 30 10.72 32.21 62.92
CA ASP D 30 10.63 30.78 62.63
C ASP D 30 10.14 30.46 61.22
N THR D 31 10.08 29.17 60.92
CA THR D 31 9.53 28.69 59.67
C THR D 31 8.45 27.67 60.00
N VAL D 32 7.31 27.79 59.34
CA VAL D 32 6.21 26.86 59.58
C VAL D 32 5.68 26.21 58.35
N GLU D 33 5.31 24.95 58.45
CA GLU D 33 4.70 24.28 57.34
C GLU D 33 3.24 23.92 57.64
N LEU D 34 2.34 24.48 56.85
CA LEU D 34 0.90 24.26 56.98
C LEU D 34 0.52 23.33 55.85
N THR D 35 -0.39 22.38 56.03
CA THR D 35 -0.66 21.51 54.89
C THR D 35 -2.09 21.22 54.49
N CYS D 36 -2.24 20.95 53.19
CA CYS D 36 -3.48 20.43 52.63
C CYS D 36 -3.26 18.97 52.25
N THR D 37 -4.30 18.13 52.27
CA THR D 37 -4.10 16.73 51.85
C THR D 37 -5.10 16.21 50.81
N ALA D 38 -4.57 15.53 49.78
CA ALA D 38 -5.40 14.86 48.78
C ALA D 38 -5.14 13.36 48.84
N SER D 39 -6.11 12.60 49.32
CA SER D 39 -5.90 11.18 49.56
C SER D 39 -5.61 10.35 48.31
N GLN D 40 -6.03 10.81 47.15
CA GLN D 40 -5.80 10.10 45.91
C GLN D 40 -4.35 10.16 45.39
N LYS D 41 -3.54 11.07 45.94
CA LYS D 41 -2.14 11.21 45.51
C LYS D 41 -1.95 11.42 44.00
N LYS D 42 -2.73 12.33 43.40
CA LYS D 42 -2.64 12.58 41.95
C LYS D 42 -2.01 13.92 41.52
N SER D 43 -1.38 14.64 42.45
CA SER D 43 -0.73 15.93 42.16
C SER D 43 -1.65 16.91 41.47
N ILE D 44 -2.84 17.01 42.00
CA ILE D 44 -3.89 17.87 41.52
C ILE D 44 -3.65 19.34 41.77
N GLN D 45 -4.43 20.16 41.09
CA GLN D 45 -4.39 21.59 41.30
C GLN D 45 -4.89 21.92 42.67
N PHE D 46 -4.23 22.83 43.34
CA PHE D 46 -4.66 23.30 44.64
C PHE D 46 -4.26 24.73 44.83
N HIS D 47 -4.93 25.37 45.78
CA HIS D 47 -4.57 26.72 46.14
C HIS D 47 -4.55 26.99 47.62
N TRP D 48 -3.73 27.96 48.00
CA TRP D 48 -3.75 28.50 49.34
C TRP D 48 -4.17 29.94 49.29
N LYS D 49 -5.08 30.31 50.18
CA LYS D 49 -5.57 31.69 50.28
C LYS D 49 -5.60 32.21 51.70
N ASN D 50 -5.49 33.52 51.85
CA ASN D 50 -5.64 34.09 53.18
C ASN D 50 -7.12 34.41 53.47
N SER D 51 -7.38 35.05 54.60
CA SER D 51 -8.75 35.35 55.00
C SER D 51 -9.50 36.36 54.14
N ASN D 52 -8.77 37.10 53.29
CA ASN D 52 -9.36 38.09 52.43
C ASN D 52 -9.45 37.56 51.02
N GLN D 53 -9.27 36.25 50.89
CA GLN D 53 -9.26 35.56 49.63
C GLN D 53 -8.19 36.04 48.69
N ILE D 54 -7.00 36.32 49.23
CA ILE D 54 -5.89 36.70 48.39
C ILE D 54 -5.10 35.45 48.14
N LYS D 55 -4.83 35.16 46.88
CA LYS D 55 -4.10 33.96 46.54
C LYS D 55 -2.68 34.07 47.03
N ILE D 56 -2.20 33.02 47.69
CA ILE D 56 -0.84 33.00 48.20
C ILE D 56 0.02 32.11 47.33
N LEU D 57 -0.42 30.86 47.16
CA LEU D 57 0.28 29.85 46.38
C LEU D 57 -0.64 28.96 45.59
N GLY D 58 -0.12 28.36 44.54
CA GLY D 58 -0.89 27.30 43.89
C GLY D 58 -0.13 26.46 42.88
N ASN D 59 -0.80 25.42 42.44
CA ASN D 59 -0.26 24.48 41.47
C ASN D 59 -0.78 24.58 40.07
N GLN D 60 0.03 25.05 39.16
CA GLN D 60 -0.39 25.19 37.78
C GLN D 60 0.27 24.10 36.99
N GLY D 61 -0.42 23.02 36.70
CA GLY D 61 0.30 21.95 36.05
C GLY D 61 1.29 21.42 37.07
N SER D 62 2.58 21.54 36.78
CA SER D 62 3.64 21.09 37.66
C SER D 62 4.41 22.29 38.24
N PHE D 63 3.94 23.50 37.94
CA PHE D 63 4.66 24.70 38.31
C PHE D 63 4.13 25.35 39.56
N LEU D 64 5.00 25.95 40.33
CA LEU D 64 4.55 26.66 41.51
C LEU D 64 4.34 28.13 41.24
N THR D 65 3.13 28.59 41.50
CA THR D 65 2.79 29.99 41.31
C THR D 65 2.65 30.68 42.64
N LYS D 66 3.20 31.88 42.72
CA LYS D 66 3.10 32.67 43.93
C LYS D 66 2.17 33.82 43.67
N GLY D 67 1.17 33.97 44.50
CA GLY D 67 0.20 35.02 44.29
C GLY D 67 0.67 36.35 44.87
N PRO D 68 -0.08 37.42 44.63
CA PRO D 68 0.21 38.78 45.04
C PRO D 68 -0.12 39.08 46.48
N SER D 69 0.53 38.39 47.38
CA SER D 69 0.28 38.60 48.80
C SER D 69 1.51 39.02 49.57
N LYS D 70 1.33 39.19 50.86
CA LYS D 70 2.41 39.63 51.76
C LYS D 70 3.44 38.54 51.97
N LEU D 71 3.08 37.33 51.60
CA LEU D 71 3.92 36.16 51.73
C LEU D 71 4.58 35.86 50.38
N ASN D 72 4.42 36.74 49.39
CA ASN D 72 4.95 36.46 48.04
C ASN D 72 6.43 36.13 48.01
N ASP D 73 7.23 36.74 48.88
CA ASP D 73 8.65 36.47 48.90
C ASP D 73 9.08 35.52 50.03
N ARG D 74 8.12 34.92 50.73
CA ARG D 74 8.45 34.03 51.83
C ARG D 74 7.81 32.66 51.72
N ALA D 75 6.70 32.56 50.99
CA ALA D 75 5.98 31.32 50.84
C ALA D 75 6.70 30.37 49.88
N ASP D 76 6.68 29.08 50.18
CA ASP D 76 7.24 28.05 49.32
C ASP D 76 6.47 26.74 49.44
N SER D 77 6.87 25.72 48.68
CA SER D 77 6.19 24.41 48.77
C SER D 77 7.10 23.28 48.27
N ARG D 78 7.05 22.14 48.92
CA ARG D 78 7.89 21.03 48.47
C ARG D 78 7.21 20.28 47.36
N ARG D 79 7.59 20.64 46.15
CA ARG D 79 6.95 20.11 44.94
C ARG D 79 7.03 18.61 44.86
N SER D 80 8.10 18.02 45.37
CA SER D 80 8.29 16.59 45.32
C SER D 80 7.25 15.81 46.11
N LEU D 81 6.55 16.48 47.01
CA LEU D 81 5.57 15.80 47.81
C LEU D 81 4.19 15.93 47.22
N TRP D 82 4.07 16.64 46.10
CA TRP D 82 2.75 16.83 45.53
C TRP D 82 2.24 15.50 45.03
N ASP D 83 3.15 14.61 44.68
CA ASP D 83 2.84 13.29 44.18
C ASP D 83 2.33 12.38 45.27
N GLN D 84 2.46 12.82 46.52
CA GLN D 84 1.98 12.05 47.64
C GLN D 84 0.69 12.65 48.16
N GLY D 85 0.19 13.67 47.47
CA GLY D 85 -1.03 14.33 47.90
C GLY D 85 -0.76 15.29 49.03
N ASN D 86 0.49 15.70 49.20
CA ASN D 86 0.85 16.58 50.28
C ASN D 86 1.17 17.94 49.68
N PHE D 87 0.38 18.94 50.00
CA PHE D 87 0.56 20.23 49.37
C PHE D 87 0.79 21.32 50.42
N PRO D 88 1.99 21.42 50.98
CA PRO D 88 2.35 22.35 52.02
C PRO D 88 2.49 23.78 51.57
N LEU D 89 2.24 24.67 52.51
CA LEU D 89 2.53 26.10 52.48
C LEU D 89 3.60 26.34 53.48
N ILE D 90 4.77 26.71 53.01
CA ILE D 90 5.87 26.89 53.91
C ILE D 90 6.15 28.34 54.05
N ILE D 91 6.05 28.88 55.24
CA ILE D 91 6.28 30.29 55.39
C ILE D 91 7.56 30.53 56.14
N LYS D 92 8.52 31.11 55.44
CA LYS D 92 9.83 31.36 55.97
C LYS D 92 9.83 32.69 56.68
N ASN D 93 10.67 32.84 57.71
CA ASN D 93 10.81 34.12 58.37
C ASN D 93 9.50 34.72 58.82
N LEU D 94 8.78 34.00 59.68
CA LEU D 94 7.50 34.44 60.18
C LEU D 94 7.55 35.72 60.98
N LYS D 95 6.53 36.53 60.79
CA LYS D 95 6.32 37.77 61.51
C LYS D 95 4.99 37.74 62.25
N ILE D 96 4.79 38.56 63.26
CA ILE D 96 3.51 38.49 63.96
C ILE D 96 2.32 38.80 63.04
N GLU D 97 2.58 39.61 62.03
CA GLU D 97 1.60 40.02 61.03
C GLU D 97 1.09 38.87 60.16
N ASP D 98 1.74 37.72 60.20
CA ASP D 98 1.39 36.56 59.41
C ASP D 98 0.40 35.63 60.12
N SER D 99 -0.06 36.00 61.31
CA SER D 99 -0.94 35.11 62.06
C SER D 99 -2.39 35.11 61.60
N ASP D 100 -2.61 34.69 60.36
CA ASP D 100 -3.95 34.63 59.78
C ASP D 100 -4.47 33.20 59.69
N THR D 101 -5.67 33.07 59.18
CA THR D 101 -6.23 31.77 58.87
C THR D 101 -5.94 31.47 57.44
N TYR D 102 -5.30 30.36 57.19
CA TYR D 102 -4.98 30.00 55.83
C TYR D 102 -5.95 28.96 55.37
N ILE D 103 -6.36 29.11 54.14
CA ILE D 103 -7.37 28.26 53.56
C ILE D 103 -6.87 27.37 52.48
N CYS D 104 -7.14 26.08 52.60
CA CYS D 104 -6.81 25.16 51.54
C CYS D 104 -7.94 25.07 50.58
N GLU D 105 -7.64 25.04 49.31
CA GLU D 105 -8.66 24.76 48.34
C GLU D 105 -8.23 23.58 47.52
N VAL D 106 -8.74 22.43 47.87
CA VAL D 106 -8.37 21.22 47.17
C VAL D 106 -9.63 20.55 46.71
N GLU D 107 -9.88 20.54 45.41
CA GLU D 107 -11.13 19.97 44.96
C GLU D 107 -12.28 20.67 45.72
N ASP D 108 -13.02 19.91 46.50
CA ASP D 108 -14.15 20.43 47.25
C ASP D 108 -13.76 20.83 48.66
N GLN D 109 -12.69 20.21 49.15
CA GLN D 109 -12.20 20.30 50.51
C GLN D 109 -11.75 21.70 50.88
N LYS D 110 -12.13 22.15 52.07
CA LYS D 110 -11.75 23.48 52.55
C LYS D 110 -11.16 23.43 53.94
N GLU D 111 -9.95 22.92 54.07
CA GLU D 111 -9.32 22.88 55.37
C GLU D 111 -8.95 24.28 55.78
N GLU D 112 -9.08 24.60 57.06
CA GLU D 112 -8.63 25.91 57.51
C GLU D 112 -7.76 25.77 58.72
N VAL D 113 -6.67 26.56 58.72
CA VAL D 113 -5.75 26.57 59.84
C VAL D 113 -5.39 27.95 60.31
N GLN D 114 -5.39 28.16 61.60
CA GLN D 114 -4.97 29.42 62.18
C GLN D 114 -3.54 29.33 62.58
N LEU D 115 -2.75 30.24 62.07
CA LEU D 115 -1.37 30.30 62.45
C LEU D 115 -1.17 31.36 63.50
N LEU D 116 -0.59 31.01 64.62
CA LEU D 116 -0.32 31.98 65.67
C LEU D 116 1.17 32.13 65.84
N VAL D 117 1.70 33.28 65.43
CA VAL D 117 3.14 33.49 65.45
C VAL D 117 3.58 34.07 66.78
N GLN E 1 38.11 33.66 37.12
CA GLN E 1 37.19 34.12 38.13
C GLN E 1 37.53 33.63 39.53
N VAL E 2 37.84 32.34 39.67
CA VAL E 2 38.07 31.76 40.99
C VAL E 2 39.38 31.04 41.19
N GLN E 3 39.65 30.80 42.45
CA GLN E 3 40.80 30.03 42.84
C GLN E 3 40.30 28.82 43.54
N LEU E 4 41.03 27.72 43.41
CA LEU E 4 40.62 26.50 44.07
C LEU E 4 41.65 26.11 45.10
N LEU E 5 41.21 25.84 46.30
CA LEU E 5 42.12 25.47 47.38
C LEU E 5 41.91 24.06 47.86
N GLU E 6 42.93 23.26 47.71
CA GLU E 6 42.87 21.85 48.04
C GLU E 6 43.50 21.44 49.37
N SER E 7 43.03 20.30 49.86
CA SER E 7 43.56 19.65 51.06
C SER E 7 44.94 19.05 50.79
N GLY E 8 45.63 18.64 51.84
CA GLY E 8 46.98 18.10 51.71
C GLY E 8 47.01 16.62 51.32
N ALA E 9 48.22 16.05 51.38
CA ALA E 9 48.54 14.66 51.00
C ALA E 9 48.07 13.66 52.04
N GLU E 10 47.86 12.42 51.61
CA GLU E 10 47.44 11.35 52.50
C GLU E 10 47.95 9.97 52.08
N VAL E 11 48.17 9.11 53.07
CA VAL E 11 48.56 7.72 52.83
C VAL E 11 47.71 6.73 53.61
N LYS E 12 47.16 5.72 52.93
CA LYS E 12 46.35 4.72 53.64
C LYS E 12 46.66 3.28 53.29
N LYS E 13 46.42 2.37 54.21
CA LYS E 13 46.60 0.97 53.82
C LYS E 13 45.56 0.67 52.73
N PRO E 14 45.88 -0.13 51.70
CA PRO E 14 44.96 -0.45 50.64
C PRO E 14 43.68 -1.01 51.21
N GLY E 15 42.58 -0.60 50.62
CA GLY E 15 41.23 -0.96 51.00
C GLY E 15 40.57 0.15 51.81
N SER E 16 41.38 1.10 52.29
CA SER E 16 40.92 2.23 53.07
C SER E 16 40.31 3.31 52.21
N SER E 17 39.59 4.23 52.83
CA SER E 17 39.03 5.33 52.05
C SER E 17 39.78 6.64 52.27
N VAL E 18 39.90 7.41 51.19
CA VAL E 18 40.48 8.75 51.19
C VAL E 18 39.55 9.81 50.61
N LYS E 19 39.37 10.90 51.32
CA LYS E 19 38.52 11.95 50.79
C LYS E 19 39.29 13.25 50.60
N VAL E 20 39.35 13.71 49.36
CA VAL E 20 40.08 14.91 49.00
C VAL E 20 39.17 16.10 48.80
N SER E 21 39.47 17.21 49.44
CA SER E 21 38.57 18.35 49.27
C SER E 21 39.17 19.45 48.40
N CYS E 22 38.27 20.16 47.72
CA CYS E 22 38.58 21.33 46.91
C CYS E 22 37.59 22.48 47.13
N LYS E 23 38.05 23.53 47.80
CA LYS E 23 37.22 24.68 48.11
C LYS E 23 37.32 25.75 47.04
N ALA E 24 36.18 26.22 46.55
CA ALA E 24 36.21 27.27 45.54
C ALA E 24 35.98 28.62 46.17
N SER E 25 36.63 29.64 45.63
CA SER E 25 36.38 31.00 46.11
C SER E 25 36.51 32.08 45.04
N GLY E 26 35.62 33.09 45.12
CA GLY E 26 35.62 34.23 44.18
C GLY E 26 34.37 34.31 43.30
N ASP E 27 33.49 33.32 43.43
CA ASP E 27 32.24 33.23 42.69
C ASP E 27 31.31 32.33 43.46
N THR E 28 30.11 32.16 42.94
CA THR E 28 29.17 31.26 43.52
C THR E 28 29.43 29.87 43.00
N PHE E 29 29.59 28.96 43.92
CA PHE E 29 29.87 27.54 43.67
C PHE E 29 28.82 26.92 42.78
N ILE E 30 27.59 27.26 43.08
CA ILE E 30 26.41 26.78 42.38
C ILE E 30 26.46 27.17 40.92
N ARG E 31 27.04 28.32 40.61
CA ARG E 31 27.09 28.80 39.27
C ARG E 31 27.77 27.83 38.31
N TYR E 32 28.78 27.07 38.75
CA TYR E 32 29.42 26.23 37.75
C TYR E 32 30.07 24.94 38.22
N SER E 33 30.27 24.07 37.22
CA SER E 33 30.82 22.73 37.30
C SER E 33 32.30 22.59 37.62
N PHE E 34 32.61 21.47 38.28
CA PHE E 34 33.97 21.12 38.65
C PHE E 34 34.30 19.70 38.22
N THR E 35 35.56 19.45 37.93
CA THR E 35 36.02 18.11 37.56
C THR E 35 37.25 17.72 38.34
N TRP E 36 37.57 16.43 38.29
CA TRP E 36 38.80 15.95 38.91
C TRP E 36 39.66 15.22 37.89
N VAL E 37 40.96 15.44 38.04
CA VAL E 37 42.05 14.90 37.24
C VAL E 37 43.07 14.16 38.10
N ARG E 38 43.51 13.00 37.64
CA ARG E 38 44.47 12.21 38.36
C ARG E 38 45.83 12.10 37.71
N GLN E 39 46.78 12.85 38.23
CA GLN E 39 48.11 12.88 37.67
C GLN E 39 48.96 11.82 38.31
N ALA E 40 48.80 10.60 37.87
CA ALA E 40 49.65 9.55 38.44
C ALA E 40 51.05 9.86 37.95
N PRO E 41 52.12 9.70 38.74
CA PRO E 41 53.48 9.95 38.30
C PRO E 41 53.80 9.15 37.07
N GLY E 42 54.39 9.81 36.08
CA GLY E 42 54.79 9.18 34.83
C GLY E 42 53.65 9.05 33.83
N GLN E 43 52.45 9.46 34.22
CA GLN E 43 51.27 9.33 33.38
C GLN E 43 50.76 10.67 32.87
N GLY E 44 49.71 10.61 32.06
CA GLY E 44 49.08 11.81 31.56
C GLY E 44 47.94 12.20 32.48
N LEU E 45 47.08 13.06 32.01
CA LEU E 45 46.02 13.59 32.83
C LEU E 45 44.78 12.71 32.87
N GLU E 46 44.82 11.62 33.59
CA GLU E 46 43.65 10.76 33.58
C GLU E 46 42.41 11.48 34.13
N TRP E 47 41.29 11.39 33.43
CA TRP E 47 40.04 12.01 33.90
C TRP E 47 39.41 11.15 34.99
N MET E 48 39.03 11.75 36.13
CA MET E 48 38.36 10.98 37.18
C MET E 48 36.87 11.05 37.04
N GLY E 49 36.40 12.28 36.88
CA GLY E 49 34.96 12.52 36.83
C GLY E 49 34.61 13.99 36.82
N ARG E 50 33.31 14.24 36.74
CA ARG E 50 32.69 15.57 36.65
C ARG E 50 31.49 15.74 37.53
N ILE E 51 31.40 16.86 38.23
CA ILE E 51 30.22 17.14 39.03
C ILE E 51 29.61 18.47 38.68
N ILE E 52 28.31 18.47 38.56
CA ILE E 52 27.57 19.66 38.24
C ILE E 52 26.96 20.17 39.54
N THR E 53 27.19 21.45 39.85
CA THR E 53 26.72 22.03 41.09
C THR E 53 25.35 22.71 40.99
N ILE E 54 24.90 23.04 39.78
CA ILE E 54 23.58 23.64 39.60
C ILE E 54 22.50 22.56 39.75
N LEU E 55 22.81 21.37 39.25
CA LEU E 55 22.00 20.18 39.33
C LEU E 55 22.89 19.20 40.02
N ASP E 56 22.49 18.60 41.12
CA ASP E 56 23.44 17.74 41.80
C ASP E 56 23.60 16.39 41.15
N VAL E 57 24.36 16.38 40.09
CA VAL E 57 24.58 15.17 39.34
C VAL E 57 26.06 15.01 39.07
N ALA E 58 26.50 13.80 38.76
CA ALA E 58 27.90 13.61 38.44
C ALA E 58 28.08 12.43 37.52
N HIS E 59 29.18 12.48 36.79
CA HIS E 59 29.54 11.42 35.88
C HIS E 59 30.96 11.00 36.17
N TYR E 60 31.25 9.74 35.95
CA TYR E 60 32.56 9.21 36.28
C TYR E 60 33.21 8.51 35.14
N ALA E 61 34.53 8.47 35.14
CA ALA E 61 35.20 7.69 34.13
C ALA E 61 34.70 6.25 34.34
N PRO E 62 34.42 5.48 33.26
CA PRO E 62 33.79 4.17 33.25
C PRO E 62 34.46 3.03 34.00
N HIS E 63 35.76 3.12 34.26
CA HIS E 63 36.44 2.10 35.01
C HIS E 63 36.57 2.41 36.51
N LEU E 64 36.20 3.61 36.93
CA LEU E 64 36.44 4.04 38.30
C LEU E 64 35.25 4.11 39.27
N GLN E 65 34.03 4.09 38.76
CA GLN E 65 32.81 4.36 39.55
C GLN E 65 32.55 3.39 40.66
N GLY E 66 33.17 2.23 40.63
CA GLY E 66 32.99 1.28 41.71
C GLY E 66 33.73 1.76 42.96
N ARG E 67 34.68 2.68 42.79
CA ARG E 67 35.47 3.18 43.90
C ARG E 67 35.24 4.69 44.14
N VAL E 68 34.89 5.46 43.12
CA VAL E 68 34.85 6.92 43.35
C VAL E 68 33.52 7.59 43.22
N THR E 69 33.26 8.49 44.17
CA THR E 69 32.09 9.34 44.15
C THR E 69 32.55 10.79 44.30
N ILE E 70 31.74 11.74 43.79
CA ILE E 70 32.03 13.16 43.97
C ILE E 70 30.85 13.86 44.64
N THR E 71 31.12 14.63 45.69
CA THR E 71 30.10 15.38 46.42
C THR E 71 30.29 16.88 46.34
N ALA E 72 29.22 17.62 46.03
CA ALA E 72 29.33 19.08 46.00
C ALA E 72 28.65 19.72 47.21
N ASP E 73 29.43 20.16 48.18
CA ASP E 73 28.81 20.73 49.35
C ASP E 73 28.62 22.21 49.13
N LYS E 74 27.41 22.52 48.73
CA LYS E 74 27.05 23.88 48.38
C LYS E 74 27.13 24.86 49.53
N SER E 75 27.06 24.38 50.76
CA SER E 75 27.07 25.29 51.90
C SER E 75 28.48 25.77 52.27
N THR E 76 29.50 25.04 51.82
CA THR E 76 30.89 25.36 52.14
C THR E 76 31.69 25.59 50.88
N SER E 77 30.99 25.62 49.75
CA SER E 77 31.54 25.77 48.42
C SER E 77 32.68 24.79 48.18
N THR E 78 32.49 23.56 48.63
CA THR E 78 33.56 22.57 48.54
C THR E 78 33.19 21.25 47.88
N VAL E 79 34.03 20.83 46.94
CA VAL E 79 33.83 19.55 46.30
C VAL E 79 34.69 18.48 46.92
N TYR E 80 34.10 17.36 47.21
CA TYR E 80 34.83 16.27 47.80
C TYR E 80 34.94 15.08 46.88
N LEU E 81 36.17 14.59 46.71
CA LEU E 81 36.44 13.42 45.91
C LEU E 81 36.68 12.25 46.83
N GLU E 82 35.79 11.27 46.85
CA GLU E 82 35.98 10.16 47.76
C GLU E 82 36.40 8.89 47.05
N LEU E 83 37.54 8.36 47.46
CA LEU E 83 38.14 7.17 46.90
C LEU E 83 37.99 5.99 47.85
N ARG E 84 37.05 5.11 47.53
CA ARG E 84 36.70 3.95 48.36
C ARG E 84 37.57 2.78 48.00
N ASN E 85 37.85 1.89 48.95
CA ASN E 85 38.59 0.69 48.61
C ASN E 85 39.86 1.05 47.86
N LEU E 86 40.62 2.02 48.39
CA LEU E 86 41.79 2.53 47.71
C LEU E 86 42.80 1.47 47.38
N ARG E 87 43.27 1.49 46.13
CA ARG E 87 44.26 0.53 45.67
C ARG E 87 45.61 1.19 45.50
N SER E 88 46.69 0.41 45.44
CA SER E 88 48.02 1.00 45.21
C SER E 88 48.10 1.57 43.79
N ASP E 89 47.19 1.09 42.95
CA ASP E 89 47.01 1.45 41.57
C ASP E 89 46.54 2.89 41.47
N ASP E 90 45.97 3.40 42.55
CA ASP E 90 45.40 4.71 42.61
C ASP E 90 46.39 5.73 43.16
N THR E 91 47.66 5.33 43.32
CA THR E 91 48.60 6.30 43.81
C THR E 91 48.74 7.37 42.74
N ALA E 92 48.49 8.60 43.13
CA ALA E 92 48.52 9.69 42.17
C ALA E 92 48.41 11.04 42.80
N VAL E 93 48.68 12.08 42.03
CA VAL E 93 48.41 13.42 42.49
C VAL E 93 47.04 13.85 41.98
N TYR E 94 46.15 14.12 42.89
CA TYR E 94 44.79 14.45 42.53
C TYR E 94 44.50 15.90 42.60
N PHE E 95 43.72 16.38 41.66
CA PHE E 95 43.27 17.75 41.72
C PHE E 95 42.01 18.09 41.01
N CYS E 96 41.42 19.15 41.51
CA CYS E 96 40.20 19.69 40.98
C CYS E 96 40.45 20.78 39.99
N ALA E 97 39.44 21.00 39.17
CA ALA E 97 39.45 22.09 38.26
C ALA E 97 38.04 22.61 38.03
N GLY E 98 37.92 23.90 37.78
CA GLY E 98 36.62 24.51 37.53
C GLY E 98 36.45 25.00 36.11
N VAL E 99 35.20 24.96 35.69
CA VAL E 99 34.82 25.43 34.37
C VAL E 99 33.76 26.48 34.51
N TYR E 100 33.98 27.67 34.01
CA TYR E 100 32.92 28.65 34.15
C TYR E 100 31.74 28.30 33.23
N GLU E 101 30.52 28.45 33.77
CA GLU E 101 29.28 28.24 33.02
C GLU E 101 28.49 29.53 33.15
N GLY E 102 27.79 29.96 32.10
CA GLY E 102 27.04 31.20 32.27
C GLY E 102 25.75 31.03 33.05
N GLU E 103 25.44 32.01 33.89
CA GLU E 103 24.17 32.13 34.60
C GLU E 103 23.45 30.82 34.83
N ALA E 104 24.14 29.86 35.45
CA ALA E 104 23.52 28.57 35.69
C ALA E 104 22.28 28.73 36.56
N ASP E 105 22.31 29.72 37.46
CA ASP E 105 21.21 30.02 38.37
C ASP E 105 19.92 30.38 37.66
N GLU E 106 20.06 30.91 36.44
CA GLU E 106 18.93 31.34 35.65
C GLU E 106 18.56 30.28 34.64
N GLY E 107 19.25 29.14 34.69
CA GLY E 107 19.03 28.06 33.76
C GLY E 107 19.70 28.25 32.40
N GLU E 108 20.78 29.04 32.35
CA GLU E 108 21.49 29.30 31.09
C GLU E 108 22.84 28.59 31.04
N TYR E 109 22.91 27.50 31.77
CA TYR E 109 24.08 26.65 31.91
C TYR E 109 24.54 26.10 30.55
N ASP E 110 25.84 26.22 30.27
CA ASP E 110 26.48 25.80 29.01
C ASP E 110 26.94 24.35 28.92
N ASN E 111 27.29 23.77 30.05
CA ASN E 111 27.81 22.42 30.15
C ASN E 111 29.15 22.29 29.45
N ASN E 112 30.01 23.27 29.73
CA ASN E 112 31.38 23.33 29.22
C ASN E 112 32.28 22.32 29.95
N GLY E 113 33.28 21.76 29.28
CA GLY E 113 34.27 20.88 29.94
C GLY E 113 35.70 21.44 29.95
N PHE E 114 35.86 22.69 29.55
CA PHE E 114 37.16 23.31 29.40
C PHE E 114 37.65 23.81 30.73
N LEU E 115 38.81 23.33 31.16
CA LEU E 115 39.25 23.61 32.52
C LEU E 115 40.17 24.81 32.68
N LYS E 116 39.65 25.84 33.35
CA LYS E 116 40.38 27.10 33.50
C LYS E 116 40.89 27.35 34.89
N HIS E 117 40.17 26.88 35.88
CA HIS E 117 40.58 27.14 37.25
C HIS E 117 41.11 25.88 37.83
N TRP E 118 42.30 25.93 38.38
CA TRP E 118 42.93 24.72 38.88
C TRP E 118 43.34 24.75 40.33
N GLY E 119 43.35 23.56 40.94
CA GLY E 119 43.81 23.34 42.31
C GLY E 119 45.34 23.14 42.31
N GLN E 120 45.89 22.57 43.39
CA GLN E 120 47.34 22.46 43.50
C GLN E 120 47.88 21.07 43.21
N GLY E 121 47.13 20.05 43.56
CA GLY E 121 47.58 18.69 43.43
C GLY E 121 47.99 18.09 44.77
N THR E 122 47.26 17.06 45.16
CA THR E 122 47.53 16.37 46.40
C THR E 122 47.84 14.91 46.20
N LEU E 123 48.99 14.49 46.67
CA LEU E 123 49.38 13.11 46.50
C LEU E 123 48.70 12.19 47.48
N VAL E 124 48.13 11.15 46.92
CA VAL E 124 47.50 10.12 47.70
C VAL E 124 48.23 8.82 47.40
N THR E 125 48.70 8.17 48.46
CA THR E 125 49.48 6.93 48.34
C THR E 125 48.91 5.86 49.25
N VAL E 126 49.51 4.68 49.19
CA VAL E 126 49.07 3.62 50.07
C VAL E 126 50.21 3.04 50.88
N THR E 127 49.85 2.33 51.95
CA THR E 127 50.84 1.66 52.78
C THR E 127 50.34 0.35 53.38
N GLU F 1 22.30 -17.24 -31.36
CA GLU F 1 23.44 -18.10 -31.10
C GLU F 1 24.74 -17.31 -31.06
N LEU F 2 25.84 -18.03 -30.84
CA LEU F 2 27.12 -17.38 -30.79
C LEU F 2 27.96 -17.58 -32.01
N GLU F 3 28.71 -16.53 -32.31
CA GLU F 3 29.68 -16.56 -33.37
C GLU F 3 30.99 -15.98 -32.86
N LEU F 4 32.07 -16.51 -33.38
CA LEU F 4 33.40 -16.04 -33.06
C LEU F 4 34.15 -15.64 -34.29
N THR F 5 34.83 -14.52 -34.21
CA THR F 5 35.62 -14.07 -35.34
C THR F 5 37.08 -13.96 -35.00
N GLN F 6 37.89 -14.62 -35.81
CA GLN F 6 39.31 -14.50 -35.65
C GLN F 6 39.66 -13.25 -36.38
N SER F 7 40.52 -12.41 -35.81
CA SER F 7 40.86 -11.20 -36.54
C SER F 7 41.70 -11.50 -37.80
N PRO F 8 42.94 -12.04 -37.74
CA PRO F 8 43.67 -12.45 -38.91
C PRO F 8 43.10 -13.74 -39.48
N ALA F 9 43.09 -13.89 -40.80
CA ALA F 9 42.74 -15.19 -41.36
C ALA F 9 44.01 -16.03 -41.34
N THR F 10 45.10 -15.32 -41.57
CA THR F 10 46.45 -15.83 -41.56
C THR F 10 47.26 -14.79 -40.81
N LEU F 11 48.12 -15.19 -39.90
CA LEU F 11 48.94 -14.22 -39.22
C LEU F 11 50.32 -14.17 -39.86
N SER F 12 50.83 -12.97 -40.09
CA SER F 12 52.17 -12.86 -40.64
C SER F 12 53.20 -12.94 -39.55
N VAL F 13 53.97 -14.02 -39.57
CA VAL F 13 54.95 -14.32 -38.57
C VAL F 13 56.29 -14.76 -39.14
N SER F 14 57.21 -14.95 -38.23
CA SER F 14 58.51 -15.51 -38.51
C SER F 14 58.95 -16.20 -37.22
N PRO F 15 59.87 -17.17 -37.24
CA PRO F 15 60.33 -17.86 -36.05
C PRO F 15 60.86 -16.88 -35.02
N GLY F 16 60.50 -17.11 -33.78
CA GLY F 16 60.92 -16.29 -32.65
C GLY F 16 59.94 -15.15 -32.36
N GLU F 17 58.96 -14.98 -33.23
CA GLU F 17 57.96 -13.93 -33.13
C GLU F 17 56.96 -14.20 -32.03
N ARG F 18 56.32 -13.15 -31.55
CA ARG F 18 55.26 -13.34 -30.58
C ARG F 18 53.94 -13.38 -31.32
N ALA F 19 53.32 -14.56 -31.38
CA ALA F 19 52.07 -14.62 -32.12
C ALA F 19 51.03 -13.92 -31.28
N THR F 20 50.11 -13.19 -31.90
CA THR F 20 49.00 -12.56 -31.20
C THR F 20 47.72 -12.79 -31.97
N LEU F 21 46.99 -13.81 -31.57
CA LEU F 21 45.79 -14.24 -32.26
C LEU F 21 44.54 -13.83 -31.50
N SER F 22 43.91 -12.75 -31.94
CA SER F 22 42.75 -12.28 -31.21
C SER F 22 41.49 -12.96 -31.74
N CYS F 23 40.47 -12.94 -30.89
CA CYS F 23 39.17 -13.51 -31.17
C CYS F 23 38.06 -12.64 -30.58
N ARG F 24 37.11 -12.30 -31.43
CA ARG F 24 36.00 -11.48 -31.03
C ARG F 24 34.71 -12.26 -30.96
N ALA F 25 34.03 -12.14 -29.84
CA ALA F 25 32.78 -12.84 -29.71
C ALA F 25 31.61 -11.95 -30.03
N SER F 26 30.55 -12.56 -30.55
CA SER F 26 29.29 -11.88 -30.82
C SER F 26 28.55 -11.50 -29.54
N GLU F 27 28.93 -12.13 -28.44
CA GLU F 27 28.38 -11.89 -27.10
C GLU F 27 29.44 -12.24 -26.07
N SER F 28 29.33 -11.61 -24.91
CA SER F 28 30.26 -11.80 -23.80
C SER F 28 30.27 -13.19 -23.18
N VAL F 29 31.48 -13.55 -22.76
CA VAL F 29 31.84 -14.76 -22.05
C VAL F 29 32.82 -14.50 -20.92
N SER F 30 32.66 -15.18 -19.80
CA SER F 30 33.66 -15.00 -18.77
C SER F 30 34.28 -16.33 -18.41
N SER F 31 35.49 -16.52 -18.93
CA SER F 31 36.36 -17.69 -18.83
C SER F 31 35.95 -18.88 -19.70
N ASP F 32 34.70 -18.95 -20.14
CA ASP F 32 34.28 -20.12 -20.94
C ASP F 32 34.63 -20.02 -22.42
N LEU F 33 35.91 -19.92 -22.66
CA LEU F 33 36.48 -19.84 -23.98
C LEU F 33 37.79 -20.64 -24.03
N ALA F 34 37.97 -21.38 -25.11
CA ALA F 34 39.16 -22.22 -25.23
C ALA F 34 39.82 -22.14 -26.61
N TRP F 35 41.11 -22.42 -26.63
CA TRP F 35 41.88 -22.43 -27.85
C TRP F 35 42.42 -23.78 -28.21
N TYR F 36 42.35 -24.09 -29.49
CA TYR F 36 42.81 -25.36 -30.04
C TYR F 36 43.77 -25.26 -31.24
N GLN F 37 44.67 -26.25 -31.37
CA GLN F 37 45.58 -26.36 -32.50
C GLN F 37 45.24 -27.41 -33.52
N GLN F 38 44.79 -26.96 -34.67
CA GLN F 38 44.45 -27.90 -35.72
C GLN F 38 45.59 -28.01 -36.69
N LYS F 39 46.31 -29.10 -36.63
CA LYS F 39 47.42 -29.26 -37.52
C LYS F 39 46.87 -30.08 -38.68
N PRO F 40 47.44 -30.01 -39.88
CA PRO F 40 46.95 -30.76 -41.01
C PRO F 40 46.91 -32.24 -40.71
N GLY F 41 45.74 -32.83 -40.89
CA GLY F 41 45.51 -34.25 -40.70
C GLY F 41 45.40 -34.67 -39.23
N GLN F 42 45.48 -33.72 -38.32
CA GLN F 42 45.52 -34.05 -36.90
C GLN F 42 44.29 -33.69 -36.11
N ALA F 43 44.30 -34.08 -34.84
CA ALA F 43 43.27 -33.68 -33.93
C ALA F 43 43.51 -32.22 -33.55
N PRO F 44 42.48 -31.44 -33.25
CA PRO F 44 42.56 -30.06 -32.80
C PRO F 44 42.98 -30.00 -31.35
N ARG F 45 44.27 -30.15 -31.07
CA ARG F 45 44.75 -30.24 -29.69
C ARG F 45 44.34 -29.08 -28.81
N LEU F 46 43.93 -29.36 -27.57
CA LEU F 46 43.59 -28.30 -26.65
C LEU F 46 44.79 -27.61 -26.08
N LEU F 47 44.79 -26.29 -26.14
CA LEU F 47 45.85 -25.50 -25.57
C LEU F 47 45.43 -24.80 -24.33
N ILE F 48 44.41 -23.95 -24.49
CA ILE F 48 43.98 -23.07 -23.43
C ILE F 48 42.51 -23.23 -23.15
N TYR F 49 42.14 -23.27 -21.91
CA TYR F 49 40.74 -23.33 -21.54
C TYR F 49 40.54 -22.40 -20.37
N GLY F 50 39.32 -21.95 -20.14
CA GLY F 50 39.16 -21.05 -19.03
C GLY F 50 39.73 -19.68 -19.38
N ALA F 51 39.81 -19.37 -20.70
CA ALA F 51 40.39 -18.16 -21.29
C ALA F 51 41.92 -18.14 -21.20
N SER F 52 42.48 -18.41 -20.00
CA SER F 52 43.92 -18.33 -19.77
C SER F 52 44.64 -19.60 -19.27
N THR F 53 43.93 -20.67 -18.93
CA THR F 53 44.61 -21.82 -18.32
C THR F 53 45.15 -22.77 -19.34
N ARG F 54 46.42 -23.16 -19.25
CA ARG F 54 46.88 -24.09 -20.24
C ARG F 54 46.63 -25.50 -19.79
N ALA F 55 46.31 -26.35 -20.76
CA ALA F 55 46.11 -27.76 -20.54
C ALA F 55 47.42 -28.47 -20.28
N THR F 56 47.35 -29.55 -19.53
CA THR F 56 48.54 -30.33 -19.30
C THR F 56 49.04 -30.85 -20.64
N GLY F 57 50.35 -30.70 -20.87
CA GLY F 57 51.02 -31.10 -22.10
C GLY F 57 51.28 -29.92 -23.03
N VAL F 58 50.69 -28.78 -22.73
CA VAL F 58 50.84 -27.58 -23.50
C VAL F 58 52.13 -26.84 -23.11
N PRO F 59 53.00 -26.48 -24.04
CA PRO F 59 54.23 -25.74 -23.82
C PRO F 59 53.94 -24.39 -23.20
N ALA F 60 54.89 -23.91 -22.40
CA ALA F 60 54.82 -22.62 -21.69
C ALA F 60 54.75 -21.44 -22.63
N ARG F 61 55.10 -21.68 -23.88
CA ARG F 61 55.05 -20.66 -24.91
C ARG F 61 53.62 -20.17 -25.06
N PHE F 62 52.65 -21.06 -24.83
CA PHE F 62 51.26 -20.74 -25.02
C PHE F 62 50.64 -20.17 -23.77
N SER F 63 50.04 -19.00 -23.93
CA SER F 63 49.36 -18.30 -22.85
C SER F 63 48.32 -17.41 -23.47
N GLY F 64 47.44 -16.83 -22.66
CA GLY F 64 46.46 -15.92 -23.22
C GLY F 64 45.57 -15.37 -22.15
N SER F 65 44.71 -14.46 -22.55
CA SER F 65 43.79 -13.80 -21.64
C SER F 65 42.65 -13.13 -22.36
N GLY F 66 41.65 -12.70 -21.59
CA GLY F 66 40.57 -11.93 -22.15
C GLY F 66 39.36 -11.90 -21.25
N SER F 67 38.39 -11.11 -21.67
CA SER F 67 37.15 -10.94 -20.94
C SER F 67 36.09 -10.39 -21.86
N GLY F 68 34.83 -10.42 -21.42
CA GLY F 68 33.81 -9.82 -22.26
C GLY F 68 33.79 -10.55 -23.56
N ALA F 69 33.95 -9.84 -24.67
CA ALA F 69 33.94 -10.48 -25.95
C ALA F 69 35.32 -10.42 -26.62
N GLU F 70 36.35 -9.99 -25.89
CA GLU F 70 37.69 -9.82 -26.49
C GLU F 70 38.79 -10.69 -25.88
N PHE F 71 39.22 -11.70 -26.64
CA PHE F 71 40.22 -12.64 -26.16
C PHE F 71 41.41 -12.78 -27.07
N THR F 72 42.60 -12.98 -26.50
CA THR F 72 43.80 -13.22 -27.32
C THR F 72 44.66 -14.38 -26.85
N LEU F 73 45.09 -15.18 -27.81
CA LEU F 73 46.04 -16.26 -27.60
C LEU F 73 47.39 -15.76 -28.06
N THR F 74 48.40 -15.91 -27.24
CA THR F 74 49.70 -15.47 -27.68
C THR F 74 50.71 -16.60 -27.58
N ILE F 75 51.71 -16.54 -28.45
CA ILE F 75 52.74 -17.56 -28.38
C ILE F 75 54.09 -16.92 -28.24
N SER F 76 54.75 -17.12 -27.12
CA SER F 76 56.05 -16.51 -26.91
C SER F 76 57.08 -17.30 -27.69
N SER F 77 58.05 -16.61 -28.29
CA SER F 77 59.14 -17.32 -28.97
C SER F 77 58.60 -18.39 -29.91
N LEU F 78 57.72 -17.99 -30.82
CA LEU F 78 57.03 -18.90 -31.70
C LEU F 78 57.94 -19.83 -32.49
N GLN F 79 57.61 -21.12 -32.44
CA GLN F 79 58.38 -22.15 -33.14
C GLN F 79 57.67 -22.61 -34.39
N SER F 80 58.40 -23.22 -35.34
CA SER F 80 57.77 -23.75 -36.56
C SER F 80 56.77 -24.87 -36.23
N GLU F 81 56.97 -25.43 -35.06
CA GLU F 81 56.20 -26.50 -34.48
C GLU F 81 54.80 -26.05 -34.11
N ASP F 82 54.63 -24.76 -33.97
CA ASP F 82 53.38 -24.17 -33.53
C ASP F 82 52.51 -23.74 -34.69
N PHE F 83 52.90 -24.04 -35.92
CA PHE F 83 52.12 -23.58 -37.05
C PHE F 83 50.91 -24.43 -37.39
N ALA F 84 49.94 -24.26 -36.51
CA ALA F 84 48.63 -24.88 -36.48
C ALA F 84 47.59 -23.87 -36.87
N VAL F 85 46.41 -24.33 -37.28
CA VAL F 85 45.35 -23.37 -37.45
C VAL F 85 44.71 -23.23 -36.09
N TYR F 86 44.65 -22.01 -35.59
CA TYR F 86 44.14 -21.83 -34.26
C TYR F 86 42.68 -21.54 -34.22
N TYR F 87 41.97 -22.31 -33.42
CA TYR F 87 40.55 -22.12 -33.29
C TYR F 87 40.16 -21.65 -31.92
N CYS F 88 39.23 -20.73 -31.95
CA CYS F 88 38.63 -20.13 -30.77
C CYS F 88 37.28 -20.79 -30.56
N GLN F 89 37.04 -21.30 -29.36
CA GLN F 89 35.77 -21.95 -29.03
C GLN F 89 35.10 -21.32 -27.83
N GLN F 90 33.81 -21.02 -27.95
CA GLN F 90 33.08 -20.40 -26.84
C GLN F 90 31.95 -21.28 -26.38
N TYR F 91 31.93 -21.52 -25.07
CA TYR F 91 30.96 -22.41 -24.48
C TYR F 91 30.09 -21.93 -23.31
N ASN F 92 29.92 -20.63 -23.10
CA ASN F 92 29.07 -20.22 -21.98
C ASN F 92 27.62 -20.24 -22.41
N ASN F 93 27.13 -21.45 -22.60
CA ASN F 93 25.81 -21.65 -23.13
C ASN F 93 25.07 -22.71 -22.37
N TRP F 94 23.80 -22.46 -22.14
CA TRP F 94 22.98 -23.47 -21.55
C TRP F 94 21.54 -23.24 -21.98
N PRO F 95 20.96 -24.11 -22.82
CA PRO F 95 21.46 -25.35 -23.42
C PRO F 95 22.77 -25.06 -24.13
N PRO F 96 23.66 -26.03 -24.23
CA PRO F 96 25.03 -25.89 -24.66
C PRO F 96 25.25 -25.69 -26.14
N ARG F 97 24.72 -24.62 -26.66
CA ARG F 97 24.88 -24.33 -28.07
C ARG F 97 26.22 -23.67 -28.30
N TYR F 98 27.25 -24.49 -28.27
CA TYR F 98 28.64 -24.08 -28.34
C TYR F 98 29.05 -23.68 -29.74
N THR F 99 30.00 -22.74 -29.85
CA THR F 99 30.40 -22.30 -31.19
C THR F 99 31.92 -22.25 -31.41
N PHE F 100 32.30 -22.06 -32.69
CA PHE F 100 33.70 -21.93 -33.11
C PHE F 100 34.00 -20.74 -34.01
N GLY F 101 35.25 -20.28 -33.96
CA GLY F 101 35.74 -19.26 -34.88
C GLY F 101 36.10 -19.91 -36.22
N GLN F 102 36.46 -19.13 -37.22
CA GLN F 102 36.76 -19.72 -38.53
C GLN F 102 38.14 -20.35 -38.63
N GLY F 103 39.03 -20.01 -37.69
CA GLY F 103 40.39 -20.56 -37.64
C GLY F 103 41.49 -19.65 -38.23
N THR F 104 42.56 -19.40 -37.46
CA THR F 104 43.67 -18.57 -37.97
C THR F 104 44.91 -19.37 -38.26
N ARG F 105 45.41 -19.28 -39.47
CA ARG F 105 46.61 -20.00 -39.82
C ARG F 105 47.85 -19.17 -39.53
N LEU F 106 48.92 -19.75 -39.07
CA LEU F 106 50.12 -18.95 -38.96
C LEU F 106 50.93 -19.20 -40.21
N GLU F 107 51.60 -18.18 -40.73
CA GLU F 107 52.47 -18.38 -41.88
C GLU F 107 53.79 -17.63 -41.77
N ILE F 108 54.87 -18.33 -42.12
CA ILE F 108 56.18 -17.69 -42.15
C ILE F 108 56.36 -17.09 -43.52
N LYS F 109 56.63 -15.80 -43.54
CA LYS F 109 56.77 -15.12 -44.81
C LYS F 109 58.12 -15.35 -45.45
N ARG F 110 58.10 -15.39 -46.79
CA ARG F 110 59.27 -15.59 -47.62
C ARG F 110 58.86 -15.50 -49.09
N ALA G 37 -40.32 -37.21 34.58
CA ALA G 37 -40.80 -36.34 33.52
C ALA G 37 -40.62 -37.01 32.17
N LYS G 38 -41.34 -36.52 31.18
CA LYS G 38 -41.20 -37.03 29.83
C LYS G 38 -40.06 -36.28 29.19
N LYS G 39 -39.14 -37.00 28.58
CA LYS G 39 -38.02 -36.36 27.93
C LYS G 39 -38.40 -36.04 26.50
N TRP G 40 -38.14 -34.81 26.08
CA TRP G 40 -38.45 -34.29 24.75
C TRP G 40 -37.22 -33.75 24.07
N VAL G 41 -37.19 -33.80 22.75
CA VAL G 41 -36.06 -33.24 22.02
C VAL G 41 -36.06 -31.71 22.04
N THR G 42 -34.92 -31.11 22.38
CA THR G 42 -34.77 -29.65 22.32
C THR G 42 -33.59 -29.34 21.41
N VAL G 43 -33.79 -28.39 20.51
CA VAL G 43 -32.77 -28.02 19.56
C VAL G 43 -32.05 -26.75 19.98
N TYR G 44 -30.73 -26.81 20.05
CA TYR G 44 -29.96 -25.67 20.49
C TYR G 44 -29.01 -25.16 19.44
N TYR G 45 -29.05 -23.87 19.19
CA TYR G 45 -28.14 -23.33 18.23
C TYR G 45 -27.15 -22.42 18.93
N GLY G 46 -25.87 -22.58 18.62
CA GLY G 46 -24.83 -21.78 19.25
C GLY G 46 -24.03 -22.65 20.19
N VAL G 47 -24.09 -23.95 19.97
CA VAL G 47 -23.40 -24.93 20.74
C VAL G 47 -21.88 -24.90 20.50
N PRO G 48 -21.02 -24.84 21.53
CA PRO G 48 -19.57 -24.77 21.43
C PRO G 48 -18.91 -26.10 21.12
N VAL G 49 -19.18 -26.61 19.93
CA VAL G 49 -18.69 -27.89 19.45
C VAL G 49 -17.97 -27.80 18.12
N TRP G 50 -16.86 -28.51 18.01
CA TRP G 50 -16.09 -28.52 16.78
C TRP G 50 -15.63 -29.89 16.34
N LYS G 51 -15.38 -29.95 15.05
CA LYS G 51 -14.92 -31.14 14.33
C LYS G 51 -13.70 -30.80 13.49
N GLU G 52 -12.95 -31.81 13.10
CA GLU G 52 -11.77 -31.60 12.27
C GLU G 52 -12.06 -31.02 10.90
N ALA G 53 -11.20 -30.10 10.49
CA ALA G 53 -11.31 -29.44 9.22
C ALA G 53 -10.24 -29.86 8.23
N THR G 54 -10.59 -29.72 6.95
CA THR G 54 -9.70 -29.95 5.83
C THR G 54 -9.73 -28.73 4.94
N THR G 55 -8.98 -27.70 5.29
CA THR G 55 -9.05 -26.47 4.51
C THR G 55 -7.70 -25.95 4.11
N THR G 56 -7.71 -24.83 3.39
CA THR G 56 -6.50 -24.18 2.92
C THR G 56 -6.10 -23.06 3.84
N LEU G 57 -4.86 -23.08 4.26
CA LEU G 57 -4.34 -22.07 5.16
C LEU G 57 -3.59 -21.02 4.40
N PHE G 58 -3.54 -19.83 4.97
CA PHE G 58 -2.80 -18.74 4.38
C PHE G 58 -1.40 -18.71 4.89
N CYS G 59 -0.47 -18.32 4.07
CA CYS G 59 0.86 -18.17 4.63
C CYS G 59 1.13 -16.71 4.90
N ALA G 60 1.91 -16.45 5.94
CA ALA G 60 2.34 -15.11 6.24
C ALA G 60 3.80 -15.10 6.59
N SER G 61 4.50 -14.07 6.18
CA SER G 61 5.90 -13.94 6.56
C SER G 61 6.35 -12.52 6.42
N ASP G 62 7.41 -12.17 7.11
CA ASP G 62 7.92 -10.82 7.00
C ASP G 62 8.90 -10.69 5.87
N ALA G 63 8.38 -10.77 4.66
CA ALA G 63 9.19 -10.67 3.47
C ALA G 63 9.77 -9.28 3.37
N LYS G 64 11.03 -9.20 2.94
CA LYS G 64 11.67 -7.91 2.76
C LYS G 64 11.07 -7.11 1.61
N ALA G 65 10.73 -7.83 0.55
CA ALA G 65 10.13 -7.30 -0.68
C ALA G 65 10.98 -6.25 -1.40
N TYR G 66 12.30 -6.46 -1.43
CA TYR G 66 13.22 -5.60 -2.16
C TYR G 66 14.44 -6.45 -2.41
N ASP G 67 14.56 -7.46 -1.58
CA ASP G 67 15.66 -8.42 -1.61
C ASP G 67 15.42 -9.36 -2.76
N THR G 68 16.48 -10.02 -3.20
CA THR G 68 16.44 -10.96 -4.30
C THR G 68 16.53 -12.40 -3.82
N GLU G 69 16.74 -12.56 -2.53
CA GLU G 69 16.82 -13.87 -1.92
C GLU G 69 15.53 -14.60 -2.22
N VAL G 70 15.64 -15.87 -2.53
CA VAL G 70 14.48 -16.64 -2.94
C VAL G 70 13.31 -16.68 -2.03
N HIS G 71 13.52 -16.86 -0.75
CA HIS G 71 12.36 -17.02 0.09
C HIS G 71 11.64 -15.69 0.23
N ASN G 72 12.40 -14.60 0.28
CA ASN G 72 11.78 -13.30 0.36
C ASN G 72 11.06 -12.99 -0.94
N VAL G 73 11.60 -13.42 -2.07
CA VAL G 73 10.95 -13.14 -3.33
C VAL G 73 9.68 -13.93 -3.46
N TRP G 74 9.71 -15.20 -3.10
CA TRP G 74 8.50 -15.99 -3.17
C TRP G 74 7.47 -15.42 -2.23
N ALA G 75 7.86 -15.18 -1.00
CA ALA G 75 6.94 -14.72 0.02
C ALA G 75 6.31 -13.40 -0.37
N THR G 76 7.04 -12.56 -1.05
CA THR G 76 6.51 -11.28 -1.48
C THR G 76 5.22 -11.45 -2.27
N HIS G 77 5.14 -12.48 -3.11
CA HIS G 77 3.94 -12.65 -3.91
C HIS G 77 3.02 -13.75 -3.40
N ALA G 78 3.57 -14.67 -2.62
CA ALA G 78 2.79 -15.80 -2.12
C ALA G 78 2.10 -15.55 -0.79
N CYS G 79 2.70 -14.74 0.06
CA CYS G 79 2.26 -14.56 1.43
C CYS G 79 1.87 -13.17 1.81
N VAL G 80 1.18 -13.06 2.92
CA VAL G 80 0.82 -11.77 3.44
C VAL G 80 1.80 -11.46 4.57
N PRO G 81 1.86 -10.25 5.12
CA PRO G 81 2.70 -9.88 6.23
C PRO G 81 2.21 -10.60 7.44
N THR G 82 3.03 -10.74 8.47
CA THR G 82 2.55 -11.40 9.67
C THR G 82 1.65 -10.49 10.45
N ASP G 83 0.96 -11.07 11.43
CA ASP G 83 0.00 -10.38 12.28
C ASP G 83 0.72 -9.54 13.33
N PRO G 84 0.60 -8.21 13.33
CA PRO G 84 1.26 -7.32 14.27
C PRO G 84 0.72 -7.46 15.69
N ASN G 85 -0.45 -8.09 15.85
CA ASN G 85 -1.03 -8.24 17.17
C ASN G 85 -1.82 -9.54 17.30
N PRO G 86 -1.15 -10.69 17.32
CA PRO G 86 -1.75 -12.01 17.34
C PRO G 86 -2.36 -12.20 18.69
N GLN G 87 -3.34 -13.08 18.78
CA GLN G 87 -3.98 -13.40 20.05
C GLN G 87 -4.12 -14.89 20.23
N GLU G 88 -4.11 -15.32 21.48
CA GLU G 88 -4.27 -16.71 21.85
C GLU G 88 -5.26 -16.85 22.98
N ILE G 89 -6.21 -17.75 22.83
CA ILE G 89 -7.17 -17.98 23.89
C ILE G 89 -6.98 -19.34 24.51
N VAL G 90 -6.76 -19.37 25.81
CA VAL G 90 -6.60 -20.67 26.43
C VAL G 90 -7.98 -21.18 26.73
N LEU G 91 -8.26 -22.42 26.35
CA LEU G 91 -9.56 -23.00 26.55
C LEU G 91 -9.63 -23.54 27.96
N GLY G 92 -10.84 -23.76 28.43
CA GLY G 92 -11.05 -24.25 29.77
C GLY G 92 -10.71 -25.70 29.92
N ASN G 93 -11.46 -26.39 30.72
CA ASN G 93 -11.12 -27.76 31.01
C ASN G 93 -11.61 -28.66 29.89
N VAL G 94 -10.78 -28.71 28.87
CA VAL G 94 -11.10 -29.44 27.67
C VAL G 94 -10.01 -30.42 27.42
N THR G 95 -10.30 -31.44 26.66
CA THR G 95 -9.29 -32.37 26.25
C THR G 95 -9.40 -32.49 24.76
N GLU G 96 -8.28 -32.40 24.07
CA GLU G 96 -8.31 -32.50 22.63
C GLU G 96 -7.29 -33.50 22.16
N ASN G 97 -7.70 -34.41 21.28
CA ASN G 97 -6.82 -35.43 20.75
C ASN G 97 -6.09 -34.99 19.49
N PHE G 98 -4.79 -34.92 19.60
CA PHE G 98 -3.93 -34.48 18.52
C PHE G 98 -3.24 -35.70 17.92
N ASN G 99 -2.90 -35.64 16.64
CA ASN G 99 -2.16 -36.75 16.05
C ASN G 99 -1.26 -36.24 14.95
N MET G 100 0.03 -36.17 15.22
CA MET G 100 0.94 -35.57 14.28
C MET G 100 1.09 -36.36 12.99
N TRP G 101 0.68 -37.62 12.97
CA TRP G 101 0.86 -38.39 11.76
C TRP G 101 -0.36 -38.41 10.88
N LYS G 102 -1.42 -37.74 11.33
CA LYS G 102 -2.66 -37.70 10.57
C LYS G 102 -3.00 -36.25 10.33
N ASN G 103 -2.02 -35.40 10.53
CA ASN G 103 -2.19 -33.98 10.46
C ASN G 103 -2.08 -33.48 9.03
N ASN G 104 -3.19 -33.01 8.48
CA ASN G 104 -3.23 -32.62 7.08
C ASN G 104 -2.58 -31.26 6.79
N MET G 105 -2.09 -30.61 7.84
CA MET G 105 -1.42 -29.36 7.67
C MET G 105 -0.06 -29.66 7.08
N VAL G 106 0.41 -30.90 7.31
CA VAL G 106 1.72 -31.29 6.86
C VAL G 106 1.73 -31.41 5.38
N GLU G 107 0.71 -32.05 4.85
CA GLU G 107 0.67 -32.25 3.43
C GLU G 107 0.53 -30.92 2.74
N GLN G 108 -0.24 -30.02 3.32
CA GLN G 108 -0.38 -28.75 2.67
C GLN G 108 0.93 -27.96 2.69
N MET G 109 1.65 -28.02 3.81
CA MET G 109 2.92 -27.32 3.89
C MET G 109 3.90 -27.88 2.89
N HIS G 110 3.84 -29.19 2.71
CA HIS G 110 4.69 -29.90 1.78
C HIS G 110 4.48 -29.36 0.39
N GLU G 111 3.22 -29.22 -0.02
CA GLU G 111 2.99 -28.70 -1.35
C GLU G 111 3.48 -27.27 -1.50
N ASP G 112 3.30 -26.43 -0.49
CA ASP G 112 3.77 -25.05 -0.65
C ASP G 112 5.27 -24.98 -0.81
N ILE G 113 5.99 -25.80 -0.06
CA ILE G 113 7.42 -25.78 -0.14
C ILE G 113 7.89 -26.29 -1.46
N ILE G 114 7.29 -27.35 -1.97
CA ILE G 114 7.76 -27.80 -3.26
C ILE G 114 7.57 -26.72 -4.29
N SER G 115 6.41 -26.07 -4.28
CA SER G 115 6.20 -25.05 -5.28
C SER G 115 7.27 -23.99 -5.14
N LEU G 116 7.57 -23.55 -3.92
CA LEU G 116 8.60 -22.54 -3.72
C LEU G 116 9.93 -23.00 -4.27
N TRP G 117 10.30 -24.18 -3.88
CA TRP G 117 11.58 -24.75 -4.18
C TRP G 117 11.82 -24.77 -5.67
N ASP G 118 10.84 -25.23 -6.43
CA ASP G 118 10.99 -25.40 -7.87
C ASP G 118 10.89 -24.11 -8.68
N GLN G 119 10.62 -22.99 -8.02
CA GLN G 119 10.55 -21.69 -8.66
C GLN G 119 11.89 -21.00 -8.53
N SER G 120 12.82 -21.66 -7.86
CA SER G 120 14.10 -21.08 -7.57
C SER G 120 15.28 -21.95 -7.90
N LEU G 121 15.44 -23.05 -7.17
CA LEU G 121 16.61 -23.87 -7.37
C LEU G 121 16.39 -24.82 -8.52
N LYS G 122 16.35 -24.24 -9.69
CA LYS G 122 16.11 -24.96 -10.91
C LYS G 122 17.39 -25.67 -11.32
N PRO G 123 17.34 -26.95 -11.64
CA PRO G 123 18.45 -27.74 -12.07
C PRO G 123 18.75 -27.39 -13.47
N CYS G 124 19.95 -27.65 -13.89
CA CYS G 124 20.28 -27.52 -15.29
C CYS G 124 19.55 -28.59 -16.07
N VAL G 125 19.55 -29.80 -15.53
CA VAL G 125 18.82 -30.88 -16.16
C VAL G 125 17.91 -31.59 -15.17
N LYS G 126 16.63 -31.65 -15.49
CA LYS G 126 15.65 -32.33 -14.67
C LYS G 126 15.26 -33.65 -15.32
N LEU G 127 15.34 -34.76 -14.58
CA LEU G 127 15.01 -36.05 -15.18
C LEU G 127 14.00 -36.82 -14.36
N THR G 128 12.83 -37.09 -14.93
CA THR G 128 11.82 -37.85 -14.17
C THR G 128 11.32 -39.02 -15.00
N PRO G 129 10.88 -40.11 -14.40
CA PRO G 129 10.31 -41.24 -15.07
C PRO G 129 8.93 -40.91 -15.59
N LEU G 130 8.52 -41.60 -16.62
CA LEU G 130 7.18 -41.52 -17.16
C LEU G 130 6.80 -42.86 -17.76
N CYS G 131 5.71 -43.43 -17.32
CA CYS G 131 5.37 -44.76 -17.82
C CYS G 131 4.10 -44.77 -18.65
N VAL G 132 4.07 -45.67 -19.61
CA VAL G 132 2.91 -45.90 -20.46
C VAL G 132 1.79 -46.52 -19.66
N THR G 133 0.57 -46.09 -19.92
CA THR G 133 -0.61 -46.54 -19.20
C THR G 133 -1.10 -47.90 -19.66
N LEU G 134 -0.29 -48.91 -19.44
CA LEU G 134 -0.61 -50.27 -19.82
C LEU G 134 -0.76 -51.15 -18.59
N ASN G 135 -1.56 -52.19 -18.70
CA ASN G 135 -1.69 -53.14 -17.60
C ASN G 135 -0.68 -54.26 -17.82
N CYS G 136 0.44 -54.19 -17.12
CA CYS G 136 1.51 -55.14 -17.35
C CYS G 136 1.94 -55.83 -16.06
N LEU G 209 5.22 -56.27 -19.85
CA LEU G 209 6.21 -55.20 -19.92
C LEU G 209 5.64 -53.81 -19.96
N ILE G 210 6.00 -53.01 -18.97
CA ILE G 210 5.58 -51.64 -18.96
C ILE G 210 6.79 -50.85 -19.38
N ASN G 211 6.58 -49.97 -20.34
CA ASN G 211 7.64 -49.17 -20.89
C ASN G 211 7.73 -47.80 -20.25
N CYS G 212 8.85 -47.54 -19.59
CA CYS G 212 9.02 -46.26 -18.93
C CYS G 212 10.12 -45.50 -19.65
N ASN G 213 9.85 -44.23 -19.94
CA ASN G 213 10.76 -43.37 -20.66
C ASN G 213 11.02 -42.08 -19.92
N THR G 214 12.25 -41.88 -19.48
CA THR G 214 12.58 -40.71 -18.72
C THR G 214 12.37 -39.45 -19.54
N SER G 215 11.67 -38.51 -18.94
CA SER G 215 11.39 -37.22 -19.53
C SER G 215 12.46 -36.25 -19.08
N VAL G 216 13.17 -35.65 -20.02
CA VAL G 216 14.27 -34.78 -19.65
C VAL G 216 14.08 -33.35 -20.07
N ILE G 217 14.19 -32.46 -19.10
CA ILE G 217 14.02 -31.04 -19.33
C ILE G 217 15.28 -30.24 -19.07
N THR G 218 15.68 -29.45 -20.06
CA THR G 218 16.85 -28.58 -19.91
C THR G 218 16.36 -27.19 -19.52
N GLN G 219 16.92 -26.65 -18.46
CA GLN G 219 16.52 -25.35 -17.93
C GLN G 219 17.72 -24.45 -17.72
N ALA G 220 17.50 -23.15 -17.66
CA ALA G 220 18.58 -22.20 -17.36
C ALA G 220 19.13 -22.49 -15.98
N CYS G 221 20.40 -22.18 -15.74
CA CYS G 221 20.99 -22.51 -14.44
C CYS G 221 21.54 -21.30 -13.66
N PRO G 222 20.74 -20.31 -13.28
CA PRO G 222 21.18 -19.16 -12.52
C PRO G 222 21.44 -19.58 -11.11
N LYS G 223 22.28 -18.87 -10.38
CA LYS G 223 22.40 -19.15 -8.97
C LYS G 223 21.65 -18.10 -8.22
N VAL G 224 21.11 -18.47 -7.07
CA VAL G 224 20.36 -17.52 -6.29
C VAL G 224 20.76 -17.56 -4.83
N SER G 225 20.53 -16.45 -4.13
CA SER G 225 20.72 -16.46 -2.69
C SER G 225 19.64 -17.34 -2.12
N PHE G 226 19.98 -18.16 -1.14
CA PHE G 226 18.97 -19.08 -0.64
C PHE G 226 19.07 -19.33 0.86
N GLU G 227 18.16 -18.70 1.59
CA GLU G 227 18.10 -18.74 3.05
C GLU G 227 16.66 -18.78 3.60
N PRO G 228 16.19 -19.90 4.18
CA PRO G 228 14.84 -20.08 4.70
C PRO G 228 14.40 -18.99 5.68
N ILE G 229 13.18 -18.50 5.46
CA ILE G 229 12.50 -17.42 6.20
C ILE G 229 11.40 -18.10 6.98
N PRO G 230 11.06 -17.74 8.22
CA PRO G 230 9.97 -18.34 8.93
C PRO G 230 8.68 -18.01 8.25
N ILE G 231 7.84 -19.01 8.09
CA ILE G 231 6.52 -18.84 7.51
C ILE G 231 5.47 -19.29 8.49
N HIS G 232 4.47 -18.47 8.71
CA HIS G 232 3.39 -18.76 9.63
C HIS G 232 2.18 -19.22 8.86
N TYR G 233 1.42 -20.18 9.36
CA TYR G 233 0.18 -20.51 8.68
C TYR G 233 -1.00 -19.98 9.42
N CYS G 234 -1.96 -19.45 8.69
CA CYS G 234 -3.13 -18.88 9.33
C CYS G 234 -4.43 -19.46 8.79
N ALA G 235 -5.36 -19.75 9.68
CA ALA G 235 -6.62 -20.29 9.24
C ALA G 235 -7.44 -19.20 8.53
N PRO G 236 -8.24 -19.56 7.52
CA PRO G 236 -9.17 -18.72 6.84
C PRO G 236 -10.39 -18.47 7.67
N ALA G 237 -11.18 -17.48 7.29
CA ALA G 237 -12.41 -17.23 8.00
C ALA G 237 -13.26 -18.47 8.05
N GLY G 238 -13.81 -18.72 9.24
CA GLY G 238 -14.66 -19.88 9.49
C GLY G 238 -13.89 -21.00 10.16
N PHE G 239 -12.56 -20.88 10.20
CA PHE G 239 -11.72 -21.90 10.79
C PHE G 239 -10.80 -21.36 11.86
N ALA G 240 -10.38 -22.27 12.74
CA ALA G 240 -9.46 -21.91 13.81
C ALA G 240 -8.46 -23.02 14.03
N ILE G 241 -7.31 -22.68 14.60
CA ILE G 241 -6.32 -23.70 14.85
C ILE G 241 -6.16 -23.94 16.33
N LEU G 242 -6.26 -25.19 16.73
CA LEU G 242 -6.08 -25.48 18.13
C LEU G 242 -4.66 -25.89 18.30
N LYS G 243 -4.10 -25.53 19.43
CA LYS G 243 -2.74 -25.85 19.72
C LYS G 243 -2.61 -26.59 21.03
N CYS G 244 -1.74 -27.59 21.03
CA CYS G 244 -1.44 -28.33 22.25
C CYS G 244 -0.33 -27.63 23.01
N ASN G 245 -0.58 -27.30 24.27
CA ASN G 245 0.42 -26.59 25.05
C ASN G 245 1.18 -27.44 26.05
N SER G 246 1.03 -28.75 25.99
CA SER G 246 1.78 -29.57 26.92
C SER G 246 3.24 -29.57 26.53
N LYS G 247 4.11 -29.59 27.52
CA LYS G 247 5.55 -29.57 27.28
C LYS G 247 6.09 -30.97 27.13
N THR G 248 5.24 -31.92 27.40
CA THR G 248 5.54 -33.33 27.39
C THR G 248 4.72 -34.04 26.34
N PHE G 249 4.12 -33.27 25.43
CA PHE G 249 3.26 -33.90 24.47
C PHE G 249 3.95 -34.89 23.56
N ASN G 250 3.23 -35.99 23.45
CA ASN G 250 3.46 -37.20 22.70
C ASN G 250 3.29 -36.93 21.23
N GLY G 251 3.44 -37.93 20.38
CA GLY G 251 3.13 -37.59 19.02
C GLY G 251 1.62 -37.58 18.79
N SER G 252 0.88 -38.27 19.65
CA SER G 252 -0.56 -38.32 19.51
C SER G 252 -1.25 -38.53 20.84
N GLY G 253 -2.52 -38.21 20.90
CA GLY G 253 -3.28 -38.43 22.10
C GLY G 253 -3.74 -37.10 22.66
N PRO G 254 -4.39 -37.12 23.82
CA PRO G 254 -4.99 -35.96 24.43
C PRO G 254 -4.04 -34.95 24.99
N CYS G 255 -4.44 -33.70 24.91
CA CYS G 255 -3.78 -32.60 25.57
C CYS G 255 -4.79 -31.98 26.48
N THR G 256 -4.37 -31.60 27.67
CA THR G 256 -5.28 -30.96 28.59
C THR G 256 -5.11 -29.45 28.58
N ASN G 257 -3.97 -29.00 28.11
CA ASN G 257 -3.80 -27.56 27.98
C ASN G 257 -3.92 -27.21 26.51
N VAL G 258 -5.06 -26.70 26.13
CA VAL G 258 -5.35 -26.45 24.73
C VAL G 258 -5.72 -25.02 24.55
N SER G 259 -5.19 -24.40 23.50
CA SER G 259 -5.51 -23.02 23.23
C SER G 259 -5.82 -22.80 21.77
N THR G 260 -6.50 -21.71 21.49
CA THR G 260 -6.89 -21.38 20.13
C THR G 260 -6.13 -20.20 19.58
N VAL G 261 -5.59 -20.40 18.39
CA VAL G 261 -4.85 -19.36 17.70
C VAL G 261 -5.39 -19.22 16.30
N GLN G 262 -5.11 -18.08 15.65
CA GLN G 262 -5.50 -17.97 14.27
C GLN G 262 -4.33 -18.38 13.41
N CYS G 263 -3.13 -18.09 13.91
CA CYS G 263 -1.90 -18.37 13.19
C CYS G 263 -0.94 -19.22 14.00
N THR G 264 -0.16 -20.05 13.31
CA THR G 264 0.87 -20.87 13.92
C THR G 264 2.09 -20.02 14.09
N HIS G 265 3.07 -20.54 14.82
CA HIS G 265 4.33 -19.86 14.93
C HIS G 265 5.02 -20.00 13.60
N GLY G 266 6.08 -19.24 13.37
CA GLY G 266 6.73 -19.37 12.09
C GLY G 266 7.58 -20.61 12.06
N ILE G 267 7.63 -21.25 10.92
CA ILE G 267 8.49 -22.39 10.71
C ILE G 267 9.37 -22.11 9.51
N ARG G 268 10.68 -22.23 9.65
CA ARG G 268 11.49 -22.02 8.47
C ARG G 268 11.37 -23.29 7.60
N PRO G 269 11.21 -23.19 6.29
CA PRO G 269 11.09 -24.30 5.36
C PRO G 269 12.44 -24.93 5.08
N VAL G 270 13.00 -25.53 6.10
CA VAL G 270 14.32 -26.12 6.00
C VAL G 270 14.26 -27.55 5.52
N VAL G 271 15.06 -27.87 4.54
CA VAL G 271 15.11 -29.21 3.99
C VAL G 271 16.40 -29.89 4.36
N SER G 272 16.32 -31.01 5.08
CA SER G 272 17.48 -31.76 5.53
C SER G 272 17.12 -33.22 5.68
N THR G 273 18.12 -34.11 5.69
CA THR G 273 17.75 -35.53 5.84
C THR G 273 18.12 -36.31 7.10
N GLN G 274 19.11 -35.95 7.89
CA GLN G 274 19.40 -36.79 9.08
C GLN G 274 19.17 -36.08 10.39
N LEU G 275 19.43 -34.80 10.38
CA LEU G 275 19.33 -33.94 11.53
C LEU G 275 18.43 -32.81 11.15
N LEU G 276 17.72 -32.29 12.12
CA LEU G 276 16.87 -31.15 11.87
C LEU G 276 17.67 -29.94 12.26
N LEU G 277 18.08 -29.19 11.25
CA LEU G 277 19.05 -28.12 11.39
C LEU G 277 18.60 -26.75 11.81
N ASN G 278 17.34 -26.44 11.70
CA ASN G 278 16.90 -25.10 12.07
C ASN G 278 15.44 -25.16 12.45
N GLY G 279 15.12 -24.86 13.68
CA GLY G 279 13.74 -25.02 14.13
C GLY G 279 13.57 -24.75 15.61
N SER G 280 12.42 -25.13 16.14
CA SER G 280 12.14 -24.91 17.56
C SER G 280 12.70 -26.02 18.46
N LEU G 281 12.87 -25.68 19.73
CA LEU G 281 13.29 -26.60 20.79
C LEU G 281 12.17 -26.96 21.72
N ALA G 282 12.31 -28.13 22.32
CA ALA G 282 11.40 -28.61 23.35
C ALA G 282 11.56 -27.71 24.57
N GLU G 283 10.49 -27.47 25.31
CA GLU G 283 10.58 -26.58 26.46
C GLU G 283 11.42 -27.06 27.63
N GLU G 284 11.38 -28.36 27.94
CA GLU G 284 12.08 -28.84 29.12
C GLU G 284 13.03 -30.02 28.92
N GLU G 285 12.60 -31.01 28.16
CA GLU G 285 13.34 -32.26 28.06
C GLU G 285 13.37 -32.76 26.64
N ILE G 286 14.28 -33.67 26.36
CA ILE G 286 14.26 -34.25 25.05
C ILE G 286 13.05 -35.14 24.95
N VAL G 287 12.26 -34.96 23.91
CA VAL G 287 11.06 -35.77 23.75
C VAL G 287 11.18 -36.64 22.53
N ILE G 288 10.95 -37.91 22.72
CA ILE G 288 11.03 -38.85 21.62
C ILE G 288 9.65 -39.22 21.14
N ARG G 289 9.37 -38.93 19.88
CA ARG G 289 8.05 -39.18 19.35
C ARG G 289 8.07 -40.17 18.19
N SER G 290 7.21 -41.15 18.24
CA SER G 290 7.15 -42.13 17.17
C SER G 290 5.73 -42.60 17.04
N GLU G 291 5.34 -43.00 15.85
CA GLU G 291 3.98 -43.49 15.64
C GLU G 291 3.77 -44.77 16.41
N ASN G 292 4.78 -45.61 16.39
CA ASN G 292 4.79 -46.88 17.08
C ASN G 292 6.21 -47.22 17.46
N ILE G 293 6.55 -47.08 18.73
CA ILE G 293 7.92 -47.27 19.15
C ILE G 293 8.40 -48.70 18.94
N THR G 294 7.47 -49.65 18.89
CA THR G 294 7.83 -51.04 18.72
C THR G 294 7.89 -51.46 17.27
N ASP G 295 7.59 -50.53 16.36
CA ASP G 295 7.58 -50.78 14.94
C ASP G 295 8.93 -50.45 14.30
N ASN G 296 9.61 -51.46 13.79
CA ASN G 296 10.95 -51.32 13.23
C ASN G 296 10.97 -50.36 12.04
N ALA G 297 9.83 -50.21 11.40
CA ALA G 297 9.68 -49.41 10.20
C ALA G 297 9.34 -47.94 10.44
N LYS G 298 9.15 -47.51 11.67
CA LYS G 298 8.75 -46.11 11.85
C LYS G 298 9.90 -45.18 12.19
N THR G 299 9.72 -43.92 11.80
CA THR G 299 10.67 -42.87 12.10
C THR G 299 10.50 -42.42 13.53
N ILE G 300 11.61 -42.27 14.23
CA ILE G 300 11.60 -41.74 15.56
C ILE G 300 12.12 -40.33 15.50
N ILE G 301 11.30 -39.39 15.92
CA ILE G 301 11.71 -38.02 15.87
C ILE G 301 12.11 -37.56 17.25
N VAL G 302 13.34 -37.14 17.38
CA VAL G 302 13.81 -36.72 18.67
C VAL G 302 13.93 -35.23 18.70
N GLN G 303 13.16 -34.57 19.56
CA GLN G 303 13.23 -33.12 19.64
C GLN G 303 14.05 -32.73 20.83
N LEU G 304 15.06 -31.92 20.60
CA LEU G 304 15.95 -31.54 21.67
C LEU G 304 15.43 -30.35 22.42
N ASN G 305 15.81 -30.24 23.69
CA ASN G 305 15.48 -29.08 24.50
C ASN G 305 16.59 -28.03 24.52
N GLU G 306 17.68 -28.34 23.83
CA GLU G 306 18.83 -27.47 23.68
C GLU G 306 19.34 -27.63 22.27
N ALA G 307 19.85 -26.57 21.67
CA ALA G 307 20.39 -26.70 20.33
C ALA G 307 21.87 -27.01 20.35
N VAL G 308 22.33 -27.66 19.29
CA VAL G 308 23.75 -27.89 19.09
C VAL G 308 24.19 -27.16 17.84
N GLU G 309 25.12 -26.24 18.00
CA GLU G 309 25.57 -25.45 16.85
C GLU G 309 26.41 -26.28 15.92
N ILE G 310 26.16 -26.11 14.63
CA ILE G 310 26.99 -26.73 13.60
C ILE G 310 27.46 -25.64 12.64
N ASN G 311 28.77 -25.57 12.45
CA ASN G 311 29.37 -24.55 11.60
C ASN G 311 30.03 -25.14 10.39
N CYS G 312 29.45 -24.87 9.22
CA CYS G 312 29.97 -25.46 7.99
C CYS G 312 30.63 -24.43 7.11
N THR G 313 31.68 -24.85 6.42
CA THR G 313 32.34 -23.93 5.52
C THR G 313 33.00 -24.56 4.32
N ARG G 314 33.14 -23.74 3.29
CA ARG G 314 33.91 -24.05 2.10
C ARG G 314 35.01 -22.99 1.97
N PRO G 315 36.26 -23.31 2.36
CA PRO G 315 37.43 -22.46 2.37
C PRO G 315 37.74 -21.90 0.99
N ASN G 316 38.25 -20.68 0.98
CA ASN G 316 38.58 -20.01 -0.27
C ASN G 316 39.83 -20.55 -0.92
N ASN G 317 40.57 -21.34 -0.16
CA ASN G 317 41.79 -21.90 -0.67
C ASN G 317 41.56 -23.25 -1.30
N ASN G 318 40.32 -23.72 -1.33
CA ASN G 318 40.12 -25.01 -1.94
C ASN G 318 39.88 -24.81 -3.42
N THR G 319 40.97 -24.77 -4.17
CA THR G 319 40.94 -24.44 -5.58
C THR G 319 41.35 -25.56 -6.55
N ARG G 320 41.56 -26.77 -6.09
CA ARG G 320 41.94 -27.83 -7.03
C ARG G 320 40.68 -28.29 -7.77
N LYS G 321 40.78 -28.49 -9.08
CA LYS G 321 39.58 -28.85 -9.83
C LYS G 321 39.46 -30.31 -10.22
N SER G 322 40.58 -30.99 -10.28
CA SER G 322 40.62 -32.38 -10.67
C SER G 322 41.85 -32.97 -10.03
N ILE G 323 41.89 -34.29 -9.93
CA ILE G 323 43.06 -34.92 -9.35
C ILE G 323 44.02 -35.43 -10.41
N HIS G 324 43.49 -36.21 -11.36
CA HIS G 324 44.30 -36.80 -12.39
C HIS G 324 43.50 -37.24 -13.61
N ILE G 325 44.07 -37.04 -14.80
CA ILE G 325 43.44 -37.52 -16.01
C ILE G 325 44.45 -38.41 -16.72
N ASN G 340 40.56 -28.78 -3.17
CA ASN G 340 39.51 -29.29 -4.04
C ASN G 340 38.28 -28.43 -3.92
N ILE G 341 37.81 -27.91 -5.04
CA ILE G 341 36.67 -27.00 -5.06
C ILE G 341 35.35 -27.54 -4.51
N ARG G 342 35.23 -28.85 -4.30
CA ARG G 342 34.03 -29.44 -3.74
C ARG G 342 34.21 -29.88 -2.30
N GLN G 343 35.36 -29.56 -1.72
CA GLN G 343 35.70 -29.93 -0.35
C GLN G 343 35.22 -28.91 0.66
N ALA G 344 34.51 -29.39 1.67
CA ALA G 344 33.96 -28.56 2.72
C ALA G 344 33.93 -29.34 4.03
N HIS G 345 33.79 -28.64 5.13
CA HIS G 345 33.70 -29.37 6.41
C HIS G 345 32.82 -28.67 7.41
N CYS G 346 32.33 -29.46 8.39
CA CYS G 346 31.48 -28.91 9.44
C CYS G 346 31.94 -29.23 10.84
N ASN G 347 31.84 -28.26 11.74
CA ASN G 347 32.23 -28.50 13.12
C ASN G 347 31.08 -28.53 14.11
N ILE G 348 31.19 -29.51 15.00
CA ILE G 348 30.35 -29.75 16.17
C ILE G 348 31.18 -29.76 17.46
N SER G 349 30.72 -29.09 18.50
CA SER G 349 31.44 -29.12 19.76
C SER G 349 31.28 -30.49 20.41
N LYS G 350 32.39 -31.12 20.79
CA LYS G 350 32.34 -32.47 21.33
C LYS G 350 31.50 -32.60 22.56
N ALA G 351 31.58 -31.61 23.43
CA ALA G 351 30.87 -31.63 24.69
C ALA G 351 29.39 -31.43 24.49
N ARG G 352 28.98 -30.88 23.37
CA ARG G 352 27.58 -30.68 23.18
C ARG G 352 27.02 -31.96 22.66
N TRP G 353 27.77 -32.60 21.77
CA TRP G 353 27.30 -33.83 21.18
C TRP G 353 27.21 -34.96 22.19
N ASN G 354 28.24 -35.15 23.02
CA ASN G 354 28.18 -36.26 23.95
C ASN G 354 27.11 -36.05 25.01
N GLU G 355 26.86 -34.79 25.37
CA GLU G 355 25.84 -34.51 26.35
C GLU G 355 24.50 -34.82 25.75
N THR G 356 24.33 -34.44 24.49
CA THR G 356 23.09 -34.67 23.81
C THR G 356 22.81 -36.15 23.73
N LEU G 357 23.79 -36.95 23.35
CA LEU G 357 23.51 -38.36 23.27
C LEU G 357 23.26 -38.95 24.64
N GLY G 358 23.99 -38.54 25.67
CA GLY G 358 23.73 -39.16 26.94
C GLY G 358 22.28 -38.96 27.36
N GLN G 359 21.75 -37.77 27.11
CA GLN G 359 20.37 -37.49 27.46
C GLN G 359 19.40 -38.33 26.60
N ILE G 360 19.73 -38.51 25.32
CA ILE G 360 18.89 -39.31 24.44
C ILE G 360 18.87 -40.74 24.89
N VAL G 361 20.02 -41.26 25.25
CA VAL G 361 20.12 -42.63 25.70
C VAL G 361 19.30 -42.81 26.94
N ALA G 362 19.40 -41.87 27.88
CA ALA G 362 18.63 -42.02 29.09
C ALA G 362 17.15 -42.12 28.76
N LYS G 363 16.67 -41.36 27.78
CA LYS G 363 15.28 -41.49 27.39
C LYS G 363 15.03 -42.79 26.61
N LEU G 364 15.96 -43.24 25.78
CA LEU G 364 15.73 -44.49 25.05
C LEU G 364 15.60 -45.65 26.01
N GLU G 365 16.34 -45.61 27.10
CA GLU G 365 16.33 -46.65 28.12
C GLU G 365 14.96 -46.75 28.81
N GLU G 366 14.10 -45.74 28.68
CA GLU G 366 12.78 -45.81 29.26
C GLU G 366 11.92 -46.77 28.46
N GLN G 367 12.27 -46.96 27.18
CA GLN G 367 11.54 -47.84 26.30
C GLN G 367 12.24 -49.16 26.15
N PHE G 368 13.57 -49.12 26.31
CA PHE G 368 14.37 -50.31 26.15
C PHE G 368 15.27 -50.49 27.38
N PRO G 369 14.69 -50.73 28.57
CA PRO G 369 15.36 -50.74 29.88
C PRO G 369 16.38 -51.82 30.13
N ASN G 370 16.32 -52.88 29.36
CA ASN G 370 17.26 -53.97 29.57
C ASN G 370 18.13 -54.20 28.34
N LYS G 371 18.25 -53.17 27.50
CA LYS G 371 19.05 -53.36 26.31
C LYS G 371 20.14 -52.32 26.18
N THR G 372 21.22 -52.73 25.53
CA THR G 372 22.37 -51.89 25.22
C THR G 372 22.01 -50.98 24.08
N ILE G 373 22.43 -49.71 24.15
CA ILE G 373 22.09 -48.80 23.07
C ILE G 373 23.28 -48.54 22.19
N ILE G 374 23.16 -48.92 20.94
CA ILE G 374 24.23 -48.75 20.00
C ILE G 374 23.87 -47.76 18.96
N PHE G 375 24.70 -46.77 18.74
CA PHE G 375 24.40 -45.89 17.65
C PHE G 375 25.25 -46.39 16.53
N ASN G 376 24.76 -46.25 15.34
CA ASN G 376 25.52 -46.70 14.20
C ASN G 376 25.25 -45.80 13.01
N HIS G 377 26.00 -45.99 11.96
CA HIS G 377 25.81 -45.24 10.75
C HIS G 377 24.71 -45.87 9.93
N SER G 378 24.35 -45.26 8.82
CA SER G 378 23.29 -45.85 8.03
C SER G 378 23.65 -47.21 7.50
N SER G 379 22.65 -48.06 7.41
CA SER G 379 22.79 -49.41 6.91
C SER G 379 22.89 -49.51 5.40
N GLY G 380 22.62 -48.42 4.69
CA GLY G 380 22.69 -48.41 3.24
C GLY G 380 21.53 -47.66 2.60
N GLY G 381 21.64 -47.43 1.29
CA GLY G 381 20.64 -46.69 0.55
C GLY G 381 21.25 -45.53 -0.21
N ASP G 382 20.38 -44.72 -0.79
CA ASP G 382 20.76 -43.57 -1.57
C ASP G 382 21.58 -42.62 -0.69
N PRO G 383 22.60 -41.93 -1.21
CA PRO G 383 23.49 -41.07 -0.47
C PRO G 383 22.81 -39.93 0.27
N GLU G 384 21.65 -39.50 -0.18
CA GLU G 384 20.94 -38.42 0.50
C GLU G 384 20.48 -38.79 1.89
N ILE G 385 20.33 -40.08 2.13
CA ILE G 385 19.91 -40.54 3.43
C ILE G 385 21.06 -41.22 4.15
N VAL G 386 22.03 -41.73 3.41
CA VAL G 386 23.19 -42.33 4.04
C VAL G 386 24.03 -41.23 4.68
N THR G 387 24.24 -40.14 3.97
CA THR G 387 24.97 -39.03 4.52
C THR G 387 23.98 -37.98 4.95
N HIS G 388 24.46 -37.02 5.68
CA HIS G 388 23.68 -35.89 6.09
C HIS G 388 23.55 -34.99 4.91
N SER G 389 22.44 -34.33 4.74
CA SER G 389 22.27 -33.46 3.59
C SER G 389 21.55 -32.19 3.88
N PHE G 390 22.08 -31.11 3.30
CA PHE G 390 21.51 -29.76 3.43
C PHE G 390 21.91 -28.82 2.30
N ASN G 391 21.25 -27.66 2.24
CA ASN G 391 21.54 -26.66 1.21
C ASN G 391 21.78 -25.25 1.72
N CYS G 392 22.96 -24.70 1.44
CA CYS G 392 23.25 -23.32 1.84
C CYS G 392 23.55 -22.46 0.63
N GLY G 393 22.67 -21.53 0.28
CA GLY G 393 23.00 -20.68 -0.85
C GLY G 393 23.05 -21.39 -2.19
N GLY G 394 22.34 -22.51 -2.34
CA GLY G 394 22.40 -23.23 -3.58
C GLY G 394 23.44 -24.35 -3.58
N GLU G 395 24.26 -24.43 -2.55
CA GLU G 395 25.24 -25.49 -2.51
C GLU G 395 24.66 -26.70 -1.80
N PHE G 396 24.69 -27.85 -2.46
CA PHE G 396 24.15 -29.07 -1.87
C PHE G 396 25.25 -29.88 -1.23
N PHE G 397 25.17 -30.00 0.09
CA PHE G 397 26.19 -30.65 0.88
C PHE G 397 25.81 -32.02 1.33
N TYR G 398 26.77 -32.92 1.25
CA TYR G 398 26.67 -34.27 1.73
C TYR G 398 27.73 -34.51 2.80
N CYS G 399 27.32 -34.78 4.04
CA CYS G 399 28.32 -34.89 5.11
C CYS G 399 28.32 -36.23 5.81
N ASN G 400 29.51 -36.70 6.12
CA ASN G 400 29.71 -37.95 6.83
C ASN G 400 29.48 -37.78 8.32
N THR G 401 28.46 -38.45 8.83
CA THR G 401 28.05 -38.39 10.22
C THR G 401 28.46 -39.62 11.00
N THR G 402 29.27 -40.46 10.38
CA THR G 402 29.78 -41.64 11.07
C THR G 402 30.39 -41.20 12.40
N PRO G 403 31.20 -40.10 12.47
CA PRO G 403 31.83 -39.58 13.69
C PRO G 403 30.84 -39.18 14.77
N LEU G 404 29.57 -39.02 14.43
CA LEU G 404 28.60 -38.65 15.43
C LEU G 404 27.85 -39.86 15.95
N PHE G 405 27.71 -40.87 15.12
CA PHE G 405 26.93 -42.04 15.45
C PHE G 405 27.71 -43.32 15.57
N ASN G 406 29.00 -43.27 15.87
CA ASN G 406 29.78 -44.49 16.03
C ASN G 406 29.90 -44.88 17.50
N SER G 407 29.29 -44.06 18.34
CA SER G 407 29.29 -44.16 19.79
C SER G 407 28.45 -45.34 20.27
N THR G 408 28.85 -45.98 21.36
CA THR G 408 28.03 -47.03 21.93
C THR G 408 27.72 -46.64 23.35
N TRP G 409 26.56 -47.05 23.84
CA TRP G 409 26.17 -46.66 25.17
C TRP G 409 25.60 -47.67 26.12
N ASN G 410 25.96 -47.38 27.34
CA ASN G 410 25.47 -47.97 28.57
C ASN G 410 24.95 -46.78 29.34
N ASN G 411 24.88 -46.83 30.65
CA ASN G 411 24.49 -45.62 31.33
C ASN G 411 25.63 -44.59 31.21
N THR G 412 26.81 -45.08 30.79
CA THR G 412 28.01 -44.31 30.56
C THR G 412 28.41 -44.29 29.08
N ARG G 413 29.36 -43.41 28.78
CA ARG G 413 29.89 -43.16 27.45
C ARG G 413 31.06 -44.05 27.14
N THR G 414 31.23 -44.47 25.89
CA THR G 414 32.37 -45.31 25.51
C THR G 414 33.42 -44.63 24.62
N ASP G 415 33.27 -43.34 24.35
CA ASP G 415 34.19 -42.58 23.50
C ASP G 415 35.40 -42.04 24.28
N ASP G 416 36.31 -41.36 23.58
CA ASP G 416 37.51 -40.88 24.23
C ASP G 416 37.40 -39.54 24.96
N TYR G 417 38.53 -39.16 25.58
CA TYR G 417 38.75 -37.94 26.35
C TYR G 417 37.91 -37.93 27.62
N GLN G 423 37.95 -32.26 21.12
CA GLN G 423 37.22 -31.05 21.42
C GLN G 423 36.25 -30.68 20.33
N ASN G 424 36.75 -30.73 19.11
CA ASN G 424 35.99 -30.38 17.92
C ASN G 424 35.76 -31.62 17.06
N ILE G 425 34.52 -31.91 16.77
CA ILE G 425 34.23 -33.04 15.92
C ILE G 425 34.07 -32.47 14.53
N THR G 426 34.92 -32.87 13.61
CA THR G 426 34.84 -32.30 12.28
C THR G 426 34.29 -33.32 11.32
N LEU G 427 33.27 -32.95 10.58
CA LEU G 427 32.67 -33.84 9.63
C LEU G 427 33.20 -33.50 8.27
N GLN G 428 33.42 -34.52 7.45
CA GLN G 428 33.84 -34.28 6.08
C GLN G 428 32.67 -34.15 5.16
N CYS G 429 32.65 -33.06 4.40
CA CYS G 429 31.55 -32.79 3.52
C CYS G 429 31.95 -32.59 2.08
N ARG G 430 31.09 -33.02 1.19
CA ARG G 430 31.33 -32.79 -0.22
C ARG G 430 30.18 -32.03 -0.80
N ILE G 431 30.47 -31.21 -1.77
CA ILE G 431 29.42 -30.50 -2.47
C ILE G 431 29.17 -31.18 -3.78
N LYS G 432 27.94 -31.58 -4.02
CA LYS G 432 27.62 -32.35 -5.22
C LYS G 432 26.74 -31.62 -6.21
N GLN G 433 26.83 -32.02 -7.49
CA GLN G 433 26.01 -31.46 -8.53
C GLN G 433 24.88 -32.36 -8.97
N ILE G 434 25.06 -33.67 -8.91
CA ILE G 434 23.96 -34.54 -9.34
C ILE G 434 23.37 -35.16 -8.12
N ILE G 435 22.14 -34.81 -7.86
CA ILE G 435 21.49 -35.24 -6.66
C ILE G 435 20.17 -35.88 -7.00
N ASN G 436 19.60 -36.64 -6.08
CA ASN G 436 18.27 -37.14 -6.33
C ASN G 436 17.28 -36.11 -5.87
N MET G 437 16.10 -36.16 -6.43
CA MET G 437 15.05 -35.25 -6.06
C MET G 437 14.43 -35.68 -4.75
N TRP G 438 13.97 -34.74 -3.94
CA TRP G 438 13.31 -35.09 -2.70
C TRP G 438 11.82 -34.87 -2.85
N GLN G 439 11.47 -34.03 -3.80
CA GLN G 439 10.12 -33.62 -4.10
C GLN G 439 9.38 -34.59 -4.99
N GLY G 440 10.07 -35.63 -5.41
CA GLY G 440 9.51 -36.63 -6.30
C GLY G 440 10.60 -37.61 -6.66
N VAL G 441 10.30 -38.56 -7.52
CA VAL G 441 11.30 -39.53 -7.92
C VAL G 441 11.90 -39.06 -9.22
N GLY G 442 13.22 -38.95 -9.24
CA GLY G 442 13.94 -38.46 -10.40
C GLY G 442 15.28 -37.92 -9.96
N LYS G 443 16.06 -37.47 -10.92
CA LYS G 443 17.39 -36.91 -10.68
C LYS G 443 17.47 -35.50 -11.12
N ALA G 444 18.37 -34.75 -10.53
CA ALA G 444 18.53 -33.40 -10.99
C ALA G 444 19.98 -32.99 -10.97
N MET G 445 20.40 -32.33 -12.03
CA MET G 445 21.76 -31.84 -12.10
C MET G 445 21.81 -30.35 -12.00
N TYR G 446 22.68 -29.88 -11.12
CA TYR G 446 22.91 -28.48 -10.87
C TYR G 446 24.25 -28.01 -11.36
N ALA G 447 24.36 -26.70 -11.54
CA ALA G 447 25.60 -26.09 -11.97
C ALA G 447 26.69 -26.30 -10.90
N PRO G 448 27.98 -26.30 -11.27
CA PRO G 448 29.16 -26.41 -10.43
C PRO G 448 29.16 -25.34 -9.34
N PRO G 449 29.99 -25.50 -8.28
CA PRO G 449 30.11 -24.67 -7.08
C PRO G 449 30.53 -23.24 -7.28
N ILE G 450 30.15 -22.43 -6.31
CA ILE G 450 30.50 -21.02 -6.18
C ILE G 450 31.96 -20.90 -5.75
N ARG G 451 32.67 -19.95 -6.35
CA ARG G 451 34.10 -19.77 -6.09
C ARG G 451 34.52 -19.70 -4.61
N GLY G 452 33.78 -19.06 -3.72
CA GLY G 452 34.27 -19.01 -2.33
C GLY G 452 33.31 -18.43 -1.31
N GLN G 453 33.82 -18.27 -0.10
CA GLN G 453 33.09 -17.73 1.03
C GLN G 453 31.77 -18.43 1.33
N ILE G 454 31.75 -19.76 1.43
CA ILE G 454 30.46 -20.38 1.76
C ILE G 454 30.45 -20.73 3.21
N ARG G 455 29.44 -20.25 3.91
CA ARG G 455 29.31 -20.52 5.32
C ARG G 455 27.87 -20.81 5.70
N CYS G 456 27.69 -21.74 6.63
CA CYS G 456 26.38 -22.05 7.17
C CYS G 456 26.52 -22.00 8.69
N SER G 457 25.52 -21.48 9.39
CA SER G 457 25.54 -21.49 10.85
C SER G 457 24.19 -21.98 11.33
N SER G 458 24.12 -23.24 11.71
CA SER G 458 22.82 -23.84 12.01
C SER G 458 22.66 -24.36 13.44
N ASN G 459 21.40 -24.43 13.88
CA ASN G 459 21.08 -24.94 15.21
C ASN G 459 20.42 -26.31 15.13
N ILE G 460 21.10 -27.36 15.50
CA ILE G 460 20.46 -28.65 15.40
C ILE G 460 19.47 -28.72 16.54
N THR G 461 18.21 -28.99 16.22
CA THR G 461 17.15 -29.06 17.23
C THR G 461 16.56 -30.43 17.33
N GLY G 462 17.09 -31.35 16.56
CA GLY G 462 16.53 -32.69 16.58
C GLY G 462 17.23 -33.65 15.65
N LEU G 463 16.84 -34.90 15.82
CA LEU G 463 17.38 -36.02 15.09
C LEU G 463 16.30 -36.90 14.50
N LEU G 464 16.59 -37.51 13.36
CA LEU G 464 15.67 -38.50 12.84
C LEU G 464 16.35 -39.85 12.92
N LEU G 465 15.84 -40.71 13.77
CA LEU G 465 16.44 -42.02 14.00
C LEU G 465 15.52 -43.14 13.61
N THR G 466 16.11 -44.25 13.21
CA THR G 466 15.36 -45.46 12.95
C THR G 466 15.93 -46.55 13.81
N ARG G 467 15.06 -47.30 14.47
CA ARG G 467 15.54 -48.39 15.30
C ARG G 467 15.61 -49.68 14.53
N ASP G 468 16.72 -50.36 14.66
CA ASP G 468 16.88 -51.67 14.08
C ASP G 468 16.68 -52.73 15.13
N GLY G 469 15.60 -53.47 14.92
CA GLY G 469 15.17 -54.52 15.80
C GLY G 469 15.39 -55.85 15.12
N GLY G 470 14.53 -56.82 15.43
CA GLY G 470 14.66 -58.16 14.88
C GLY G 470 14.59 -59.24 15.95
N ARG G 471 14.31 -60.47 15.54
CA ARG G 471 14.16 -61.59 16.47
C ARG G 471 15.44 -62.03 17.16
N ASP G 472 16.59 -61.67 16.60
CA ASP G 472 17.89 -62.02 17.13
C ASP G 472 18.55 -60.90 17.91
N GLN G 473 17.80 -59.86 18.25
CA GLN G 473 18.42 -58.76 18.95
C GLN G 473 18.48 -59.05 20.43
N ASN G 474 19.47 -59.84 20.78
CA ASN G 474 19.59 -60.40 22.11
C ASN G 474 20.22 -59.47 23.12
N GLY G 475 19.43 -58.50 23.56
CA GLY G 475 19.84 -57.52 24.57
C GLY G 475 20.46 -56.23 24.05
N THR G 476 20.42 -56.02 22.74
CA THR G 476 20.97 -54.82 22.13
C THR G 476 20.01 -54.20 21.13
N GLU G 477 19.87 -52.87 21.13
CA GLU G 477 19.08 -52.15 20.13
C GLU G 477 19.99 -51.22 19.34
N THR G 478 19.79 -51.09 18.02
CA THR G 478 20.65 -50.18 17.27
C THR G 478 19.90 -49.02 16.66
N PHE G 479 20.44 -47.83 16.86
CA PHE G 479 19.82 -46.62 16.34
C PHE G 479 20.66 -45.99 15.26
N ARG G 480 20.07 -45.89 14.08
CA ARG G 480 20.78 -45.37 12.94
C ARG G 480 20.09 -44.12 12.45
N PRO G 481 20.77 -43.19 11.80
CA PRO G 481 20.16 -42.06 11.16
C PRO G 481 19.14 -42.55 10.17
N GLY G 482 17.99 -41.92 10.19
CA GLY G 482 16.87 -42.22 9.32
C GLY G 482 16.58 -41.02 8.47
N GLY G 483 15.31 -40.73 8.28
CA GLY G 483 14.88 -39.59 7.48
C GLY G 483 14.80 -39.88 5.99
N GLY G 484 14.70 -38.79 5.22
CA GLY G 484 14.50 -38.82 3.77
C GLY G 484 13.06 -38.50 3.41
N ASN G 485 12.18 -38.61 4.38
CA ASN G 485 10.79 -38.30 4.15
C ASN G 485 10.49 -36.93 4.71
N MET G 486 10.32 -35.98 3.83
CA MET G 486 10.13 -34.62 4.25
C MET G 486 8.92 -34.37 5.09
N ARG G 487 7.94 -35.26 5.01
CA ARG G 487 6.78 -35.06 5.81
C ARG G 487 7.17 -35.14 7.27
N ASP G 488 8.17 -35.97 7.60
CA ASP G 488 8.57 -36.12 8.98
C ASP G 488 9.21 -34.85 9.45
N ASN G 489 9.92 -34.18 8.56
CA ASN G 489 10.53 -32.95 9.02
C ASN G 489 9.47 -31.93 9.37
N TRP G 490 8.42 -31.85 8.58
CA TRP G 490 7.40 -30.87 8.91
C TRP G 490 6.55 -31.27 10.09
N ARG G 491 6.37 -32.55 10.31
CA ARG G 491 5.63 -33.02 11.46
C ARG G 491 6.33 -32.61 12.73
N SER G 492 7.66 -32.54 12.69
CA SER G 492 8.40 -32.19 13.88
C SER G 492 8.09 -30.78 14.37
N GLU G 493 7.50 -29.93 13.52
CA GLU G 493 7.11 -28.59 13.93
C GLU G 493 5.58 -28.45 14.05
N LEU G 494 4.84 -29.15 13.20
CA LEU G 494 3.39 -29.02 13.18
C LEU G 494 2.64 -29.95 14.12
N TYR G 495 3.34 -30.80 14.84
CA TYR G 495 2.71 -31.74 15.77
C TYR G 495 1.81 -31.08 16.81
N LYS G 496 2.01 -29.82 17.11
CA LYS G 496 1.18 -29.18 18.10
C LYS G 496 -0.08 -28.58 17.54
N TYR G 497 -0.26 -28.55 16.22
CA TYR G 497 -1.43 -27.86 15.69
C TYR G 497 -2.49 -28.71 15.00
N LYS G 498 -3.74 -28.34 15.21
CA LYS G 498 -4.89 -29.00 14.58
C LYS G 498 -5.89 -28.00 14.00
N VAL G 499 -6.44 -28.24 12.81
CA VAL G 499 -7.38 -27.24 12.29
C VAL G 499 -8.81 -27.75 12.46
N VAL G 500 -9.67 -26.91 13.03
CA VAL G 500 -11.05 -27.30 13.29
C VAL G 500 -12.09 -26.32 12.78
N LYS G 501 -13.32 -26.82 12.66
CA LYS G 501 -14.48 -26.05 12.22
C LYS G 501 -15.60 -26.16 13.26
N ILE G 502 -16.51 -25.21 13.27
CA ILE G 502 -17.60 -25.21 14.24
C ILE G 502 -18.93 -25.69 13.70
N GLU G 503 -19.55 -26.56 14.49
CA GLU G 503 -20.86 -27.12 14.22
C GLU G 503 -21.79 -26.75 15.37
N PRO G 504 -22.41 -25.55 15.34
CA PRO G 504 -23.15 -24.92 16.40
C PRO G 504 -24.53 -25.50 16.64
N LEU G 505 -24.97 -26.42 15.80
CA LEU G 505 -26.30 -26.95 15.99
C LEU G 505 -26.25 -28.26 16.76
N GLY G 506 -26.85 -28.30 17.94
CA GLY G 506 -26.83 -29.52 18.75
C GLY G 506 -28.20 -29.89 19.28
N ILE G 507 -28.33 -31.12 19.77
CA ILE G 507 -29.58 -31.62 20.33
C ILE G 507 -29.42 -32.29 21.67
N ALA G 508 -30.32 -32.02 22.59
CA ALA G 508 -30.30 -32.70 23.88
C ALA G 508 -31.72 -32.84 24.39
N PRO G 509 -32.06 -33.86 25.18
CA PRO G 509 -33.34 -33.97 25.80
C PRO G 509 -33.51 -32.98 26.90
N THR G 510 -34.72 -32.47 27.04
CA THR G 510 -35.18 -31.58 28.09
C THR G 510 -36.54 -32.02 28.52
N ALA G 511 -37.12 -31.33 29.48
CA ALA G 511 -38.46 -31.69 29.91
C ALA G 511 -39.50 -30.66 29.44
N CYS G 512 -39.21 -29.93 28.37
CA CYS G 512 -40.17 -28.94 27.87
C CYS G 512 -41.03 -29.53 26.77
N LYS G 513 -42.19 -28.95 26.54
CA LYS G 513 -42.96 -29.39 25.39
C LYS G 513 -43.39 -28.23 24.51
N ARG G 514 -43.30 -28.43 23.20
CA ARG G 514 -43.81 -27.41 22.30
C ARG G 514 -45.33 -27.44 22.29
N ARG G 515 -45.96 -26.28 22.40
CA ARG G 515 -47.41 -26.24 22.27
C ARG G 515 -47.81 -26.42 20.83
N VAL G 516 -48.76 -27.31 20.60
CA VAL G 516 -49.27 -27.56 19.28
C VAL G 516 -50.79 -27.56 19.32
N VAL H 2 -21.98 -12.35 21.58
CA VAL H 2 -21.25 -13.50 22.08
C VAL H 2 -20.86 -13.28 23.52
N GLY H 3 -21.81 -13.44 24.43
CA GLY H 3 -21.51 -13.27 25.85
C GLY H 3 -20.51 -14.32 26.34
N LEU H 4 -20.62 -15.54 25.84
CA LEU H 4 -19.75 -16.63 26.25
C LEU H 4 -19.03 -17.28 25.07
N GLY H 5 -17.84 -17.82 25.30
CA GLY H 5 -17.19 -18.61 24.27
C GLY H 5 -15.97 -17.96 23.64
N ALA H 6 -15.07 -18.81 23.12
CA ALA H 6 -13.83 -18.39 22.46
C ALA H 6 -14.00 -18.17 20.97
N PHE H 7 -15.19 -18.42 20.48
CA PHE H 7 -15.48 -18.37 19.06
C PHE H 7 -16.69 -17.50 18.81
N ILE H 8 -16.84 -16.94 17.61
CA ILE H 8 -18.03 -16.16 17.35
C ILE H 8 -19.27 -17.06 17.40
N LEU H 9 -19.17 -18.20 16.77
CA LEU H 9 -20.26 -19.16 16.76
C LEU H 9 -20.01 -20.05 17.93
N GLY H 10 -21.01 -20.70 18.47
CA GLY H 10 -20.71 -21.47 19.67
C GLY H 10 -20.82 -20.55 20.89
N PHE H 11 -21.60 -19.48 20.71
CA PHE H 11 -21.83 -18.41 21.68
C PHE H 11 -22.64 -18.74 22.91
N LEU H 12 -23.13 -19.96 23.03
CA LEU H 12 -23.87 -20.35 24.22
C LEU H 12 -22.95 -20.78 25.35
N GLY H 13 -21.63 -20.86 25.13
CA GLY H 13 -20.82 -21.27 26.26
C GLY H 13 -19.34 -21.47 26.01
N ALA H 14 -18.62 -21.65 27.12
CA ALA H 14 -17.20 -21.89 27.08
C ALA H 14 -16.95 -23.36 26.89
N ALA H 15 -15.89 -23.68 26.17
CA ALA H 15 -15.57 -25.07 26.06
C ALA H 15 -15.12 -25.53 27.43
N GLY H 16 -15.49 -26.75 27.78
CA GLY H 16 -15.10 -27.34 29.04
C GLY H 16 -16.17 -27.19 30.11
N SER H 17 -17.15 -26.32 29.89
CA SER H 17 -18.20 -26.17 30.88
C SER H 17 -19.26 -27.22 30.62
N THR H 18 -19.91 -27.70 31.66
CA THR H 18 -20.95 -28.65 31.34
C THR H 18 -22.12 -27.89 30.80
N MET H 19 -23.02 -28.59 30.17
CA MET H 19 -24.12 -27.96 29.50
C MET H 19 -25.00 -27.10 30.41
N GLY H 20 -25.33 -27.62 31.58
CA GLY H 20 -26.16 -26.92 32.54
C GLY H 20 -25.46 -25.68 33.05
N ALA H 21 -24.17 -25.82 33.35
CA ALA H 21 -23.42 -24.70 33.86
C ALA H 21 -23.35 -23.58 32.85
N ALA H 22 -23.21 -23.94 31.58
CA ALA H 22 -23.14 -22.94 30.55
C ALA H 22 -24.44 -22.17 30.47
N SER H 23 -25.56 -22.86 30.62
CA SER H 23 -26.84 -22.18 30.56
C SER H 23 -27.01 -21.18 31.68
N MET H 24 -26.61 -21.59 32.88
CA MET H 24 -26.76 -20.68 34.00
C MET H 24 -25.90 -19.45 33.82
N ALA H 25 -24.67 -19.65 33.35
CA ALA H 25 -23.77 -18.54 33.14
C ALA H 25 -24.31 -17.60 32.09
N LEU H 26 -24.92 -18.18 31.06
CA LEU H 26 -25.44 -17.42 29.98
C LEU H 26 -26.57 -16.54 30.43
N THR H 27 -27.45 -17.06 31.28
CA THR H 27 -28.56 -16.24 31.74
C THR H 27 -28.04 -15.04 32.48
N VAL H 28 -27.05 -15.24 33.34
CA VAL H 28 -26.54 -14.11 34.08
C VAL H 28 -25.91 -13.10 33.17
N GLN H 29 -25.10 -13.55 32.23
CA GLN H 29 -24.44 -12.61 31.38
C GLN H 29 -25.46 -11.87 30.54
N ALA H 30 -26.51 -12.57 30.10
CA ALA H 30 -27.52 -11.92 29.31
C ALA H 30 -28.19 -10.81 30.08
N ARG H 31 -28.46 -11.07 31.35
CA ARG H 31 -29.11 -10.06 32.15
C ARG H 31 -28.26 -8.82 32.25
N LEU H 32 -26.96 -8.99 32.49
CA LEU H 32 -26.11 -7.83 32.65
C LEU H 32 -26.00 -7.03 31.37
N LEU H 33 -25.89 -7.73 30.25
CA LEU H 33 -25.72 -7.04 28.99
C LEU H 33 -26.94 -6.27 28.61
N LEU H 34 -28.10 -6.86 28.85
CA LEU H 34 -29.34 -6.22 28.48
C LEU H 34 -29.63 -5.04 29.40
N SER H 35 -29.33 -5.20 30.69
CA SER H 35 -29.59 -4.16 31.66
C SER H 35 -28.61 -3.02 31.57
N GLY H 36 -27.48 -3.24 30.88
CA GLY H 36 -26.47 -2.20 30.71
C GLY H 36 -25.58 -2.07 31.93
N ILE H 37 -25.44 -3.14 32.69
CA ILE H 37 -24.66 -3.11 33.90
C ILE H 37 -23.18 -3.35 33.57
N GLN H 52 0.88 2.24 17.67
CA GLN H 52 1.88 2.12 16.61
C GLN H 52 1.30 1.41 15.40
N HIS H 53 0.75 2.21 14.49
CA HIS H 53 0.15 1.71 13.27
C HIS H 53 1.17 1.09 12.35
N MET H 54 0.87 -0.10 11.91
CA MET H 54 1.71 -0.84 11.00
C MET H 54 1.03 -0.86 9.64
N LEU H 55 1.78 -0.85 8.55
CA LEU H 55 1.10 -0.81 7.25
C LEU H 55 0.23 -2.03 6.98
N GLN H 56 0.67 -3.20 7.46
CA GLN H 56 -0.04 -4.45 7.24
C GLN H 56 -1.31 -4.53 8.03
N LEU H 57 -1.53 -3.56 8.90
CA LEU H 57 -2.70 -3.54 9.72
C LEU H 57 -3.92 -3.49 8.79
N THR H 58 -3.76 -2.89 7.60
CA THR H 58 -4.85 -2.80 6.64
C THR H 58 -5.31 -4.21 6.26
N VAL H 59 -4.34 -5.08 6.01
CA VAL H 59 -4.61 -6.43 5.59
C VAL H 59 -5.29 -7.20 6.67
N TRP H 60 -4.79 -7.06 7.88
CA TRP H 60 -5.38 -7.79 8.94
C TRP H 60 -6.74 -7.26 9.28
N GLY H 61 -6.97 -5.96 9.14
CA GLY H 61 -8.27 -5.40 9.42
C GLY H 61 -9.29 -6.01 8.48
N ILE H 62 -8.93 -6.18 7.22
CA ILE H 62 -9.87 -6.77 6.27
C ILE H 62 -10.15 -8.19 6.66
N LYS H 63 -9.11 -8.96 6.99
CA LYS H 63 -9.34 -10.34 7.33
C LYS H 63 -10.21 -10.49 8.57
N GLN H 64 -10.02 -9.63 9.56
CA GLN H 64 -10.83 -9.72 10.75
C GLN H 64 -12.27 -9.41 10.43
N LEU H 65 -12.50 -8.42 9.58
CA LEU H 65 -13.87 -8.13 9.24
C LEU H 65 -14.46 -9.28 8.46
N GLN H 66 -13.69 -9.89 7.58
CA GLN H 66 -14.28 -10.98 6.83
C GLN H 66 -14.73 -12.09 7.74
N ALA H 67 -13.95 -12.40 8.78
CA ALA H 67 -14.38 -13.43 9.70
C ALA H 67 -15.68 -13.08 10.40
N ARG H 68 -15.83 -11.81 10.74
CA ARG H 68 -17.02 -11.37 11.45
C ARG H 68 -18.23 -11.35 10.54
N VAL H 69 -18.03 -10.92 9.31
CA VAL H 69 -19.10 -10.86 8.35
C VAL H 69 -19.56 -12.24 8.02
N LEU H 70 -18.63 -13.16 7.83
CA LEU H 70 -18.98 -14.51 7.50
C LEU H 70 -19.78 -15.14 8.62
N ALA H 71 -19.39 -14.93 9.88
CA ALA H 71 -20.16 -15.53 10.94
C ALA H 71 -21.57 -15.00 10.93
N VAL H 72 -21.75 -13.71 10.63
CA VAL H 72 -23.08 -13.16 10.59
C VAL H 72 -23.88 -13.75 9.46
N GLU H 73 -23.28 -13.88 8.28
CA GLU H 73 -24.02 -14.44 7.17
C GLU H 73 -24.46 -15.85 7.47
N ARG H 74 -23.59 -16.65 8.10
CA ARG H 74 -23.97 -18.00 8.41
C ARG H 74 -25.05 -18.02 9.44
N TYR H 75 -24.91 -17.20 10.46
CA TYR H 75 -25.89 -17.15 11.50
C TYR H 75 -27.26 -16.86 10.97
N LEU H 76 -27.37 -15.83 10.15
CA LEU H 76 -28.67 -15.49 9.65
C LEU H 76 -29.24 -16.57 8.78
N ARG H 77 -28.39 -17.20 7.98
CA ARG H 77 -28.86 -18.27 7.14
C ARG H 77 -29.46 -19.37 7.98
N ASP H 78 -28.72 -19.81 8.99
CA ASP H 78 -29.18 -20.92 9.80
C ASP H 78 -30.45 -20.55 10.55
N GLN H 79 -30.56 -19.31 11.01
CA GLN H 79 -31.74 -18.92 11.73
C GLN H 79 -32.98 -19.09 10.90
N GLN H 80 -32.88 -18.87 9.59
CA GLN H 80 -34.05 -19.09 8.77
C GLN H 80 -34.20 -20.55 8.40
N LEU H 81 -33.10 -21.28 8.17
CA LEU H 81 -33.20 -22.66 7.72
C LEU H 81 -33.89 -23.52 8.73
N LEU H 82 -33.71 -23.19 10.00
CA LEU H 82 -34.29 -23.93 11.11
C LEU H 82 -35.79 -23.88 11.12
N GLY H 83 -36.38 -23.03 10.29
CA GLY H 83 -37.81 -22.95 10.14
C GLY H 83 -38.35 -24.29 9.68
N ILE H 84 -37.53 -25.11 9.04
CA ILE H 84 -37.96 -26.41 8.58
C ILE H 84 -38.45 -27.31 9.71
N TRP H 85 -37.99 -27.07 10.94
CA TRP H 85 -38.40 -27.84 12.12
C TRP H 85 -39.31 -27.01 13.01
N GLY H 86 -39.71 -25.84 12.53
CA GLY H 86 -40.50 -24.91 13.31
C GLY H 86 -39.67 -24.11 14.30
N CYS H 87 -38.36 -23.98 14.05
CA CYS H 87 -37.49 -23.29 14.99
C CYS H 87 -36.90 -22.02 14.41
N SER H 88 -37.58 -21.41 13.45
CA SER H 88 -37.01 -20.22 12.85
C SER H 88 -36.85 -19.10 13.82
N GLY H 89 -35.70 -18.46 13.76
CA GLY H 89 -35.45 -17.29 14.57
C GLY H 89 -35.11 -17.61 16.02
N LYS H 90 -34.93 -18.87 16.34
CA LYS H 90 -34.66 -19.22 17.71
C LYS H 90 -33.25 -19.70 17.97
N ILE H 91 -32.83 -19.50 19.20
CA ILE H 91 -31.60 -20.03 19.70
C ILE H 91 -31.93 -21.31 20.43
N ILE H 92 -32.94 -21.26 21.28
CA ILE H 92 -33.34 -22.46 21.98
C ILE H 92 -34.74 -22.81 21.57
N CYS H 93 -34.90 -23.97 20.94
CA CYS H 93 -36.18 -24.36 20.40
C CYS H 93 -36.73 -25.65 20.93
N CYS H 94 -37.87 -25.57 21.56
CA CYS H 94 -38.50 -26.75 22.12
C CYS H 94 -39.31 -27.42 21.01
N THR H 95 -39.31 -28.75 20.94
CA THR H 95 -40.07 -29.47 19.92
C THR H 95 -41.05 -30.41 20.58
N ASN H 96 -41.80 -31.17 19.78
CA ASN H 96 -42.74 -32.12 20.33
C ASN H 96 -42.36 -33.54 19.98
N VAL H 97 -41.08 -33.78 19.70
CA VAL H 97 -40.63 -35.13 19.39
C VAL H 97 -40.11 -35.79 20.66
N PRO H 98 -40.65 -36.93 21.09
CA PRO H 98 -40.26 -37.65 22.28
C PRO H 98 -38.83 -38.10 22.17
N TRP H 99 -38.14 -38.15 23.29
CA TRP H 99 -36.79 -38.67 23.32
C TRP H 99 -36.82 -40.17 23.53
N ASN H 100 -36.03 -40.90 22.76
CA ASN H 100 -35.89 -42.34 22.90
C ASN H 100 -34.77 -42.70 23.86
N ASP H 101 -35.01 -43.67 24.73
CA ASP H 101 -33.94 -44.14 25.62
C ASP H 101 -32.86 -44.84 24.81
N SER H 102 -33.21 -45.25 23.59
CA SER H 102 -32.30 -45.89 22.67
C SER H 102 -31.25 -44.90 22.21
N TRP H 103 -31.63 -43.62 22.10
CA TRP H 103 -30.69 -42.62 21.64
C TRP H 103 -29.75 -42.37 22.77
N SER H 104 -30.34 -42.27 23.95
CA SER H 104 -29.59 -42.10 25.17
C SER H 104 -30.36 -42.58 26.34
N ASN H 105 -29.68 -43.37 27.15
CA ASN H 105 -30.21 -43.98 28.35
C ASN H 105 -29.88 -43.16 29.58
N LYS H 106 -29.35 -41.97 29.36
CA LYS H 106 -29.01 -41.09 30.45
C LYS H 106 -30.18 -40.23 30.81
N THR H 107 -30.21 -39.76 32.04
CA THR H 107 -31.28 -38.87 32.46
C THR H 107 -30.93 -37.41 32.31
N ILE H 108 -31.89 -36.58 32.63
CA ILE H 108 -31.73 -35.17 32.41
C ILE H 108 -30.66 -34.56 33.29
N ASN H 109 -30.68 -34.85 34.56
CA ASN H 109 -29.67 -34.19 35.34
C ASN H 109 -28.28 -34.69 35.07
N GLU H 110 -28.07 -35.96 34.79
CA GLU H 110 -26.70 -36.34 34.63
C GLU H 110 -26.10 -35.76 33.37
N ILE H 111 -26.88 -35.60 32.31
CA ILE H 111 -26.21 -35.06 31.14
C ILE H 111 -26.06 -33.57 31.30
N TRP H 112 -27.06 -32.90 31.86
CA TRP H 112 -26.96 -31.48 31.94
C TRP H 112 -25.93 -31.04 32.97
N ASP H 113 -25.72 -31.80 34.03
CA ASP H 113 -24.74 -31.35 34.98
C ASP H 113 -23.32 -31.84 34.72
N ASN H 114 -23.14 -33.06 34.19
CA ASN H 114 -21.79 -33.59 34.07
C ASN H 114 -21.20 -33.59 32.67
N MET H 115 -22.00 -33.42 31.62
CA MET H 115 -21.40 -33.52 30.30
C MET H 115 -21.26 -32.18 29.63
N THR H 116 -20.18 -32.03 28.88
CA THR H 116 -19.95 -30.85 28.07
C THR H 116 -20.68 -31.04 26.78
N TRP H 117 -20.81 -30.00 25.98
CA TRP H 117 -21.51 -30.20 24.74
C TRP H 117 -20.80 -31.13 23.80
N MET H 118 -19.47 -31.14 23.81
CA MET H 118 -18.80 -32.02 22.90
C MET H 118 -19.02 -33.45 23.32
N GLN H 119 -18.98 -33.71 24.62
CA GLN H 119 -19.17 -35.06 25.07
C GLN H 119 -20.56 -35.53 24.76
N TRP H 120 -21.52 -34.64 24.93
CA TRP H 120 -22.87 -35.02 24.64
C TRP H 120 -23.05 -35.34 23.20
N GLU H 121 -22.53 -34.50 22.31
CA GLU H 121 -22.74 -34.82 20.92
C GLU H 121 -22.05 -36.12 20.56
N LYS H 122 -20.89 -36.42 21.14
CA LYS H 122 -20.27 -37.68 20.83
C LYS H 122 -21.17 -38.84 21.23
N GLU H 123 -21.79 -38.72 22.40
CA GLU H 123 -22.65 -39.75 22.96
C GLU H 123 -23.77 -40.14 22.01
N ILE H 124 -24.33 -39.19 21.30
CA ILE H 124 -25.43 -39.46 20.39
C ILE H 124 -25.09 -39.13 18.95
N ASP H 125 -23.82 -39.10 18.60
CA ASP H 125 -23.44 -38.63 17.28
C ASP H 125 -24.07 -39.38 16.12
N ASN H 126 -24.24 -40.69 16.20
CA ASN H 126 -24.75 -41.32 15.00
C ASN H 126 -26.25 -41.48 15.00
N TYR H 127 -26.92 -40.80 15.90
CA TYR H 127 -28.36 -40.78 15.86
C TYR H 127 -28.85 -39.45 15.35
N THR H 128 -27.95 -38.51 15.07
CA THR H 128 -28.45 -37.19 14.73
C THR H 128 -29.18 -37.16 13.42
N GLN H 129 -28.79 -37.99 12.48
CA GLN H 129 -29.47 -37.94 11.20
C GLN H 129 -30.88 -38.46 11.34
N HIS H 130 -31.06 -39.42 12.24
CA HIS H 130 -32.35 -40.00 12.49
C HIS H 130 -33.22 -38.96 13.17
N ILE H 131 -32.67 -38.28 14.16
CA ILE H 131 -33.44 -37.31 14.90
C ILE H 131 -33.83 -36.17 13.98
N TYR H 132 -32.92 -35.70 13.15
CA TYR H 132 -33.23 -34.60 12.26
C TYR H 132 -34.39 -35.00 11.37
N THR H 133 -34.39 -36.23 10.89
CA THR H 133 -35.49 -36.68 10.06
C THR H 133 -36.79 -36.63 10.83
N LEU H 134 -36.79 -37.09 12.07
CA LEU H 134 -38.01 -37.07 12.84
C LEU H 134 -38.51 -35.66 13.08
N LEU H 135 -37.60 -34.72 13.29
CA LEU H 135 -38.04 -33.35 13.52
C LEU H 135 -38.74 -32.81 12.30
N GLU H 136 -38.23 -33.11 11.11
CA GLU H 136 -38.88 -32.63 9.91
C GLU H 136 -40.28 -33.19 9.79
N VAL H 137 -40.43 -34.47 10.10
CA VAL H 137 -41.73 -35.07 9.97
C VAL H 137 -42.72 -34.45 10.92
N SER H 138 -42.29 -34.20 12.15
CA SER H 138 -43.20 -33.59 13.08
C SER H 138 -43.66 -32.23 12.60
N GLN H 139 -42.74 -31.43 12.09
CA GLN H 139 -43.17 -30.11 11.66
C GLN H 139 -44.15 -30.17 10.52
N ILE H 140 -43.99 -31.13 9.62
CA ILE H 140 -44.91 -31.23 8.53
C ILE H 140 -46.29 -31.55 9.04
N GLN H 141 -46.40 -32.50 9.96
CA GLN H 141 -47.71 -32.82 10.44
C GLN H 141 -48.34 -31.66 11.20
N GLN H 142 -47.54 -30.89 11.95
CA GLN H 142 -48.09 -29.78 12.70
C GLN H 142 -48.70 -28.75 11.76
N GLU H 143 -48.01 -28.51 10.64
CA GLU H 143 -48.50 -27.56 9.67
C GLU H 143 -49.77 -28.04 9.03
N LYS H 144 -49.84 -29.34 8.74
CA LYS H 144 -51.07 -29.83 8.16
C LYS H 144 -52.20 -29.66 9.13
N ASN H 145 -51.97 -29.93 10.40
CA ASN H 145 -53.07 -29.85 11.32
C ASN H 145 -53.61 -28.44 11.40
N GLU H 146 -52.74 -27.44 11.42
CA GLU H 146 -53.25 -26.08 11.50
C GLU H 146 -54.05 -25.73 10.28
N GLN H 147 -53.54 -26.07 9.10
CA GLN H 147 -54.26 -25.67 7.92
C GLN H 147 -55.55 -26.44 7.75
N GLU H 148 -55.62 -27.70 8.20
CA GLU H 148 -56.87 -28.44 8.10
C GLU H 148 -57.92 -27.78 8.98
N LEU H 149 -57.53 -27.31 10.16
CA LEU H 149 -58.49 -26.66 11.03
C LEU H 149 -59.01 -25.39 10.40
N LEU H 150 -58.16 -24.71 9.66
CA LEU H 150 -58.56 -23.46 9.01
C LEU H 150 -59.45 -23.67 7.81
N GLU H 151 -59.72 -24.92 7.42
CA GLU H 151 -60.64 -25.18 6.33
C GLU H 151 -62.05 -25.20 6.91
N LEU H 152 -62.13 -25.28 8.24
CA LEU H 152 -63.38 -25.33 8.95
C LEU H 152 -63.66 -23.93 9.49
N ASP H 153 -62.58 -23.27 9.91
CA ASP H 153 -62.60 -21.95 10.51
C ASP H 153 -61.93 -20.93 9.58
N GLN I 1 44.41 -39.90 -20.04
CA GLN I 1 44.25 -41.33 -19.77
C GLN I 1 43.17 -41.92 -20.64
N VAL I 2 42.45 -41.04 -21.29
CA VAL I 2 41.36 -41.43 -22.17
C VAL I 2 41.77 -41.54 -23.62
N GLN I 3 41.59 -42.73 -24.16
CA GLN I 3 41.87 -42.97 -25.55
C GLN I 3 40.55 -42.93 -26.26
N LEU I 4 40.54 -42.47 -27.49
CA LEU I 4 39.34 -42.53 -28.29
C LEU I 4 39.67 -43.22 -29.59
N LEU I 5 38.91 -44.25 -29.91
CA LEU I 5 39.15 -45.01 -31.11
C LEU I 5 38.00 -44.87 -32.07
N GLU I 6 38.23 -44.18 -33.17
CA GLU I 6 37.17 -43.91 -34.13
C GLU I 6 36.89 -45.09 -35.03
N SER I 7 35.65 -45.18 -35.48
CA SER I 7 35.21 -46.13 -36.48
C SER I 7 35.77 -45.73 -37.84
N GLY I 8 35.64 -46.60 -38.84
CA GLY I 8 36.22 -46.26 -40.14
C GLY I 8 35.38 -45.29 -40.97
N ALA I 9 35.86 -45.04 -42.19
CA ALA I 9 35.28 -44.11 -43.17
C ALA I 9 34.06 -44.74 -43.83
N GLU I 10 33.18 -43.89 -44.36
CA GLU I 10 31.97 -44.39 -45.01
C GLU I 10 31.45 -43.47 -46.12
N VAL I 11 30.70 -44.05 -47.07
CA VAL I 11 30.09 -43.26 -48.14
C VAL I 11 28.59 -43.58 -48.28
N LYS I 12 27.70 -42.58 -48.25
CA LYS I 12 26.27 -42.87 -48.40
C LYS I 12 25.54 -42.05 -49.45
N LYS I 13 24.57 -42.64 -50.09
CA LYS I 13 23.78 -41.89 -51.06
C LYS I 13 22.97 -40.82 -50.33
N PRO I 14 22.86 -39.57 -50.83
CA PRO I 14 22.07 -38.52 -50.21
C PRO I 14 20.64 -39.01 -50.03
N GLY I 15 20.08 -38.64 -48.90
CA GLY I 15 18.73 -39.01 -48.47
C GLY I 15 18.79 -40.19 -47.52
N SER I 16 19.94 -40.87 -47.46
CA SER I 16 20.12 -42.02 -46.60
C SER I 16 20.67 -41.66 -45.25
N SER I 17 21.22 -42.65 -44.55
CA SER I 17 21.71 -42.44 -43.21
C SER I 17 23.02 -43.16 -42.94
N VAL I 18 23.77 -42.61 -41.99
CA VAL I 18 25.04 -43.17 -41.56
C VAL I 18 25.14 -43.22 -40.06
N LYS I 19 25.80 -44.25 -39.55
CA LYS I 19 26.05 -44.30 -38.13
C LYS I 19 27.51 -44.62 -37.89
N VAL I 20 28.14 -43.80 -37.07
CA VAL I 20 29.56 -43.92 -36.76
C VAL I 20 29.75 -43.96 -35.26
N SER I 21 30.92 -44.41 -34.82
CA SER I 21 31.13 -44.50 -33.38
C SER I 21 32.55 -44.35 -32.91
N CYS I 22 32.68 -44.15 -31.59
CA CYS I 22 33.98 -44.06 -30.97
C CYS I 22 34.07 -44.94 -29.74
N LYS I 23 35.12 -45.73 -29.64
CA LYS I 23 35.27 -46.53 -28.45
C LYS I 23 36.17 -45.82 -27.47
N ALA I 24 35.75 -45.76 -26.22
CA ALA I 24 36.56 -45.14 -25.19
C ALA I 24 37.39 -46.21 -24.53
N SER I 25 38.62 -45.86 -24.18
CA SER I 25 39.45 -46.83 -23.48
C SER I 25 40.46 -46.20 -22.52
N GLY I 26 40.76 -46.92 -21.43
CA GLY I 26 41.75 -46.48 -20.43
C GLY I 26 41.12 -45.77 -19.24
N ASP I 27 39.82 -45.58 -19.31
CA ASP I 27 39.05 -44.91 -18.27
C ASP I 27 37.66 -45.51 -18.21
N THR I 28 36.85 -45.00 -17.30
CA THR I 28 35.49 -45.44 -17.12
C THR I 28 34.54 -44.62 -17.97
N PHE I 29 33.81 -45.26 -18.84
CA PHE I 29 32.97 -44.52 -19.77
C PHE I 29 31.96 -43.59 -19.08
N ILE I 30 31.25 -44.12 -18.11
CA ILE I 30 30.24 -43.36 -17.39
C ILE I 30 30.81 -42.21 -16.54
N ARG I 31 32.11 -42.23 -16.31
CA ARG I 31 32.79 -41.25 -15.49
C ARG I 31 32.81 -39.85 -16.08
N TYR I 32 32.77 -39.73 -17.42
CA TYR I 32 32.90 -38.41 -18.04
C TYR I 32 32.17 -38.26 -19.37
N SER I 33 31.95 -37.01 -19.79
CA SER I 33 31.23 -36.67 -21.03
C SER I 33 32.01 -36.68 -22.33
N PHE I 34 31.25 -36.84 -23.41
CA PHE I 34 31.78 -36.86 -24.76
C PHE I 34 31.01 -35.93 -25.67
N THR I 35 31.67 -35.40 -26.69
CA THR I 35 31.01 -34.57 -27.68
C THR I 35 31.37 -34.99 -29.08
N TRP I 36 30.59 -34.50 -30.03
CA TRP I 36 30.87 -34.71 -31.43
C TRP I 36 31.04 -33.41 -32.15
N VAL I 37 31.95 -33.44 -33.10
CA VAL I 37 32.16 -32.34 -34.00
C VAL I 37 32.13 -32.81 -35.43
N ARG I 38 31.91 -31.86 -36.32
CA ARG I 38 31.97 -32.07 -37.74
C ARG I 38 33.03 -31.16 -38.33
N GLN I 39 34.08 -31.73 -38.87
CA GLN I 39 35.12 -30.92 -39.46
C GLN I 39 34.89 -30.86 -40.94
N ALA I 40 34.51 -29.69 -41.39
CA ALA I 40 34.17 -29.54 -42.77
C ALA I 40 35.43 -29.84 -43.60
N PRO I 41 35.31 -30.34 -44.83
CA PRO I 41 36.40 -30.80 -45.67
C PRO I 41 37.26 -29.68 -46.25
N GLY I 42 38.09 -29.12 -45.37
CA GLY I 42 38.98 -28.00 -45.70
C GLY I 42 38.46 -26.69 -45.13
N GLN I 43 37.44 -26.79 -44.30
CA GLN I 43 36.81 -25.63 -43.67
C GLN I 43 36.83 -25.83 -42.15
N GLY I 44 36.30 -24.89 -41.40
CA GLY I 44 36.39 -25.00 -39.94
C GLY I 44 35.43 -26.02 -39.33
N LEU I 45 35.34 -26.00 -38.00
CA LEU I 45 34.57 -27.00 -37.30
C LEU I 45 33.23 -26.52 -36.81
N GLU I 46 32.32 -27.46 -36.81
CA GLU I 46 30.98 -27.30 -36.29
C GLU I 46 30.73 -28.17 -35.08
N TRP I 47 30.24 -27.59 -34.01
CA TRP I 47 29.91 -28.41 -32.86
C TRP I 47 28.64 -29.12 -33.23
N MET I 48 28.55 -30.43 -33.01
CA MET I 48 27.30 -31.08 -33.37
C MET I 48 26.43 -31.33 -32.19
N GLY I 49 27.06 -31.66 -31.10
CA GLY I 49 26.31 -32.01 -29.92
C GLY I 49 27.17 -32.55 -28.81
N ARG I 50 26.51 -32.76 -27.67
CA ARG I 50 27.12 -33.25 -26.44
C ARG I 50 26.32 -34.35 -25.84
N ILE I 51 27.00 -35.38 -25.35
CA ILE I 51 26.32 -36.42 -24.61
C ILE I 51 26.90 -36.61 -23.23
N ILE I 52 26.01 -36.62 -22.28
CA ILE I 52 26.32 -36.83 -20.90
C ILE I 52 26.13 -38.32 -20.70
N THR I 53 27.10 -39.01 -20.12
CA THR I 53 26.96 -40.45 -19.96
C THR I 53 26.46 -40.84 -18.58
N ILE I 54 26.64 -39.95 -17.60
CA ILE I 54 26.18 -40.21 -16.23
C ILE I 54 24.66 -40.09 -16.18
N LEU I 55 24.15 -39.17 -16.96
CA LEU I 55 22.73 -38.96 -17.15
C LEU I 55 22.60 -39.30 -18.59
N ASP I 56 21.64 -40.09 -19.03
CA ASP I 56 21.62 -40.36 -20.47
C ASP I 56 20.92 -39.20 -21.16
N VAL I 57 21.70 -38.14 -21.37
CA VAL I 57 21.19 -36.87 -21.87
C VAL I 57 22.05 -36.30 -23.00
N ALA I 58 21.41 -35.77 -24.03
CA ALA I 58 22.22 -35.16 -25.08
C ALA I 58 21.58 -33.91 -25.60
N HIS I 59 22.43 -33.03 -26.09
CA HIS I 59 22.02 -31.76 -26.67
C HIS I 59 22.61 -31.62 -28.05
N TYR I 60 21.90 -30.92 -28.92
CA TYR I 60 22.35 -30.80 -30.30
C TYR I 60 22.42 -29.38 -30.80
N ALA I 61 23.26 -29.16 -31.80
CA ALA I 61 23.31 -27.88 -32.47
C ALA I 61 21.93 -27.66 -33.10
N PRO I 62 21.40 -26.42 -33.11
CA PRO I 62 20.07 -26.04 -33.56
C PRO I 62 19.70 -26.28 -35.01
N HIS I 63 20.66 -26.47 -35.90
CA HIS I 63 20.32 -26.74 -37.28
C HIS I 63 20.51 -28.22 -37.65
N LEU I 64 20.87 -29.05 -36.68
CA LEU I 64 21.12 -30.45 -36.95
C LEU I 64 20.12 -31.45 -36.39
N GLN I 65 19.35 -31.07 -35.37
CA GLN I 65 18.54 -31.99 -34.55
C GLN I 65 17.45 -32.74 -35.28
N GLY I 66 17.02 -32.27 -36.45
CA GLY I 66 16.02 -33.01 -37.16
C GLY I 66 16.68 -34.20 -37.88
N ARG I 67 18.00 -34.18 -37.92
CA ARG I 67 18.79 -35.20 -38.59
C ARG I 67 19.73 -35.98 -37.68
N VAL I 68 20.12 -35.41 -36.53
CA VAL I 68 21.13 -36.09 -35.71
C VAL I 68 20.67 -36.65 -34.38
N THR I 69 21.11 -37.86 -34.13
CA THR I 69 20.94 -38.53 -32.87
C THR I 69 22.30 -38.88 -32.28
N ILE I 70 22.51 -38.51 -31.03
CA ILE I 70 23.74 -38.87 -30.35
C ILE I 70 23.37 -39.75 -29.20
N THR I 71 23.98 -40.90 -29.17
CA THR I 71 23.69 -41.86 -28.13
C THR I 71 24.95 -42.55 -27.69
N ALA I 72 24.81 -43.48 -26.77
CA ALA I 72 25.94 -44.21 -26.26
C ALA I 72 25.50 -45.52 -25.69
N ASP I 73 26.42 -46.47 -25.67
CA ASP I 73 26.16 -47.72 -25.00
C ASP I 73 27.33 -48.01 -24.13
N LYS I 74 27.14 -47.69 -22.87
CA LYS I 74 28.19 -47.77 -21.88
C LYS I 74 28.70 -49.18 -21.66
N SER I 75 27.93 -50.20 -22.04
CA SER I 75 28.37 -51.57 -21.80
C SER I 75 29.53 -51.96 -22.71
N THR I 76 29.73 -51.21 -23.79
CA THR I 76 30.80 -51.44 -24.73
C THR I 76 31.69 -50.21 -24.78
N SER I 77 31.47 -49.30 -23.83
CA SER I 77 32.17 -48.03 -23.74
C SER I 77 32.18 -47.32 -25.08
N THR I 78 31.04 -47.28 -25.76
CA THR I 78 31.02 -46.69 -27.08
C THR I 78 30.02 -45.56 -27.28
N VAL I 79 30.52 -44.51 -27.90
CA VAL I 79 29.73 -43.33 -28.24
C VAL I 79 29.26 -43.43 -29.67
N TYR I 80 27.98 -43.15 -29.93
CA TYR I 80 27.49 -43.24 -31.29
C TYR I 80 26.86 -41.96 -31.85
N LEU I 81 27.09 -41.75 -33.13
CA LEU I 81 26.49 -40.66 -33.89
C LEU I 81 25.71 -41.16 -35.06
N GLU I 82 24.44 -40.81 -35.13
CA GLU I 82 23.65 -41.22 -36.26
C GLU I 82 23.01 -40.05 -36.98
N LEU I 83 23.22 -40.02 -38.29
CA LEU I 83 22.69 -38.98 -39.15
C LEU I 83 21.79 -39.51 -40.21
N ARG I 84 20.62 -38.90 -40.34
CA ARG I 84 19.66 -39.30 -41.35
C ARG I 84 19.40 -38.18 -42.33
N ASN I 85 18.78 -38.52 -43.47
CA ASN I 85 18.44 -37.53 -44.46
C ASN I 85 19.67 -36.75 -44.87
N LEU I 86 20.74 -37.48 -45.19
CA LEU I 86 22.04 -36.95 -45.57
C LEU I 86 22.08 -36.18 -46.87
N ARG I 87 22.95 -35.19 -46.91
CA ARG I 87 23.18 -34.40 -48.13
C ARG I 87 24.68 -34.32 -48.40
N SER I 88 25.07 -33.88 -49.60
CA SER I 88 26.49 -33.74 -49.91
C SER I 88 27.13 -32.65 -49.05
N ASP I 89 26.28 -31.80 -48.50
CA ASP I 89 26.62 -30.69 -47.62
C ASP I 89 27.19 -31.23 -46.31
N ASP I 90 26.91 -32.48 -46.02
CA ASP I 90 27.32 -33.12 -44.80
C ASP I 90 28.63 -33.87 -45.00
N THR I 91 29.27 -33.72 -46.17
CA THR I 91 30.53 -34.38 -46.32
C THR I 91 31.43 -33.73 -45.32
N ALA I 92 32.07 -34.52 -44.48
CA ALA I 92 32.93 -33.98 -43.43
C ALA I 92 33.69 -35.07 -42.72
N VAL I 93 34.67 -34.67 -41.93
CA VAL I 93 35.31 -35.63 -41.08
C VAL I 93 34.66 -35.53 -39.72
N TYR I 94 34.11 -36.62 -39.26
CA TYR I 94 33.38 -36.61 -38.02
C TYR I 94 34.19 -37.20 -36.92
N PHE I 95 34.07 -36.65 -35.72
CA PHE I 95 34.78 -37.27 -34.60
C PHE I 95 34.33 -36.93 -33.21
N CYS I 96 34.75 -37.81 -32.32
CA CYS I 96 34.50 -37.68 -30.92
C CYS I 96 35.59 -36.97 -30.21
N ALA I 97 35.19 -36.44 -29.09
CA ALA I 97 36.10 -35.86 -28.17
C ALA I 97 35.58 -36.06 -26.77
N GLY I 98 36.45 -36.09 -25.79
CA GLY I 98 35.98 -36.21 -24.42
C GLY I 98 36.67 -35.25 -23.48
N VAL I 99 36.02 -35.04 -22.35
CA VAL I 99 36.62 -34.24 -21.32
C VAL I 99 36.46 -34.93 -20.01
N TYR I 100 37.51 -35.04 -19.23
CA TYR I 100 37.34 -35.71 -17.97
C TYR I 100 36.53 -34.85 -17.03
N GLU I 101 35.57 -35.48 -16.39
CA GLU I 101 34.70 -34.86 -15.43
C GLU I 101 35.04 -35.30 -14.05
N GLY I 102 34.81 -34.43 -13.08
CA GLY I 102 35.09 -34.71 -11.69
C GLY I 102 34.24 -35.79 -11.07
N GLU I 103 34.55 -37.03 -11.40
CA GLU I 103 33.89 -38.12 -10.72
C GLU I 103 32.38 -38.06 -10.83
N ALA I 104 31.89 -38.17 -12.08
CA ALA I 104 30.46 -38.11 -12.31
C ALA I 104 29.74 -39.19 -11.51
N ASP I 105 30.42 -40.30 -11.28
CA ASP I 105 29.91 -41.46 -10.55
C ASP I 105 29.46 -41.09 -9.16
N GLU I 106 30.09 -40.07 -8.57
CA GLU I 106 29.81 -39.63 -7.24
C GLU I 106 28.87 -38.44 -7.26
N GLY I 107 28.45 -38.05 -8.44
CA GLY I 107 27.59 -36.90 -8.62
C GLY I 107 28.35 -35.59 -8.55
N GLU I 108 29.65 -35.60 -8.86
CA GLU I 108 30.47 -34.39 -8.79
C GLU I 108 30.83 -33.88 -10.19
N TYR I 109 29.97 -34.17 -11.14
CA TYR I 109 30.09 -33.82 -12.54
C TYR I 109 30.21 -32.29 -12.72
N ASP I 110 31.17 -31.85 -13.56
CA ASP I 110 31.49 -30.43 -13.82
C ASP I 110 30.79 -29.82 -15.01
N ASN I 111 30.47 -30.66 -15.98
CA ASN I 111 29.88 -30.25 -17.25
C ASN I 111 30.82 -29.33 -18.04
N ASN I 112 32.07 -29.74 -18.17
CA ASN I 112 33.07 -28.95 -18.88
C ASN I 112 32.76 -28.82 -20.36
N GLY I 113 32.79 -27.58 -20.85
CA GLY I 113 32.48 -27.25 -22.25
C GLY I 113 33.68 -27.25 -23.21
N PHE I 114 34.86 -27.55 -22.71
CA PHE I 114 36.04 -27.58 -23.56
C PHE I 114 36.43 -29.02 -23.68
N LEU I 115 37.12 -29.39 -24.76
CA LEU I 115 37.48 -30.79 -24.93
C LEU I 115 38.96 -31.05 -24.93
N LYS I 116 39.38 -32.16 -24.34
CA LYS I 116 40.79 -32.51 -24.24
C LYS I 116 41.22 -33.74 -25.02
N HIS I 117 40.38 -34.75 -25.05
CA HIS I 117 40.76 -36.00 -25.67
C HIS I 117 40.09 -36.06 -26.98
N TRP I 118 40.86 -36.17 -28.04
CA TRP I 118 40.28 -36.16 -29.38
C TRP I 118 40.56 -37.44 -30.13
N GLY I 119 39.61 -37.83 -30.98
CA GLY I 119 39.77 -39.01 -31.82
C GLY I 119 40.56 -38.68 -33.08
N GLN I 120 40.61 -39.61 -34.03
CA GLN I 120 41.42 -39.44 -35.24
C GLN I 120 40.73 -38.70 -36.37
N GLY I 121 39.42 -38.89 -36.48
CA GLY I 121 38.60 -38.34 -37.54
C GLY I 121 38.19 -39.37 -38.57
N THR I 122 36.88 -39.49 -38.81
CA THR I 122 36.38 -40.43 -39.80
C THR I 122 35.63 -39.73 -40.90
N LEU I 123 36.12 -39.89 -42.11
CA LEU I 123 35.53 -39.20 -43.22
C LEU I 123 34.29 -39.88 -43.74
N VAL I 124 33.23 -39.10 -43.81
CA VAL I 124 31.98 -39.56 -44.35
C VAL I 124 31.64 -38.68 -45.53
N THR I 125 31.41 -39.33 -46.66
CA THR I 125 31.10 -38.64 -47.91
C THR I 125 29.81 -39.18 -48.46
N VAL I 126 29.39 -38.66 -49.59
CA VAL I 126 28.16 -39.16 -50.17
C VAL I 126 28.34 -39.63 -51.59
N THR I 127 27.36 -40.39 -52.05
CA THR I 127 27.35 -40.90 -53.43
C THR I 127 25.96 -40.94 -54.06
N GLU J 1 9.68 37.74 -17.87
CA GLU J 1 9.19 37.69 -19.24
C GLU J 1 10.33 37.48 -20.22
N LEU J 2 9.95 37.39 -21.49
CA LEU J 2 10.89 37.27 -22.57
C LEU J 2 11.46 38.59 -22.97
N GLU J 3 12.77 38.65 -22.96
CA GLU J 3 13.54 39.81 -23.38
C GLU J 3 14.65 39.34 -24.28
N LEU J 4 14.96 40.13 -25.28
CA LEU J 4 16.04 39.85 -26.22
C LEU J 4 17.04 40.96 -26.17
N THR J 5 18.28 40.64 -25.83
CA THR J 5 19.29 41.68 -25.76
C THR J 5 20.42 41.48 -26.76
N GLN J 6 20.65 42.48 -27.58
CA GLN J 6 21.77 42.42 -28.50
C GLN J 6 23.02 42.71 -27.71
N SER J 7 24.06 41.94 -27.94
CA SER J 7 25.30 42.18 -27.24
C SER J 7 25.98 43.49 -27.69
N PRO J 8 26.43 43.67 -28.96
CA PRO J 8 26.92 44.94 -29.41
C PRO J 8 25.76 45.89 -29.58
N ALA J 9 25.96 47.17 -29.26
CA ALA J 9 24.93 48.13 -29.58
C ALA J 9 25.20 48.60 -30.99
N THR J 10 26.49 48.69 -31.28
CA THR J 10 26.99 49.11 -32.55
C THR J 10 28.19 48.29 -32.93
N LEU J 11 28.49 48.24 -34.21
CA LEU J 11 29.73 47.70 -34.71
C LEU J 11 30.30 48.71 -35.69
N SER J 12 31.62 48.86 -35.72
CA SER J 12 32.23 49.70 -36.73
C SER J 12 32.30 48.87 -37.97
N VAL J 13 31.94 49.41 -39.13
CA VAL J 13 32.02 48.59 -40.33
C VAL J 13 32.72 49.24 -41.52
N SER J 14 33.13 48.38 -42.43
CA SER J 14 33.77 48.74 -43.68
C SER J 14 33.52 47.58 -44.64
N PRO J 15 33.21 47.82 -45.92
CA PRO J 15 32.91 46.77 -46.86
C PRO J 15 34.03 45.74 -46.95
N GLY J 16 33.64 44.48 -46.93
CA GLY J 16 34.54 43.35 -47.01
C GLY J 16 34.84 42.73 -45.65
N GLU J 17 34.49 43.44 -44.57
CA GLU J 17 34.72 42.91 -43.24
C GLU J 17 33.69 41.87 -42.85
N ARG J 18 34.08 40.97 -41.94
CA ARG J 18 33.14 40.01 -41.43
C ARG J 18 32.60 40.50 -40.11
N ALA J 19 31.30 40.75 -40.05
CA ALA J 19 30.71 41.29 -38.82
C ALA J 19 30.14 40.17 -37.97
N THR J 20 30.26 40.30 -36.65
CA THR J 20 29.62 39.34 -35.76
C THR J 20 28.68 40.05 -34.82
N LEU J 21 27.46 39.59 -34.80
CA LEU J 21 26.38 40.09 -34.00
C LEU J 21 25.90 38.95 -33.13
N SER J 22 25.45 39.23 -31.94
CA SER J 22 24.94 38.14 -31.13
C SER J 22 23.87 38.66 -30.22
N CYS J 23 23.03 37.74 -29.77
CA CYS J 23 21.88 38.07 -28.93
C CYS J 23 21.66 37.05 -27.83
N ARG J 24 21.29 37.55 -26.67
CA ARG J 24 21.04 36.72 -25.51
C ARG J 24 19.63 36.93 -25.01
N ALA J 25 18.94 35.82 -24.75
CA ALA J 25 17.57 35.91 -24.27
C ALA J 25 17.48 35.71 -22.78
N SER J 26 16.43 36.27 -22.20
CA SER J 26 16.14 36.11 -20.77
C SER J 26 15.64 34.73 -20.37
N GLU J 27 15.22 33.98 -21.37
CA GLU J 27 14.65 32.66 -21.18
C GLU J 27 14.97 31.83 -22.40
N SER J 28 14.88 30.51 -22.31
CA SER J 28 15.11 29.71 -23.50
C SER J 28 14.11 30.08 -24.55
N VAL J 29 14.61 30.19 -25.76
CA VAL J 29 13.81 30.55 -26.88
C VAL J 29 13.78 29.45 -27.91
N SER J 30 14.17 28.25 -27.48
CA SER J 30 14.21 27.12 -28.38
C SER J 30 15.03 27.52 -29.57
N SER J 31 14.49 27.27 -30.75
CA SER J 31 15.10 27.63 -32.01
C SER J 31 14.13 28.48 -32.79
N ASP J 32 13.35 29.30 -32.09
CA ASP J 32 12.33 30.15 -32.70
C ASP J 32 12.72 31.62 -32.84
N LEU J 33 14.01 31.91 -32.77
CA LEU J 33 14.54 33.25 -32.91
C LEU J 33 14.56 33.74 -34.35
N ALA J 34 14.17 34.99 -34.56
CA ALA J 34 14.28 35.54 -35.89
C ALA J 34 15.13 36.81 -35.90
N TRP J 35 15.86 36.98 -36.99
CA TRP J 35 16.70 38.16 -37.15
C TRP J 35 16.15 39.01 -38.27
N TYR J 36 16.04 40.30 -37.99
CA TYR J 36 15.47 41.24 -38.96
C TYR J 36 16.39 42.42 -39.30
N GLN J 37 16.37 42.83 -40.56
CA GLN J 37 17.18 43.90 -41.10
C GLN J 37 16.46 45.22 -41.33
N GLN J 38 16.77 46.24 -40.55
CA GLN J 38 16.09 47.51 -40.72
C GLN J 38 16.97 48.60 -41.31
N LYS J 39 16.50 49.20 -42.37
CA LYS J 39 17.19 50.28 -43.03
C LYS J 39 16.20 51.43 -43.00
N PRO J 40 16.64 52.69 -43.03
CA PRO J 40 15.75 53.82 -43.02
C PRO J 40 14.76 53.75 -44.17
N GLY J 41 13.48 53.87 -43.84
CA GLY J 41 12.40 53.88 -44.81
C GLY J 41 12.07 52.49 -45.35
N GLN J 42 12.72 51.46 -44.84
CA GLN J 42 12.49 50.15 -45.40
C GLN J 42 11.74 49.23 -44.45
N ALA J 43 11.13 48.19 -45.00
CA ALA J 43 10.54 47.20 -44.14
C ALA J 43 11.66 46.53 -43.39
N PRO J 44 11.47 46.13 -42.14
CA PRO J 44 12.44 45.43 -41.34
C PRO J 44 12.48 43.99 -41.79
N ARG J 45 12.97 43.76 -43.00
CA ARG J 45 12.95 42.46 -43.64
C ARG J 45 13.53 41.34 -42.82
N LEU J 46 12.84 40.23 -42.77
CA LEU J 46 13.38 39.11 -42.06
C LEU J 46 14.41 38.45 -42.90
N LEU J 47 15.55 38.16 -42.29
CA LEU J 47 16.56 37.42 -43.01
C LEU J 47 16.72 36.01 -42.48
N ILE J 48 16.53 35.83 -41.17
CA ILE J 48 16.65 34.49 -40.59
C ILE J 48 15.46 34.14 -39.73
N TYR J 49 14.84 32.99 -39.92
CA TYR J 49 13.76 32.61 -38.99
C TYR J 49 14.05 31.24 -38.44
N GLY J 50 13.52 30.92 -37.28
CA GLY J 50 13.71 29.57 -36.77
C GLY J 50 15.17 29.33 -36.38
N ALA J 51 15.89 30.42 -36.11
CA ALA J 51 17.30 30.42 -35.79
C ALA J 51 18.12 29.64 -36.82
N SER J 52 17.61 29.43 -38.03
CA SER J 52 18.30 28.61 -39.01
C SER J 52 17.76 28.75 -40.43
N THR J 53 18.47 28.21 -41.44
CA THR J 53 18.04 28.10 -42.87
C THR J 53 17.98 29.42 -43.63
N ARG J 54 18.18 30.50 -42.92
CA ARG J 54 18.04 31.87 -43.36
C ARG J 54 16.56 32.12 -43.68
N ALA J 55 16.28 32.58 -44.89
CA ALA J 55 14.93 32.87 -45.31
C ALA J 55 14.92 32.94 -46.81
N THR J 56 13.75 32.86 -47.39
CA THR J 56 13.64 32.94 -48.83
C THR J 56 14.21 34.27 -49.31
N GLY J 57 15.07 34.17 -50.33
CA GLY J 57 15.68 35.31 -50.97
C GLY J 57 16.90 35.87 -50.24
N VAL J 58 17.36 35.19 -49.20
CA VAL J 58 18.49 35.70 -48.44
C VAL J 58 19.78 35.00 -48.88
N PRO J 59 20.83 35.75 -49.26
CA PRO J 59 22.11 35.24 -49.71
C PRO J 59 22.86 34.61 -48.56
N ALA J 60 23.71 33.64 -48.90
CA ALA J 60 24.50 32.83 -47.96
C ALA J 60 25.46 33.63 -47.10
N ARG J 61 25.82 34.84 -47.52
CA ARG J 61 26.74 35.62 -46.73
C ARG J 61 26.11 36.04 -45.41
N PHE J 62 24.78 36.02 -45.32
CA PHE J 62 24.12 36.43 -44.09
C PHE J 62 23.53 35.21 -43.41
N SER J 63 24.11 34.78 -42.30
CA SER J 63 23.60 33.56 -41.69
C SER J 63 23.90 33.46 -40.21
N GLY J 64 23.29 32.48 -39.55
CA GLY J 64 23.54 32.32 -38.14
C GLY J 64 22.87 31.08 -37.60
N SER J 65 23.11 30.85 -36.32
CA SER J 65 22.60 29.68 -35.59
C SER J 65 22.70 29.90 -34.08
N GLY J 66 22.08 29.01 -33.32
CA GLY J 66 22.18 29.06 -31.88
C GLY J 66 21.16 28.16 -31.24
N SER J 67 21.10 28.20 -29.93
CA SER J 67 20.18 27.35 -29.18
C SER J 67 19.95 27.90 -27.80
N GLY J 68 18.96 27.38 -27.10
CA GLY J 68 18.79 27.81 -25.72
C GLY J 68 18.48 29.28 -25.74
N ALA J 69 19.31 30.07 -25.05
CA ALA J 69 19.10 31.51 -25.01
C ALA J 69 20.31 32.25 -25.58
N GLU J 70 21.17 31.54 -26.34
CA GLU J 70 22.38 32.16 -26.92
C GLU J 70 22.48 31.99 -28.43
N PHE J 71 22.37 33.13 -29.16
CA PHE J 71 22.38 33.07 -30.63
C PHE J 71 23.38 33.97 -31.30
N THR J 72 23.95 33.47 -32.40
CA THR J 72 24.94 34.25 -33.15
C THR J 72 24.62 34.42 -34.63
N LEU J 73 24.81 35.65 -35.08
CA LEU J 73 24.68 36.07 -36.46
C LEU J 73 25.99 36.60 -37.03
N THR J 74 26.37 36.10 -38.19
CA THR J 74 27.58 36.62 -38.79
C THR J 74 27.30 37.08 -40.20
N ILE J 75 28.04 38.08 -40.64
CA ILE J 75 27.86 38.52 -42.00
C ILE J 75 29.18 38.47 -42.73
N SER J 76 29.30 37.56 -43.69
CA SER J 76 30.55 37.42 -44.40
C SER J 76 30.63 38.50 -45.45
N SER J 77 31.81 39.05 -45.67
CA SER J 77 31.96 40.03 -46.74
C SER J 77 30.85 41.06 -46.68
N LEU J 78 30.68 41.69 -45.52
CA LEU J 78 29.62 42.64 -45.33
C LEU J 78 29.76 43.76 -46.34
N GLN J 79 28.68 44.12 -47.02
CA GLN J 79 28.75 45.20 -47.99
C GLN J 79 28.11 46.47 -47.47
N SER J 80 28.39 47.62 -48.08
CA SER J 80 27.78 48.84 -47.56
C SER J 80 26.25 48.84 -47.64
N GLU J 81 25.69 48.10 -48.59
CA GLU J 81 24.23 48.02 -48.72
C GLU J 81 23.62 47.18 -47.60
N ASP J 82 24.46 46.48 -46.84
CA ASP J 82 24.05 45.63 -45.74
C ASP J 82 24.24 46.34 -44.41
N PHE J 83 24.62 47.63 -44.41
CA PHE J 83 24.87 48.31 -43.13
C PHE J 83 23.57 48.80 -42.50
N ALA J 84 22.77 47.83 -42.11
CA ALA J 84 21.45 47.94 -41.54
C ALA J 84 21.49 47.71 -40.06
N VAL J 85 20.40 48.05 -39.40
CA VAL J 85 20.27 47.76 -38.00
C VAL J 85 19.71 46.37 -37.87
N TYR J 86 20.38 45.51 -37.12
CA TYR J 86 19.86 44.16 -37.01
C TYR J 86 19.21 43.90 -35.69
N TYR J 87 17.95 43.50 -35.75
CA TYR J 87 17.12 43.24 -34.59
C TYR J 87 16.98 41.80 -34.23
N CYS J 88 16.98 41.58 -32.92
CA CYS J 88 16.76 40.28 -32.35
C CYS J 88 15.33 40.25 -31.85
N GLN J 89 14.49 39.43 -32.46
CA GLN J 89 13.08 39.33 -32.08
C GLN J 89 12.78 37.89 -31.93
N GLN J 90 11.90 37.52 -31.02
CA GLN J 90 11.69 36.11 -30.88
C GLN J 90 10.32 35.70 -30.46
N TYR J 91 9.90 34.54 -30.97
CA TYR J 91 8.63 34.07 -30.51
C TYR J 91 8.41 32.56 -30.34
N ASN J 92 8.39 32.06 -29.07
CA ASN J 92 8.12 30.64 -28.79
C ASN J 92 7.09 30.51 -27.68
N ASN J 93 6.39 31.58 -27.38
CA ASN J 93 5.40 31.57 -26.30
C ASN J 93 3.97 31.32 -26.74
N TRP J 94 3.18 30.73 -25.83
CA TRP J 94 1.72 30.71 -25.99
C TRP J 94 1.09 30.85 -24.61
N PRO J 95 0.37 31.94 -24.31
CA PRO J 95 -0.06 32.87 -25.34
C PRO J 95 1.13 33.61 -25.94
N PRO J 96 0.93 34.38 -27.02
CA PRO J 96 2.04 35.02 -27.68
C PRO J 96 2.71 36.11 -26.84
N ARG J 97 3.93 35.86 -26.37
CA ARG J 97 4.70 36.89 -25.66
C ARG J 97 5.72 37.42 -26.66
N TYR J 98 5.31 37.56 -27.92
CA TYR J 98 6.30 37.95 -28.96
C TYR J 98 7.05 39.21 -28.53
N THR J 99 8.33 39.04 -28.15
CA THR J 99 9.12 40.21 -27.66
C THR J 99 10.17 40.67 -28.66
N PHE J 100 10.30 41.99 -28.85
CA PHE J 100 11.34 42.56 -29.74
C PHE J 100 12.40 43.17 -28.84
N GLY J 101 13.67 43.03 -29.22
CA GLY J 101 14.77 43.69 -28.52
C GLY J 101 15.22 44.90 -29.33
N GLN J 102 16.36 45.48 -28.98
CA GLN J 102 16.92 46.62 -29.70
C GLN J 102 17.77 46.04 -30.81
N GLY J 103 18.04 46.79 -31.86
CA GLY J 103 18.93 46.22 -32.84
C GLY J 103 20.37 46.73 -32.68
N THR J 104 21.25 46.22 -33.52
CA THR J 104 22.66 46.61 -33.53
C THR J 104 22.94 47.44 -34.77
N ARG J 105 23.51 48.63 -34.57
CA ARG J 105 23.80 49.55 -35.67
C ARG J 105 25.18 49.32 -36.30
N LEU J 106 25.24 49.29 -37.61
CA LEU J 106 26.52 49.17 -38.28
C LEU J 106 26.95 50.57 -38.76
N GLU J 107 28.02 51.10 -38.13
CA GLU J 107 28.48 52.50 -38.30
C GLU J 107 29.39 52.86 -39.48
N ILE J 108 29.02 53.98 -40.10
CA ILE J 108 29.75 54.61 -41.20
C ILE J 108 30.36 55.93 -40.70
N LYS J 109 31.67 56.11 -40.86
CA LYS J 109 32.29 57.35 -40.41
C LYS J 109 32.18 58.49 -41.42
N ARG J 110 31.68 59.62 -40.94
CA ARG J 110 31.48 60.84 -41.73
C ARG J 110 31.72 62.06 -40.85
N PHE K 7 -25.25 -12.61 0.80
CA PHE K 7 -26.32 -12.05 0.00
C PHE K 7 -27.48 -13.01 -0.09
N ILE K 8 -28.68 -12.48 -0.34
CA ILE K 8 -29.81 -13.36 -0.56
C ILE K 8 -30.01 -13.56 -2.04
N LEU K 9 -30.08 -12.46 -2.79
CA LEU K 9 -30.25 -12.55 -4.24
C LEU K 9 -31.45 -13.46 -4.51
N GLY K 10 -32.53 -13.19 -3.79
CA GLY K 10 -33.71 -14.02 -3.87
C GLY K 10 -33.36 -15.43 -3.41
N PHE K 11 -33.67 -16.41 -4.21
CA PHE K 11 -33.34 -17.79 -3.85
C PHE K 11 -32.23 -18.32 -4.74
N LEU K 12 -31.51 -17.42 -5.41
CA LEU K 12 -30.37 -17.69 -6.30
C LEU K 12 -30.69 -18.44 -7.60
N GLY K 13 -31.96 -18.66 -7.92
CA GLY K 13 -32.31 -19.40 -9.13
C GLY K 13 -32.58 -18.58 -10.38
N ALA K 14 -32.52 -17.24 -10.26
CA ALA K 14 -32.75 -16.28 -11.36
C ALA K 14 -34.03 -16.53 -12.14
N ALA K 15 -35.05 -17.04 -11.48
CA ALA K 15 -36.30 -17.35 -12.14
C ALA K 15 -36.04 -18.22 -13.37
N GLY K 16 -35.09 -19.16 -13.29
CA GLY K 16 -34.76 -20.06 -14.39
C GLY K 16 -35.53 -21.36 -14.25
N SER K 17 -36.36 -21.40 -13.23
CA SER K 17 -37.15 -22.55 -12.88
C SER K 17 -38.46 -22.04 -12.39
N THR K 18 -39.49 -22.86 -12.40
CA THR K 18 -40.75 -22.32 -11.99
C THR K 18 -40.80 -22.19 -10.50
N MET K 19 -41.77 -21.44 -10.04
CA MET K 19 -41.88 -21.14 -8.64
C MET K 19 -42.04 -22.37 -7.77
N GLY K 20 -42.81 -23.34 -8.22
CA GLY K 20 -43.01 -24.56 -7.45
C GLY K 20 -41.70 -25.31 -7.32
N ALA K 21 -40.95 -25.39 -8.41
CA ALA K 21 -39.68 -26.07 -8.40
C ALA K 21 -38.73 -25.41 -7.44
N ALA K 22 -38.76 -24.08 -7.36
CA ALA K 22 -37.86 -23.39 -6.46
C ALA K 22 -38.16 -23.76 -5.02
N SER K 23 -39.45 -23.87 -4.67
CA SER K 23 -39.78 -24.20 -3.30
C SER K 23 -39.30 -25.59 -2.94
N MET K 24 -39.43 -26.53 -3.86
CA MET K 24 -38.98 -27.87 -3.57
C MET K 24 -37.47 -27.89 -3.38
N ALA K 25 -36.77 -27.13 -4.21
CA ALA K 25 -35.32 -27.09 -4.12
C ALA K 25 -34.87 -26.54 -2.78
N LEU K 26 -35.58 -25.54 -2.26
CA LEU K 26 -35.21 -24.96 -0.99
C LEU K 26 -35.35 -25.94 0.13
N THR K 27 -36.39 -26.76 0.07
CA THR K 27 -36.59 -27.74 1.12
C THR K 27 -35.42 -28.70 1.13
N VAL K 28 -34.99 -29.11 -0.06
CA VAL K 28 -33.90 -30.05 -0.13
C VAL K 28 -32.63 -29.44 0.42
N GLN K 29 -32.35 -28.19 0.04
CA GLN K 29 -31.13 -27.60 0.52
C GLN K 29 -31.19 -27.36 2.00
N ALA K 30 -32.33 -26.98 2.55
CA ALA K 30 -32.36 -26.76 3.96
C ALA K 30 -32.02 -28.04 4.69
N ARG K 31 -32.51 -29.17 4.18
CA ARG K 31 -32.17 -30.39 4.86
C ARG K 31 -30.68 -30.66 4.79
N LEU K 32 -30.07 -30.45 3.64
CA LEU K 32 -28.65 -30.75 3.50
C LEU K 32 -27.78 -29.83 4.32
N LEU K 33 -28.13 -28.56 4.38
CA LEU K 33 -27.32 -27.62 5.11
C LEU K 33 -27.38 -27.85 6.60
N LEU K 34 -28.56 -28.21 7.12
CA LEU K 34 -28.66 -28.45 8.54
C LEU K 34 -28.11 -29.82 8.91
N SER K 35 -28.27 -30.81 8.04
CA SER K 35 -27.81 -32.15 8.36
C SER K 35 -26.30 -32.27 8.20
N GLY K 36 -25.70 -31.42 7.38
CA GLY K 36 -24.27 -31.42 7.15
C GLY K 36 -23.78 -32.82 6.86
N MET K 54 0.04 -8.51 -4.78
CA MET K 54 -1.30 -8.68 -4.23
C MET K 54 -1.83 -7.38 -3.65
N LEU K 55 -1.30 -6.27 -4.11
CA LEU K 55 -1.70 -4.98 -3.57
C LEU K 55 -3.16 -4.67 -3.84
N GLN K 56 -3.63 -5.12 -5.00
CA GLN K 56 -4.98 -4.89 -5.48
C GLN K 56 -6.00 -5.68 -4.68
N LEU K 57 -5.53 -6.60 -3.83
CA LEU K 57 -6.46 -7.35 -3.06
C LEU K 57 -7.02 -6.46 -1.97
N THR K 58 -6.30 -5.40 -1.58
CA THR K 58 -6.84 -4.54 -0.54
C THR K 58 -8.08 -3.86 -1.07
N VAL K 59 -7.98 -3.32 -2.27
CA VAL K 59 -9.08 -2.58 -2.85
C VAL K 59 -10.25 -3.46 -3.16
N TRP K 60 -9.98 -4.61 -3.76
CA TRP K 60 -11.09 -5.46 -4.07
C TRP K 60 -11.64 -6.16 -2.86
N GLY K 61 -10.81 -6.41 -1.86
CA GLY K 61 -11.29 -7.03 -0.65
C GLY K 61 -12.27 -6.10 0.01
N ILE K 62 -11.96 -4.80 0.05
CA ILE K 62 -12.88 -3.88 0.66
C ILE K 62 -14.16 -3.75 -0.11
N LYS K 63 -14.09 -3.64 -1.44
CA LYS K 63 -15.34 -3.49 -2.16
C LYS K 63 -16.24 -4.71 -2.02
N GLN K 64 -15.66 -5.90 -2.02
CA GLN K 64 -16.46 -7.10 -1.90
C GLN K 64 -17.08 -7.16 -0.53
N LEU K 65 -16.31 -6.75 0.47
CA LEU K 65 -16.77 -6.78 1.82
C LEU K 65 -17.88 -5.77 2.02
N GLN K 66 -17.77 -4.60 1.38
CA GLN K 66 -18.83 -3.61 1.52
C GLN K 66 -20.11 -4.13 0.95
N ALA K 67 -20.05 -4.81 -0.18
CA ALA K 67 -21.26 -5.31 -0.76
C ALA K 67 -21.93 -6.35 0.14
N ARG K 68 -21.14 -7.18 0.79
CA ARG K 68 -21.72 -8.19 1.67
C ARG K 68 -22.38 -7.54 2.87
N VAL K 69 -21.75 -6.50 3.41
CA VAL K 69 -22.32 -5.82 4.56
C VAL K 69 -23.61 -5.14 4.17
N LEU K 70 -23.64 -4.51 3.01
CA LEU K 70 -24.84 -3.85 2.57
C LEU K 70 -25.98 -4.82 2.43
N ALA K 71 -25.71 -6.00 1.87
CA ALA K 71 -26.76 -6.99 1.72
C ALA K 71 -27.36 -7.38 3.06
N VAL K 72 -26.52 -7.47 4.07
CA VAL K 72 -27.02 -7.82 5.39
C VAL K 72 -27.87 -6.72 5.95
N GLU K 73 -27.41 -5.48 5.84
CA GLU K 73 -28.21 -4.41 6.41
C GLU K 73 -29.56 -4.30 5.73
N ARG K 74 -29.62 -4.47 4.41
CA ARG K 74 -30.93 -4.38 3.78
C ARG K 74 -31.80 -5.51 4.24
N TYR K 75 -31.25 -6.71 4.34
CA TYR K 75 -32.07 -7.80 4.78
C TYR K 75 -32.67 -7.55 6.12
N LEU K 76 -31.86 -7.15 7.08
CA LEU K 76 -32.40 -6.99 8.40
C LEU K 76 -33.46 -5.91 8.42
N ARG K 77 -33.22 -4.84 7.69
CA ARG K 77 -34.21 -3.80 7.67
C ARG K 77 -35.51 -4.29 7.13
N ASP K 78 -35.47 -4.97 6.01
CA ASP K 78 -36.71 -5.36 5.41
C ASP K 78 -37.45 -6.37 6.28
N GLN K 79 -36.71 -7.25 6.96
CA GLN K 79 -37.42 -8.22 7.76
C GLN K 79 -38.20 -7.54 8.85
N GLN K 80 -37.70 -6.42 9.36
CA GLN K 80 -38.46 -5.71 10.37
C GLN K 80 -39.53 -4.82 9.74
N LEU K 81 -39.27 -4.28 8.55
CA LEU K 81 -40.26 -3.39 7.96
C LEU K 81 -41.54 -4.14 7.66
N LEU K 82 -41.42 -5.41 7.33
CA LEU K 82 -42.55 -6.26 7.00
C LEU K 82 -43.48 -6.48 8.16
N GLY K 83 -43.08 -6.07 9.35
CA GLY K 83 -43.93 -6.14 10.50
C GLY K 83 -45.19 -5.34 10.24
N ILE K 84 -45.12 -4.31 9.39
CA ILE K 84 -46.28 -3.49 9.08
C ILE K 84 -47.43 -4.30 8.47
N TRP K 85 -47.12 -5.44 7.84
CA TRP K 85 -48.13 -6.32 7.25
C TRP K 85 -48.32 -7.56 8.09
N GLY K 86 -47.68 -7.59 9.27
CA GLY K 86 -47.72 -8.73 10.18
C GLY K 86 -46.80 -9.86 9.78
N CYS K 87 -45.77 -9.58 8.98
CA CYS K 87 -44.89 -10.62 8.49
C CYS K 87 -43.46 -10.46 8.96
N SER K 88 -43.27 -9.83 10.11
CA SER K 88 -41.91 -9.59 10.55
C SER K 88 -41.13 -10.85 10.78
N GLY K 89 -39.90 -10.86 10.28
CA GLY K 89 -38.97 -11.94 10.51
C GLY K 89 -39.19 -13.18 9.62
N LYS K 90 -40.15 -13.13 8.73
CA LYS K 90 -40.42 -14.29 7.91
C LYS K 90 -39.92 -14.15 6.49
N ILE K 91 -39.66 -15.27 5.87
CA ILE K 91 -39.34 -15.29 4.45
C ILE K 91 -40.60 -15.55 3.68
N ILE K 92 -41.42 -16.46 4.20
CA ILE K 92 -42.68 -16.78 3.58
C ILE K 92 -43.76 -16.44 4.56
N CYS K 93 -44.62 -15.51 4.22
CA CYS K 93 -45.65 -15.09 5.13
C CYS K 93 -47.05 -15.24 4.62
N CYS K 94 -47.79 -16.07 5.29
CA CYS K 94 -49.16 -16.33 4.88
C CYS K 94 -50.07 -15.28 5.50
N THR K 95 -50.91 -14.62 4.70
CA THR K 95 -51.78 -13.57 5.22
C THR K 95 -53.23 -13.99 5.13
N ASN K 96 -54.14 -13.12 5.56
CA ASN K 96 -55.56 -13.44 5.48
C ASN K 96 -56.26 -12.59 4.43
N VAL K 97 -55.51 -12.06 3.47
CA VAL K 97 -56.13 -11.28 2.42
C VAL K 97 -56.45 -12.24 1.28
N PRO K 98 -57.70 -12.35 0.85
CA PRO K 98 -58.13 -13.25 -0.18
C PRO K 98 -57.61 -12.79 -1.50
N TRP K 99 -57.40 -13.70 -2.41
CA TRP K 99 -56.98 -13.35 -3.74
C TRP K 99 -58.13 -12.88 -4.60
N ASN K 100 -57.89 -11.83 -5.33
CA ASN K 100 -58.81 -11.25 -6.29
C ASN K 100 -58.58 -11.79 -7.68
N ASP K 101 -59.57 -12.45 -8.25
CA ASP K 101 -59.38 -13.02 -9.58
C ASP K 101 -59.11 -11.93 -10.59
N SER K 102 -59.56 -10.71 -10.32
CA SER K 102 -59.28 -9.61 -11.19
C SER K 102 -57.79 -9.35 -11.30
N TRP K 103 -57.02 -9.59 -10.22
CA TRP K 103 -55.58 -9.35 -10.29
C TRP K 103 -55.01 -10.39 -11.21
N SER K 104 -55.46 -11.62 -11.02
CA SER K 104 -55.05 -12.73 -11.85
C SER K 104 -56.08 -13.80 -11.84
N ASN K 105 -56.38 -14.28 -13.04
CA ASN K 105 -57.38 -15.29 -13.29
C ASN K 105 -56.79 -16.69 -13.38
N LYS K 106 -55.53 -16.84 -13.01
CA LYS K 106 -54.90 -18.15 -13.08
C LYS K 106 -55.08 -18.95 -11.79
N THR K 107 -54.99 -20.27 -11.91
CA THR K 107 -55.12 -21.16 -10.77
C THR K 107 -53.81 -21.34 -10.06
N ILE K 108 -53.84 -21.96 -8.90
CA ILE K 108 -52.62 -22.15 -8.14
C ILE K 108 -51.62 -23.00 -8.90
N ASN K 109 -52.09 -24.06 -9.54
CA ASN K 109 -51.13 -24.90 -10.23
C ASN K 109 -50.59 -24.21 -11.47
N GLU K 110 -51.44 -23.45 -12.16
CA GLU K 110 -50.95 -22.80 -13.35
C GLU K 110 -49.83 -21.85 -13.01
N ILE K 111 -49.98 -21.13 -11.91
CA ILE K 111 -48.99 -20.17 -11.54
C ILE K 111 -47.76 -20.84 -11.00
N TRP K 112 -47.93 -21.71 -10.03
CA TRP K 112 -46.78 -22.30 -9.40
C TRP K 112 -46.01 -23.29 -10.22
N ASP K 113 -46.66 -24.05 -11.09
CA ASP K 113 -45.88 -25.01 -11.81
C ASP K 113 -45.32 -24.50 -13.11
N ASN K 114 -45.99 -23.57 -13.80
CA ASN K 114 -45.50 -23.18 -15.11
C ASN K 114 -44.82 -21.83 -15.16
N MET K 115 -45.02 -20.95 -14.19
CA MET K 115 -44.41 -19.64 -14.30
C MET K 115 -43.22 -19.50 -13.40
N THR K 116 -42.26 -18.69 -13.84
CA THR K 116 -41.11 -18.40 -13.02
C THR K 116 -41.40 -17.08 -12.32
N TRP K 117 -40.58 -16.72 -11.35
CA TRP K 117 -40.87 -15.49 -10.62
C TRP K 117 -40.85 -14.23 -11.44
N MET K 118 -40.04 -14.16 -12.48
CA MET K 118 -40.01 -12.93 -13.26
C MET K 118 -41.11 -12.88 -14.29
N GLN K 119 -41.87 -13.94 -14.43
CA GLN K 119 -42.96 -13.91 -15.36
C GLN K 119 -44.17 -13.52 -14.59
N TRP K 120 -44.27 -14.09 -13.40
CA TRP K 120 -45.39 -13.84 -12.53
C TRP K 120 -45.44 -12.42 -12.07
N GLU K 121 -44.32 -11.88 -11.64
CA GLU K 121 -44.38 -10.52 -11.18
C GLU K 121 -44.74 -9.61 -12.34
N LYS K 122 -44.33 -9.93 -13.56
CA LYS K 122 -44.71 -9.07 -14.66
C LYS K 122 -46.22 -9.11 -14.86
N GLU K 123 -46.81 -10.31 -14.77
CA GLU K 123 -48.24 -10.44 -14.97
C GLU K 123 -49.05 -9.54 -14.07
N ILE K 124 -48.64 -9.42 -12.82
CA ILE K 124 -49.37 -8.59 -11.87
C ILE K 124 -48.57 -7.40 -11.39
N ASP K 125 -47.64 -6.91 -12.19
CA ASP K 125 -46.75 -5.85 -11.74
C ASP K 125 -47.44 -4.57 -11.31
N ASN K 126 -48.58 -4.20 -11.89
CA ASN K 126 -49.15 -2.94 -11.46
C ASN K 126 -50.35 -3.10 -10.55
N TYR K 127 -50.52 -4.27 -9.95
CA TYR K 127 -51.57 -4.43 -8.98
C TYR K 127 -50.97 -4.44 -7.60
N THR K 128 -49.65 -4.37 -7.53
CA THR K 128 -48.98 -4.52 -6.27
C THR K 128 -49.25 -3.36 -5.35
N GLN K 129 -49.40 -2.17 -5.88
CA GLN K 129 -49.60 -1.07 -4.97
C GLN K 129 -50.94 -1.21 -4.28
N HIS K 130 -51.91 -1.77 -5.00
CA HIS K 130 -53.21 -1.97 -4.41
C HIS K 130 -53.12 -3.04 -3.34
N ILE K 131 -52.42 -4.12 -3.67
CA ILE K 131 -52.31 -5.24 -2.74
C ILE K 131 -51.59 -4.79 -1.49
N TYR K 132 -50.52 -4.03 -1.64
CA TYR K 132 -49.77 -3.58 -0.48
C TYR K 132 -50.68 -2.79 0.43
N THR K 133 -51.53 -1.95 -0.14
CA THR K 133 -52.46 -1.20 0.66
C THR K 133 -53.39 -2.15 1.41
N LEU K 134 -53.89 -3.17 0.73
CA LEU K 134 -54.79 -4.08 1.41
C LEU K 134 -54.11 -4.83 2.53
N LEU K 135 -52.84 -5.19 2.34
CA LEU K 135 -52.15 -5.92 3.37
C LEU K 135 -52.02 -5.07 4.62
N GLU K 136 -51.72 -3.78 4.46
CA GLU K 136 -51.62 -2.92 5.61
C GLU K 136 -52.94 -2.82 6.34
N VAL K 137 -54.02 -2.69 5.59
CA VAL K 137 -55.32 -2.55 6.22
C VAL K 137 -55.68 -3.79 6.99
N SER K 138 -55.44 -4.96 6.43
CA SER K 138 -55.78 -6.17 7.16
C SER K 138 -55.01 -6.24 8.45
N GLN K 139 -53.73 -5.92 8.43
CA GLN K 139 -52.97 -6.01 9.66
C GLN K 139 -53.48 -5.07 10.71
N ILE K 140 -53.90 -3.88 10.32
CA ILE K 140 -54.40 -2.95 11.29
C ILE K 140 -55.65 -3.48 11.93
N GLN K 141 -56.57 -4.01 11.12
CA GLN K 141 -57.79 -4.51 11.71
C GLN K 141 -57.52 -5.67 12.64
N GLN K 142 -56.56 -6.53 12.30
CA GLN K 142 -56.30 -7.67 13.15
C GLN K 142 -55.78 -7.22 14.50
N GLU K 143 -54.90 -6.21 14.51
CA GLU K 143 -54.37 -5.73 15.76
C GLU K 143 -55.42 -5.06 16.60
N LYS K 144 -56.31 -4.31 15.95
CA LYS K 144 -57.36 -3.64 16.66
C LYS K 144 -58.24 -4.65 17.34
N ASN K 145 -58.57 -5.72 16.63
CA ASN K 145 -59.48 -6.70 17.18
C ASN K 145 -58.84 -7.37 18.37
N GLU K 146 -57.56 -7.71 18.27
CA GLU K 146 -56.94 -8.40 19.37
C GLU K 146 -56.88 -7.54 20.61
N GLN K 147 -56.51 -6.27 20.45
CA GLN K 147 -56.42 -5.45 21.64
C GLN K 147 -57.77 -5.21 22.27
N GLU K 148 -58.83 -5.11 21.47
CA GLU K 148 -60.14 -4.93 22.10
C GLU K 148 -60.50 -6.18 22.90
N LEU K 149 -60.18 -7.35 22.37
CA LEU K 149 -60.51 -8.58 23.08
C LEU K 149 -59.77 -8.65 24.39
N LEU K 150 -58.55 -8.16 24.41
CA LEU K 150 -57.74 -8.17 25.61
C LEU K 150 -58.18 -7.16 26.66
N GLU K 151 -59.16 -6.30 26.35
CA GLU K 151 -59.65 -5.39 27.37
C GLU K 151 -60.75 -6.11 28.15
N LEU K 152 -61.16 -7.28 27.64
CA LEU K 152 -62.19 -8.08 28.26
C LEU K 152 -61.52 -9.24 28.98
N ASP K 153 -60.46 -9.76 28.34
CA ASP K 153 -59.72 -10.92 28.80
C ASP K 153 -58.27 -10.54 29.14
N ALA L 37 -60.73 -24.58 -3.45
CA ALA L 37 -60.18 -23.85 -2.31
C ALA L 37 -60.05 -22.37 -2.63
N LYS L 38 -60.21 -21.55 -1.63
CA LYS L 38 -60.05 -20.13 -1.82
C LYS L 38 -58.57 -19.81 -1.86
N LYS L 39 -58.16 -19.03 -2.85
CA LYS L 39 -56.78 -18.60 -2.99
C LYS L 39 -56.54 -17.42 -2.05
N TRP L 40 -55.36 -17.39 -1.40
CA TRP L 40 -54.97 -16.34 -0.47
C TRP L 40 -53.65 -15.71 -0.82
N VAL L 41 -53.48 -14.46 -0.46
CA VAL L 41 -52.23 -13.77 -0.72
C VAL L 41 -51.10 -14.22 0.20
N THR L 42 -49.96 -14.58 -0.39
CA THR L 42 -48.77 -14.93 0.37
C THR L 42 -47.62 -14.03 -0.04
N VAL L 43 -46.94 -13.49 0.94
CA VAL L 43 -45.83 -12.60 0.72
C VAL L 43 -44.51 -13.32 0.83
N TYR L 44 -43.65 -13.14 -0.17
CA TYR L 44 -42.35 -13.79 -0.18
C TYR L 44 -41.23 -12.77 -0.17
N TYR L 45 -40.13 -13.05 0.55
CA TYR L 45 -38.96 -12.17 0.52
C TYR L 45 -37.77 -12.72 -0.28
N GLY L 46 -37.91 -13.88 -0.87
CA GLY L 46 -36.80 -14.49 -1.60
C GLY L 46 -36.97 -14.46 -3.10
N VAL L 47 -37.75 -13.56 -3.63
CA VAL L 47 -38.04 -13.62 -5.02
C VAL L 47 -36.87 -13.12 -5.89
N PRO L 48 -36.37 -13.92 -6.84
CA PRO L 48 -35.28 -13.57 -7.73
C PRO L 48 -35.77 -12.68 -8.86
N VAL L 49 -36.19 -11.48 -8.54
CA VAL L 49 -36.76 -10.60 -9.55
C VAL L 49 -35.92 -9.38 -9.83
N TRP L 50 -35.73 -9.11 -11.12
CA TRP L 50 -34.91 -8.02 -11.62
C TRP L 50 -35.66 -6.81 -12.10
N LYS L 51 -35.02 -5.67 -11.90
CA LYS L 51 -35.44 -4.38 -12.41
C LYS L 51 -34.23 -3.65 -12.99
N GLU L 52 -34.46 -2.79 -13.96
CA GLU L 52 -33.38 -2.02 -14.58
C GLU L 52 -32.75 -1.02 -13.62
N ALA L 53 -31.44 -0.87 -13.72
CA ALA L 53 -30.72 0.08 -12.90
C ALA L 53 -30.24 1.30 -13.65
N THR L 54 -30.12 2.38 -12.90
CA THR L 54 -29.58 3.63 -13.38
C THR L 54 -28.55 4.08 -12.38
N THR L 55 -27.35 3.50 -12.44
CA THR L 55 -26.36 3.84 -11.42
C THR L 55 -25.02 4.22 -11.99
N THR L 56 -24.11 4.54 -11.09
CA THR L 56 -22.76 4.95 -11.47
C THR L 56 -21.81 3.79 -11.34
N LEU L 57 -21.08 3.51 -12.40
CA LEU L 57 -20.17 2.39 -12.42
C LEU L 57 -18.76 2.85 -12.09
N PHE L 58 -17.96 1.93 -11.57
CA PHE L 58 -16.59 2.22 -11.24
C PHE L 58 -15.76 1.95 -12.45
N CYS L 59 -14.70 2.70 -12.66
CA CYS L 59 -13.81 2.26 -13.72
C CYS L 59 -12.63 1.55 -13.09
N ALA L 60 -12.12 0.55 -13.79
CA ALA L 60 -10.94 -0.15 -13.33
C ALA L 60 -10.00 -0.42 -14.50
N SER L 61 -8.72 -0.37 -14.25
CA SER L 61 -7.78 -0.69 -15.33
C SER L 61 -6.42 -1.06 -14.82
N ASP L 62 -5.64 -1.73 -15.65
CA ASP L 62 -4.29 -2.04 -15.27
C ASP L 62 -3.36 -0.88 -15.65
N ALA L 63 -3.51 0.22 -14.94
CA ALA L 63 -2.71 1.41 -15.19
C ALA L 63 -1.28 1.13 -14.78
N LYS L 64 -0.32 1.66 -15.53
CA LYS L 64 1.09 1.50 -15.17
C LYS L 64 1.49 2.21 -13.89
N ALA L 65 0.91 3.40 -13.70
CA ALA L 65 1.13 4.29 -12.56
C ALA L 65 2.57 4.77 -12.38
N TYR L 66 3.26 5.04 -13.49
CA TYR L 66 4.60 5.60 -13.46
C TYR L 66 4.81 6.26 -14.80
N ASP L 67 4.01 5.81 -15.75
CA ASP L 67 4.05 6.29 -17.11
C ASP L 67 3.37 7.64 -17.17
N THR L 68 3.67 8.40 -18.22
CA THR L 68 3.13 9.73 -18.41
C THR L 68 2.09 9.77 -19.51
N GLU L 69 1.87 8.64 -20.15
CA GLU L 69 0.88 8.53 -21.20
C GLU L 69 -0.45 8.93 -20.60
N VAL L 70 -1.26 9.68 -21.34
CA VAL L 70 -2.45 10.23 -20.72
C VAL L 70 -3.45 9.24 -20.20
N HIS L 71 -3.62 8.10 -20.84
CA HIS L 71 -4.63 7.19 -20.33
C HIS L 71 -4.16 6.55 -19.07
N ASN L 72 -2.87 6.28 -18.99
CA ASN L 72 -2.34 5.70 -17.78
C ASN L 72 -2.37 6.72 -16.65
N VAL L 73 -2.15 7.99 -16.95
CA VAL L 73 -2.17 8.97 -15.89
C VAL L 73 -3.57 9.14 -15.37
N TRP L 74 -4.51 9.28 -16.29
CA TRP L 74 -5.89 9.45 -15.91
C TRP L 74 -6.36 8.27 -15.13
N ALA L 75 -6.11 7.08 -15.66
CA ALA L 75 -6.57 5.90 -14.99
C ALA L 75 -5.94 5.76 -13.64
N THR L 76 -4.69 6.16 -13.48
CA THR L 76 -4.06 6.01 -12.20
C THR L 76 -4.83 6.77 -11.12
N HIS L 77 -5.27 7.99 -11.39
CA HIS L 77 -6.01 8.66 -10.32
C HIS L 77 -7.53 8.46 -10.41
N ALA L 78 -8.06 8.08 -11.56
CA ALA L 78 -9.49 7.93 -11.76
C ALA L 78 -10.04 6.54 -11.48
N CYS L 79 -9.25 5.51 -11.73
CA CYS L 79 -9.68 4.13 -11.69
C CYS L 79 -9.01 3.28 -10.66
N VAL L 80 -9.63 2.16 -10.37
CA VAL L 80 -9.06 1.21 -9.43
C VAL L 80 -8.37 0.10 -10.24
N PRO L 81 -7.58 -0.78 -9.63
CA PRO L 81 -6.99 -1.94 -10.26
C PRO L 81 -8.11 -2.84 -10.64
N THR L 82 -7.91 -3.73 -11.58
CA THR L 82 -8.97 -4.63 -11.95
C THR L 82 -9.12 -5.72 -10.91
N ASP L 83 -10.25 -6.40 -10.96
CA ASP L 83 -10.56 -7.48 -10.03
C ASP L 83 -9.59 -8.62 -10.24
N PRO L 84 -8.77 -9.00 -9.23
CA PRO L 84 -7.77 -10.04 -9.31
C PRO L 84 -8.37 -11.42 -9.48
N ASN L 85 -9.66 -11.57 -9.21
CA ASN L 85 -10.31 -12.86 -9.31
C ASN L 85 -11.79 -12.72 -9.64
N PRO L 86 -12.14 -12.31 -10.87
CA PRO L 86 -13.48 -12.02 -11.29
C PRO L 86 -14.22 -13.33 -11.37
N GLN L 87 -15.54 -13.29 -11.24
CA GLN L 87 -16.38 -14.48 -11.34
C GLN L 87 -17.56 -14.22 -12.24
N GLU L 88 -18.02 -15.29 -12.88
CA GLU L 88 -19.17 -15.24 -13.76
C GLU L 88 -20.16 -16.33 -13.41
N ILE L 89 -21.42 -15.96 -13.30
CA ILE L 89 -22.43 -16.95 -13.00
C ILE L 89 -23.35 -17.15 -14.18
N VAL L 90 -23.46 -18.37 -14.68
CA VAL L 90 -24.33 -18.60 -15.81
C VAL L 90 -25.70 -18.96 -15.29
N LEU L 91 -26.73 -18.31 -15.79
CA LEU L 91 -28.07 -18.56 -15.32
C LEU L 91 -28.77 -19.50 -16.28
N GLY L 92 -29.13 -20.68 -15.84
CA GLY L 92 -29.75 -21.59 -16.78
C GLY L 92 -31.16 -21.17 -17.12
N ASN L 93 -31.52 -21.35 -18.39
CA ASN L 93 -32.86 -21.09 -18.89
C ASN L 93 -33.38 -19.70 -18.56
N VAL L 94 -32.56 -18.67 -18.65
CA VAL L 94 -33.05 -17.34 -18.35
C VAL L 94 -33.12 -16.50 -19.59
N THR L 95 -34.30 -15.96 -19.85
CA THR L 95 -34.48 -15.12 -20.99
C THR L 95 -34.64 -13.68 -20.53
N GLU L 96 -33.89 -12.79 -21.15
CA GLU L 96 -33.92 -11.37 -20.81
C GLU L 96 -33.79 -10.49 -22.05
N ASN L 97 -34.45 -9.34 -22.00
CA ASN L 97 -34.43 -8.35 -23.09
C ASN L 97 -33.39 -7.27 -22.96
N PHE L 98 -32.58 -7.16 -23.99
CA PHE L 98 -31.52 -6.18 -24.05
C PHE L 98 -31.80 -5.18 -25.15
N ASN L 99 -31.31 -3.95 -24.99
CA ASN L 99 -31.44 -2.92 -26.03
C ASN L 99 -30.26 -1.97 -25.99
N MET L 100 -29.35 -2.13 -26.93
CA MET L 100 -28.11 -1.37 -26.93
C MET L 100 -28.34 0.11 -27.19
N TRP L 101 -29.49 0.48 -27.74
CA TRP L 101 -29.72 1.88 -28.04
C TRP L 101 -30.40 2.62 -26.92
N LYS L 102 -30.72 1.90 -25.85
CA LYS L 102 -31.36 2.48 -24.69
C LYS L 102 -30.49 2.22 -23.49
N ASN L 103 -29.27 1.82 -23.77
CA ASN L 103 -28.33 1.41 -22.76
C ASN L 103 -27.61 2.61 -22.16
N ASN L 104 -27.88 2.89 -20.90
CA ASN L 104 -27.35 4.07 -20.26
C ASN L 104 -25.89 3.95 -19.84
N MET L 105 -25.30 2.80 -20.11
CA MET L 105 -23.90 2.62 -19.83
C MET L 105 -23.12 3.38 -20.87
N VAL L 106 -23.74 3.60 -22.03
CA VAL L 106 -23.05 4.26 -23.13
C VAL L 106 -22.88 5.69 -22.78
N GLU L 107 -23.93 6.29 -22.25
CA GLU L 107 -23.86 7.68 -21.93
C GLU L 107 -22.87 7.91 -20.81
N GLN L 108 -22.81 7.00 -19.86
CA GLN L 108 -21.87 7.20 -18.79
C GLN L 108 -20.43 7.09 -19.31
N MET L 109 -20.17 6.14 -20.22
CA MET L 109 -18.83 6.05 -20.75
C MET L 109 -18.49 7.32 -21.53
N HIS L 110 -19.45 7.85 -22.27
CA HIS L 110 -19.25 9.04 -23.05
C HIS L 110 -18.74 10.16 -22.16
N GLU L 111 -19.38 10.37 -21.02
CA GLU L 111 -18.88 11.42 -20.16
C GLU L 111 -17.48 11.15 -19.64
N ASP L 112 -17.15 9.89 -19.28
CA ASP L 112 -15.81 9.66 -18.78
C ASP L 112 -14.73 9.90 -19.81
N ILE L 113 -14.99 9.52 -21.05
CA ILE L 113 -14.01 9.71 -22.09
C ILE L 113 -13.79 11.17 -22.36
N ILE L 114 -14.87 11.95 -22.39
CA ILE L 114 -14.68 13.36 -22.60
C ILE L 114 -13.84 13.94 -21.50
N SER L 115 -14.14 13.58 -20.25
CA SER L 115 -13.36 14.14 -19.17
C SER L 115 -11.90 13.78 -19.32
N LEU L 116 -11.59 12.57 -19.75
CA LEU L 116 -10.20 12.21 -19.93
C LEU L 116 -9.54 13.12 -20.95
N TRP L 117 -10.18 13.27 -22.11
CA TRP L 117 -9.57 14.07 -23.15
C TRP L 117 -9.36 15.50 -22.78
N ASP L 118 -10.32 16.08 -22.11
CA ASP L 118 -10.24 17.49 -21.80
C ASP L 118 -9.24 17.80 -20.69
N GLN L 119 -8.72 16.77 -20.04
CA GLN L 119 -7.76 16.97 -18.99
C GLN L 119 -6.36 16.75 -19.50
N SER L 120 -6.23 16.32 -20.76
CA SER L 120 -4.90 15.98 -21.23
C SER L 120 -4.54 16.40 -22.66
N LEU L 121 -5.51 16.51 -23.56
CA LEU L 121 -5.20 16.90 -24.94
C LEU L 121 -5.77 18.26 -25.15
N LYS L 122 -5.02 19.25 -24.71
CA LYS L 122 -5.53 20.59 -24.71
C LYS L 122 -5.11 21.31 -25.98
N PRO L 123 -6.03 22.01 -26.64
CA PRO L 123 -5.80 22.77 -27.82
C PRO L 123 -5.08 24.02 -27.44
N CYS L 124 -4.43 24.61 -28.40
CA CYS L 124 -3.87 25.92 -28.20
C CYS L 124 -4.99 26.92 -28.06
N VAL L 125 -5.99 26.81 -28.93
CA VAL L 125 -7.15 27.68 -28.82
C VAL L 125 -8.45 26.91 -28.92
N LYS L 126 -9.33 27.11 -27.96
CA LYS L 126 -10.65 26.50 -27.98
C LYS L 126 -11.70 27.56 -28.29
N LEU L 127 -12.61 27.28 -29.23
CA LEU L 127 -13.65 28.24 -29.57
C LEU L 127 -15.04 27.65 -29.54
N THR L 128 -15.90 28.16 -28.67
CA THR L 128 -17.26 27.64 -28.55
C THR L 128 -18.28 28.78 -28.58
N PRO L 129 -19.52 28.55 -29.03
CA PRO L 129 -20.60 29.54 -29.04
C PRO L 129 -21.16 29.85 -27.65
N LEU L 130 -21.64 31.08 -27.51
CA LEU L 130 -22.34 31.57 -26.32
C LEU L 130 -23.66 32.17 -26.72
N CYS L 131 -24.79 31.65 -26.26
CA CYS L 131 -26.03 32.21 -26.78
C CYS L 131 -26.88 32.89 -25.72
N VAL L 132 -27.46 34.01 -26.15
CA VAL L 132 -28.38 34.87 -25.42
C VAL L 132 -29.77 34.26 -25.22
N CYS L 212 -25.67 34.80 -30.94
CA CYS L 212 -24.63 34.04 -30.27
C CYS L 212 -23.27 34.67 -30.48
N ASN L 213 -22.50 34.69 -29.41
CA ASN L 213 -21.13 35.20 -29.36
C ASN L 213 -20.20 34.00 -29.33
N THR L 214 -18.89 34.24 -29.27
CA THR L 214 -17.93 33.13 -29.19
C THR L 214 -16.97 33.31 -28.02
N SER L 215 -16.81 32.25 -27.27
CA SER L 215 -15.87 32.19 -26.17
C SER L 215 -14.56 31.65 -26.67
N VAL L 216 -13.49 32.42 -26.50
CA VAL L 216 -12.19 31.96 -26.99
C VAL L 216 -11.21 31.80 -25.86
N ILE L 217 -10.70 30.58 -25.71
CA ILE L 217 -9.78 30.27 -24.64
C ILE L 217 -8.40 29.87 -25.13
N THR L 218 -7.37 30.57 -24.65
CA THR L 218 -5.99 30.27 -25.05
C THR L 218 -5.33 29.47 -23.95
N GLN L 219 -4.75 28.34 -24.31
CA GLN L 219 -4.11 27.42 -23.37
C GLN L 219 -2.72 27.04 -23.83
N ALA L 220 -1.86 26.62 -22.90
CA ALA L 220 -0.54 26.11 -23.28
C ALA L 220 -0.74 24.89 -24.14
N CYS L 221 0.20 24.59 -25.04
CA CYS L 221 0.00 23.49 -25.96
C CYS L 221 1.04 22.37 -25.86
N PRO L 222 1.19 21.67 -24.73
CA PRO L 222 2.17 20.64 -24.54
C PRO L 222 1.78 19.42 -25.33
N LYS L 223 2.73 18.62 -25.73
CA LYS L 223 2.35 17.38 -26.35
C LYS L 223 2.38 16.28 -25.34
N VAL L 224 1.55 15.30 -25.55
CA VAL L 224 1.48 14.16 -24.67
C VAL L 224 1.49 12.90 -25.49
N SER L 225 1.88 11.77 -24.91
CA SER L 225 1.75 10.53 -25.65
C SER L 225 0.29 10.11 -25.52
N PHE L 226 -0.16 9.26 -26.44
CA PHE L 226 -1.55 8.89 -26.44
C PHE L 226 -1.82 7.51 -27.00
N GLU L 227 -2.13 6.59 -26.09
CA GLU L 227 -2.37 5.19 -26.38
C GLU L 227 -3.48 4.58 -25.50
N PRO L 228 -4.72 4.47 -25.99
CA PRO L 228 -5.86 3.97 -25.25
C PRO L 228 -5.60 2.62 -24.60
N ILE L 229 -5.98 2.54 -23.32
CA ILE L 229 -5.81 1.42 -22.40
C ILE L 229 -7.22 0.89 -22.15
N PRO L 230 -7.46 -0.42 -22.04
CA PRO L 230 -8.77 -0.92 -21.76
C PRO L 230 -9.26 -0.53 -20.40
N ILE L 231 -10.50 -0.08 -20.35
CA ILE L 231 -11.14 0.27 -19.10
C ILE L 231 -12.29 -0.67 -18.84
N HIS L 232 -12.35 -1.22 -17.65
CA HIS L 232 -13.41 -2.13 -17.27
C HIS L 232 -14.42 -1.38 -16.44
N TYR L 233 -15.70 -1.64 -16.63
CA TYR L 233 -16.67 -1.01 -15.76
C TYR L 233 -17.24 -1.98 -14.78
N CYS L 234 -17.32 -1.57 -13.54
CA CYS L 234 -17.81 -2.47 -12.51
C CYS L 234 -18.99 -1.88 -11.76
N ALA L 235 -19.98 -2.71 -11.48
CA ALA L 235 -21.15 -2.23 -10.78
C ALA L 235 -20.83 -2.01 -9.29
N PRO L 236 -21.47 -1.02 -8.64
CA PRO L 236 -21.42 -0.72 -7.24
C PRO L 236 -22.22 -1.72 -6.46
N ALA L 237 -21.98 -1.79 -5.17
CA ALA L 237 -22.74 -2.71 -4.36
C ALA L 237 -24.22 -2.49 -4.50
N GLY L 238 -24.94 -3.60 -4.62
CA GLY L 238 -26.39 -3.59 -4.78
C GLY L 238 -26.77 -3.79 -6.24
N PHE L 239 -25.79 -3.69 -7.13
CA PHE L 239 -26.01 -3.83 -8.55
C PHE L 239 -25.16 -4.90 -9.18
N ALA L 240 -25.64 -5.42 -10.30
CA ALA L 240 -24.89 -6.42 -11.05
C ALA L 240 -25.11 -6.24 -12.52
N ILE L 241 -24.20 -6.78 -13.32
CA ILE L 241 -24.31 -6.62 -14.75
C ILE L 241 -24.66 -7.92 -15.44
N LEU L 242 -25.68 -7.86 -16.26
CA LEU L 242 -26.09 -9.02 -17.00
C LEU L 242 -25.47 -8.98 -18.35
N LYS L 243 -24.77 -10.04 -18.66
CA LYS L 243 -24.09 -10.18 -19.91
C LYS L 243 -24.86 -11.10 -20.83
N CYS L 244 -25.11 -10.64 -22.04
CA CYS L 244 -25.75 -11.49 -23.01
C CYS L 244 -24.73 -12.27 -23.80
N ASN L 245 -24.92 -13.59 -23.88
CA ASN L 245 -23.97 -14.45 -24.58
C ASN L 245 -24.45 -14.94 -25.95
N SER L 246 -25.48 -14.28 -26.47
CA SER L 246 -26.04 -14.61 -27.78
C SER L 246 -25.10 -14.26 -28.90
N LYS L 247 -25.08 -15.09 -29.93
CA LYS L 247 -24.26 -14.89 -31.12
C LYS L 247 -25.03 -14.23 -32.25
N THR L 248 -26.25 -13.85 -31.96
CA THR L 248 -27.17 -13.21 -32.87
C THR L 248 -27.46 -11.85 -32.28
N PHE L 249 -28.31 -11.83 -31.26
CA PHE L 249 -28.60 -10.67 -30.43
C PHE L 249 -29.40 -9.51 -31.04
N ASN L 250 -29.07 -9.13 -32.29
CA ASN L 250 -29.67 -8.02 -33.06
C ASN L 250 -29.15 -6.67 -32.62
N GLY L 251 -29.23 -6.48 -31.32
CA GLY L 251 -28.92 -5.26 -30.64
C GLY L 251 -30.09 -4.93 -29.73
N SER L 252 -31.25 -5.48 -30.07
CA SER L 252 -32.47 -5.25 -29.31
C SER L 252 -33.32 -6.48 -29.01
N GLY L 253 -32.80 -7.69 -29.18
CA GLY L 253 -33.64 -8.86 -28.93
C GLY L 253 -33.41 -9.49 -27.55
N PRO L 254 -34.12 -10.59 -27.27
CA PRO L 254 -33.98 -11.38 -26.08
C PRO L 254 -32.73 -12.21 -26.16
N CYS L 255 -32.17 -12.53 -25.03
CA CYS L 255 -31.08 -13.47 -24.94
C CYS L 255 -31.56 -14.60 -24.12
N THR L 256 -31.24 -15.82 -24.50
CA THR L 256 -31.67 -17.00 -23.75
C THR L 256 -30.52 -17.61 -22.98
N ASN L 257 -29.40 -16.92 -23.04
CA ASN L 257 -28.18 -17.29 -22.35
C ASN L 257 -27.59 -16.04 -21.75
N VAL L 258 -27.81 -15.88 -20.46
CA VAL L 258 -27.44 -14.71 -19.71
C VAL L 258 -26.58 -15.10 -18.55
N SER L 259 -25.49 -14.38 -18.36
CA SER L 259 -24.63 -14.62 -17.24
C SER L 259 -24.48 -13.35 -16.43
N THR L 260 -24.13 -13.49 -15.17
CA THR L 260 -23.96 -12.31 -14.32
C THR L 260 -22.52 -12.09 -13.96
N VAL L 261 -22.08 -10.86 -14.14
CA VAL L 261 -20.72 -10.46 -13.81
C VAL L 261 -20.74 -9.21 -12.95
N GLN L 262 -19.64 -8.92 -12.27
CA GLN L 262 -19.60 -7.67 -11.54
C GLN L 262 -18.98 -6.60 -12.42
N CYS L 263 -18.05 -7.05 -13.26
CA CYS L 263 -17.31 -6.18 -14.15
C CYS L 263 -17.43 -6.58 -15.60
N THR L 264 -17.39 -5.59 -16.48
CA THR L 264 -17.38 -5.79 -17.90
C THR L 264 -15.98 -6.09 -18.31
N HIS L 265 -15.81 -6.54 -19.54
CA HIS L 265 -14.48 -6.73 -20.06
C HIS L 265 -13.92 -5.35 -20.30
N GLY L 266 -12.63 -5.27 -20.58
CA GLY L 266 -12.09 -3.95 -20.80
C GLY L 266 -12.41 -3.47 -22.19
N ILE L 267 -12.68 -2.18 -22.31
CA ILE L 267 -12.90 -1.52 -23.58
C ILE L 267 -11.93 -0.38 -23.73
N ARG L 268 -11.15 -0.36 -24.80
CA ARG L 268 -10.24 0.76 -25.02
C ARG L 268 -11.08 1.93 -25.50
N PRO L 269 -10.90 3.14 -24.97
CA PRO L 269 -11.65 4.34 -25.33
C PRO L 269 -11.15 4.92 -26.62
N VAL L 270 -11.33 4.20 -27.69
CA VAL L 270 -10.87 4.70 -28.96
C VAL L 270 -11.88 5.61 -29.59
N VAL L 271 -11.41 6.77 -29.96
CA VAL L 271 -12.22 7.76 -30.60
C VAL L 271 -11.80 7.80 -32.05
N SER L 272 -12.69 7.39 -32.92
CA SER L 272 -12.47 7.34 -34.34
C SER L 272 -13.79 7.54 -34.99
N THR L 273 -13.81 7.81 -36.28
CA THR L 273 -15.08 8.05 -36.94
C THR L 273 -15.64 6.91 -37.78
N GLN L 274 -15.31 6.85 -39.06
CA GLN L 274 -15.94 5.84 -39.92
C GLN L 274 -15.53 4.37 -39.78
N LEU L 275 -14.36 4.08 -39.22
CA LEU L 275 -13.90 2.71 -38.98
C LEU L 275 -13.58 2.61 -37.51
N LEU L 276 -14.06 1.56 -36.87
CA LEU L 276 -13.84 1.33 -35.45
C LEU L 276 -12.54 0.60 -35.29
N LEU L 277 -11.73 1.06 -34.37
CA LEU L 277 -10.45 0.44 -34.19
C LEU L 277 -10.25 -0.16 -32.82
N ASN L 278 -9.52 -1.26 -32.80
CA ASN L 278 -9.05 -1.96 -31.61
C ASN L 278 -10.18 -2.38 -30.67
N GLY L 279 -11.32 -2.79 -31.19
CA GLY L 279 -12.41 -3.26 -30.35
C GLY L 279 -12.44 -4.77 -30.32
N SER L 280 -13.55 -5.34 -29.86
CA SER L 280 -13.68 -6.78 -29.81
C SER L 280 -14.17 -7.34 -31.15
N LEU L 281 -13.96 -8.62 -31.36
CA LEU L 281 -14.46 -9.30 -32.53
C LEU L 281 -15.63 -10.19 -32.24
N ALA L 282 -16.45 -10.39 -33.26
CA ALA L 282 -17.58 -11.29 -33.22
C ALA L 282 -17.04 -12.70 -33.07
N GLU L 283 -17.76 -13.56 -32.38
CA GLU L 283 -17.25 -14.91 -32.16
C GLU L 283 -17.12 -15.79 -33.39
N GLU L 284 -18.08 -15.70 -34.30
CA GLU L 284 -18.06 -16.58 -35.45
C GLU L 284 -18.20 -15.92 -36.81
N GLU L 285 -19.11 -14.97 -36.92
CA GLU L 285 -19.48 -14.39 -38.20
C GLU L 285 -19.72 -12.91 -38.07
N ILE L 286 -19.70 -12.20 -39.18
CA ILE L 286 -19.96 -10.79 -39.11
C ILE L 286 -21.39 -10.55 -38.71
N VAL L 287 -21.56 -9.70 -37.71
CA VAL L 287 -22.89 -9.40 -37.22
C VAL L 287 -23.23 -7.97 -37.52
N ILE L 288 -24.34 -7.77 -38.18
CA ILE L 288 -24.74 -6.43 -38.50
C ILE L 288 -25.87 -6.02 -37.59
N ARG L 289 -25.65 -4.97 -36.81
CA ARG L 289 -26.64 -4.52 -35.85
C ARG L 289 -27.18 -3.15 -36.21
N SER L 290 -28.45 -2.95 -36.00
CA SER L 290 -29.03 -1.65 -36.24
C SER L 290 -30.25 -1.46 -35.38
N GLU L 291 -30.56 -0.22 -35.02
CA GLU L 291 -31.76 0.07 -34.24
C GLU L 291 -32.98 -0.24 -35.07
N ASN L 292 -32.88 0.11 -36.33
CA ASN L 292 -33.89 -0.15 -37.33
C ASN L 292 -33.21 -0.18 -38.68
N ILE L 293 -33.90 -0.63 -39.69
CA ILE L 293 -33.35 -0.59 -41.02
C ILE L 293 -34.28 0.12 -41.96
N THR L 294 -33.68 0.64 -43.02
CA THR L 294 -34.32 1.34 -44.15
C THR L 294 -34.76 2.77 -43.90
N ASP L 295 -34.59 3.30 -42.67
CA ASP L 295 -35.04 4.68 -42.47
C ASP L 295 -33.98 5.67 -42.89
N ASN L 296 -32.84 5.14 -43.30
CA ASN L 296 -31.73 5.88 -43.78
C ASN L 296 -31.31 6.96 -42.80
N ALA L 297 -31.36 6.64 -41.51
CA ALA L 297 -30.96 7.60 -40.51
C ALA L 297 -30.14 6.91 -39.47
N LYS L 298 -30.41 5.64 -39.22
CA LYS L 298 -29.69 4.98 -38.15
C LYS L 298 -28.35 4.50 -38.64
N THR L 299 -27.40 4.43 -37.71
CA THR L 299 -26.09 3.90 -37.98
C THR L 299 -26.19 2.39 -38.03
N ILE L 300 -25.57 1.80 -39.01
CA ILE L 300 -25.49 0.37 -39.10
C ILE L 300 -24.13 -0.02 -38.61
N ILE L 301 -24.09 -0.84 -37.58
CA ILE L 301 -22.83 -1.21 -36.98
C ILE L 301 -22.45 -2.59 -37.40
N VAL L 302 -21.32 -2.69 -38.06
CA VAL L 302 -20.89 -3.97 -38.55
C VAL L 302 -19.74 -4.46 -37.72
N GLN L 303 -19.93 -5.57 -37.01
CA GLN L 303 -18.88 -6.12 -36.18
C GLN L 303 -18.21 -7.26 -36.89
N LEU L 304 -16.90 -7.19 -37.03
CA LEU L 304 -16.20 -8.22 -37.76
C LEU L 304 -15.83 -9.37 -36.87
N ASN L 305 -15.70 -10.56 -37.46
CA ASN L 305 -15.25 -11.75 -36.74
C ASN L 305 -13.76 -12.01 -36.94
N GLU L 306 -13.11 -11.07 -37.59
CA GLU L 306 -11.68 -11.09 -37.88
C GLU L 306 -11.21 -9.66 -37.98
N ALA L 307 -10.07 -9.34 -37.39
CA ALA L 307 -9.58 -7.98 -37.50
C ALA L 307 -8.83 -7.80 -38.78
N VAL L 308 -8.85 -6.60 -39.30
CA VAL L 308 -8.04 -6.28 -40.48
C VAL L 308 -6.97 -5.29 -40.09
N GLU L 309 -5.73 -5.64 -40.31
CA GLU L 309 -4.67 -4.76 -39.88
C GLU L 309 -4.56 -3.51 -40.73
N ILE L 310 -4.37 -2.38 -40.07
CA ILE L 310 -4.09 -1.14 -40.77
C ILE L 310 -2.82 -0.52 -40.17
N ASN L 311 -1.86 -0.21 -41.03
CA ASN L 311 -0.59 0.34 -40.58
C ASN L 311 -0.36 1.75 -41.06
N CYS L 312 -0.39 2.69 -40.13
CA CYS L 312 -0.27 4.10 -40.51
C CYS L 312 1.04 4.71 -40.05
N THR L 313 1.62 5.51 -40.92
CA THR L 313 2.85 6.16 -40.54
C THR L 313 3.28 7.38 -41.29
N ARG L 314 4.08 8.18 -40.60
CA ARG L 314 4.78 9.31 -41.14
C ARG L 314 6.24 9.22 -40.64
N PRO L 315 7.11 8.46 -41.33
CA PRO L 315 8.46 8.07 -40.94
C PRO L 315 9.46 9.23 -41.01
N ASN L 316 10.14 9.35 -42.15
CA ASN L 316 11.12 10.40 -42.30
C ASN L 316 11.05 10.94 -43.72
N ASN L 317 11.91 11.93 -44.01
CA ASN L 317 12.02 12.65 -45.28
C ASN L 317 10.78 13.51 -45.54
N ASN L 318 9.99 13.70 -44.51
CA ASN L 318 8.80 14.52 -44.51
C ASN L 318 9.23 15.92 -44.16
N THR L 319 9.96 16.53 -45.07
CA THR L 319 10.57 17.83 -44.81
C THR L 319 10.02 19.00 -45.61
N ARG L 320 9.20 18.74 -46.61
CA ARG L 320 8.72 19.86 -47.40
C ARG L 320 7.71 20.66 -46.57
N LYS L 321 7.83 22.00 -46.58
CA LYS L 321 6.92 22.81 -45.76
C LYS L 321 5.93 23.64 -46.57
N SER L 322 6.33 24.15 -47.72
CA SER L 322 5.44 25.00 -48.51
C SER L 322 5.70 24.90 -49.99
N ILE L 323 4.67 25.28 -50.75
CA ILE L 323 4.74 25.31 -52.20
C ILE L 323 5.03 26.73 -52.67
N HIS L 324 4.35 27.67 -52.06
CA HIS L 324 4.45 29.07 -52.39
C HIS L 324 4.15 29.83 -51.12
N ILE L 325 4.52 31.11 -51.10
CA ILE L 325 4.28 31.96 -49.96
C ILE L 325 3.65 33.27 -50.41
N ASN L 340 6.64 15.91 -47.42
CA ASN L 340 5.88 16.95 -46.75
C ASN L 340 5.62 16.60 -45.32
N ILE L 341 5.81 17.58 -44.47
CA ILE L 341 5.71 17.44 -43.03
C ILE L 341 4.36 16.95 -42.51
N ARG L 342 3.27 17.20 -43.23
CA ARG L 342 1.99 16.72 -42.75
C ARG L 342 1.45 15.54 -43.57
N GLN L 343 2.29 14.95 -44.43
CA GLN L 343 1.83 13.84 -45.25
C GLN L 343 2.11 12.53 -44.56
N ALA L 344 1.12 11.66 -44.52
CA ALA L 344 1.23 10.36 -43.88
C ALA L 344 0.43 9.36 -44.69
N HIS L 345 0.68 8.07 -44.52
CA HIS L 345 -0.16 7.11 -45.25
C HIS L 345 -0.42 5.84 -44.48
N CYS L 346 -1.49 5.14 -44.86
CA CYS L 346 -1.86 3.89 -44.20
C CYS L 346 -2.02 2.70 -45.12
N ASN L 347 -1.53 1.54 -44.70
CA ASN L 347 -1.71 0.34 -45.51
C ASN L 347 -2.71 -0.64 -44.95
N ILE L 348 -3.52 -1.16 -45.86
CA ILE L 348 -4.53 -2.19 -45.65
C ILE L 348 -4.23 -3.42 -46.53
N SER L 349 -4.30 -4.62 -45.97
CA SER L 349 -4.06 -5.78 -46.83
C SER L 349 -5.18 -5.93 -47.84
N LYS L 350 -4.86 -6.06 -49.14
CA LYS L 350 -5.91 -6.15 -50.14
C LYS L 350 -6.79 -7.35 -49.97
N ALA L 351 -6.19 -8.51 -49.74
CA ALA L 351 -6.99 -9.71 -49.62
C ALA L 351 -7.93 -9.65 -48.46
N ARG L 352 -7.51 -9.07 -47.35
CA ARG L 352 -8.40 -9.08 -46.22
C ARG L 352 -9.57 -8.19 -46.53
N TRP L 353 -9.29 -7.05 -47.17
CA TRP L 353 -10.35 -6.14 -47.49
C TRP L 353 -11.39 -6.75 -48.40
N ASN L 354 -10.97 -7.43 -49.47
CA ASN L 354 -12.00 -7.96 -50.37
C ASN L 354 -12.77 -9.10 -49.73
N GLU L 355 -12.10 -9.90 -48.88
CA GLU L 355 -12.78 -11.00 -48.21
C GLU L 355 -13.81 -10.45 -47.27
N THR L 356 -13.43 -9.38 -46.57
CA THR L 356 -14.27 -8.75 -45.59
C THR L 356 -15.50 -8.21 -46.26
N LEU L 357 -15.36 -7.53 -47.38
CA LEU L 357 -16.55 -7.04 -48.02
C LEU L 357 -17.39 -8.17 -48.53
N GLY L 358 -16.79 -9.22 -49.07
CA GLY L 358 -17.64 -10.27 -49.57
C GLY L 358 -18.52 -10.84 -48.46
N GLN L 359 -17.96 -10.99 -47.27
CA GLN L 359 -18.72 -11.50 -46.14
C GLN L 359 -19.82 -10.51 -45.71
N ILE L 360 -19.49 -9.21 -45.73
CA ILE L 360 -20.48 -8.21 -45.35
C ILE L 360 -21.63 -8.21 -46.32
N VAL L 361 -21.31 -8.29 -47.60
CA VAL L 361 -22.32 -8.27 -48.63
C VAL L 361 -23.21 -9.47 -48.47
N ALA L 362 -22.62 -10.63 -48.20
CA ALA L 362 -23.43 -11.81 -48.03
C ALA L 362 -24.45 -11.60 -46.92
N LYS L 363 -24.08 -10.87 -45.87
CA LYS L 363 -25.04 -10.61 -44.81
C LYS L 363 -26.02 -9.50 -45.20
N LEU L 364 -25.58 -8.50 -45.95
CA LEU L 364 -26.51 -7.44 -46.32
C LEU L 364 -27.63 -8.00 -47.17
N GLU L 365 -27.32 -8.97 -47.99
CA GLU L 365 -28.25 -9.63 -48.87
C GLU L 365 -29.33 -10.40 -48.13
N GLU L 366 -29.12 -10.67 -46.85
CA GLU L 366 -30.13 -11.38 -46.10
C GLU L 366 -31.30 -10.45 -45.86
N GLN L 367 -31.04 -9.14 -45.75
CA GLN L 367 -32.11 -8.19 -45.52
C GLN L 367 -32.55 -7.58 -46.83
N PHE L 368 -31.61 -7.51 -47.79
CA PHE L 368 -31.88 -6.90 -49.08
C PHE L 368 -31.49 -7.84 -50.22
N PRO L 369 -32.19 -8.97 -50.39
CA PRO L 369 -31.88 -10.04 -51.33
C PRO L 369 -32.02 -9.67 -52.79
N ASN L 370 -32.74 -8.59 -53.07
CA ASN L 370 -32.97 -8.17 -54.44
C ASN L 370 -32.30 -6.85 -54.77
N LYS L 371 -31.32 -6.44 -53.99
CA LYS L 371 -30.67 -5.19 -54.30
C LYS L 371 -29.21 -5.36 -54.68
N THR L 372 -28.74 -4.49 -55.54
CA THR L 372 -27.32 -4.42 -55.88
C THR L 372 -26.66 -3.71 -54.72
N ILE L 373 -25.53 -4.20 -54.23
CA ILE L 373 -24.92 -3.54 -53.09
C ILE L 373 -23.77 -2.67 -53.52
N ILE L 374 -23.93 -1.39 -53.35
CA ILE L 374 -22.93 -0.46 -53.80
C ILE L 374 -22.27 0.19 -52.65
N PHE L 375 -20.96 0.16 -52.62
CA PHE L 375 -20.34 0.88 -51.56
C PHE L 375 -19.87 2.17 -52.20
N ASN L 376 -19.89 3.23 -51.43
CA ASN L 376 -19.44 4.50 -51.96
C ASN L 376 -18.74 5.30 -50.88
N HIS L 377 -18.16 6.42 -51.26
CA HIS L 377 -17.49 7.33 -50.35
C HIS L 377 -18.49 8.24 -49.70
N SER L 378 -18.05 9.09 -48.81
CA SER L 378 -18.97 9.97 -48.12
C SER L 378 -19.69 10.93 -49.04
N SER L 379 -20.93 11.21 -48.70
CA SER L 379 -21.79 12.14 -49.43
C SER L 379 -21.51 13.60 -49.09
N GLY L 380 -20.69 13.84 -48.08
CA GLY L 380 -20.36 15.21 -47.67
C GLY L 380 -20.55 15.43 -46.19
N GLY L 381 -20.01 16.55 -45.70
CA GLY L 381 -20.08 16.87 -44.28
C GLY L 381 -18.75 17.42 -43.80
N ASP L 382 -18.65 17.56 -42.50
CA ASP L 382 -17.44 18.06 -41.87
C ASP L 382 -16.31 17.07 -42.20
N PRO L 383 -15.04 17.49 -42.27
CA PRO L 383 -13.88 16.66 -42.54
C PRO L 383 -13.79 15.41 -41.70
N GLU L 384 -14.25 15.45 -40.46
CA GLU L 384 -14.21 14.28 -39.60
C GLU L 384 -15.15 13.17 -40.04
N ILE L 385 -16.11 13.52 -40.87
CA ILE L 385 -17.07 12.58 -41.36
C ILE L 385 -16.60 12.11 -42.70
N VAL L 386 -16.14 13.04 -43.51
CA VAL L 386 -15.73 12.67 -44.84
C VAL L 386 -14.51 11.76 -44.83
N THR L 387 -13.50 12.10 -44.06
CA THR L 387 -12.30 11.28 -43.99
C THR L 387 -12.29 10.47 -42.73
N HIS L 388 -11.45 9.48 -42.68
CA HIS L 388 -11.35 8.71 -41.48
C HIS L 388 -10.53 9.46 -40.49
N SER L 389 -10.97 9.49 -39.26
CA SER L 389 -10.22 10.19 -38.24
C SER L 389 -9.81 9.35 -37.08
N PHE L 390 -8.57 9.57 -36.66
CA PHE L 390 -7.97 8.92 -35.49
C PHE L 390 -6.82 9.70 -34.90
N ASN L 391 -6.39 9.30 -33.71
CA ASN L 391 -5.27 9.97 -33.04
C ASN L 391 -4.19 9.03 -32.53
N CYS L 392 -2.97 9.18 -33.06
CA CYS L 392 -1.86 8.36 -32.59
C CYS L 392 -0.79 9.22 -31.97
N GLY L 393 -0.60 9.13 -30.67
CA GLY L 393 0.46 9.91 -30.08
C GLY L 393 0.26 11.43 -30.10
N GLY L 394 -0.99 11.91 -30.22
CA GLY L 394 -1.20 13.35 -30.30
C GLY L 394 -1.35 13.82 -31.75
N GLU L 395 -1.10 12.96 -32.72
CA GLU L 395 -1.24 13.35 -34.10
C GLU L 395 -2.64 13.05 -34.60
N PHE L 396 -3.32 14.08 -35.11
CA PHE L 396 -4.68 13.90 -35.60
C PHE L 396 -4.65 13.62 -37.08
N PHE L 397 -5.08 12.43 -37.44
CA PHE L 397 -5.04 11.97 -38.82
C PHE L 397 -6.36 12.06 -39.49
N TYR L 398 -6.34 12.55 -40.72
CA TYR L 398 -7.48 12.60 -41.61
C TYR L 398 -7.17 11.80 -42.86
N CYS L 399 -7.67 10.58 -42.93
CA CYS L 399 -7.30 9.69 -44.03
C CYS L 399 -8.38 9.54 -45.08
N ASN L 400 -7.96 9.61 -46.31
CA ASN L 400 -8.87 9.47 -47.43
C ASN L 400 -9.15 8.01 -47.72
N THR L 401 -10.38 7.62 -47.41
CA THR L 401 -10.87 6.25 -47.51
C THR L 401 -11.55 6.00 -48.82
N THR L 402 -11.48 6.97 -49.72
CA THR L 402 -12.08 6.79 -51.02
C THR L 402 -11.67 5.48 -51.69
N PRO L 403 -10.38 5.04 -51.72
CA PRO L 403 -10.01 3.78 -52.35
C PRO L 403 -10.29 2.56 -51.45
N LEU L 404 -11.51 2.52 -50.94
CA LEU L 404 -12.16 1.52 -50.14
C LEU L 404 -13.59 1.82 -50.45
N PHE L 405 -14.49 0.87 -50.42
CA PHE L 405 -15.89 1.27 -50.61
C PHE L 405 -16.10 1.99 -51.92
N ASN L 406 -15.39 1.63 -52.96
CA ASN L 406 -15.57 2.31 -54.23
C ASN L 406 -16.38 1.46 -55.19
N SER L 407 -16.18 0.17 -55.07
CA SER L 407 -16.76 -0.84 -55.92
C SER L 407 -18.19 -1.26 -55.63
N THR L 408 -18.76 -1.95 -56.61
CA THR L 408 -20.11 -2.48 -56.56
C THR L 408 -20.16 -3.98 -56.48
N TRP L 409 -20.92 -4.47 -55.55
CA TRP L 409 -21.05 -5.88 -55.37
C TRP L 409 -22.36 -6.49 -55.80
N ASN L 410 -22.20 -7.66 -56.37
CA ASN L 410 -23.28 -8.52 -56.75
C ASN L 410 -23.02 -9.86 -56.10
N ASN L 411 -23.03 -10.91 -56.87
CA ASN L 411 -22.60 -12.17 -56.32
C ASN L 411 -21.08 -12.08 -56.05
N THR L 412 -20.40 -11.27 -56.86
CA THR L 412 -18.97 -11.09 -56.79
C THR L 412 -18.53 -9.63 -56.73
N ARG L 413 -17.23 -9.46 -56.51
CA ARG L 413 -16.52 -8.19 -56.50
C ARG L 413 -16.31 -7.69 -57.91
N THR L 414 -16.09 -6.38 -58.07
CA THR L 414 -15.74 -5.79 -59.36
C THR L 414 -14.38 -5.09 -59.30
N ASP L 415 -13.57 -5.46 -58.33
CA ASP L 415 -12.26 -4.84 -58.10
C ASP L 415 -11.24 -5.48 -59.04
N ASP L 416 -9.99 -5.04 -58.99
CA ASP L 416 -8.96 -5.65 -59.85
C ASP L 416 -8.26 -6.85 -59.23
N TYR L 417 -7.35 -7.44 -60.01
CA TYR L 417 -6.55 -8.60 -59.63
C TYR L 417 -7.44 -9.78 -59.26
N GLN L 423 -0.39 -5.34 -53.79
CA GLN L 423 -1.33 -6.19 -53.05
C GLN L 423 -1.71 -5.51 -51.77
N ASN L 424 -1.27 -4.29 -51.65
CA ASN L 424 -1.57 -3.44 -50.52
C ASN L 424 -2.45 -2.29 -50.97
N ILE L 425 -3.37 -1.88 -50.12
CA ILE L 425 -4.19 -0.72 -50.40
C ILE L 425 -3.65 0.42 -49.58
N THR L 426 -3.23 1.50 -50.22
CA THR L 426 -2.66 2.58 -49.44
C THR L 426 -3.59 3.78 -49.40
N LEU L 427 -3.84 4.28 -48.21
CA LEU L 427 -4.67 5.46 -48.05
C LEU L 427 -3.72 6.62 -47.81
N GLN L 428 -4.02 7.76 -48.38
CA GLN L 428 -3.20 8.92 -48.06
C GLN L 428 -3.86 9.70 -46.96
N CYS L 429 -3.06 10.18 -46.04
CA CYS L 429 -3.54 10.92 -44.89
C CYS L 429 -2.86 12.25 -44.67
N ARG L 430 -3.61 13.21 -44.14
CA ARG L 430 -2.98 14.45 -43.75
C ARG L 430 -3.13 14.66 -42.25
N ILE L 431 -2.14 15.30 -41.68
CA ILE L 431 -2.21 15.64 -40.26
C ILE L 431 -2.75 17.05 -40.14
N LYS L 432 -3.78 17.24 -39.32
CA LYS L 432 -4.35 18.58 -39.19
C LYS L 432 -4.24 19.15 -37.80
N GLN L 433 -4.23 20.49 -37.73
CA GLN L 433 -4.20 21.22 -36.47
C GLN L 433 -5.52 21.86 -36.11
N ILE L 434 -6.28 22.31 -37.11
CA ILE L 434 -7.55 22.94 -36.75
C ILE L 434 -8.61 21.94 -37.06
N ILE L 435 -9.25 21.49 -36.01
CA ILE L 435 -10.20 20.42 -36.12
C ILE L 435 -11.51 20.79 -35.48
N ASN L 436 -12.56 20.07 -35.80
CA ASN L 436 -13.81 20.30 -35.10
C ASN L 436 -13.77 19.45 -33.86
N MET L 437 -14.47 19.83 -32.83
CA MET L 437 -14.48 18.99 -31.65
C MET L 437 -15.55 17.91 -31.72
N TRP L 438 -15.23 16.71 -31.24
CA TRP L 438 -16.24 15.65 -31.20
C TRP L 438 -17.06 15.70 -29.94
N GLN L 439 -16.52 16.32 -28.90
CA GLN L 439 -17.15 16.37 -27.61
C GLN L 439 -18.17 17.49 -27.45
N GLY L 440 -18.34 18.31 -28.46
CA GLY L 440 -19.28 19.42 -28.38
C GLY L 440 -19.18 20.31 -29.59
N VAL L 441 -20.06 21.29 -29.67
CA VAL L 441 -20.01 22.20 -30.80
C VAL L 441 -18.92 23.22 -30.57
N GLY L 442 -18.08 23.39 -31.58
CA GLY L 442 -16.99 24.34 -31.52
C GLY L 442 -15.77 23.80 -32.23
N LYS L 443 -14.76 24.63 -32.30
CA LYS L 443 -13.51 24.32 -32.97
C LYS L 443 -12.37 24.30 -32.00
N ALA L 444 -11.32 23.60 -32.37
CA ALA L 444 -10.15 23.64 -31.54
C ALA L 444 -8.91 23.57 -32.38
N MET L 445 -7.95 24.40 -32.01
CA MET L 445 -6.68 24.43 -32.70
C MET L 445 -5.60 23.84 -31.86
N TYR L 446 -4.90 22.89 -32.41
CA TYR L 446 -3.80 22.19 -31.78
C TYR L 446 -2.47 22.64 -32.36
N ALA L 447 -1.42 22.40 -31.60
CA ALA L 447 -0.09 22.77 -32.04
C ALA L 447 0.31 21.98 -33.28
N PRO L 448 1.24 22.52 -34.10
CA PRO L 448 1.85 21.92 -35.27
C PRO L 448 2.38 20.54 -34.87
N PRO L 449 2.58 19.63 -35.85
CA PRO L 449 2.92 18.23 -35.71
C PRO L 449 4.31 17.92 -35.17
N ILE L 450 4.42 16.69 -34.69
CA ILE L 450 5.65 16.10 -34.17
C ILE L 450 6.63 15.90 -35.31
N ARG L 451 7.89 16.22 -35.09
CA ARG L 451 8.84 16.10 -36.19
C ARG L 451 8.80 14.78 -37.01
N GLY L 452 8.70 13.59 -36.41
CA GLY L 452 8.68 12.41 -37.29
C GLY L 452 8.57 11.07 -36.58
N GLN L 453 8.74 9.99 -37.35
CA GLN L 453 8.65 8.62 -36.88
C GLN L 453 7.35 8.28 -36.17
N ILE L 454 6.25 8.68 -36.77
CA ILE L 454 4.94 8.40 -36.18
C ILE L 454 4.43 7.10 -36.72
N ARG L 455 4.04 6.20 -35.84
CA ARG L 455 3.52 4.92 -36.27
C ARG L 455 2.29 4.49 -35.48
N CYS L 456 1.35 3.88 -36.17
CA CYS L 456 0.15 3.32 -35.57
C CYS L 456 0.00 1.89 -36.08
N SER L 457 -0.44 1.00 -35.22
CA SER L 457 -0.73 -0.35 -35.66
C SER L 457 -2.10 -0.70 -35.13
N SER L 458 -3.09 -0.66 -36.00
CA SER L 458 -4.44 -0.82 -35.50
C SER L 458 -5.21 -1.95 -36.12
N ASN L 459 -6.19 -2.40 -35.39
CA ASN L 459 -7.08 -3.45 -35.83
C ASN L 459 -8.44 -2.92 -36.25
N ILE L 460 -8.81 -3.05 -37.50
CA ILE L 460 -10.13 -2.61 -37.85
C ILE L 460 -11.00 -3.74 -37.37
N THR L 461 -11.92 -3.43 -36.48
CA THR L 461 -12.77 -4.45 -35.88
C THR L 461 -14.22 -4.28 -36.23
N GLY L 462 -14.51 -3.23 -36.96
CA GLY L 462 -15.88 -2.95 -37.34
C GLY L 462 -15.98 -1.67 -38.11
N LEU L 463 -17.13 -1.51 -38.74
CA LEU L 463 -17.42 -0.35 -39.57
C LEU L 463 -18.70 0.36 -39.21
N LEU L 464 -18.74 1.67 -39.41
CA LEU L 464 -19.99 2.38 -39.21
C LEU L 464 -20.51 2.86 -40.55
N LEU L 465 -21.62 2.29 -40.99
CA LEU L 465 -22.20 2.61 -42.29
C LEU L 465 -23.56 3.24 -42.20
N THR L 466 -23.91 4.04 -43.19
CA THR L 466 -25.28 4.52 -43.27
C THR L 466 -25.84 4.11 -44.60
N ARG L 467 -27.16 4.16 -44.72
CA ARG L 467 -27.81 3.72 -45.93
C ARG L 467 -28.50 4.78 -46.75
N ASP L 468 -28.26 4.73 -48.04
CA ASP L 468 -28.86 5.56 -49.06
C ASP L 468 -29.98 4.79 -49.76
N GLY L 469 -31.22 5.18 -49.48
CA GLY L 469 -32.43 4.53 -49.98
C GLY L 469 -33.39 5.57 -50.54
N GLY L 470 -34.64 5.54 -50.10
CA GLY L 470 -35.62 6.51 -50.55
C GLY L 470 -36.48 6.01 -51.69
N ARG L 471 -37.31 6.90 -52.23
CA ARG L 471 -38.29 6.50 -53.25
C ARG L 471 -37.64 6.30 -54.61
N ASP L 472 -36.38 6.69 -54.70
CA ASP L 472 -35.56 6.59 -55.89
C ASP L 472 -34.68 5.35 -55.84
N GLN L 473 -34.97 4.45 -54.90
CA GLN L 473 -34.14 3.27 -54.76
C GLN L 473 -34.52 2.21 -55.79
N ASN L 474 -34.06 2.44 -56.99
CA ASN L 474 -34.41 1.63 -58.15
C ASN L 474 -33.56 0.39 -58.35
N GLY L 475 -33.69 -0.54 -57.41
CA GLY L 475 -32.98 -1.83 -57.48
C GLY L 475 -31.57 -1.87 -56.89
N THR L 476 -31.11 -0.76 -56.35
CA THR L 476 -29.78 -0.74 -55.79
C THR L 476 -29.85 -0.20 -54.37
N GLU L 477 -28.83 -0.48 -53.59
CA GLU L 477 -28.72 0.06 -52.24
C GLU L 477 -27.33 0.62 -52.06
N THR L 478 -27.19 1.85 -51.54
CA THR L 478 -25.83 2.36 -51.41
C THR L 478 -25.41 2.59 -49.97
N PHE L 479 -24.23 2.09 -49.65
CA PHE L 479 -23.69 2.25 -48.33
C PHE L 479 -22.53 3.17 -48.32
N ARG L 480 -22.54 4.06 -47.35
CA ARG L 480 -21.46 5.00 -47.23
C ARG L 480 -20.94 4.98 -45.82
N PRO L 481 -19.66 5.25 -45.60
CA PRO L 481 -19.07 5.41 -44.30
C PRO L 481 -19.80 6.52 -43.58
N GLY L 482 -20.07 6.30 -42.31
CA GLY L 482 -20.74 7.29 -41.46
C GLY L 482 -20.00 7.44 -40.16
N GLY L 483 -20.72 7.50 -39.06
CA GLY L 483 -20.09 7.67 -37.78
C GLY L 483 -19.81 9.12 -37.50
N GLY L 484 -19.09 9.37 -36.42
CA GLY L 484 -18.81 10.72 -35.95
C GLY L 484 -19.61 11.00 -34.69
N ASN L 485 -20.65 10.23 -34.49
CA ASN L 485 -21.42 10.34 -33.27
C ASN L 485 -20.70 9.38 -32.40
N MET L 486 -19.86 9.88 -31.52
CA MET L 486 -18.95 9.02 -30.80
C MET L 486 -19.63 8.05 -29.89
N ARG L 487 -20.89 8.27 -29.56
CA ARG L 487 -21.55 7.33 -28.68
C ARG L 487 -21.62 5.95 -29.33
N ASP L 488 -21.69 5.91 -30.67
CA ASP L 488 -21.80 4.66 -31.37
C ASP L 488 -20.57 3.81 -31.20
N ASN L 489 -19.44 4.41 -30.89
CA ASN L 489 -18.21 3.66 -30.78
C ASN L 489 -18.22 2.81 -29.54
N TRP L 490 -19.02 3.19 -28.56
CA TRP L 490 -19.00 2.48 -27.31
C TRP L 490 -20.19 1.60 -27.27
N ARG L 491 -21.25 2.03 -27.93
CA ARG L 491 -22.44 1.23 -28.00
C ARG L 491 -22.13 -0.10 -28.65
N SER L 492 -21.26 -0.06 -29.65
CA SER L 492 -20.85 -1.21 -30.39
C SER L 492 -20.09 -2.24 -29.55
N GLU L 493 -19.60 -1.87 -28.36
CA GLU L 493 -18.89 -2.80 -27.50
C GLU L 493 -19.76 -3.16 -26.27
N LEU L 494 -20.54 -2.20 -25.79
CA LEU L 494 -21.36 -2.34 -24.60
C LEU L 494 -22.71 -2.99 -24.83
N TYR L 495 -23.07 -3.25 -26.06
CA TYR L 495 -24.35 -3.87 -26.38
C TYR L 495 -24.69 -5.09 -25.56
N LYS L 496 -23.70 -5.88 -25.23
CA LYS L 496 -23.89 -7.10 -24.50
C LYS L 496 -24.22 -6.91 -23.03
N TYR L 497 -24.03 -5.71 -22.48
CA TYR L 497 -24.24 -5.54 -21.04
C TYR L 497 -25.46 -4.71 -20.62
N LYS L 498 -26.11 -5.16 -19.54
CA LYS L 498 -27.24 -4.43 -18.92
C LYS L 498 -27.02 -4.33 -17.41
N VAL L 499 -27.37 -3.19 -16.79
CA VAL L 499 -27.15 -3.14 -15.33
C VAL L 499 -28.50 -3.29 -14.66
N VAL L 500 -28.58 -4.21 -13.71
CA VAL L 500 -29.82 -4.48 -13.00
C VAL L 500 -29.67 -4.47 -11.49
N LYS L 501 -30.81 -4.38 -10.84
CA LYS L 501 -30.92 -4.47 -9.39
C LYS L 501 -31.92 -5.56 -9.03
N ILE L 502 -31.82 -6.09 -7.83
CA ILE L 502 -32.73 -7.13 -7.38
C ILE L 502 -33.68 -6.60 -6.34
N GLU L 503 -34.95 -6.89 -6.52
CA GLU L 503 -36.02 -6.47 -5.62
C GLU L 503 -36.76 -7.66 -5.01
N PRO L 504 -36.28 -8.26 -3.90
CA PRO L 504 -36.67 -9.52 -3.29
C PRO L 504 -38.15 -9.75 -2.95
N LEU L 505 -38.94 -8.71 -2.78
CA LEU L 505 -40.32 -9.02 -2.47
C LEU L 505 -41.12 -9.42 -3.66
N GLY L 506 -42.11 -10.25 -3.41
CA GLY L 506 -43.06 -10.58 -4.43
C GLY L 506 -44.26 -11.23 -3.80
N ILE L 507 -45.32 -11.31 -4.59
CA ILE L 507 -46.59 -11.84 -4.13
C ILE L 507 -47.18 -12.88 -5.03
N ALA L 508 -47.67 -13.96 -4.46
CA ALA L 508 -48.32 -14.98 -5.26
C ALA L 508 -49.44 -15.57 -4.44
N PRO L 509 -50.51 -16.07 -5.04
CA PRO L 509 -51.56 -16.75 -4.34
C PRO L 509 -51.10 -18.11 -3.91
N THR L 510 -51.57 -18.55 -2.76
CA THR L 510 -51.35 -19.88 -2.22
C THR L 510 -52.65 -20.37 -1.64
N ALA L 511 -52.69 -21.60 -1.19
CA ALA L 511 -53.91 -22.11 -0.60
C ALA L 511 -53.90 -22.10 0.93
N CYS L 512 -52.98 -21.36 1.54
CA CYS L 512 -52.91 -21.31 3.01
C CYS L 512 -53.66 -20.13 3.56
N LYS L 513 -54.04 -20.19 4.81
CA LYS L 513 -54.60 -18.96 5.39
C LYS L 513 -53.89 -18.65 6.70
N ARG L 514 -53.71 -17.36 6.98
CA ARG L 514 -53.17 -16.99 8.27
C ARG L 514 -54.18 -17.29 9.34
N ARG L 515 -53.76 -17.91 10.43
CA ARG L 515 -54.72 -18.10 11.51
C ARG L 515 -54.84 -16.80 12.27
N VAL L 516 -56.08 -16.39 12.51
CA VAL L 516 -56.35 -15.17 13.22
C VAL L 516 -57.38 -15.43 14.30
N LYS M 21 -49.97 21.33 -42.63
CA LYS M 21 -48.54 21.54 -42.74
C LYS M 21 -48.23 23.02 -42.77
N LYS M 22 -47.00 23.38 -42.42
CA LYS M 22 -46.62 24.79 -42.47
C LYS M 22 -46.11 25.08 -43.86
N VAL M 23 -46.35 26.27 -44.38
CA VAL M 23 -45.80 26.63 -45.68
C VAL M 23 -45.09 27.96 -45.63
N VAL M 24 -43.95 28.04 -46.29
CA VAL M 24 -43.20 29.29 -46.39
C VAL M 24 -42.88 29.54 -47.85
N LEU M 25 -42.61 30.80 -48.22
CA LEU M 25 -42.24 31.09 -49.60
C LEU M 25 -41.06 32.03 -49.73
N GLY M 26 -40.14 31.71 -50.63
CA GLY M 26 -39.03 32.61 -50.96
C GLY M 26 -39.03 32.82 -52.46
N LYS M 27 -38.12 33.63 -52.98
CA LYS M 27 -38.07 33.82 -54.41
C LYS M 27 -36.79 33.24 -54.98
N LYS M 28 -36.78 32.99 -56.27
CA LYS M 28 -35.58 32.42 -56.86
C LYS M 28 -34.38 33.30 -56.54
N GLY M 29 -33.33 32.66 -56.05
CA GLY M 29 -32.08 33.30 -55.66
C GLY M 29 -31.97 33.62 -54.18
N ASP M 30 -33.07 33.50 -53.44
CA ASP M 30 -33.08 33.80 -52.02
C ASP M 30 -32.57 32.68 -51.14
N THR M 31 -32.54 32.97 -49.85
CA THR M 31 -32.16 31.99 -48.86
C THR M 31 -33.29 31.83 -47.88
N VAL M 32 -33.63 30.59 -47.58
CA VAL M 32 -34.71 30.32 -46.64
C VAL M 32 -34.27 29.44 -45.51
N GLU M 33 -34.74 29.73 -44.31
CA GLU M 33 -34.43 28.88 -43.18
C GLU M 33 -35.67 28.15 -42.70
N LEU M 34 -35.62 26.83 -42.78
CA LEU M 34 -36.73 25.97 -42.35
C LEU M 34 -36.31 25.45 -40.99
N THR M 35 -37.21 25.28 -40.02
CA THR M 35 -36.68 24.80 -38.74
C THR M 35 -37.37 23.65 -38.07
N CYS M 36 -36.57 22.90 -37.31
CA CYS M 36 -37.05 21.86 -36.40
C CYS M 36 -36.80 22.30 -34.96
N THR M 37 -37.62 21.85 -34.01
CA THR M 37 -37.39 22.26 -32.61
C THR M 37 -37.29 21.12 -31.59
N ALA M 38 -36.29 21.22 -30.71
CA ALA M 38 -36.15 20.30 -29.56
C ALA M 38 -36.32 21.12 -28.31
N SER M 39 -37.40 20.92 -27.59
CA SER M 39 -37.67 21.76 -26.43
C SER M 39 -36.64 21.61 -25.31
N GLN M 40 -35.99 20.46 -25.25
CA GLN M 40 -35.00 20.18 -24.23
C GLN M 40 -33.64 20.86 -24.44
N LYS M 41 -33.39 21.41 -25.63
CA LYS M 41 -32.12 22.07 -25.90
C LYS M 41 -30.88 21.20 -25.62
N LYS M 42 -30.85 19.98 -26.13
CA LYS M 42 -29.73 19.06 -25.87
C LYS M 42 -28.85 18.69 -27.07
N SER M 43 -28.94 19.42 -28.18
CA SER M 43 -28.11 19.10 -29.36
C SER M 43 -28.25 17.64 -29.75
N ILE M 44 -29.50 17.23 -29.81
CA ILE M 44 -29.99 15.94 -30.16
C ILE M 44 -29.68 15.64 -31.60
N GLN M 45 -29.44 14.38 -31.92
CA GLN M 45 -29.25 14.04 -33.31
C GLN M 45 -30.56 14.28 -34.04
N PHE M 46 -30.49 14.89 -35.21
CA PHE M 46 -31.66 15.18 -36.01
C PHE M 46 -31.34 15.09 -37.48
N HIS M 47 -32.37 14.94 -38.28
CA HIS M 47 -32.19 14.92 -39.73
C HIS M 47 -33.26 15.69 -40.47
N TRP M 48 -32.91 16.16 -41.65
CA TRP M 48 -33.85 16.70 -42.61
C TRP M 48 -33.91 15.81 -43.83
N LYS M 49 -35.13 15.56 -44.31
CA LYS M 49 -35.36 14.76 -45.52
C LYS M 49 -36.36 15.40 -46.48
N ASN M 50 -36.23 15.07 -47.75
CA ASN M 50 -37.22 15.56 -48.70
C ASN M 50 -38.41 14.58 -48.75
N SER M 51 -39.34 14.83 -49.65
CA SER M 51 -40.55 14.01 -49.80
C SER M 51 -40.28 12.59 -50.30
N ASN M 52 -39.08 12.35 -50.85
CA ASN M 52 -38.71 11.08 -51.39
C ASN M 52 -37.86 10.35 -50.39
N GLN M 53 -37.82 10.89 -49.18
CA GLN M 53 -37.06 10.38 -48.08
C GLN M 53 -35.58 10.33 -48.39
N ILE M 54 -35.08 11.36 -49.06
CA ILE M 54 -33.66 11.44 -49.33
C ILE M 54 -33.08 12.32 -48.26
N LYS M 55 -32.05 11.82 -47.59
CA LYS M 55 -31.46 12.61 -46.54
C LYS M 55 -30.80 13.82 -47.14
N ILE M 56 -31.05 14.98 -46.56
CA ILE M 56 -30.44 16.20 -47.05
C ILE M 56 -29.34 16.66 -46.15
N LEU M 57 -29.71 16.84 -44.90
CA LEU M 57 -28.83 17.43 -43.89
C LEU M 57 -29.12 16.88 -42.53
N GLY M 58 -28.10 16.69 -41.73
CA GLY M 58 -28.36 16.25 -40.36
C GLY M 58 -27.07 16.23 -39.61
N ASN M 59 -27.10 15.78 -38.37
CA ASN M 59 -25.87 15.74 -37.63
C ASN M 59 -25.49 14.37 -37.15
N GLN M 60 -24.33 14.33 -36.50
CA GLN M 60 -23.74 13.21 -35.82
C GLN M 60 -23.13 13.74 -34.56
N GLY M 61 -23.93 13.94 -33.53
CA GLY M 61 -23.40 14.63 -32.38
C GLY M 61 -23.04 16.04 -32.82
N SER M 62 -21.81 16.46 -32.57
CA SER M 62 -21.34 17.79 -32.91
C SER M 62 -21.08 18.01 -34.39
N PHE M 63 -21.00 16.95 -35.18
CA PHE M 63 -20.62 17.12 -36.56
C PHE M 63 -21.79 17.28 -37.50
N LEU M 64 -21.59 18.07 -38.53
CA LEU M 64 -22.60 18.22 -39.57
C LEU M 64 -22.34 17.21 -40.66
N THR M 65 -23.40 16.59 -41.19
CA THR M 65 -23.28 15.69 -42.33
C THR M 65 -24.18 16.15 -43.45
N LYS M 66 -23.92 15.67 -44.66
CA LYS M 66 -24.82 15.97 -45.78
C LYS M 66 -25.19 14.70 -46.47
N GLY M 67 -26.38 14.65 -47.04
CA GLY M 67 -26.80 13.46 -47.73
C GLY M 67 -26.55 13.51 -49.23
N PRO M 68 -27.00 12.52 -49.97
CA PRO M 68 -26.85 12.38 -51.40
C PRO M 68 -27.87 13.20 -52.17
N SER M 69 -27.78 14.52 -52.11
CA SER M 69 -28.80 15.29 -52.80
C SER M 69 -28.35 16.53 -53.56
N LYS M 70 -29.33 17.19 -54.17
CA LYS M 70 -29.13 18.35 -55.04
C LYS M 70 -28.89 19.61 -54.26
N LEU M 71 -29.14 19.53 -52.99
CA LEU M 71 -28.96 20.64 -52.10
C LEU M 71 -27.61 20.57 -51.41
N ASN M 72 -26.74 19.61 -51.71
CA ASN M 72 -25.52 19.62 -50.91
C ASN M 72 -24.69 20.88 -51.00
N ASP M 73 -24.72 21.55 -52.14
CA ASP M 73 -23.91 22.74 -52.29
C ASP M 73 -24.64 24.00 -51.88
N ARG M 74 -25.88 23.85 -51.42
CA ARG M 74 -26.70 24.97 -51.03
C ARG M 74 -27.21 24.87 -49.58
N ALA M 75 -27.36 23.65 -49.09
CA ALA M 75 -27.86 23.39 -47.75
C ALA M 75 -26.80 23.72 -46.70
N ASP M 76 -27.24 24.32 -45.62
CA ASP M 76 -26.39 24.66 -44.50
C ASP M 76 -27.18 24.68 -43.18
N SER M 77 -26.51 24.98 -42.07
CA SER M 77 -27.18 25.03 -40.76
C SER M 77 -26.47 25.94 -39.78
N ARG M 78 -26.93 25.95 -38.55
CA ARG M 78 -26.34 26.77 -37.51
C ARG M 78 -25.91 25.89 -36.38
N ARG M 79 -24.65 25.50 -36.38
CA ARG M 79 -24.18 24.54 -35.41
C ARG M 79 -24.34 25.10 -34.01
N SER M 80 -24.16 26.41 -33.90
CA SER M 80 -24.25 27.11 -32.65
C SER M 80 -25.61 27.06 -32.00
N LEU M 81 -26.67 26.82 -32.78
CA LEU M 81 -27.96 26.79 -32.13
C LEU M 81 -28.45 25.41 -31.87
N TRP M 82 -27.65 24.39 -32.14
CA TRP M 82 -28.16 23.05 -31.87
C TRP M 82 -28.36 22.93 -30.36
N ASP M 83 -27.54 23.65 -29.61
CA ASP M 83 -27.56 23.71 -28.17
C ASP M 83 -28.78 24.44 -27.64
N GLN M 84 -29.47 25.15 -28.52
CA GLN M 84 -30.64 25.92 -28.18
C GLN M 84 -31.90 25.19 -28.61
N GLY M 85 -31.74 23.98 -29.15
CA GLY M 85 -32.87 23.25 -29.61
C GLY M 85 -33.35 23.71 -30.97
N ASN M 86 -32.49 24.37 -31.74
CA ASN M 86 -32.90 24.85 -33.04
C ASN M 86 -32.07 24.17 -34.07
N PHE M 87 -32.73 23.49 -34.99
CA PHE M 87 -32.00 22.74 -35.97
C PHE M 87 -32.45 23.16 -37.35
N PRO M 88 -32.04 24.33 -37.83
CA PRO M 88 -32.43 24.89 -39.08
C PRO M 88 -31.81 24.22 -40.26
N LEU M 89 -32.53 24.26 -41.36
CA LEU M 89 -32.05 23.91 -42.68
C LEU M 89 -32.06 25.16 -43.49
N ILE M 90 -30.88 25.58 -43.88
CA ILE M 90 -30.74 26.80 -44.61
C ILE M 90 -30.47 26.51 -46.04
N ILE M 91 -31.34 26.94 -46.92
CA ILE M 91 -31.11 26.65 -48.32
C ILE M 91 -30.81 27.91 -49.06
N LYS M 92 -29.57 28.00 -49.53
CA LYS M 92 -29.06 29.17 -50.21
C LYS M 92 -29.36 29.09 -51.69
N ASN M 93 -29.51 30.23 -52.35
CA ASN M 93 -29.70 30.22 -53.80
C ASN M 93 -30.82 29.29 -54.27
N LEU M 94 -32.01 29.53 -53.76
CA LEU M 94 -33.19 28.74 -54.11
C LEU M 94 -33.55 28.80 -55.57
N LYS M 95 -33.97 27.65 -56.11
CA LYS M 95 -34.42 27.53 -57.49
C LYS M 95 -35.88 27.04 -57.49
N ILE M 96 -36.60 27.19 -58.59
CA ILE M 96 -38.00 26.80 -58.57
C ILE M 96 -38.17 25.31 -58.27
N GLU M 97 -37.31 24.49 -58.82
CA GLU M 97 -37.35 23.04 -58.65
C GLU M 97 -37.12 22.55 -57.22
N ASP M 98 -36.76 23.45 -56.31
CA ASP M 98 -36.54 23.08 -54.93
C ASP M 98 -37.83 23.21 -54.12
N SER M 99 -38.93 23.55 -54.79
CA SER M 99 -40.21 23.77 -54.11
C SER M 99 -40.93 22.49 -53.70
N ASP M 100 -40.29 21.75 -52.80
CA ASP M 100 -40.78 20.50 -52.24
C ASP M 100 -41.06 20.70 -50.77
N THR M 101 -41.50 19.66 -50.09
CA THR M 101 -41.64 19.81 -48.66
C THR M 101 -40.41 19.24 -48.02
N TYR M 102 -40.19 19.60 -46.77
CA TYR M 102 -39.07 19.11 -46.01
C TYR M 102 -39.52 18.61 -44.66
N ILE M 103 -38.96 17.47 -44.28
CA ILE M 103 -39.34 16.76 -43.08
C ILE M 103 -38.28 16.72 -42.01
N CYS M 104 -38.67 17.08 -40.80
CA CYS M 104 -37.81 17.04 -39.64
C CYS M 104 -37.83 15.69 -38.99
N GLU M 105 -36.71 15.26 -38.46
CA GLU M 105 -36.70 14.06 -37.64
C GLU M 105 -36.13 14.28 -36.26
N VAL M 106 -36.53 15.36 -35.61
CA VAL M 106 -36.07 15.56 -34.26
C VAL M 106 -36.86 14.63 -33.38
N GLU M 107 -36.16 13.82 -32.59
CA GLU M 107 -36.80 12.83 -31.74
C GLU M 107 -37.65 11.94 -32.65
N ASP M 108 -38.94 11.84 -32.36
CA ASP M 108 -39.86 11.06 -33.14
C ASP M 108 -40.94 11.92 -33.76
N GLN M 109 -40.70 13.23 -33.85
CA GLN M 109 -41.70 14.13 -34.38
C GLN M 109 -41.44 14.51 -35.82
N LYS M 110 -42.19 13.89 -36.74
CA LYS M 110 -41.96 14.13 -38.15
C LYS M 110 -42.67 15.38 -38.64
N GLU M 111 -42.18 16.51 -38.18
CA GLU M 111 -42.77 17.80 -38.53
C GLU M 111 -42.48 18.13 -39.98
N GLU M 112 -43.43 18.74 -40.66
CA GLU M 112 -43.20 19.03 -42.07
C GLU M 112 -43.63 20.43 -42.50
N VAL M 113 -42.74 21.02 -43.28
CA VAL M 113 -42.94 22.34 -43.86
C VAL M 113 -42.77 22.32 -45.37
N GLN M 114 -43.67 22.98 -46.05
CA GLN M 114 -43.63 23.13 -47.48
C GLN M 114 -42.89 24.37 -47.89
N LEU M 115 -41.98 24.23 -48.82
CA LEU M 115 -41.26 25.37 -49.33
C LEU M 115 -41.65 25.71 -50.73
N LEU M 116 -42.05 26.93 -50.95
CA LEU M 116 -42.33 27.37 -52.28
C LEU M 116 -41.26 28.36 -52.65
N VAL M 117 -40.83 28.37 -53.89
CA VAL M 117 -39.85 29.35 -54.28
C VAL M 117 -40.46 30.37 -55.24
N GLN N 1 4.15 36.78 -52.00
CA GLN N 1 3.09 36.99 -52.98
C GLN N 1 2.14 38.07 -52.53
N VAL N 2 2.36 38.56 -51.33
CA VAL N 2 1.45 39.55 -50.78
C VAL N 2 2.09 40.82 -50.29
N GLN N 3 1.23 41.82 -50.19
CA GLN N 3 1.53 43.15 -49.73
C GLN N 3 0.48 43.61 -48.76
N LEU N 4 0.86 44.55 -47.91
CA LEU N 4 -0.05 45.17 -46.97
C LEU N 4 0.09 46.66 -47.19
N LEU N 5 -0.98 47.33 -47.50
CA LEU N 5 -0.87 48.74 -47.80
C LEU N 5 -1.48 49.62 -46.74
N GLU N 6 -0.66 50.55 -46.26
CA GLU N 6 -0.94 51.49 -45.20
C GLU N 6 -1.93 52.59 -45.60
N SER N 7 -2.25 53.49 -44.66
CA SER N 7 -3.23 54.54 -44.90
C SER N 7 -2.73 55.92 -44.48
N GLY N 8 -3.66 56.87 -44.39
CA GLY N 8 -3.32 58.24 -44.04
C GLY N 8 -2.97 58.42 -42.57
N ALA N 9 -2.10 59.39 -42.30
CA ALA N 9 -1.68 59.69 -40.94
C ALA N 9 -2.85 60.27 -40.16
N GLU N 10 -2.84 60.04 -38.86
CA GLU N 10 -3.91 60.56 -38.00
C GLU N 10 -3.33 61.18 -36.74
N VAL N 11 -3.84 62.34 -36.37
CA VAL N 11 -3.40 63.02 -35.16
C VAL N 11 -4.57 63.31 -34.22
N LYS N 12 -4.42 62.95 -32.94
CA LYS N 12 -5.47 63.18 -31.95
C LYS N 12 -5.01 63.67 -30.59
N LYS N 13 -5.86 64.37 -29.90
CA LYS N 13 -5.49 64.75 -28.55
C LYS N 13 -5.41 63.48 -27.69
N PRO N 14 -4.44 63.35 -26.76
CA PRO N 14 -4.32 62.22 -25.86
C PRO N 14 -5.62 62.05 -25.12
N GLY N 15 -6.00 60.81 -24.89
CA GLY N 15 -7.22 60.42 -24.23
C GLY N 15 -8.26 60.00 -25.25
N SER N 16 -8.01 60.35 -26.52
CA SER N 16 -8.90 60.01 -27.61
C SER N 16 -8.51 58.71 -28.26
N SER N 17 -8.97 58.52 -29.48
CA SER N 17 -8.72 57.27 -30.19
C SER N 17 -8.46 57.49 -31.66
N VAL N 18 -7.72 56.54 -32.21
CA VAL N 18 -7.37 56.50 -33.62
C VAL N 18 -7.62 55.14 -34.22
N LYS N 19 -7.71 55.10 -35.54
CA LYS N 19 -7.85 53.81 -36.17
C LYS N 19 -7.10 53.77 -37.48
N VAL N 20 -6.27 52.76 -37.63
CA VAL N 20 -5.49 52.61 -38.84
C VAL N 20 -5.72 51.23 -39.37
N SER N 21 -5.43 51.03 -40.63
CA SER N 21 -5.64 49.73 -41.20
C SER N 21 -4.75 49.49 -42.38
N CYS N 22 -4.67 48.23 -42.79
CA CYS N 22 -3.91 47.90 -43.98
C CYS N 22 -4.73 47.07 -44.95
N LYS N 23 -4.63 47.41 -46.21
CA LYS N 23 -5.31 46.62 -47.22
C LYS N 23 -4.43 45.45 -47.54
N ALA N 24 -4.95 44.24 -47.43
CA ALA N 24 -4.13 43.09 -47.72
C ALA N 24 -4.45 42.58 -49.11
N SER N 25 -3.43 42.25 -49.88
CA SER N 25 -3.68 41.75 -51.23
C SER N 25 -2.59 40.83 -51.77
N GLY N 26 -2.94 40.10 -52.85
CA GLY N 26 -2.02 39.19 -53.58
C GLY N 26 -2.23 37.69 -53.31
N ASP N 27 -2.97 37.38 -52.26
CA ASP N 27 -3.28 36.00 -51.86
C ASP N 27 -4.58 36.02 -51.09
N THR N 28 -5.05 34.87 -50.67
CA THR N 28 -6.27 34.78 -49.90
C THR N 28 -6.06 35.33 -48.50
N PHE N 29 -6.93 36.22 -48.07
CA PHE N 29 -6.78 36.86 -46.77
C PHE N 29 -6.72 35.83 -45.65
N ILE N 30 -7.59 34.85 -45.73
CA ILE N 30 -7.72 33.79 -44.74
C ILE N 30 -6.50 32.87 -44.72
N ARG N 31 -5.71 32.87 -45.77
CA ARG N 31 -4.55 32.01 -45.88
C ARG N 31 -3.37 32.47 -45.03
N TYR N 32 -3.38 33.71 -44.53
CA TYR N 32 -2.21 34.11 -43.76
C TYR N 32 -2.56 34.98 -42.55
N SER N 33 -1.66 34.95 -41.56
CA SER N 33 -1.87 35.66 -40.28
C SER N 33 -1.35 37.06 -40.31
N PHE N 34 -1.88 37.91 -39.43
CA PHE N 34 -1.41 39.29 -39.39
C PHE N 34 -1.02 39.80 -38.01
N THR N 35 -0.04 40.69 -37.98
CA THR N 35 0.37 41.35 -36.77
C THR N 35 0.51 42.83 -36.96
N TRP N 36 0.53 43.52 -35.84
CA TRP N 36 0.85 44.92 -35.85
C TRP N 36 2.08 45.15 -35.01
N VAL N 37 2.94 46.02 -35.54
CA VAL N 37 4.20 46.42 -34.93
C VAL N 37 4.34 47.93 -34.92
N ARG N 38 4.90 48.45 -33.85
CA ARG N 38 5.09 49.88 -33.71
C ARG N 38 6.52 50.37 -33.75
N GLN N 39 6.76 51.43 -34.54
CA GLN N 39 8.07 52.08 -34.60
C GLN N 39 8.01 53.52 -34.10
N ALA N 40 8.46 53.77 -32.88
CA ALA N 40 8.40 55.13 -32.38
C ALA N 40 9.66 55.84 -32.88
N PRO N 41 9.67 57.15 -33.12
CA PRO N 41 10.85 57.83 -33.60
C PRO N 41 12.02 57.65 -32.67
N GLY N 42 13.15 57.21 -33.23
CA GLY N 42 14.40 57.03 -32.51
C GLY N 42 14.41 55.77 -31.65
N GLN N 43 13.34 55.00 -31.69
CA GLN N 43 13.21 53.83 -30.85
C GLN N 43 13.34 52.55 -31.62
N GLY N 44 13.25 51.43 -30.91
CA GLY N 44 13.26 50.14 -31.57
C GLY N 44 11.81 49.79 -31.88
N LEU N 45 11.58 48.57 -32.31
CA LEU N 45 10.24 48.12 -32.66
C LEU N 45 9.55 47.39 -31.53
N GLU N 46 8.21 47.48 -31.47
CA GLU N 46 7.44 46.73 -30.48
C GLU N 46 6.25 45.96 -31.05
N TRP N 47 5.96 44.81 -30.47
CA TRP N 47 4.82 44.00 -30.88
C TRP N 47 3.56 44.60 -30.31
N MET N 48 2.53 44.81 -31.13
CA MET N 48 1.28 45.34 -30.58
C MET N 48 0.36 44.19 -30.31
N GLY N 49 0.29 43.29 -31.29
CA GLY N 49 -0.58 42.14 -31.22
C GLY N 49 -0.61 41.32 -32.51
N ARG N 50 -1.31 40.19 -32.45
CA ARG N 50 -1.46 39.23 -33.55
C ARG N 50 -2.87 38.75 -33.72
N ILE N 51 -3.32 38.64 -34.95
CA ILE N 51 -4.64 38.14 -35.24
C ILE N 51 -4.65 36.99 -36.25
N ILE N 52 -5.42 35.98 -35.90
CA ILE N 52 -5.65 34.82 -36.72
C ILE N 52 -6.93 35.12 -37.46
N THR N 53 -6.91 35.01 -38.78
CA THR N 53 -8.10 35.33 -39.56
C THR N 53 -8.98 34.13 -39.87
N ILE N 54 -8.44 32.94 -39.72
CA ILE N 54 -9.14 31.68 -39.94
C ILE N 54 -10.12 31.48 -38.81
N LEU N 55 -9.63 31.72 -37.64
CA LEU N 55 -10.33 31.65 -36.40
C LEU N 55 -10.23 33.05 -35.92
N ASP N 56 -11.32 33.76 -35.69
CA ASP N 56 -11.11 35.17 -35.36
C ASP N 56 -10.68 35.31 -33.91
N VAL N 57 -9.37 35.20 -33.76
CA VAL N 57 -8.67 35.17 -32.49
C VAL N 57 -7.53 36.16 -32.46
N ALA N 58 -7.40 36.93 -31.38
CA ALA N 58 -6.27 37.84 -31.34
C ALA N 58 -5.67 37.90 -29.97
N HIS N 59 -4.38 38.20 -29.95
CA HIS N 59 -3.63 38.34 -28.73
C HIS N 59 -2.89 39.66 -28.74
N TYR N 60 -2.68 40.23 -27.56
CA TYR N 60 -2.04 41.53 -27.47
C TYR N 60 -0.85 41.51 -26.57
N ALA N 61 0.07 42.44 -26.81
CA ALA N 61 1.19 42.58 -25.90
C ALA N 61 0.58 42.96 -24.55
N PRO N 62 1.08 42.44 -23.43
CA PRO N 62 0.58 42.61 -22.06
C PRO N 62 0.53 44.03 -21.52
N HIS N 63 1.26 44.96 -22.10
CA HIS N 63 1.20 46.32 -21.62
C HIS N 63 0.16 47.18 -22.36
N LEU N 64 -0.44 46.62 -23.42
CA LEU N 64 -1.33 47.37 -24.28
C LEU N 64 -2.84 47.11 -24.25
N GLN N 65 -3.30 46.05 -23.59
CA GLN N 65 -4.71 45.63 -23.71
C GLN N 65 -5.77 46.63 -23.27
N GLY N 66 -5.39 47.63 -22.46
CA GLY N 66 -6.32 48.65 -22.03
C GLY N 66 -6.45 49.73 -23.09
N ARG N 67 -5.64 49.60 -24.14
CA ARG N 67 -5.57 50.53 -25.25
C ARG N 67 -5.75 49.91 -26.65
N VAL N 68 -5.38 48.65 -26.86
CA VAL N 68 -5.41 48.12 -28.22
C VAL N 68 -6.41 47.02 -28.52
N THR N 69 -7.08 47.19 -29.65
CA THR N 69 -7.98 46.20 -30.21
C THR N 69 -7.57 45.89 -31.66
N ILE N 70 -7.44 44.62 -31.99
CA ILE N 70 -7.09 44.22 -33.35
C ILE N 70 -8.20 43.40 -33.94
N THR N 71 -8.63 43.81 -35.11
CA THR N 71 -9.70 43.13 -35.82
C THR N 71 -9.32 42.91 -37.26
N ALA N 72 -10.12 42.13 -37.95
CA ALA N 72 -9.89 41.91 -39.36
C ALA N 72 -11.22 41.66 -40.02
N ASP N 73 -11.29 41.98 -41.30
CA ASP N 73 -12.51 41.72 -42.03
C ASP N 73 -12.20 41.11 -43.40
N LYS N 74 -12.50 39.83 -43.51
CA LYS N 74 -12.16 39.05 -44.69
C LYS N 74 -12.92 39.50 -45.92
N SER N 75 -14.00 40.23 -45.73
CA SER N 75 -14.79 40.68 -46.86
C SER N 75 -14.22 41.96 -47.47
N THR N 76 -13.26 42.59 -46.77
CA THR N 76 -12.68 43.83 -47.24
C THR N 76 -11.21 43.53 -47.41
N SER N 77 -10.83 42.39 -46.85
CA SER N 77 -9.47 41.87 -46.79
C SER N 77 -8.60 42.94 -46.19
N THR N 78 -9.08 43.44 -45.06
CA THR N 78 -8.41 44.52 -44.34
C THR N 78 -8.08 44.16 -42.91
N VAL N 79 -6.88 44.57 -42.53
CA VAL N 79 -6.30 44.38 -41.23
C VAL N 79 -6.51 45.66 -40.44
N TYR N 80 -7.11 45.61 -39.25
CA TYR N 80 -7.37 46.87 -38.53
C TYR N 80 -6.77 46.95 -37.14
N LEU N 81 -6.32 48.15 -36.79
CA LEU N 81 -5.82 48.45 -35.45
C LEU N 81 -6.51 49.64 -34.83
N GLU N 82 -7.14 49.41 -33.69
CA GLU N 82 -7.80 50.49 -33.01
C GLU N 82 -7.11 50.80 -31.71
N LEU N 83 -6.80 52.06 -31.52
CA LEU N 83 -6.14 52.49 -30.31
C LEU N 83 -7.04 53.46 -29.58
N ARG N 84 -7.28 53.17 -28.32
CA ARG N 84 -8.15 53.98 -27.48
C ARG N 84 -7.38 54.40 -26.27
N ASN N 85 -7.83 55.43 -25.56
CA ASN N 85 -7.11 55.88 -24.38
C ASN N 85 -5.67 56.19 -24.78
N LEU N 86 -5.55 56.87 -25.92
CA LEU N 86 -4.31 57.25 -26.58
C LEU N 86 -3.41 58.15 -25.76
N ARG N 87 -2.11 57.88 -25.78
CA ARG N 87 -1.16 58.72 -25.05
C ARG N 87 -0.12 59.30 -25.99
N SER N 88 0.58 60.36 -25.57
CA SER N 88 1.62 60.95 -26.42
C SER N 88 2.80 60.00 -26.60
N ASP N 89 2.88 59.03 -25.68
CA ASP N 89 3.87 57.98 -25.63
C ASP N 89 3.68 57.03 -26.79
N ASP N 90 2.50 57.06 -27.39
CA ASP N 90 2.13 56.18 -28.46
C ASP N 90 2.39 56.82 -29.81
N THR N 91 3.04 58.00 -29.84
CA THR N 91 3.35 58.56 -31.13
C THR N 91 4.32 57.62 -31.80
N ALA N 92 3.94 57.14 -32.97
CA ALA N 92 4.74 56.15 -33.68
C ALA N 92 4.20 55.87 -35.06
N VAL N 93 5.00 55.19 -35.85
CA VAL N 93 4.48 54.66 -37.08
C VAL N 93 4.00 53.23 -36.81
N TYR N 94 2.77 52.97 -37.16
CA TYR N 94 2.21 51.65 -36.93
C TYR N 94 2.12 50.92 -38.22
N PHE N 95 2.48 49.66 -38.21
CA PHE N 95 2.38 48.94 -39.44
C PHE N 95 1.97 47.52 -39.32
N CYS N 96 1.40 47.05 -40.42
CA CYS N 96 0.94 45.70 -40.50
C CYS N 96 1.99 44.84 -41.09
N ALA N 97 1.93 43.60 -40.71
CA ALA N 97 2.78 42.62 -41.29
C ALA N 97 2.06 41.30 -41.32
N GLY N 98 2.45 40.42 -42.23
CA GLY N 98 1.83 39.12 -42.20
C GLY N 98 2.76 37.95 -42.46
N VAL N 99 2.26 36.77 -42.12
CA VAL N 99 2.98 35.54 -42.36
C VAL N 99 2.09 34.43 -42.87
N TYR N 100 2.53 33.79 -43.93
CA TYR N 100 1.84 32.71 -44.60
C TYR N 100 1.71 31.46 -43.77
N GLU N 101 0.53 30.84 -43.82
CA GLU N 101 0.31 29.56 -43.17
C GLU N 101 0.04 28.53 -44.27
N GLY N 102 0.54 27.31 -44.10
CA GLY N 102 0.46 26.26 -45.11
C GLY N 102 -0.90 25.58 -45.31
N GLU N 103 -1.86 26.35 -45.81
CA GLU N 103 -3.26 25.91 -46.02
C GLU N 103 -3.93 25.57 -44.70
N ALA N 104 -3.77 26.50 -43.78
CA ALA N 104 -4.38 26.45 -42.46
C ALA N 104 -5.87 26.60 -42.57
N ASP N 105 -6.32 27.13 -43.68
CA ASP N 105 -7.71 27.34 -43.95
C ASP N 105 -8.41 26.04 -44.29
N GLU N 106 -7.63 24.98 -44.51
CA GLU N 106 -8.11 23.63 -44.74
C GLU N 106 -7.73 22.78 -43.52
N GLY N 107 -7.28 23.44 -42.44
CA GLY N 107 -6.85 22.85 -41.19
C GLY N 107 -5.33 22.70 -40.95
N GLU N 108 -4.48 22.95 -41.95
CA GLU N 108 -3.04 22.75 -41.75
C GLU N 108 -2.30 23.99 -41.26
N TYR N 109 -2.48 24.28 -39.99
CA TYR N 109 -1.92 25.47 -39.34
C TYR N 109 -0.49 25.26 -38.81
N ASP N 110 0.40 26.19 -39.15
CA ASP N 110 1.82 26.18 -38.78
C ASP N 110 2.15 26.98 -37.55
N ASN N 111 1.34 27.99 -37.27
CA ASN N 111 1.58 28.89 -36.17
C ASN N 111 2.91 29.58 -36.34
N ASN N 112 3.15 30.12 -37.53
CA ASN N 112 4.42 30.77 -37.76
C ASN N 112 4.59 32.00 -36.89
N GLY N 113 5.71 32.04 -36.18
CA GLY N 113 6.03 33.08 -35.21
C GLY N 113 6.93 34.21 -35.71
N PHE N 114 7.16 34.25 -37.01
CA PHE N 114 8.02 35.24 -37.61
C PHE N 114 7.26 35.96 -38.69
N LEU N 115 7.67 37.16 -39.05
CA LEU N 115 6.96 37.87 -40.10
C LEU N 115 7.74 37.93 -41.38
N LYS N 116 7.02 38.00 -42.51
CA LYS N 116 7.67 38.12 -43.80
C LYS N 116 7.21 39.30 -44.65
N HIS N 117 5.94 39.66 -44.56
CA HIS N 117 5.44 40.68 -45.47
C HIS N 117 5.09 41.92 -44.68
N TRP N 118 5.56 43.07 -45.13
CA TRP N 118 5.29 44.34 -44.44
C TRP N 118 4.79 45.46 -45.29
N GLY N 119 4.00 46.32 -44.68
CA GLY N 119 3.59 47.55 -45.32
C GLY N 119 4.59 48.63 -44.94
N GLN N 120 4.30 49.90 -45.26
CA GLN N 120 5.25 50.95 -44.92
C GLN N 120 4.93 51.60 -43.58
N GLY N 121 3.70 51.47 -43.15
CA GLY N 121 3.28 52.06 -41.90
C GLY N 121 2.58 53.37 -42.01
N THR N 122 1.71 53.61 -41.03
CA THR N 122 0.88 54.78 -40.93
C THR N 122 1.28 55.56 -39.68
N LEU N 123 1.53 56.84 -39.83
CA LEU N 123 1.92 57.63 -38.68
C LEU N 123 0.76 58.08 -37.82
N VAL N 124 0.89 57.83 -36.52
CA VAL N 124 -0.05 58.25 -35.51
C VAL N 124 0.63 59.21 -34.55
N THR N 125 0.04 60.38 -34.40
CA THR N 125 0.61 61.40 -33.53
C THR N 125 -0.46 61.96 -32.62
N VAL N 126 -0.04 62.81 -31.70
CA VAL N 126 -1.01 63.42 -30.83
C VAL N 126 -0.91 64.92 -30.87
N THR N 127 -1.95 65.58 -30.39
CA THR N 127 -1.97 67.03 -30.33
C THR N 127 -2.74 67.62 -29.17
N LYS O 21 0.55 -68.36 0.82
CA LYS O 21 1.58 -67.42 0.44
C LYS O 21 1.92 -67.56 -1.02
N LYS O 22 2.40 -66.49 -1.63
CA LYS O 22 2.82 -66.59 -3.00
C LYS O 22 4.12 -67.36 -3.00
N VAL O 23 4.37 -68.17 -4.01
CA VAL O 23 5.67 -68.83 -4.04
C VAL O 23 6.41 -68.48 -5.32
N VAL O 24 7.64 -68.06 -5.14
CA VAL O 24 8.54 -67.67 -6.20
C VAL O 24 9.75 -68.57 -6.18
N LEU O 25 10.11 -69.08 -7.35
CA LEU O 25 11.23 -69.98 -7.42
C LEU O 25 12.33 -69.50 -8.35
N GLY O 26 13.55 -69.93 -8.05
CA GLY O 26 14.70 -69.68 -8.90
C GLY O 26 15.86 -70.55 -8.45
N LYS O 27 17.02 -70.41 -9.08
CA LYS O 27 18.17 -71.21 -8.73
C LYS O 27 19.27 -70.35 -8.15
N LYS O 28 20.20 -70.99 -7.45
CA LYS O 28 21.30 -70.25 -6.91
C LYS O 28 22.00 -69.52 -8.04
N GLY O 29 22.24 -68.22 -7.85
CA GLY O 29 22.87 -67.33 -8.80
C GLY O 29 21.88 -66.52 -9.64
N ASP O 30 20.60 -66.86 -9.59
CA ASP O 30 19.60 -66.16 -10.39
C ASP O 30 19.11 -64.87 -9.77
N THR O 31 18.22 -64.19 -10.49
CA THR O 31 17.62 -62.98 -9.99
C THR O 31 16.13 -63.12 -10.02
N VAL O 32 15.48 -62.74 -8.94
CA VAL O 32 14.03 -62.79 -8.89
C VAL O 32 13.43 -61.49 -8.47
N GLU O 33 12.16 -61.30 -8.83
CA GLU O 33 11.43 -60.12 -8.41
C GLU O 33 10.23 -60.50 -7.57
N LEU O 34 10.22 -60.02 -6.35
CA LEU O 34 9.14 -60.28 -5.43
C LEU O 34 8.36 -58.98 -5.41
N THR O 35 7.03 -59.01 -5.25
CA THR O 35 6.37 -57.71 -5.27
C THR O 35 5.35 -57.44 -4.22
N CYS O 36 5.21 -56.14 -3.93
CA CYS O 36 4.12 -55.62 -3.10
C CYS O 36 3.26 -54.72 -3.99
N THR O 37 1.95 -54.61 -3.74
CA THR O 37 1.17 -53.66 -4.58
C THR O 37 0.21 -52.74 -3.81
N ALA O 38 0.18 -51.45 -4.18
CA ALA O 38 -0.80 -50.52 -3.59
C ALA O 38 -1.94 -50.28 -4.57
N SER O 39 -3.13 -50.06 -4.05
CA SER O 39 -4.28 -49.72 -4.90
C SER O 39 -4.31 -48.23 -5.25
N GLN O 40 -3.43 -47.49 -4.59
CA GLN O 40 -3.34 -46.05 -4.70
C GLN O 40 -2.81 -45.49 -6.00
N LYS O 41 -1.95 -46.23 -6.71
CA LYS O 41 -1.31 -45.77 -7.94
C LYS O 41 -0.53 -44.47 -7.72
N LYS O 42 0.13 -44.41 -6.58
CA LYS O 42 0.96 -43.31 -6.12
C LYS O 42 2.14 -43.90 -5.41
N SER O 43 3.21 -43.14 -5.22
CA SER O 43 4.27 -43.66 -4.39
C SER O 43 3.84 -43.60 -2.94
N ILE O 44 3.91 -44.75 -2.28
CA ILE O 44 3.51 -44.97 -0.91
C ILE O 44 4.70 -45.44 -0.10
N GLN O 45 4.81 -45.02 1.15
CA GLN O 45 5.89 -45.56 1.94
C GLN O 45 5.69 -47.06 2.04
N PHE O 46 6.73 -47.82 1.83
CA PHE O 46 6.59 -49.24 1.95
C PHE O 46 7.87 -49.84 2.45
N HIS O 47 7.74 -51.03 2.99
CA HIS O 47 8.89 -51.79 3.45
C HIS O 47 8.86 -53.25 3.12
N TRP O 48 10.05 -53.81 2.98
CA TRP O 48 10.21 -55.24 2.89
C TRP O 48 11.01 -55.72 4.07
N LYS O 49 10.55 -56.82 4.68
CA LYS O 49 11.23 -57.46 5.81
C LYS O 49 11.32 -58.96 5.67
N ASN O 50 12.31 -59.55 6.30
CA ASN O 50 12.38 -61.01 6.30
C ASN O 50 11.54 -61.57 7.46
N SER O 51 11.58 -62.89 7.65
CA SER O 51 10.80 -63.56 8.68
C SER O 51 11.25 -63.28 10.11
N ASN O 52 12.43 -62.70 10.26
CA ASN O 52 13.03 -62.40 11.54
C ASN O 52 12.90 -60.93 11.82
N GLN O 53 12.05 -60.27 11.04
CA GLN O 53 11.81 -58.86 11.14
C GLN O 53 13.04 -58.01 10.95
N ILE O 54 13.87 -58.37 9.97
CA ILE O 54 15.01 -57.58 9.62
C ILE O 54 14.62 -56.80 8.40
N LYS O 55 14.84 -55.50 8.41
CA LYS O 55 14.46 -54.70 7.27
C LYS O 55 15.39 -54.98 6.12
N ILE O 56 14.84 -55.00 4.92
CA ILE O 56 15.65 -55.21 3.75
C ILE O 56 15.67 -53.94 2.93
N LEU O 57 14.49 -53.49 2.51
CA LEU O 57 14.30 -52.30 1.66
C LEU O 57 13.15 -51.42 2.09
N GLY O 58 13.22 -50.15 1.73
CA GLY O 58 12.03 -49.33 1.89
C GLY O 58 12.08 -47.97 1.22
N ASN O 59 10.94 -47.32 1.21
CA ASN O 59 10.78 -46.00 0.60
C ASN O 59 10.68 -44.84 1.55
N GLN O 60 11.71 -44.03 1.62
CA GLN O 60 11.69 -42.89 2.51
C GLN O 60 11.54 -41.65 1.69
N GLY O 61 10.34 -41.11 1.63
CA GLY O 61 10.18 -39.99 0.72
C GLY O 61 10.33 -40.54 -0.68
N SER O 62 11.33 -40.08 -1.40
CA SER O 62 11.63 -40.50 -2.76
C SER O 62 12.85 -41.41 -2.82
N PHE O 63 13.45 -41.71 -1.67
CA PHE O 63 14.73 -42.40 -1.62
C PHE O 63 14.62 -43.87 -1.29
N LEU O 64 15.54 -44.66 -1.79
CA LEU O 64 15.58 -46.06 -1.41
C LEU O 64 16.52 -46.28 -0.25
N THR O 65 15.99 -46.85 0.80
CA THR O 65 16.76 -47.16 1.98
C THR O 65 16.95 -48.64 2.06
N LYS O 66 18.04 -49.07 2.67
CA LYS O 66 18.26 -50.49 2.83
C LYS O 66 18.48 -50.80 4.29
N GLY O 67 18.07 -51.97 4.72
CA GLY O 67 18.25 -52.34 6.12
C GLY O 67 19.52 -53.15 6.31
N PRO O 68 19.85 -53.53 7.54
CA PRO O 68 21.02 -54.32 7.93
C PRO O 68 20.78 -55.78 7.67
N SER O 69 20.58 -56.09 6.42
CA SER O 69 20.27 -57.43 5.97
C SER O 69 21.36 -58.05 5.15
N LYS O 70 21.32 -59.37 5.09
CA LYS O 70 22.24 -60.17 4.29
C LYS O 70 22.06 -59.89 2.81
N LEU O 71 20.93 -59.29 2.47
CA LEU O 71 20.60 -58.94 1.11
C LEU O 71 20.96 -57.49 0.81
N ASN O 72 21.64 -56.78 1.70
CA ASN O 72 21.94 -55.37 1.41
C ASN O 72 22.62 -55.17 0.05
N ASP O 73 23.46 -56.11 -0.36
CA ASP O 73 24.15 -55.97 -1.62
C ASP O 73 23.34 -56.51 -2.79
N ARG O 74 22.48 -57.49 -2.52
CA ARG O 74 21.70 -58.15 -3.55
C ARG O 74 20.37 -57.47 -3.89
N ALA O 75 19.77 -56.84 -2.88
CA ALA O 75 18.47 -56.21 -2.99
C ALA O 75 18.48 -54.92 -3.80
N ASP O 76 17.44 -54.73 -4.61
CA ASP O 76 17.23 -53.51 -5.39
C ASP O 76 15.73 -53.26 -5.63
N SER O 77 15.39 -52.16 -6.30
CA SER O 77 13.97 -51.85 -6.59
C SER O 77 13.80 -50.92 -7.79
N ARG O 78 12.77 -51.13 -8.59
CA ARG O 78 12.56 -50.24 -9.72
C ARG O 78 11.84 -48.99 -9.29
N ARG O 79 12.63 -47.98 -8.95
CA ARG O 79 12.15 -46.72 -8.40
C ARG O 79 11.16 -46.04 -9.31
N SER O 80 11.34 -46.22 -10.60
CA SER O 80 10.49 -45.60 -11.59
C SER O 80 9.05 -46.11 -11.55
N LEU O 81 8.80 -47.24 -10.92
CA LEU O 81 7.47 -47.80 -10.85
C LEU O 81 6.79 -47.47 -9.54
N TRP O 82 7.46 -46.74 -8.67
CA TRP O 82 6.84 -46.47 -7.40
C TRP O 82 5.58 -45.65 -7.58
N ASP O 83 5.49 -44.84 -8.62
CA ASP O 83 4.31 -44.02 -8.81
C ASP O 83 3.21 -44.77 -9.50
N GLN O 84 3.45 -46.04 -9.79
CA GLN O 84 2.44 -46.87 -10.39
C GLN O 84 1.83 -47.70 -9.29
N GLY O 85 2.33 -47.54 -8.06
CA GLY O 85 1.86 -48.34 -6.94
C GLY O 85 2.56 -49.68 -6.89
N ASN O 86 3.62 -49.86 -7.68
CA ASN O 86 4.32 -51.13 -7.70
C ASN O 86 5.60 -51.02 -6.92
N PHE O 87 5.78 -51.87 -5.92
CA PHE O 87 6.95 -51.76 -5.07
C PHE O 87 7.73 -53.08 -4.98
N PRO O 88 8.47 -53.45 -6.02
CA PRO O 88 9.23 -54.68 -6.09
C PRO O 88 10.49 -54.71 -5.24
N LEU O 89 10.86 -55.92 -4.87
CA LEU O 89 12.12 -56.33 -4.26
C LEU O 89 12.84 -57.22 -5.22
N ILE O 90 13.96 -56.76 -5.68
CA ILE O 90 14.69 -57.51 -6.66
C ILE O 90 15.90 -58.09 -6.00
N ILE O 91 16.02 -59.40 -6.02
CA ILE O 91 17.15 -60.00 -5.35
C ILE O 91 18.07 -60.64 -6.36
N LYS O 92 19.24 -60.05 -6.51
CA LYS O 92 20.22 -60.48 -7.50
C LYS O 92 21.17 -61.53 -6.94
N ASN O 93 21.70 -62.37 -7.81
CA ASN O 93 22.71 -63.34 -7.40
C ASN O 93 22.28 -64.15 -6.20
N LEU O 94 21.10 -64.76 -6.27
CA LEU O 94 20.55 -65.48 -5.14
C LEU O 94 21.39 -66.57 -4.52
N LYS O 95 21.47 -66.54 -3.21
CA LYS O 95 22.17 -67.54 -2.43
C LYS O 95 21.11 -68.56 -2.03
N ILE O 96 21.48 -69.80 -1.78
CA ILE O 96 20.48 -70.78 -1.38
C ILE O 96 19.79 -70.40 -0.05
N GLU O 97 20.52 -69.68 0.78
CA GLU O 97 20.09 -69.25 2.09
C GLU O 97 19.14 -68.06 2.04
N ASP O 98 18.85 -67.57 0.85
CA ASP O 98 17.95 -66.45 0.68
C ASP O 98 16.52 -66.94 0.53
N SER O 99 16.32 -68.26 0.66
CA SER O 99 14.99 -68.84 0.49
C SER O 99 14.06 -68.63 1.69
N ASP O 100 13.75 -67.38 2.00
CA ASP O 100 12.87 -67.05 3.12
C ASP O 100 11.50 -66.58 2.65
N THR O 101 10.65 -66.28 3.61
CA THR O 101 9.38 -65.64 3.34
C THR O 101 9.54 -64.18 3.59
N TYR O 102 9.24 -63.41 2.59
CA TYR O 102 9.40 -62.00 2.67
C TYR O 102 8.08 -61.35 2.90
N ILE O 103 8.11 -60.32 3.71
CA ILE O 103 6.94 -59.60 4.11
C ILE O 103 6.85 -58.21 3.56
N CYS O 104 5.74 -57.92 2.92
CA CYS O 104 5.49 -56.58 2.43
C CYS O 104 4.69 -55.79 3.39
N GLU O 105 5.03 -54.53 3.52
CA GLU O 105 4.20 -53.60 4.25
C GLU O 105 3.89 -52.41 3.37
N VAL O 106 2.66 -52.31 2.93
CA VAL O 106 2.24 -51.24 2.05
C VAL O 106 0.99 -50.60 2.61
N GLU O 107 0.95 -49.28 2.73
CA GLU O 107 -0.24 -48.68 3.32
C GLU O 107 -0.40 -49.40 4.65
N ASP O 108 -1.50 -50.11 4.84
CA ASP O 108 -1.67 -50.85 6.08
C ASP O 108 -2.21 -52.24 5.78
N GLN O 109 -1.63 -52.87 4.77
CA GLN O 109 -1.95 -54.23 4.42
C GLN O 109 -0.64 -54.96 4.31
N LYS O 110 -0.68 -56.26 4.57
CA LYS O 110 0.55 -57.04 4.51
C LYS O 110 0.42 -58.13 3.49
N GLU O 111 1.55 -58.46 2.86
CA GLU O 111 1.55 -59.53 1.86
C GLU O 111 2.74 -60.45 2.10
N GLU O 112 2.58 -61.74 1.82
CA GLU O 112 3.73 -62.63 2.01
C GLU O 112 4.03 -63.52 0.83
N VAL O 113 5.33 -63.61 0.55
CA VAL O 113 5.86 -64.47 -0.50
C VAL O 113 7.03 -65.32 -0.06
N GLN O 114 6.99 -66.60 -0.36
CA GLN O 114 8.09 -67.51 -0.06
C GLN O 114 8.97 -67.70 -1.25
N LEU O 115 10.24 -67.46 -1.06
CA LEU O 115 11.20 -67.66 -2.12
C LEU O 115 11.94 -68.98 -1.98
N LEU O 116 11.98 -69.75 -3.04
CA LEU O 116 12.72 -70.99 -3.04
C LEU O 116 13.84 -70.86 -4.05
N VAL O 117 15.08 -70.92 -3.58
CA VAL O 117 16.20 -70.72 -4.48
C VAL O 117 16.69 -72.06 -5.04
C1 NAG P . -22.61 30.86 29.98
C2 NAG P . -23.70 29.96 29.50
C3 NAG P . -24.78 30.06 30.50
C4 NAG P . -24.27 29.55 31.91
C5 NAG P . -23.04 30.41 32.28
C6 NAG P . -22.39 29.94 33.55
C7 NAG P . -24.42 29.46 27.20
C8 NAG P . -24.18 27.99 27.40
N2 NAG P . -24.19 30.34 28.17
O3 NAG P . -25.94 29.33 30.05
O4 NAG P . -25.23 29.87 32.90
O5 NAG P . -22.01 30.35 31.30
O6 NAG P . -21.00 30.23 33.59
O7 NAG P . -24.83 29.87 26.11
C1 NAG P . -26.26 28.93 33.08
C2 NAG P . -26.52 28.86 34.55
C3 NAG P . -27.62 27.93 34.85
C4 NAG P . -28.90 28.46 34.12
C5 NAG P . -28.64 28.52 32.58
C6 NAG P . -29.84 29.09 31.86
C7 NAG P . -24.83 29.01 36.27
C8 NAG P . -23.55 28.45 36.83
N2 NAG P . -25.31 28.41 35.20
O3 NAG P . -27.80 27.85 36.28
O4 NAG P . -29.96 27.60 34.39
O5 NAG P . -27.55 29.41 32.35
O6 NAG P . -31.06 28.71 32.48
O7 NAG P . -25.40 29.98 36.78
C1 NAG Q . -26.06 25.39 13.48
C2 NAG Q . -26.53 26.55 12.68
C3 NAG Q . -26.35 26.19 11.26
C4 NAG Q . -24.85 25.91 10.90
C5 NAG Q . -24.39 24.76 11.85
C6 NAG Q . -22.92 24.43 11.78
C7 NAG Q . -28.36 27.83 13.58
C8 NAG Q . -29.82 27.91 13.85
N2 NAG Q . -27.93 26.77 12.95
O3 NAG Q . -26.88 27.27 10.44
O4 NAG Q . -24.85 25.44 9.57
O5 NAG Q . -24.58 25.11 13.21
O6 NAG Q . -22.11 25.59 11.70
O7 NAG Q . -27.58 28.73 13.92
C1 NAG Q . -23.86 26.02 8.75
C2 NAG Q . -23.52 25.02 7.69
C3 NAG Q . -22.47 25.59 6.81
C4 NAG Q . -23.01 26.90 6.13
C5 NAG Q . -23.39 27.90 7.26
C6 NAG Q . -24.01 29.15 6.71
C7 NAG Q . -23.61 22.64 8.18
C8 NAG Q . -22.93 21.47 8.84
N2 NAG Q . -22.99 23.80 8.27
O3 NAG Q . -22.08 24.59 5.85
O4 NAG Q . -21.96 27.47 5.37
O5 NAG Q . -24.38 27.32 8.10
O6 NAG Q . -25.35 28.94 6.28
O7 NAG Q . -24.68 22.51 7.60
C1 BMA Q . -22.16 27.38 3.91
C2 BMA Q . -21.22 28.37 3.24
C3 BMA Q . -21.36 28.32 1.76
C4 BMA Q . -21.01 26.90 1.33
C5 BMA Q . -21.98 25.89 2.01
C6 BMA Q . -21.57 24.41 1.65
O2 BMA Q . -19.96 28.04 3.58
O3 BMA Q . -20.45 29.28 1.17
O4 BMA Q . -21.12 26.80 -0.05
O5 BMA Q . -21.85 26.03 3.44
O6 BMA Q . -21.11 24.23 0.26
C1 NAG R . 2.80 28.48 14.69
C2 NAG R . 4.01 27.90 15.36
C3 NAG R . 5.20 28.43 14.66
C4 NAG R . 5.22 28.01 13.16
C5 NAG R . 3.90 28.57 12.54
C6 NAG R . 3.75 28.16 11.10
C7 NAG R . 4.61 27.61 17.69
C8 NAG R . 4.60 28.19 19.05
N2 NAG R . 4.07 28.33 16.74
O3 NAG R . 6.40 28.01 15.34
O4 NAG R . 6.30 28.68 12.53
O5 NAG R . 2.77 28.07 13.21
O6 NAG R . 2.43 28.34 10.60
O7 NAG R . 5.08 26.49 17.47
C1 NAG R . 7.33 27.82 12.08
C2 NAG R . 8.01 28.48 10.93
C3 NAG R . 9.05 27.56 10.43
C4 NAG R . 10.13 27.29 11.54
C5 NAG R . 9.36 26.69 12.75
C6 NAG R . 10.27 26.52 13.94
C7 NAG R . 6.95 29.92 9.31
C8 NAG R . 5.93 30.03 8.22
N2 NAG R . 7.08 28.73 9.86
O3 NAG R . 9.62 28.13 9.23
O4 NAG R . 11.00 26.26 11.08
O5 NAG R . 8.33 27.55 13.21
O6 NAG R . 11.34 25.64 13.63
O7 NAG R . 7.62 30.88 9.66
C1 BMA R . 12.30 26.74 10.56
C2 BMA R . 13.21 25.52 10.47
C3 BMA R . 14.56 25.88 9.96
C4 BMA R . 14.35 26.45 8.58
C5 BMA R . 13.43 27.71 8.65
C6 BMA R . 13.12 28.25 7.21
O2 BMA R . 12.65 24.66 9.62
O3 BMA R . 15.36 24.67 9.92
O4 BMA R . 15.59 26.79 8.06
O5 BMA R . 12.17 27.30 9.22
O6 BMA R . 12.40 27.29 6.32
C1 MAN R . 16.70 24.83 10.48
C2 MAN R . 17.57 23.66 10.01
C3 MAN R . 17.09 22.38 10.59
C4 MAN R . 17.17 22.50 12.11
C5 MAN R . 16.27 23.68 12.55
C6 MAN R . 16.31 23.84 14.12
O2 MAN R . 18.85 23.86 10.44
O3 MAN R . 17.93 21.30 10.12
O4 MAN R . 16.71 21.33 12.70
O5 MAN R . 16.73 24.89 11.94
O6 MAN R . 15.68 22.71 14.82
C1 MAN R . 19.62 24.77 9.57
C2 MAN R . 21.04 24.23 9.39
C3 MAN R . 21.79 24.16 10.67
C4 MAN R . 21.87 25.58 11.19
C5 MAN R . 20.44 26.12 11.39
C6 MAN R . 20.46 27.61 11.87
O2 MAN R . 21.67 25.17 8.64
O3 MAN R . 23.11 23.60 10.44
O4 MAN R . 22.56 25.63 12.39
O5 MAN R . 19.75 26.11 10.13
O6 MAN R . 21.29 27.90 13.06
C1 MAN R . 22.00 24.73 7.28
C2 MAN R . 23.18 25.57 6.79
C3 MAN R . 22.83 27.01 6.67
C4 MAN R . 21.70 27.12 5.67
C5 MAN R . 20.50 26.29 6.19
C6 MAN R . 19.28 26.33 5.19
O2 MAN R . 23.52 25.11 5.57
O3 MAN R . 23.99 27.75 6.23
O4 MAN R . 21.32 28.46 5.54
O5 MAN R . 20.91 24.90 6.32
O6 MAN R . 19.05 27.65 4.57
C1 MAN R . 12.56 27.59 4.90
C2 MAN R . 11.29 27.14 4.17
C3 MAN R . 11.10 25.67 4.23
C4 MAN R . 12.30 25.03 3.57
C5 MAN R . 13.58 25.47 4.35
C6 MAN R . 14.86 24.86 3.67
O2 MAN R . 11.43 27.50 2.89
O3 MAN R . 9.89 25.31 3.53
O4 MAN R . 12.18 23.64 3.63
O5 MAN R . 13.70 26.91 4.28
O6 MAN R . 14.75 23.42 3.36
C1 NAG S . -17.70 30.17 42.25
C2 NAG S . -19.09 29.70 42.60
C3 NAG S . -19.57 30.59 43.67
C4 NAG S . -18.70 30.53 44.98
C5 NAG S . -17.25 30.92 44.54
C6 NAG S . -16.16 30.74 45.57
C7 NAG S . -20.43 28.75 40.84
C8 NAG S . -21.27 28.99 39.64
N2 NAG S . -19.97 29.80 41.46
O3 NAG S . -20.95 30.24 43.97
O4 NAG S . -19.30 31.51 45.82
O5 NAG S . -16.81 30.06 43.50
O6 NAG S . -16.31 29.55 46.31
O7 NAG S . -20.17 27.61 41.23
C1 NAG S . -19.11 31.34 47.21
C2 NAG S . -18.96 32.70 47.81
C3 NAG S . -18.69 32.56 49.24
C4 NAG S . -19.86 31.79 49.95
C5 NAG S . -19.96 30.40 49.25
C6 NAG S . -21.06 29.57 49.85
C7 NAG S . -17.99 34.30 46.23
C8 NAG S . -16.74 34.86 45.63
N2 NAG S . -17.85 33.40 47.18
O3 NAG S . -18.50 33.88 49.80
O4 NAG S . -19.56 31.55 51.32
O5 NAG S . -20.26 30.55 47.86
O6 NAG S . -20.73 29.24 51.20
O7 NAG S . -19.10 34.68 45.88
C1 BMA S . -20.16 32.56 52.24
C2 BMA S . -21.58 32.10 52.65
C3 BMA S . -22.21 33.09 53.56
C4 BMA S . -21.34 33.18 54.80
C5 BMA S . -19.91 33.65 54.38
C6 BMA S . -18.97 33.69 55.64
O2 BMA S . -21.45 30.93 53.28
O3 BMA S . -23.54 32.62 53.91
O4 BMA S . -21.88 34.10 55.69
O5 BMA S . -19.36 32.69 53.46
O6 BMA S . -19.57 34.34 56.82
C1 NAG T . 5.50 39.17 11.19
C2 NAG T . 5.02 40.58 11.11
C3 NAG T . 3.94 40.64 10.13
C4 NAG T . 4.43 40.15 8.71
C5 NAG T . 4.92 38.68 8.90
C6 NAG T . 5.42 38.01 7.65
C7 NAG T . 5.07 41.87 13.16
C8 NAG T . 4.46 42.15 14.49
N2 NAG T . 4.49 40.97 12.40
O3 NAG T . 3.41 41.98 10.06
O4 NAG T . 3.34 40.22 7.82
O5 NAG T . 6.00 38.65 9.83
O6 NAG T . 6.09 36.79 7.94
O7 NAG T . 6.08 42.46 12.77
C1 NAG T . 3.70 40.77 6.57
C2 NAG T . 2.53 40.56 5.66
C3 NAG T . 2.87 41.07 4.32
C4 NAG T . 3.20 42.60 4.44
C5 NAG T . 4.40 42.78 5.40
C6 NAG T . 4.75 44.23 5.58
C7 NAG T . 1.10 38.62 5.99
C8 NAG T . 0.95 37.14 5.89
N2 NAG T . 2.24 39.14 5.58
O3 NAG T . 1.76 40.82 3.43
O4 NAG T . 3.52 43.10 3.19
O5 NAG T . 4.04 42.27 6.70
O6 NAG T . 5.01 44.86 4.33
O7 NAG T . 0.21 39.35 6.44
C1 NAG U . 11.37 44.54 16.14
C2 NAG U . 12.41 44.22 15.11
C3 NAG U . 13.53 45.15 15.33
C4 NAG U . 13.05 46.65 15.19
C5 NAG U . 11.97 46.87 16.30
C6 NAG U . 11.39 48.24 16.41
C7 NAG U . 12.32 41.80 14.69
C8 NAG U . 12.67 40.45 15.20
N2 NAG U . 12.83 42.83 15.34
O3 NAG U . 14.57 44.86 14.37
O4 NAG U . 14.15 47.51 15.38
O5 NAG U . 10.89 45.98 16.04
O6 NAG U . 12.39 49.18 16.78
O7 NAG U . 11.59 41.93 13.71
C1 NAG U . 14.23 48.53 14.40
C2 NAG U . 15.34 49.46 14.78
C3 NAG U . 15.39 50.56 13.81
C4 NAG U . 15.65 49.98 12.38
C5 NAG U . 14.48 49.00 12.03
C6 NAG U . 14.66 48.39 10.67
C7 NAG U . 15.90 49.89 17.08
C8 NAG U . 15.49 50.50 18.38
N2 NAG U . 15.06 50.02 16.09
O3 NAG U . 16.43 51.50 14.21
O4 NAG U . 15.69 51.03 11.47
O5 NAG U . 14.46 47.94 12.99
O6 NAG U . 14.98 49.38 9.70
O7 NAG U . 16.97 49.29 16.96
C1 NAG V . 1.27 45.12 39.76
C2 NAG V . 0.80 46.41 40.32
C3 NAG V . 1.83 46.91 41.26
C4 NAG V . 2.04 45.89 42.43
C5 NAG V . 2.48 44.54 41.78
C6 NAG V . 2.68 43.43 42.78
C7 NAG V . -0.54 47.92 39.03
C8 NAG V . -0.65 48.78 37.81
N2 NAG V . 0.60 47.33 39.23
O3 NAG V . 1.43 48.21 41.75
O4 NAG V . 3.08 46.37 43.25
O5 NAG V . 1.47 44.07 40.88
O6 NAG V . 2.54 42.14 42.20
O7 NAG V . -1.49 47.77 39.81
C1 NAG V . 2.74 46.53 44.61
C2 NAG V . 3.98 46.39 45.42
C3 NAG V . 3.66 46.58 46.85
C4 NAG V . 3.10 48.02 47.11
C5 NAG V . 1.82 48.15 46.22
C6 NAG V . 1.25 49.55 46.25
C7 NAG V . 5.76 44.85 44.88
C8 NAG V . 6.20 43.43 44.73
N2 NAG V . 4.52 45.06 45.26
O3 NAG V . 4.84 46.31 47.65
O4 NAG V . 2.77 48.08 48.49
O5 NAG V . 2.14 47.93 44.84
O6 NAG V . 2.20 50.51 45.85
O7 NAG V . 6.53 45.80 44.66
C1 BMA V . 3.34 49.23 49.25
C2 BMA V . 4.72 48.87 49.82
C3 BMA V . 5.26 49.92 50.73
C4 BMA V . 5.37 51.17 49.87
C5 BMA V . 3.97 51.53 49.29
C6 BMA V . 4.06 52.83 48.40
O2 BMA V . 5.55 48.77 48.79
O3 BMA V . 6.58 49.46 51.19
O4 BMA V . 5.82 52.23 50.64
O5 BMA V . 3.48 50.46 48.47
O6 BMA V . 5.00 53.85 48.90
C1 MAN V . 6.85 49.81 52.59
C2 MAN V . 8.28 49.40 52.94
C3 MAN V . 8.47 47.92 52.90
C4 MAN V . 7.52 47.32 53.94
C5 MAN V . 6.06 47.73 53.56
C6 MAN V . 5.04 47.18 54.61
O2 MAN V . 8.54 49.83 54.18
O3 MAN V . 9.84 47.59 53.22
O4 MAN V . 7.64 45.94 53.94
O5 MAN V . 5.96 49.17 53.56
O6 MAN V . 5.31 45.81 55.08
C1 NAG W . 10.59 42.67 32.31
C2 NAG W . 10.93 42.06 33.63
C3 NAG W . 10.71 43.09 34.65
C4 NAG W . 11.59 44.38 34.46
C5 NAG W . 11.23 44.89 33.03
C6 NAG W . 12.07 46.03 32.51
C7 NAG W . 10.35 39.70 33.67
C8 NAG W . 9.29 38.69 33.88
N2 NAG W . 10.03 40.96 33.90
O3 NAG W . 10.94 42.50 35.95
O4 NAG W . 11.10 45.25 35.45
O5 NAG W . 11.46 43.90 32.04
O6 NAG W . 12.16 46.00 31.09
O7 NAG W . 11.48 39.39 33.31
C1 NAG W . 12.03 46.20 35.95
C2 NAG W . 11.23 47.44 36.26
C3 NAG W . 12.12 48.49 36.78
C4 NAG W . 12.78 47.95 38.09
C5 NAG W . 13.60 46.67 37.76
C6 NAG W . 14.20 46.09 39.02
C7 NAG W . 9.29 47.77 34.84
C8 NAG W . 8.76 48.23 33.52
N2 NAG W . 10.59 47.91 35.05
O3 NAG W . 11.34 49.69 37.01
O4 NAG W . 13.61 48.94 38.61
O5 NAG W . 12.71 45.68 37.24
O6 NAG W . 14.40 47.09 40.01
O7 NAG W . 8.55 47.30 35.71
C1 NAG X . 3.97 49.51 28.93
C2 NAG X . 4.41 50.90 29.26
C3 NAG X . 4.49 51.70 28.03
C4 NAG X . 5.51 51.04 27.02
C5 NAG X . 4.95 49.60 26.75
C6 NAG X . 5.72 48.83 25.73
C7 NAG X . 3.64 51.80 31.37
C8 NAG X . 2.46 52.23 32.15
N2 NAG X . 3.40 51.45 30.14
O3 NAG X . 4.89 53.04 28.37
O4 NAG X . 5.58 51.76 25.78
O5 NAG X . 4.93 48.84 27.95
O6 NAG X . 5.85 49.53 24.51
O7 NAG X . 4.78 51.79 31.83
C1 NAG X . 6.84 52.40 25.60
C2 NAG X . 6.94 52.86 24.18
C3 NAG X . 8.25 53.56 24.03
C4 NAG X . 8.36 54.80 24.99
C5 NAG X . 8.21 54.24 26.45
C6 NAG X . 8.25 55.33 27.47
C7 NAG X . 6.46 51.74 22.06
C8 NAG X . 6.48 50.47 21.26
N2 NAG X . 6.93 51.70 23.29
O3 NAG X . 8.41 53.96 22.64
O4 NAG X . 9.63 55.42 24.88
O5 NAG X . 6.95 53.60 26.58
O6 NAG X . 9.47 56.05 27.41
O7 NAG X . 6.01 52.79 21.58
C1 BMA X . 9.68 56.56 23.91
C2 BMA X . 10.49 57.70 24.54
C3 BMA X . 10.55 58.87 23.64
C4 BMA X . 11.21 58.41 22.35
C5 BMA X . 10.38 57.26 21.72
C6 BMA X . 11.09 56.74 20.41
O2 BMA X . 11.74 57.25 24.75
O3 BMA X . 11.32 59.93 24.26
O4 BMA X . 11.28 59.48 21.47
O5 BMA X . 10.33 56.17 22.66
O6 BMA X . 11.61 57.80 19.54
C1 NAG Y . 8.01 46.20 13.13
C2 NAG Y . 8.60 47.29 12.28
C3 NAG Y . 8.50 46.95 10.85
C4 NAG Y . 9.30 45.63 10.56
C5 NAG Y . 8.64 44.52 11.44
C6 NAG Y . 9.31 43.19 11.35
C7 NAG Y . 8.40 49.55 13.11
C8 NAG Y . 7.50 50.69 13.41
N2 NAG Y . 7.86 48.51 12.52
O3 NAG Y . 9.00 48.05 10.06
O4 NAG Y . 9.18 45.29 9.19
O5 NAG Y . 8.73 44.88 12.83
O6 NAG Y . 10.72 43.29 11.45
O7 NAG Y . 9.60 49.58 13.38
C1 NAG Y . 10.43 45.09 8.54
C2 NAG Y . 10.20 44.19 7.37
C3 NAG Y . 11.49 43.94 6.69
C4 NAG Y . 12.09 45.29 6.16
C5 NAG Y . 12.28 46.21 7.42
C6 NAG Y . 12.80 47.58 7.03
C7 NAG Y . 8.64 42.36 7.22
C8 NAG Y . 8.16 41.07 7.79
N2 NAG Y . 9.67 42.92 7.82
O3 NAG Y . 11.29 42.97 5.64
O4 NAG Y . 13.35 45.06 5.55
O5 NAG Y . 11.02 46.43 8.07
O6 NAG Y . 13.95 47.49 6.22
O7 NAG Y . 8.11 42.87 6.23
C1 BMA Y . 13.33 45.13 4.07
C2 BMA Y . 14.77 45.28 3.58
C3 BMA Y . 14.82 45.37 2.10
C4 BMA Y . 14.22 44.08 1.55
C5 BMA Y . 12.75 43.94 2.05
C6 BMA Y . 12.16 42.57 1.57
O2 BMA Y . 15.45 44.19 3.98
O3 BMA Y . 16.19 45.53 1.66
O4 BMA Y . 14.25 44.11 0.16
O5 BMA Y . 12.77 43.92 3.49
O6 BMA Y . 12.66 42.11 0.27
C1 NAG Z . -2.30 33.59 11.40
C2 NAG Z . -2.15 32.25 10.73
C3 NAG Z . -2.08 32.44 9.28
C4 NAG Z . -3.40 33.10 8.75
C5 NAG Z . -3.54 34.47 9.51
C6 NAG Z . -4.81 35.22 9.17
C7 NAG Z . -1.01 30.53 11.96
C8 NAG Z . 0.29 30.04 12.48
N2 NAG Z . -0.96 31.58 11.18
O3 NAG Z . -1.85 31.17 8.64
O4 NAG Z . -3.19 33.33 7.38
O5 NAG Z . -3.59 34.26 10.92
O6 NAG Z . -5.96 34.43 9.37
O7 NAG Z . -2.09 29.99 12.21
C1 NAG Z . -4.27 32.94 6.57
C2 NAG Z . -3.92 33.39 5.18
C3 NAG Z . -5.01 33.07 4.25
C4 NAG Z . -5.21 31.51 4.27
C5 NAG Z . -5.58 31.06 5.72
C6 NAG Z . -5.74 29.56 5.78
C7 NAG Z . -2.61 35.38 4.71
C8 NAG Z . -2.51 36.87 4.78
N2 NAG Z . -3.70 34.83 5.19
O3 NAG Z . -4.67 33.56 2.93
O4 NAG Z . -6.24 31.19 3.39
O5 NAG Z . -4.50 31.42 6.59
O6 NAG Z . -6.42 29.05 4.64
O7 NAG Z . -1.70 34.69 4.22
C1 NAG AA . 1.75 -41.68 23.62
C2 NAG AA . 0.80 -41.50 24.78
C3 NAG AA . 0.39 -42.76 25.41
C4 NAG AA . -0.37 -43.59 24.33
C5 NAG AA . 0.63 -43.85 23.16
C6 NAG AA . 0.02 -44.65 22.04
C7 NAG AA . 0.88 -39.53 26.17
C8 NAG AA . 1.68 -38.69 27.12
N2 NAG AA . 1.42 -40.67 25.81
O3 NAG AA . -0.43 -42.46 26.57
O4 NAG AA . -0.77 -44.83 24.89
O5 NAG AA . 1.05 -42.59 22.60
O6 NAG AA . -1.33 -44.29 21.79
O7 NAG AA . -0.20 -39.17 25.73
C1 NAG AA . -2.17 -44.95 25.07
C2 NAG AA . -2.43 -46.38 25.41
C3 NAG AA . -3.88 -46.61 25.61
C4 NAG AA . -4.33 -45.69 26.81
C5 NAG AA . -4.06 -44.19 26.45
C6 NAG AA . -4.42 -43.29 27.59
C7 NAG AA . -1.11 -48.19 24.49
C8 NAG AA . -0.71 -48.96 23.27
N2 NAG AA . -1.98 -47.22 24.32
O3 NAG AA . -4.11 -48.01 25.87
O4 NAG AA . -5.68 -45.90 27.05
O5 NAG AA . -2.66 -44.05 26.22
O6 NAG AA . -5.58 -43.74 28.29
O7 NAG AA . -0.68 -48.47 25.61
C1 NAG BA . -1.15 -23.64 29.00
C2 NAG BA . -1.12 -23.25 30.45
C3 NAG BA . -1.01 -21.79 30.50
C4 NAG BA . 0.29 -21.22 29.82
C5 NAG BA . 0.20 -21.74 28.34
C6 NAG BA . 1.38 -21.48 27.45
C7 NAG BA . -2.51 -24.71 31.78
C8 NAG BA . -3.90 -25.03 32.23
N2 NAG BA . -2.38 -23.63 31.06
O3 NAG BA . -1.09 -21.37 31.88
O4 NAG BA . 0.12 -19.82 29.93
O5 NAG BA . 0.13 -23.16 28.30
O6 NAG BA . 2.62 -21.74 28.11
O7 NAG BA . -1.55 -25.42 32.07
C1 NAG BA . 1.31 -19.06 29.86
C2 NAG BA . 0.93 -17.74 29.23
C3 NAG BA . 2.13 -16.91 29.06
C4 NAG BA . 2.74 -16.66 30.47
C5 NAG BA . 3.12 -18.03 31.11
C6 NAG BA . 3.70 -17.84 32.50
C7 NAG BA . -0.96 -17.78 27.68
C8 NAG BA . -1.43 -18.06 26.30
N2 NAG BA . 0.32 -17.97 27.92
O3 NAG BA . 1.76 -15.67 28.40
O4 NAG BA . 3.88 -15.87 30.33
O5 NAG BA . 1.93 -18.82 31.26
O6 NAG BA . 4.51 -16.68 32.57
O7 NAG BA . -1.72 -17.38 28.56
C1 NAG CA . 19.82 -21.87 9.71
C2 NAG CA . 20.30 -22.13 8.31
C3 NAG CA . 21.57 -21.42 8.11
C4 NAG CA . 21.34 -19.88 8.18
C5 NAG CA . 20.74 -19.59 9.60
C6 NAG CA . 20.27 -18.18 9.75
C7 NAG CA . 20.09 -24.13 7.00
C8 NAG CA . 20.34 -25.58 6.86
N2 NAG CA . 20.51 -23.54 8.09
O3 NAG CA . 22.15 -21.83 6.85
O4 NAG CA . 22.61 -19.29 8.06
O5 NAG CA . 19.55 -20.36 9.82
O6 NAG CA . 21.04 -17.40 10.65
O7 NAG CA . 19.51 -23.50 6.11
C1 NAG CA . 22.73 -18.40 6.98
C2 NAG CA . 23.85 -17.46 7.27
C3 NAG CA . 23.92 -16.44 6.21
C4 NAG CA . 24.25 -17.13 4.83
C5 NAG CA . 23.13 -18.18 4.60
C6 NAG CA . 23.41 -19.03 3.39
C7 NAG CA . 24.57 -16.82 9.47
C8 NAG CA . 24.22 -16.19 10.77
N2 NAG CA . 23.63 -16.82 8.55
O3 NAG CA . 24.90 -15.46 6.60
O4 NAG CA . 24.13 -16.17 3.80
O5 NAG CA . 23.03 -19.14 5.66
O6 NAG CA . 24.08 -18.30 2.39
O7 NAG CA . 25.68 -17.32 9.26
C1 BMA CA . 25.40 -15.58 3.33
C2 BMA CA . 25.13 -14.94 1.97
C3 BMA CA . 26.35 -14.32 1.39
C4 BMA CA . 26.80 -13.25 2.38
C5 BMA CA . 27.09 -13.91 3.77
C6 BMA CA . 27.43 -12.81 4.84
O2 BMA CA . 24.23 -13.97 2.15
O3 BMA CA . 26.03 -13.74 0.10
O4 BMA CA . 27.94 -12.64 1.88
O5 BMA CA . 25.88 -14.54 4.23
O6 BMA CA . 26.44 -11.72 4.93
C1 MAN CA . 26.93 -14.23 -0.95
C2 MAN CA . 26.71 -13.41 -2.24
C3 MAN CA . 25.36 -13.67 -2.80
C4 MAN CA . 25.26 -15.15 -3.12
C5 MAN CA . 25.47 -15.95 -1.80
C6 MAN CA . 25.41 -17.51 -2.05
O2 MAN CA . 27.63 -13.79 -3.18
O3 MAN CA . 25.19 -12.90 -4.01
O4 MAN CA . 24.01 -15.47 -3.65
O5 MAN CA . 26.77 -15.65 -1.26
O6 MAN CA . 24.17 -17.95 -2.70
C1 MAN CA . 28.95 -13.13 -3.00
C2 MAN CA . 29.29 -12.30 -4.23
C3 MAN CA . 29.44 -13.13 -5.46
C4 MAN CA . 30.59 -14.09 -5.19
C5 MAN CA . 30.23 -14.95 -3.95
C6 MAN CA . 31.39 -15.94 -3.61
O2 MAN CA . 30.53 -11.77 -3.99
O3 MAN CA . 29.74 -12.28 -6.59
O4 MAN CA . 30.83 -14.91 -6.28
O5 MAN CA . 30.04 -14.08 -2.81
O6 MAN CA . 32.02 -16.56 -4.78
C1 MAN CA . 30.53 -10.34 -3.64
C2 MAN CA . 31.86 -9.75 -4.12
C3 MAN CA . 33.03 -10.34 -3.42
C4 MAN CA . 32.87 -10.05 -1.95
C5 MAN CA . 31.53 -10.67 -1.46
C6 MAN CA . 31.30 -10.39 0.07
O2 MAN CA . 31.83 -8.44 -3.87
O3 MAN CA . 34.25 -9.76 -3.95
O4 MAN CA . 33.93 -10.61 -1.24
O5 MAN CA . 30.43 -10.08 -2.20
O6 MAN CA . 32.51 -10.54 0.89
C1 MAN CA . 26.85 -10.65 5.83
C2 MAN CA . 25.68 -9.69 6.03
C3 MAN CA . 25.33 -8.98 4.77
C4 MAN CA . 26.56 -8.20 4.35
C5 MAN CA . 27.73 -9.19 4.13
C6 MAN CA . 29.05 -8.42 3.73
O2 MAN CA . 26.06 -8.78 6.94
O3 MAN CA . 24.20 -8.09 5.01
O4 MAN CA . 26.28 -7.52 3.16
O5 MAN CA . 28.00 -9.87 5.37
O6 MAN CA . 28.85 -7.35 2.75
C1 NAG DA . 3.10 -51.47 16.94
C2 NAG DA . 1.80 -51.99 16.42
C3 NAG DA . 1.54 -53.31 17.02
C4 NAG DA . 2.65 -54.36 16.62
C5 NAG DA . 3.99 -53.73 17.13
C6 NAG DA . 5.21 -54.53 16.75
C7 NAG DA . -0.14 -50.69 15.92
C8 NAG DA . -1.15 -49.71 16.41
N2 NAG DA . 0.75 -51.09 16.79
O3 NAG DA . 0.23 -53.77 16.59
O4 NAG DA . 2.35 -55.54 17.34
O5 NAG DA . 4.22 -52.45 16.56
O6 NAG DA . 5.20 -54.97 15.40
O7 NAG DA . -0.14 -51.11 14.76
C1 NAG DA . 2.40 -56.73 16.57
C2 NAG DA . 2.73 -57.86 17.49
C3 NAG DA . 2.76 -59.12 16.73
C4 NAG DA . 1.35 -59.39 16.12
C5 NAG DA . 1.00 -58.20 15.18
C6 NAG DA . -0.39 -58.30 14.62
C7 NAG DA . 4.21 -57.45 19.36
C8 NAG DA . 5.62 -57.21 19.82
N2 NAG DA . 4.03 -57.64 18.08
O3 NAG DA . 3.17 -60.20 17.61
O4 NAG DA . 1.43 -60.59 15.37
O5 NAG DA . 1.01 -56.98 15.93
O6 NAG DA . -1.38 -58.22 15.64
O7 NAG DA . 3.27 -57.46 20.15
C1 BMA DA . 0.47 -61.64 15.79
C2 BMA DA . 0.07 -62.45 14.55
C3 BMA DA . -0.90 -63.52 14.90
C4 BMA DA . -0.21 -64.43 15.91
C5 BMA DA . 0.19 -63.60 17.16
C6 BMA DA . 0.96 -64.50 18.19
O2 BMA DA . 1.19 -63.02 14.06
O3 BMA DA . -1.26 -64.25 13.71
O4 BMA DA . -1.08 -65.44 16.26
O5 BMA DA . 1.08 -62.55 16.76
O6 BMA DA . 0.45 -65.89 18.27
C1 NAG EA . 29.96 -21.60 15.41
C2 NAG EA . 30.64 -22.10 16.64
C3 NAG EA . 30.06 -21.36 17.77
C4 NAG EA . 30.28 -19.80 17.64
C5 NAG EA . 29.59 -19.38 16.31
C6 NAG EA . 29.74 -17.93 15.93
C7 NAG EA . 31.23 -24.46 16.63
C8 NAG EA . 30.75 -25.88 16.76
N2 NAG EA . 30.33 -23.51 16.80
O3 NAG EA . 30.64 -21.86 19.00
O4 NAG EA . 29.64 -19.22 18.76
O5 NAG EA . 30.17 -20.09 15.21
O6 NAG EA . 31.10 -17.50 15.97
O7 NAG EA . 32.40 -24.19 16.39
C1 NAG EA . 30.33 -18.11 19.32
C2 NAG EA . 29.34 -17.40 20.19
C3 NAG EA . 29.97 -16.19 20.76
C4 NAG EA . 31.21 -16.62 21.60
C5 NAG EA . 32.21 -17.39 20.68
C6 NAG EA . 33.41 -17.86 21.45
C7 NAG EA . 26.97 -17.38 19.73
C8 NAG EA . 25.87 -16.96 18.81
N2 NAG EA . 28.19 -17.01 19.40
O3 NAG EA . 29.00 -15.47 21.54
O4 NAG EA . 31.81 -15.50 22.14
O5 NAG EA . 31.57 -18.54 20.14
O6 NAG EA . 33.80 -16.91 22.44
O7 NAG EA . 26.75 -18.02 20.76
C1 NAG FA . 36.76 -27.17 12.73
C2 NAG FA . 37.29 -25.87 12.22
C3 NAG FA . 38.68 -26.10 11.79
C4 NAG FA . 39.57 -26.65 12.98
C5 NAG FA . 38.90 -27.99 13.45
C6 NAG FA . 39.57 -28.70 14.59
C7 NAG FA . 35.40 -24.67 11.19
C8 NAG FA . 34.43 -24.55 10.05
N2 NAG FA . 36.44 -25.49 11.07
O3 NAG FA . 39.23 -24.83 11.34
O4 NAG FA . 40.89 -26.89 12.51
O5 NAG FA . 37.58 -27.72 13.90
O6 NAG FA . 40.83 -29.20 14.18
O7 NAG FA . 35.22 -24.00 12.20
C1 NAG FA . 41.89 -26.38 13.38
C2 NAG FA . 43.21 -26.89 12.92
C3 NAG FA . 44.27 -26.41 13.83
C4 NAG FA . 44.27 -24.85 13.85
C5 NAG FA . 42.86 -24.36 14.32
C6 NAG FA . 42.77 -22.87 14.36
C7 NAG FA . 43.50 -29.06 11.90
C8 NAG FA . 43.48 -30.54 12.10
N2 NAG FA . 43.23 -28.33 12.95
O3 NAG FA . 45.54 -26.95 13.42
O4 NAG FA . 45.25 -24.40 14.72
O5 NAG FA . 41.86 -24.83 13.41
O6 NAG FA . 43.93 -22.30 14.96
O7 NAG FA . 43.75 -28.55 10.81
C1 NAG GA . 27.03 -51.09 12.66
C2 NAG GA . 27.82 -51.80 13.68
C3 NAG GA . 28.76 -52.70 12.98
C4 NAG GA . 28.00 -53.76 12.09
C5 NAG GA . 27.14 -52.93 11.09
C6 NAG GA . 26.20 -53.75 10.23
C7 NAG GA . 28.54 -50.82 15.76
C8 NAG GA . 29.15 -49.64 16.43
N2 NAG GA . 28.53 -50.81 14.46
O3 NAG GA . 29.59 -53.35 13.97
O4 NAG GA . 29.04 -54.44 11.44
O5 NAG GA . 26.24 -52.08 11.78
O6 NAG GA . 25.44 -54.67 10.98
O7 NAG GA . 28.07 -51.78 16.38
C1 NAG GA . 28.80 -55.81 11.17
C2 NAG GA . 29.57 -56.15 9.94
C3 NAG GA . 29.33 -57.54 9.57
C4 NAG GA . 29.84 -58.47 10.72
C5 NAG GA . 29.03 -58.08 12.00
C6 NAG GA . 29.50 -58.89 13.18
C7 NAG GA . 29.92 -54.31 8.39
C8 NAG GA . 29.37 -53.48 7.29
N2 NAG GA . 29.17 -55.29 8.84
O3 NAG GA . 29.98 -57.82 8.30
O4 NAG GA . 29.57 -59.82 10.38
O5 NAG GA . 29.26 -56.71 12.34
O6 NAG GA . 29.25 -60.27 12.98
O7 NAG GA . 31.04 -54.09 8.86
C1 BMA GA . 30.76 -60.69 10.14
C2 BMA GA . 30.55 -61.43 8.81
C3 BMA GA . 31.63 -62.41 8.52
C4 BMA GA . 32.91 -61.61 8.46
C5 BMA GA . 33.14 -60.88 9.83
C6 BMA GA . 34.46 -60.01 9.76
O2 BMA GA . 30.53 -60.51 7.83
O3 BMA GA . 31.35 -63.03 7.22
O4 BMA GA . 33.98 -62.47 8.21
O5 BMA GA . 32.04 -59.98 10.06
O6 BMA GA . 35.58 -60.66 9.08
C1 MAN GA . 31.29 -64.50 7.32
C2 MAN GA . 31.27 -65.10 5.91
C3 MAN GA . 30.03 -64.76 5.16
C4 MAN GA . 28.85 -65.31 5.95
C5 MAN GA . 28.87 -64.67 7.37
C6 MAN GA . 27.70 -65.24 8.25
O2 MAN GA . 31.33 -66.44 6.03
O3 MAN GA . 30.07 -65.35 3.84
O4 MAN GA . 27.66 -65.00 5.31
O5 MAN GA . 30.11 -65.01 8.03
O6 MAN GA . 26.42 -65.38 7.52
C1 NAG HA . 32.74 -41.78 6.77
C2 NAG HA . 32.39 -42.68 5.62
C3 NAG HA . 32.87 -44.02 5.98
C4 NAG HA . 34.41 -44.11 6.24
C5 NAG HA . 34.67 -43.10 7.40
C6 NAG HA . 36.12 -42.90 7.77
C7 NAG HA . 30.28 -42.06 4.61
C8 NAG HA . 28.79 -42.19 4.67
N2 NAG HA . 30.96 -42.75 5.49
O3 NAG HA . 32.50 -44.93 4.92
O4 NAG HA . 34.61 -45.44 6.67
O5 NAG HA . 34.25 -41.79 7.05
O6 NAG HA . 36.29 -41.75 8.57
O7 NAG HA . 30.84 -41.34 3.78
C1 NAG HA . 35.84 -46.02 6.29
C2 NAG HA . 36.16 -47.05 7.33
C3 NAG HA . 37.44 -47.69 7.02
C4 NAG HA . 37.30 -48.38 5.62
C5 NAG HA . 36.96 -47.31 4.55
C6 NAG HA . 36.77 -47.93 3.20
C7 NAG HA . 35.31 -46.47 9.53
C8 NAG HA . 35.53 -45.71 10.81
N2 NAG HA . 36.27 -46.40 8.63
O3 NAG HA . 37.77 -48.64 8.07
O4 NAG HA . 38.49 -49.02 5.31
O5 NAG HA . 35.72 -46.68 4.90
O6 NAG HA . 37.60 -49.07 3.02
O7 NAG HA . 34.30 -47.13 9.34
C1 NAG IA . 33.89 -42.40 17.03
C2 NAG IA . 35.20 -43.04 17.38
C3 NAG IA . 36.00 -42.10 18.19
C4 NAG IA . 36.28 -40.77 17.38
C5 NAG IA . 34.87 -40.18 17.04
C6 NAG IA . 34.93 -38.88 16.29
C7 NAG IA . 34.82 -45.44 17.62
C8 NAG IA . 34.54 -46.58 18.54
N2 NAG IA . 34.97 -44.25 18.16
O3 NAG IA . 37.23 -42.74 18.56
O4 NAG IA . 37.00 -39.82 18.16
O5 NAG IA . 34.14 -41.10 16.24
O6 NAG IA . 35.57 -37.88 17.06
O7 NAG IA . 34.92 -45.60 16.40
C1 NAG IA . 38.30 -39.57 17.65
C2 NAG IA . 38.93 -38.47 18.46
C3 NAG IA . 40.28 -38.21 17.92
C4 NAG IA . 41.20 -39.47 18.01
C5 NAG IA . 40.48 -40.61 17.20
C6 NAG IA . 41.22 -41.92 17.30
C7 NAG IA . 37.45 -36.75 19.31
C8 NAG IA . 36.80 -35.42 19.07
N2 NAG IA . 38.19 -37.23 18.35
O3 NAG IA . 40.86 -37.09 18.63
O4 NAG IA . 42.42 -39.15 17.36
O5 NAG IA . 39.18 -40.84 17.74
O6 NAG IA . 40.51 -42.98 16.69
O7 NAG IA . 37.31 -37.37 20.36
C1 BMA IA . 43.62 -39.22 18.22
C2 BMA IA . 44.81 -39.55 17.32
C3 BMA IA . 46.08 -39.63 18.09
C4 BMA IA . 46.29 -38.27 18.73
C5 BMA IA . 45.09 -37.94 19.67
C6 BMA IA . 45.26 -36.49 20.27
O2 BMA IA . 44.92 -38.59 16.40
O3 BMA IA . 47.18 -39.96 17.21
O4 BMA IA . 47.47 -38.28 19.47
O5 BMA IA . 43.89 -37.93 18.86
O6 BMA IA . 46.67 -36.07 20.44
C1 NAG JA . 36.93 -25.58 17.28
C2 NAG JA . 38.35 -25.16 17.42
C3 NAG JA . 38.42 -23.73 17.78
C4 NAG JA . 37.78 -22.82 16.65
C5 NAG JA . 36.31 -23.33 16.54
C6 NAG JA . 35.52 -22.68 15.43
C7 NAG JA . 40.11 -26.58 18.28
C8 NAG JA . 40.59 -27.41 19.41
N2 NAG JA . 38.98 -25.94 18.47
O3 NAG JA . 39.79 -23.34 18.02
O4 NAG JA . 37.84 -21.50 17.13
O5 NAG JA . 36.26 -24.72 16.20
O6 NAG JA . 36.26 -22.52 14.24
O7 NAG JA . 40.73 -26.51 17.22
C1 NAG JA . 38.15 -20.52 16.15
C2 NAG JA . 37.55 -19.23 16.60
C3 NAG JA . 37.80 -18.18 15.59
C4 NAG JA . 39.35 -17.97 15.41
C5 NAG JA . 39.94 -19.35 14.97
C6 NAG JA . 41.44 -19.25 14.81
C7 NAG JA . 35.55 -19.39 17.96
C8 NAG JA . 34.07 -19.53 17.99
N2 NAG JA . 36.12 -19.36 16.77
O3 NAG JA . 37.13 -16.96 15.99
O4 NAG JA . 39.59 -17.00 14.41
O5 NAG JA . 39.68 -20.35 15.96
O6 NAG JA . 41.80 -18.20 13.95
O7 NAG JA . 36.22 -19.30 18.98
C1 BMA JA . 40.13 -15.73 14.95
C2 BMA JA . 40.62 -14.88 13.78
C3 BMA JA . 41.19 -13.59 14.24
C4 BMA JA . 40.09 -12.86 14.98
C5 BMA JA . 39.61 -13.73 16.18
C6 BMA JA . 38.42 -13.02 16.93
O2 BMA JA . 39.56 -14.64 13.00
O3 BMA JA . 41.64 -12.81 13.10
O4 BMA JA . 40.56 -11.64 15.44
O5 BMA JA . 39.12 -14.99 15.67
O6 BMA JA . 38.52 -11.55 16.98
C1 NAG KA . 20.64 -20.79 17.72
C2 NAG KA . 20.00 -19.71 16.89
C3 NAG KA . 20.49 -18.40 17.39
C4 NAG KA . 20.10 -18.18 18.89
C5 NAG KA . 20.76 -19.36 19.68
C6 NAG KA . 20.47 -19.36 21.17
C7 NAG KA . 19.57 -20.21 14.56
C8 NAG KA . 20.15 -20.42 13.20
N2 NAG KA . 20.41 -19.85 15.51
O3 NAG KA . 19.95 -17.35 16.55
O4 NAG KA . 20.66 -16.94 19.26
O5 NAG KA . 20.27 -20.61 19.21
O6 NAG KA . 20.83 -20.60 21.76
O7 NAG KA . 18.37 -20.37 14.80
C1 NAG KA . 19.83 -16.16 20.08
C2 NAG KA . 20.64 -14.98 20.51
C3 NAG KA . 19.85 -14.13 21.41
C4 NAG KA . 18.57 -13.65 20.66
C5 NAG KA . 17.74 -14.90 20.22
C6 NAG KA . 16.51 -14.49 19.45
C7 NAG KA . 23.05 -15.15 20.82
C8 NAG KA . 24.17 -15.70 21.65
N2 NAG KA . 21.82 -15.44 21.21
O3 NAG KA . 20.66 -13.02 21.86
O4 NAG KA . 17.82 -12.85 21.51
O5 NAG KA . 18.54 -15.70 19.35
O6 NAG KA . 15.87 -13.35 20.04
O7 NAG KA . 23.26 -14.47 19.82
C1 NAG LA . -34.24 -8.77 -34.62
C2 NAG LA . -34.65 -9.99 -33.82
C3 NAG LA . -35.89 -10.60 -34.30
C4 NAG LA . -37.00 -9.50 -34.17
C5 NAG LA . -36.63 -8.29 -35.09
C6 NAG LA . -37.61 -7.15 -35.05
C7 NAG LA . -32.83 -11.21 -32.81
C8 NAG LA . -31.63 -12.09 -32.97
N2 NAG LA . -33.58 -10.97 -33.87
O3 NAG LA . -36.18 -11.79 -33.53
O4 NAG LA . -38.28 -10.03 -34.47
O5 NAG LA . -35.40 -7.77 -34.59
O6 NAG LA . -37.82 -6.66 -33.74
O7 NAG LA . -33.12 -10.72 -31.73
C1 NAG LA . -39.18 -9.89 -33.39
C2 NAG LA . -40.55 -10.15 -33.92
C3 NAG LA . -41.53 -10.00 -32.83
C4 NAG LA . -41.19 -11.04 -31.71
C5 NAG LA . -39.75 -10.76 -31.17
C6 NAG LA . -39.34 -11.75 -30.12
C7 NAG LA . -41.23 -9.48 -36.15
C8 NAG LA . -41.48 -8.35 -37.10
N2 NAG LA . -40.85 -9.15 -34.93
O3 NAG LA . -42.87 -10.18 -33.36
O4 NAG LA . -42.11 -10.92 -30.68
O5 NAG LA . -38.84 -10.90 -32.26
O6 NAG LA . -40.43 -12.13 -29.30
O7 NAG LA . -41.40 -10.66 -36.48
C1 NAG MA . -23.90 -19.39 -22.25
C2 NAG MA . -23.57 -20.68 -22.93
C3 NAG MA . -22.48 -21.32 -22.20
C4 NAG MA . -21.17 -20.45 -22.18
C5 NAG MA . -21.60 -19.09 -21.52
C6 NAG MA . -20.54 -18.03 -21.52
C7 NAG MA . -25.40 -21.80 -24.00
C8 NAG MA . -26.60 -22.67 -23.83
N2 NAG MA . -24.72 -21.55 -22.91
O3 NAG MA . -22.20 -22.62 -22.79
O4 NAG MA . -20.27 -21.12 -21.35
O5 NAG MA . -22.66 -18.49 -22.23
O6 NAG MA . -20.34 -17.49 -22.82
O7 NAG MA . -25.07 -21.35 -25.10
C1 NAG MA . -18.95 -21.19 -21.85
C2 NAG MA . -18.05 -21.39 -20.66
C3 NAG MA . -16.65 -21.46 -21.09
C4 NAG MA . -16.51 -22.69 -22.06
C5 NAG MA . -17.44 -22.48 -23.30
C6 NAG MA . -17.38 -23.67 -24.21
C7 NAG MA . -18.82 -20.35 -18.60
C8 NAG MA . -18.90 -19.09 -17.78
N2 NAG MA . -18.19 -20.26 -19.75
O3 NAG MA . -15.80 -21.58 -19.94
O4 NAG MA . -15.18 -22.79 -22.47
O5 NAG MA . -18.80 -22.38 -22.83
O6 NAG MA . -16.09 -24.26 -24.22
O7 NAG MA . -19.31 -21.41 -18.21
C1 NAG NA . -4.53 0.07 -31.26
C2 NAG NA . -4.23 1.53 -31.30
C3 NAG NA . -2.82 1.70 -31.73
C4 NAG NA . -1.84 1.05 -30.71
C5 NAG NA . -2.21 -0.47 -30.62
C6 NAG NA . -1.46 -1.17 -29.51
C7 NAG NA . -5.60 3.38 -32.05
C8 NAG NA . -6.47 3.94 -33.11
N2 NAG NA . -5.08 2.19 -32.26
O3 NAG NA . -2.50 3.11 -31.87
O4 NAG NA . -0.55 1.14 -31.31
O5 NAG NA . -3.58 -0.60 -30.25
O6 NAG NA . -1.27 -2.57 -29.77
O7 NAG NA . -5.37 4.01 -31.02
C1 NAG NA . 0.39 1.86 -30.55
C2 NAG NA . 1.75 1.36 -30.92
C3 NAG NA . 2.76 2.01 -30.09
C4 NAG NA . 2.76 3.55 -30.37
C5 NAG NA . 1.30 4.05 -30.06
C6 NAG NA . 1.13 5.50 -30.41
C7 NAG NA . 2.25 -0.84 -31.72
C8 NAG NA . 2.22 -2.31 -31.47
N2 NAG NA . 1.82 -0.06 -30.76
O3 NAG NA . 4.03 1.40 -30.37
O4 NAG NA . 3.64 4.15 -29.44
O5 NAG NA . 0.32 3.37 -30.84
O6 NAG NA . 2.31 6.24 -30.12
O7 NAG NA . 2.66 -0.37 -32.79
C1 BMA NA . 4.96 4.52 -29.98
C2 BMA NA . 5.56 5.57 -29.04
C3 BMA NA . 6.88 6.04 -29.51
C4 BMA NA . 7.78 4.83 -29.58
C5 BMA NA . 7.18 3.77 -30.54
C6 BMA NA . 8.06 2.46 -30.54
O2 BMA NA . 5.73 4.97 -27.84
O3 BMA NA . 7.39 7.03 -28.58
O4 BMA NA . 9.03 5.24 -30.03
O5 BMA NA . 5.87 3.40 -30.05
O6 BMA NA . 7.90 1.61 -29.34
C1 MAN NA . 7.83 8.25 -29.26
C2 MAN NA . 8.57 9.15 -28.25
C3 MAN NA . 7.65 9.63 -27.19
C4 MAN NA . 6.56 10.44 -27.88
C5 MAN NA . 5.82 9.52 -28.87
C6 MAN NA . 4.70 10.31 -29.64
O2 MAN NA . 9.03 10.24 -28.91
O3 MAN NA . 8.39 10.46 -26.25
O4 MAN NA . 5.66 10.93 -26.95
O5 MAN NA . 6.75 9.03 -29.85
O6 MAN NA . 3.57 10.71 -28.78
C1 MAN NA . 10.29 10.04 -29.65
C2 MAN NA . 11.35 10.98 -29.06
C3 MAN NA . 10.99 12.41 -29.26
C4 MAN NA . 10.88 12.65 -30.75
C5 MAN NA . 9.78 11.70 -31.30
C6 MAN NA . 9.58 11.93 -32.84
O2 MAN NA . 12.50 10.73 -29.72
O3 MAN NA . 12.03 13.24 -28.68
O4 MAN NA . 10.55 13.97 -31.01
O5 MAN NA . 10.16 10.33 -31.06
O6 MAN NA . 9.69 13.34 -33.26
C1 MAN NA . 9.14 0.94 -28.92
C2 MAN NA . 8.77 -0.38 -28.23
C3 MAN NA . 8.01 -0.17 -26.98
C4 MAN NA . 8.90 0.64 -26.05
C5 MAN NA . 9.24 2.00 -26.75
C6 MAN NA . 10.19 2.85 -25.82
O2 MAN NA . 9.92 -1.01 -27.95
O3 MAN NA . 7.69 -1.46 -26.40
O4 MAN NA . 8.24 0.87 -24.85
O5 MAN NA . 9.94 1.72 -27.98
O6 MAN NA . 9.80 2.87 -24.40
C1 NAG OA . -38.04 1.46 -39.45
C2 NAG OA . -39.33 1.45 -38.68
C3 NAG OA . -40.47 1.34 -39.62
C4 NAG OA . -40.47 2.58 -40.58
C5 NAG OA . -39.13 2.54 -41.35
C6 NAG OA . -39.01 3.66 -42.34
C7 NAG OA . -39.32 0.47 -36.49
C8 NAG OA . -39.28 -0.78 -35.67
N2 NAG OA . -39.34 0.32 -37.79
O3 NAG OA . -41.72 1.21 -38.89
O4 NAG OA . -41.50 2.48 -41.54
O5 NAG OA . -38.04 2.64 -40.44
O6 NAG OA . -37.95 3.47 -43.25
O7 NAG OA . -39.32 1.58 -35.98
C1 NAG OA . -42.76 3.01 -41.13
C2 NAG OA . -43.18 4.03 -42.13
C3 NAG OA . -44.54 4.51 -41.84
C4 NAG OA . -45.52 3.28 -41.91
C5 NAG OA . -45.10 2.24 -40.82
C6 NAG OA . -45.91 0.96 -40.86
C7 NAG OA . -41.97 5.86 -43.14
C8 NAG OA . -41.04 7.01 -42.97
N2 NAG OA . -42.28 5.16 -42.08
O3 NAG OA . -44.94 5.54 -42.76
O4 NAG OA . -46.85 3.74 -41.74
O5 NAG OA . -43.77 1.84 -41.12
O6 NAG OA . -45.67 0.21 -42.04
O7 NAG OA . -42.45 5.57 -44.25
C1 BMA OA . -47.77 3.26 -42.80
C2 BMA OA . -49.18 3.16 -42.21
C3 BMA OA . -50.14 2.68 -43.24
C4 BMA OA . -50.14 3.68 -44.38
C5 BMA OA . -48.70 3.78 -44.97
C6 BMA OA . -48.63 4.91 -46.08
O2 BMA OA . -49.54 4.38 -41.81
O3 BMA OA . -51.46 2.58 -42.65
O4 BMA OA . -51.04 3.23 -45.34
O5 BMA OA . -47.81 4.19 -43.92
O6 BMA OA . -47.76 6.05 -45.73
C1 MAN OA . -48.20 7.34 -46.29
C2 MAN OA . -47.15 8.40 -45.99
C3 MAN OA . -47.02 8.65 -44.52
C4 MAN OA . -48.37 9.12 -44.01
C5 MAN OA . -49.43 8.03 -44.34
C6 MAN OA . -50.87 8.47 -43.87
O2 MAN OA . -47.56 9.54 -46.57
O3 MAN OA . -45.99 9.63 -44.28
O4 MAN OA . -48.29 9.25 -42.63
O5 MAN OA . -49.48 7.80 -45.76
O6 MAN OA . -50.89 9.28 -42.65
C1 NAG PA . 1.19 -4.14 -40.29
C2 NAG PA . 0.99 -5.11 -41.41
C3 NAG PA . 0.89 -6.45 -40.80
C4 NAG PA . 2.20 -6.81 -40.01
C5 NAG PA . 2.36 -5.72 -38.90
C6 NAG PA . 3.57 -5.87 -38.02
C7 NAG PA . -0.34 -4.34 -43.30
C8 NAG PA . -1.70 -4.03 -43.83
N2 NAG PA . -0.27 -4.81 -42.07
O3 NAG PA . 0.66 -7.43 -41.84
O4 NAG PA . 2.01 -8.07 -39.43
O5 NAG PA . 2.46 -4.42 -39.49
O6 NAG PA . 3.84 -4.70 -37.26
O7 NAG PA . 0.68 -4.17 -43.96
C1 NAG PA . 3.13 -8.91 -39.55
C2 NAG PA . 2.86 -10.13 -38.72
C3 NAG PA . 4.04 -11.03 -38.76
C4 NAG PA . 4.28 -11.44 -40.26
C5 NAG PA . 4.55 -10.15 -41.11
C6 NAG PA . 4.74 -10.48 -42.56
C7 NAG PA . 1.43 -9.82 -36.79
C8 NAG PA . 1.30 -9.37 -35.38
N2 NAG PA . 2.62 -9.73 -37.35
O3 NAG PA . 3.81 -12.16 -37.91
O4 NAG PA . 5.38 -12.29 -40.32
O5 NAG PA . 3.40 -9.30 -41.02
O6 NAG PA . 5.39 -11.73 -42.73
O7 NAG PA . 0.46 -10.29 -37.42
C1 NAG QA . 2.30 0.42 -48.07
C2 NAG QA . 3.65 0.72 -47.51
C3 NAG QA . 4.49 1.23 -48.60
C4 NAG QA . 4.60 0.15 -49.74
C5 NAG QA . 3.16 -0.14 -50.28
C6 NAG QA . 3.04 -1.20 -51.34
C7 NAG QA . 3.37 1.38 -45.16
C8 NAG QA . 2.90 2.44 -44.22
N2 NAG QA . 3.46 1.72 -46.44
O3 NAG QA . 5.80 1.56 -48.06
O4 NAG QA . 5.40 0.71 -50.77
O5 NAG QA . 2.36 -0.62 -49.20
O6 NAG QA . 2.00 -0.95 -52.28
O7 NAG QA . 3.66 0.25 -44.75
C1 NAG QA . 6.49 -0.11 -51.16
C2 NAG QA . 6.95 0.40 -52.48
C3 NAG QA . 8.07 -0.42 -52.98
C4 NAG QA . 9.23 -0.32 -51.94
C5 NAG QA . 8.73 -0.85 -50.56
C6 NAG QA . 9.83 -0.74 -49.55
C7 NAG QA . 5.45 1.36 -54.11
C8 NAG QA . 4.29 1.14 -55.02
N2 NAG QA . 5.86 0.32 -53.42
O3 NAG QA . 8.47 0.05 -54.29
O4 NAG QA . 10.32 -1.07 -52.35
O5 NAG QA . 7.63 -0.04 -50.12
O6 NAG QA . 11.09 -1.05 -50.14
O7 NAG QA . 6.01 2.46 -54.01
C1 NAG RA . -21.16 7.56 -55.35
C2 NAG RA . -21.84 7.09 -56.58
C3 NAG RA . -21.74 8.16 -57.60
C4 NAG RA . -22.44 9.47 -57.09
C5 NAG RA . -21.69 9.88 -55.78
C6 NAG RA . -22.23 11.13 -55.15
C7 NAG RA . -21.80 4.78 -57.23
C8 NAG RA . -21.00 3.61 -57.70
N2 NAG RA . -21.16 5.90 -57.05
O3 NAG RA . -22.31 7.69 -58.84
O4 NAG RA . -22.32 10.50 -58.03
O5 NAG RA . -21.80 8.85 -54.81
O6 NAG RA . -22.03 11.16 -53.75
O7 NAG RA . -23.01 4.68 -57.02
C1 NAG RA . -23.49 10.81 -58.76
C2 NAG RA . -23.53 12.30 -58.95
C3 NAG RA . -24.70 12.66 -59.77
C4 NAG RA . -24.60 12.00 -61.20
C5 NAG RA . -24.57 10.44 -60.96
C6 NAG RA . -24.36 9.67 -62.23
C7 NAG RA . -23.11 14.07 -57.37
C8 NAG RA . -23.35 14.62 -55.99
N2 NAG RA . -23.68 12.93 -57.66
O3 NAG RA . -24.78 14.10 -59.88
O4 NAG RA . -25.74 12.40 -61.93
O5 NAG RA . -23.44 10.13 -60.14
O6 NAG RA . -23.19 10.09 -62.92
O7 NAG RA . -22.41 14.66 -58.20
C1 BMA RA . -25.51 12.94 -63.29
C2 BMA RA . -25.66 14.48 -63.26
C3 BMA RA . -25.58 15.06 -64.63
C4 BMA RA . -24.19 14.70 -65.16
C5 BMA RA . -24.05 13.16 -65.19
C6 BMA RA . -22.63 12.75 -65.72
O2 BMA RA . -24.66 14.99 -62.53
O3 BMA RA . -25.76 16.51 -64.58
O4 BMA RA . -24.03 15.22 -66.43
O5 BMA RA . -24.19 12.63 -63.86
O6 BMA RA . -22.19 13.51 -66.90
C1 MAN RA . -26.82 16.99 -65.47
C2 MAN RA . -26.56 18.46 -65.82
C3 MAN RA . -26.63 19.37 -64.65
C4 MAN RA . -28.05 19.23 -64.10
C5 MAN RA . -28.29 17.75 -63.71
C6 MAN RA . -29.74 17.59 -63.12
O2 MAN RA . -27.50 18.83 -66.72
O3 MAN RA . -26.38 20.72 -65.07
O4 MAN RA . -28.20 20.04 -62.98
O5 MAN RA . -28.17 16.91 -64.89
O6 MAN RA . -30.15 18.73 -62.28
C1 NAG SA . -9.55 10.99 -52.02
C2 NAG SA . -10.12 12.37 -52.18
C3 NAG SA . -10.89 12.35 -53.43
C4 NAG SA . -10.01 12.01 -54.70
C5 NAG SA . -9.43 10.60 -54.40
C6 NAG SA . -8.44 10.07 -55.41
C7 NAG SA . -10.73 13.27 -50.00
C8 NAG SA . -11.79 13.38 -48.97
N2 NAG SA . -11.06 12.62 -51.10
O3 NAG SA . -11.53 13.64 -53.60
O4 NAG SA . -10.94 11.97 -55.77
O5 NAG SA . -8.66 10.61 -53.20
O6 NAG SA . -7.67 9.00 -54.89
O7 NAG SA . -9.61 13.75 -49.86
C1 NAG SA . -10.41 12.41 -57.00
C2 NAG SA . -11.12 11.67 -58.09
C3 NAG SA . -10.55 12.03 -59.40
C4 NAG SA . -10.78 13.58 -59.64
C5 NAG SA . -10.07 14.33 -58.46
C6 NAG SA . -10.31 15.81 -58.56
C7 NAG SA . -12.01 9.49 -57.51
C8 NAG SA . -11.73 8.05 -57.26
N2 NAG SA . -11.00 10.24 -57.88
O3 NAG SA . -11.16 11.21 -60.42
O4 NAG SA . -10.16 13.96 -60.86
O5 NAG SA . -10.62 13.93 -57.20
O6 NAG SA . -9.86 16.31 -59.81
O7 NAG SA . -13.15 9.95 -57.38
C1 BMA SA . -11.12 14.24 -61.95
C2 BMA SA . -10.39 14.98 -63.07
C3 BMA SA . -11.31 15.29 -64.20
C4 BMA SA . -11.86 13.98 -64.71
C5 BMA SA . -12.61 13.25 -63.56
C6 BMA SA . -13.13 11.84 -64.06
O2 BMA SA . -9.42 14.15 -63.51
O3 BMA SA . -10.58 15.99 -65.23
O4 BMA SA . -12.74 14.22 -65.76
O5 BMA SA . -11.69 13.01 -62.49
O6 BMA SA . -13.64 11.83 -65.44
C1 NAG TA . -11.16 0.63 -55.44
C2 NAG TA . -10.91 0.49 -56.91
C3 NAG TA . -9.85 -0.50 -57.15
C4 NAG TA . -8.53 -0.04 -56.46
C5 NAG TA . -8.83 0.06 -54.93
C6 NAG TA . -7.64 0.44 -54.09
C7 NAG TA . -12.92 0.75 -58.25
C8 NAG TA . -14.16 0.10 -58.78
N2 NAG TA . -12.13 -0.01 -57.54
O3 NAG TA . -9.66 -0.65 -58.58
O4 NAG TA . -7.48 -0.98 -56.69
O5 NAG TA . -9.85 1.05 -54.75
O6 NAG TA . -6.98 1.58 -54.60
O7 NAG TA . -12.65 1.94 -58.47
C1 NAG TA . -6.39 -0.40 -57.41
C2 NAG TA . -5.25 -1.37 -57.38
C3 NAG TA . -4.12 -0.76 -58.13
C4 NAG TA . -4.51 -0.47 -59.64
C5 NAG TA . -5.74 0.50 -59.59
C6 NAG TA . -6.33 0.81 -60.95
C7 NAG TA . -4.70 -2.77 -55.47
C8 NAG TA . -4.32 -2.84 -54.03
N2 NAG TA . -4.85 -1.58 -56.00
O3 NAG TA . -2.97 -1.65 -58.07
O4 NAG TA . -3.40 0.17 -60.24
O5 NAG TA . -6.81 -0.11 -58.86
O6 NAG TA . -7.10 2.00 -60.95
O7 NAG TA . -4.89 -3.78 -56.15
C1 BMA TA . -2.95 -0.41 -61.51
C2 BMA TA . -2.41 0.72 -62.41
C3 BMA TA . -1.95 0.19 -63.71
C4 BMA TA . -0.84 -0.80 -63.44
C5 BMA TA . -1.39 -1.95 -62.54
C6 BMA TA . -0.21 -2.95 -62.18
O2 BMA TA . -1.37 1.28 -61.77
O3 BMA TA . -1.47 1.29 -64.54
O4 BMA TA . -0.36 -1.32 -64.63
O5 BMA TA . -1.86 -1.37 -61.30
O6 BMA TA . 0.79 -3.12 -63.23
C1 NAG UA . 2.45 -4.35 -47.84
C2 NAG UA . 3.65 -4.74 -48.66
C3 NAG UA . 4.62 -5.51 -47.84
C4 NAG UA . 5.14 -4.60 -46.66
C5 NAG UA . 3.88 -4.22 -45.83
C6 NAG UA . 4.15 -3.26 -44.69
C7 NAG UA . 3.54 -5.35 -50.99
C8 NAG UA . 2.91 -6.22 -52.03
N2 NAG UA . 3.19 -5.58 -49.75
O3 NAG UA . 5.71 -5.96 -48.68
O4 NAG UA . 6.06 -5.34 -45.88
O5 NAG UA . 2.95 -3.52 -46.65
O6 NAG UA . 4.97 -2.18 -45.09
O7 NAG UA . 4.35 -4.48 -51.29
C1 NAG UA . 7.25 -4.66 -45.58
C2 NAG UA . 7.82 -5.22 -44.31
C3 NAG UA . 9.07 -4.52 -43.98
C4 NAG UA . 10.13 -4.76 -45.11
C5 NAG UA . 9.51 -4.18 -46.43
C6 NAG UA . 10.40 -4.46 -47.62
C7 NAG UA . 6.56 -6.03 -42.44
C8 NAG UA . 5.58 -5.72 -41.35
N2 NAG UA . 6.89 -5.04 -43.22
O3 NAG UA . 9.54 -5.00 -42.69
O4 NAG UA . 11.30 -4.05 -44.77
O5 NAG UA . 8.28 -4.84 -46.72
O6 NAG UA . 10.51 -5.84 -47.88
O7 NAG UA . 7.02 -7.16 -42.59
C1 BMA UA . 12.49 -4.92 -44.62
C2 BMA UA . 13.73 -4.05 -44.76
C3 BMA UA . 14.97 -4.87 -44.64
C4 BMA UA . 14.96 -5.52 -43.27
C5 BMA UA . 13.69 -6.41 -43.14
C6 BMA UA . 13.62 -7.03 -41.69
O2 BMA UA . 13.72 -3.14 -43.77
O3 BMA UA . 16.13 -4.00 -44.81
O4 BMA UA . 16.10 -6.30 -43.12
O5 BMA UA . 12.52 -5.57 -43.31
O6 BMA UA . 14.91 -7.49 -41.17
C1 NAG VA . -5.26 -7.44 -33.72
C2 NAG VA . -4.70 -7.13 -32.36
C3 NAG VA . -3.59 -8.05 -32.08
C4 NAG VA . -4.08 -9.54 -32.09
C5 NAG VA . -4.69 -9.78 -33.51
C6 NAG VA . -5.28 -11.15 -33.70
C7 NAG VA . -4.76 -4.83 -31.60
C8 NAG VA . -4.24 -3.45 -31.76
N2 NAG VA . -4.20 -5.77 -32.33
O3 NAG VA . -3.01 -7.70 -30.80
O4 NAG VA . -2.90 -10.29 -31.91
O5 NAG VA . -5.77 -8.88 -33.77
O6 NAG VA . -6.13 -11.22 -34.83
O7 NAG VA . -5.68 -5.11 -30.82
C1 NAG VA . -3.04 -11.41 -31.07
C2 NAG VA . -1.77 -12.18 -31.21
C3 NAG VA . -1.82 -13.43 -30.41
C4 NAG VA . -2.03 -13.01 -28.92
C5 NAG VA . -3.35 -12.19 -28.78
C6 NAG VA . -3.54 -11.73 -27.35
C7 NAG VA . -0.39 -12.26 -33.20
C8 NAG VA . -0.30 -12.57 -34.67
N2 NAG VA . -1.54 -12.49 -32.61
O3 NAG VA . -0.61 -14.19 -30.61
O4 NAG VA . -2.08 -14.15 -28.13
O5 NAG VA . -3.26 -11.03 -29.59
O6 NAG VA . -2.94 -12.63 -26.42
O7 NAG VA . 0.56 -11.81 -32.57
C1B LMT WA . -45.95 -1.06 14.32
C2B LMT WA . -46.71 -0.09 13.42
C3B LMT WA . -48.21 -0.37 13.47
C4B LMT WA . -48.67 -0.57 14.91
C5B LMT WA . -47.75 -1.51 15.68
C6B LMT WA . -47.71 -2.91 15.07
O1B LMT WA . -44.57 -0.73 14.33
O2B LMT WA . -46.48 1.25 13.84
O3B LMT WA . -48.53 -1.54 12.70
O4' LMT WA . -48.70 0.69 15.56
O5B LMT WA . -46.45 -0.96 15.64
O6B LMT WA . -46.46 -3.54 15.39
C1' LMT WA . -41.25 -1.35 12.54
C2' LMT WA . -42.21 -0.74 11.58
C3' LMT WA . -43.50 -0.42 12.27
C4' LMT WA . -43.93 -1.44 13.30
C5' LMT WA . -42.84 -2.27 13.94
C6' LMT WA . -43.48 -3.55 14.45
O1' LMT WA . -40.06 -1.64 11.81
O2' LMT WA . -41.64 0.47 11.10
O3' LMT WA . -44.51 -0.39 11.27
O5' LMT WA . -41.85 -2.55 12.98
O6' LMT WA . -42.56 -4.65 14.45
C1 LMT WA . -39.23 -0.50 11.72
C2 LMT WA . -37.79 -0.97 11.71
C3 LMT WA . -37.01 -0.19 10.67
C4 LMT WA . -35.53 -0.37 10.92
C5 LMT WA . -35.26 -1.76 11.47
C6 LMT WA . -33.78 -1.96 11.65
C7 LMT WA . -33.20 -2.43 10.33
C8 LMT WA . -31.69 -2.25 10.33
C9 LMT WA . -31.10 -3.02 11.49
C10 LMT WA . -30.07 -2.17 12.20
C11 LMT WA . -28.85 -1.99 11.35
C12 LMT WA . -27.65 -2.55 12.06
C1 NAG XA . -46.69 0.14 41.99
C2 NAG XA . -45.94 0.70 43.18
C3 NAG XA . -46.09 -0.23 44.32
C4 NAG XA . -47.61 -0.33 44.65
C5 NAG XA . -48.38 -0.88 43.41
C6 NAG XA . -49.85 -0.98 43.65
C7 NAG XA . -43.85 1.87 43.29
C8 NAG XA . -42.44 2.01 42.79
N2 NAG XA . -44.54 0.86 42.85
O3 NAG XA . -45.31 0.26 45.45
O4 NAG XA . -47.78 -1.18 45.74
O5 NAG XA . -48.20 0.02 42.31
O6 NAG XA . -50.14 -1.46 44.96
O7 NAG XA . -44.34 2.69 44.08
C1 NAG YA . -49.55 12.84 40.54
C2 NAG YA . -49.09 14.03 41.33
C3 NAG YA . -50.09 14.37 42.36
C4 NAG YA . -51.43 14.71 41.61
C5 NAG YA . -51.89 13.47 40.79
C6 NAG YA . -53.15 13.75 40.02
C7 NAG YA . -46.91 14.62 42.23
C8 NAG YA . -45.64 14.16 42.88
N2 NAG YA . -47.82 13.70 41.98
O3 NAG YA . -49.62 15.48 43.16
O4 NAG YA . -52.39 15.05 42.55
O5 NAG YA . -50.88 13.15 39.84
O6 NAG YA . -54.01 14.64 40.72
O7 NAG YA . -47.10 15.81 41.94
C1 NAG ZA . -47.69 20.20 24.68
C2 NAG ZA . -48.96 19.90 25.42
C3 NAG ZA . -49.98 20.91 25.06
C4 NAG ZA . -49.46 22.32 25.48
C5 NAG ZA . -48.14 22.61 24.70
C6 NAG ZA . -47.56 23.94 25.07
C7 NAG ZA . -49.74 17.65 25.88
C8 NAG ZA . -50.15 16.34 25.31
N2 NAG ZA . -49.46 18.60 25.01
O3 NAG ZA . -51.23 20.57 25.73
O4 NAG ZA . -50.42 23.27 25.15
O5 NAG ZA . -47.18 21.62 25.06
O6 NAG ZA . -48.56 24.95 25.13
O7 NAG ZA . -49.64 17.86 27.09
C1 NAG AB . -33.96 10.15 40.11
C2 NAG AB . -34.39 10.19 41.56
C3 NAG AB . -34.89 11.53 41.94
C4 NAG AB . -33.72 12.53 41.72
C5 NAG AB . -33.27 12.51 40.22
C6 NAG AB . -32.11 13.43 39.98
C7 NAG AB . -35.13 8.08 42.47
C8 NAG AB . -36.19 7.06 42.56
N2 NAG AB . -35.41 9.20 41.82
O3 NAG AB . -35.35 11.50 43.31
O4 NAG AB . -34.13 13.81 42.08
O5 NAG AB . -32.83 11.18 39.90
O6 NAG AB . -31.99 14.41 41.01
O7 NAG AB . -34.03 7.91 42.99
C1B LMT BB . -33.82 -17.86 28.03
C2B LMT BB . -32.61 -18.34 28.82
C3B LMT BB . -32.94 -19.49 29.76
C4B LMT BB . -34.22 -19.25 30.53
C5B LMT BB . -35.33 -18.70 29.64
C6B LMT BB . -35.72 -17.30 30.05
O1B LMT BB . -33.56 -17.95 26.63
O2B LMT BB . -31.55 -18.78 27.96
O3B LMT BB . -31.86 -19.66 30.68
O4' LMT BB . -34.65 -20.48 31.10
O5B LMT BB . -34.93 -18.71 28.28
O6B LMT BB . -37.02 -17.02 29.52
C1' LMT BB . -30.75 -16.13 24.56
C2' LMT BB . -30.82 -15.59 25.96
C3' LMT BB . -31.73 -16.46 26.79
C4' LMT BB . -33.04 -16.74 26.10
C5' LMT BB . -32.93 -16.96 24.60
C6' LMT BB . -34.31 -16.87 23.98
O1' LMT BB . -29.85 -15.31 23.82
O2' LMT BB . -29.51 -15.60 26.52
O3' LMT BB . -31.99 -15.77 28.01
O5' LMT BB . -32.06 -16.00 24.02
O6' LMT BB . -34.24 -16.58 22.58
C1 LMT BB . -28.51 -15.76 23.94
C2 LMT BB . -27.83 -15.55 22.59
C3 LMT BB . -26.67 -14.59 22.71
C4 LMT BB . -25.97 -14.50 21.37
C5 LMT BB . -26.98 -14.25 20.27
C6 LMT BB . -26.52 -13.07 19.43
C7 LMT BB . -26.67 -13.39 17.95
C8 LMT BB . -25.33 -13.72 17.33
C9 LMT BB . -24.37 -12.56 17.52
C10 LMT BB . -23.21 -12.62 16.54
C11 LMT BB . -23.67 -13.22 15.23
C12 LMT BB . -23.42 -14.70 15.24
C1 NAG CB . -37.66 22.51 15.18
C2 NAG CB . -38.57 21.33 14.98
C3 NAG CB . -39.28 21.46 13.69
C4 NAG CB . -40.13 22.77 13.74
C5 NAG CB . -39.19 23.98 13.97
C6 NAG CB . -39.96 25.27 14.05
C7 NAG CB . -37.92 19.21 15.93
C8 NAG CB . -36.98 18.05 15.87
N2 NAG CB . -37.81 20.10 14.96
O3 NAG CB . -40.09 20.29 13.45
O4 NAG CB . -40.81 22.91 12.54
O5 NAG CB . -38.49 23.82 15.21
O6 NAG CB . -41.12 25.24 13.24
O7 NAG CB . -38.75 19.35 16.82
C1 NAG DB . -4.72 52.41 20.49
C2 NAG DB . -5.82 53.05 21.29
C3 NAG DB . -6.41 54.16 20.55
C4 NAG DB . -5.29 55.20 20.24
C5 NAG DB . -4.18 54.49 19.39
C6 NAG DB . -3.05 55.42 19.04
C7 NAG DB . -7.49 51.95 22.65
C8 NAG DB . -8.47 50.83 22.71
N2 NAG DB . -6.83 52.05 21.53
O3 NAG DB . -7.48 54.74 21.34
O4 NAG DB . -5.83 56.26 19.53
O5 NAG DB . -3.63 53.43 20.15
O6 NAG DB . -3.49 56.77 18.92
O7 NAG DB . -7.31 52.75 23.59
C1 NAG EB . -22.10 50.28 38.07
C2 NAG EB . -22.95 50.82 39.20
C3 NAG EB . -24.36 50.94 38.77
C4 NAG EB . -24.41 51.93 37.56
C5 NAG EB . -23.54 51.36 36.40
C6 NAG EB . -23.51 52.30 35.21
C7 NAG EB . -22.40 50.31 41.50
C8 NAG EB . -22.34 49.26 42.56
N2 NAG EB . -22.90 49.93 40.34
O3 NAG EB . -25.17 51.39 39.89
O4 NAG EB . -25.73 52.08 37.14
O5 NAG EB . -22.20 51.24 36.87
O6 NAG EB . -24.74 52.98 35.05
O7 NAG EB . -22.03 51.46 41.69
C1 NAG FB . -12.55 56.25 34.10
C2 NAG FB . -13.57 55.28 34.63
C3 NAG FB . -14.60 56.02 35.37
C4 NAG FB . -13.92 56.79 36.56
C5 NAG FB . -12.86 57.77 35.98
C6 NAG FB . -12.15 58.52 37.06
C7 NAG FB . -13.97 53.33 33.21
C8 NAG FB . -14.63 52.81 31.99
N2 NAG FB . -14.22 54.59 33.53
O3 NAG FB . -15.62 55.10 35.82
O4 NAG FB . -14.89 57.50 37.26
O5 NAG FB . -11.89 57.02 35.26
O6 NAG FB . -13.05 58.99 38.06
O7 NAG FB . -13.24 52.63 33.91
C1 NAG GB . -12.18 -26.21 35.48
C2 NAG GB . -13.41 -25.35 35.31
C3 NAG GB . -13.40 -24.26 36.29
C4 NAG GB . -13.42 -24.93 37.72
C5 NAG GB . -12.16 -25.83 37.87
C6 NAG GB . -12.15 -26.52 39.21
C7 NAG GB . -14.57 -24.99 33.22
C8 NAG GB . -14.53 -24.48 31.80
N2 NAG GB . -13.49 -24.80 33.97
O3 NAG GB . -14.54 -23.40 36.07
O4 NAG GB . -13.43 -23.92 38.67
O5 NAG GB . -12.19 -26.84 36.88
O6 NAG GB . -12.67 -25.68 40.24
O7 NAG GB . -15.55 -25.58 33.68
C1 NAG HB . 30.15 -36.05 28.23
C2 NAG HB . 30.42 -37.13 29.24
C3 NAG HB . 30.68 -36.51 30.56
C4 NAG HB . 31.91 -35.55 30.43
C5 NAG HB . 31.59 -34.45 29.38
C6 NAG HB . 32.75 -33.50 29.17
C7 NAG HB . 29.29 -39.19 29.87
C8 NAG HB . 27.99 -39.93 29.96
N2 NAG HB . 29.25 -37.98 29.35
O3 NAG HB . 30.90 -37.51 31.59
O4 NAG HB . 32.18 -34.97 31.67
O5 NAG HB . 31.35 -35.08 28.14
O6 NAG HB . 33.40 -33.19 30.39
O7 NAG HB . 30.34 -39.67 30.28
C1 NAG IB . 15.94 -54.91 33.62
C2 NAG IB . 15.64 -56.28 34.20
C3 NAG IB . 15.18 -56.16 35.59
C4 NAG IB . 16.31 -55.48 36.43
C5 NAG IB . 16.60 -54.07 35.85
C6 NAG IB . 17.74 -53.40 36.58
C7 NAG IB . 14.69 -58.11 32.96
C8 NAG IB . 13.54 -58.61 32.14
N2 NAG IB . 14.58 -56.90 33.44
O3 NAG IB . 14.82 -57.47 36.10
O4 NAG IB . 15.91 -55.38 37.76
O5 NAG IB . 17.02 -54.23 34.49
O6 NAG IB . 17.83 -53.84 37.93
O7 NAG IB . 15.68 -58.81 33.18
C1 NAG JB . 26.40 -51.93 31.09
C2 NAG JB . 27.07 -53.21 30.65
C3 NAG JB . 26.72 -54.30 31.58
C4 NAG JB . 27.23 -53.90 33.01
C5 NAG JB . 26.55 -52.58 33.46
C6 NAG JB . 27.04 -52.10 34.79
C7 NAG JB . 27.33 -54.25 28.49
C8 NAG JB . 26.77 -54.50 27.13
N2 NAG JB . 26.61 -53.53 29.31
O3 NAG JB . 27.30 -55.55 31.13
O4 NAG JB . 26.93 -54.93 33.90
O5 NAG JB . 26.89 -51.56 32.51
O6 NAG JB . 27.37 -53.19 35.65
O7 NAG JB . 28.44 -54.70 28.84
C1 NAG KB . -38.20 -44.87 19.91
C2 NAG KB . -37.56 -46.00 19.17
C3 NAG KB . -38.49 -46.52 18.15
C4 NAG KB . -39.76 -47.04 18.89
C5 NAG KB . -40.41 -45.87 19.69
C6 NAG KB . -41.60 -46.34 20.47
C7 NAG KB . -35.22 -46.25 18.57
C8 NAG KB . -34.02 -45.67 17.88
N2 NAG KB . -36.34 -45.56 18.51
O3 NAG KB . -37.84 -47.57 17.38
O4 NAG KB . -40.67 -47.54 17.97
O5 NAG KB . -39.46 -45.37 20.64
O6 NAG KB . -42.23 -47.46 19.86
O7 NAG KB . -35.18 -47.33 19.17
C1 NAG LB . -30.78 -48.67 29.66
C2 NAG LB . -29.74 -48.98 30.71
C3 NAG LB . -30.15 -50.14 31.51
C4 NAG LB . -31.52 -49.78 32.20
C5 NAG LB . -32.58 -49.45 31.10
C6 NAG LB . -33.90 -49.06 31.71
C7 NAG LB . -27.44 -48.47 30.14
C8 NAG LB . -26.22 -48.87 29.39
N2 NAG LB . -28.47 -49.28 30.06
O3 NAG LB . -29.12 -50.46 32.47
O4 NAG LB . -31.94 -50.84 32.98
O5 NAG LB . -32.13 -48.35 30.33
O6 NAG LB . -34.22 -49.85 32.83
O7 NAG LB . -27.49 -47.45 30.82
C1 NAG MB . -21.99 -35.93 38.19
C2 NAG MB . -23.16 -36.64 38.79
C3 NAG MB . -22.92 -36.81 40.24
C4 NAG MB . -21.62 -37.62 40.48
C5 NAG MB . -20.43 -36.85 39.83
C6 NAG MB . -19.12 -37.57 39.99
C7 NAG MB . -25.52 -36.36 38.29
C8 NAG MB . -26.67 -35.41 38.15
N2 NAG MB . -24.35 -35.84 38.60
O3 NAG MB . -24.08 -37.45 40.83
O4 NAG MB . -21.40 -37.78 41.83
O5 NAG MB . -20.68 -36.71 38.44
O6 NAG MB . -18.97 -38.12 41.29
O7 NAG MB . -25.65 -37.57 38.13
C1 NAG NB . -22.27 -45.15 16.72
C2 NAG NB . -23.20 -46.34 16.66
C3 NAG NB . -22.80 -47.37 17.63
C4 NAG NB . -21.34 -47.83 17.26
C5 NAG NB . -20.39 -46.61 17.34
C6 NAG NB . -18.98 -46.97 16.95
C7 NAG NB . -25.47 -45.82 15.98
C8 NAG NB . -26.76 -45.18 16.34
N2 NAG NB . -24.57 -45.92 16.94
O3 NAG NB . -23.75 -48.48 17.59
O4 NAG NB . -20.94 -48.82 18.14
O5 NAG NB . -20.84 -45.62 16.41
O6 NAG NB . -18.70 -48.32 17.26
O7 NAG NB . -25.25 -46.24 14.84
C1B LMT OB . -40.90 -24.27 4.60
O1B LMT OB . -40.44 -22.92 4.49
C1' LMT OB . -36.74 -21.33 4.40
C2' LMT OB . -36.74 -22.83 4.40
C3' LMT OB . -38.13 -23.28 4.02
C4' LMT OB . -39.14 -22.74 5.02
C5' LMT OB . -38.92 -21.27 5.34
C6' LMT OB . -39.67 -20.94 6.64
O1' LMT OB . -35.41 -20.83 4.57
O2' LMT OB . -35.80 -23.33 3.46
O3' LMT OB . -38.20 -24.71 4.02
O5' LMT OB . -37.54 -20.97 5.52
O6' LMT OB . -39.53 -19.56 6.98
C1 LMT OB . -34.86 -20.36 3.34
C2 LMT OB . -33.41 -19.95 3.54
C3 LMT OB . -33.30 -18.45 3.78
C4 LMT OB . -31.86 -17.98 3.83
C5 LMT OB . -31.57 -17.30 5.17
C6 LMT OB . -30.68 -16.07 5.00
C1 NAG PB . -62.12 -8.36 -6.21
C2 NAG PB . -62.06 -6.96 -6.76
C3 NAG PB . -63.29 -6.24 -6.42
C4 NAG PB . -64.50 -6.99 -7.06
C5 NAG PB . -64.55 -8.44 -6.49
C6 NAG PB . -65.67 -9.25 -7.08
C7 NAG PB . -59.98 -5.73 -6.88
C8 NAG PB . -58.92 -5.03 -6.11
N2 NAG PB . -60.96 -6.22 -6.17
O3 NAG PB . -63.20 -4.87 -6.89
O4 NAG PB . -65.67 -6.33 -6.73
O5 NAG PB . -63.33 -9.09 -6.83
O6 NAG PB . -66.85 -8.47 -7.24
O7 NAG PB . -59.94 -5.84 -8.10
C1 NAG QB . -61.53 -15.21 -15.90
C2 NAG QB . -61.37 -16.34 -16.88
C3 NAG QB . -62.69 -16.79 -17.34
C4 NAG QB . -63.48 -17.27 -16.07
C5 NAG QB . -63.64 -16.09 -15.06
C6 NAG QB . -64.35 -16.51 -13.81
C7 NAG QB . -59.39 -16.33 -18.27
C8 NAG QB . -58.68 -15.72 -19.43
N2 NAG QB . -60.60 -15.88 -18.03
O3 NAG QB . -62.52 -17.85 -18.32
O4 NAG QB . -64.73 -17.73 -16.47
O5 NAG QB . -62.34 -15.66 -14.67
O6 NAG QB . -65.38 -17.45 -14.07
O7 NAG QB . -58.87 -17.21 -17.57
C1 NAG RB . -47.75 -25.86 -18.51
C2 NAG RB . -49.10 -26.36 -18.09
C3 NAG RB . -49.43 -27.61 -18.78
C4 NAG RB . -49.43 -27.33 -20.32
C5 NAG RB . -48.03 -26.82 -20.75
C6 NAG RB . -47.99 -26.48 -22.22
C7 NAG RB . -49.88 -25.90 -15.86
C8 NAG RB . -49.77 -26.17 -14.40
N2 NAG RB . -49.13 -26.61 -16.66
O3 NAG RB . -50.70 -28.12 -18.31
O4 NAG RB . -49.75 -28.50 -21.00
O5 NAG RB . -47.74 -25.62 -20.04
O6 NAG RB . -48.91 -27.28 -22.96
O7 NAG RB . -50.63 -25.04 -16.30
C1 NAG SB . -50.61 -2.60 -16.08
C2 NAG SB . -52.05 -2.13 -16.05
C3 NAG SB . -52.76 -2.54 -17.26
C4 NAG SB . -52.03 -1.88 -18.48
C5 NAG SB . -50.54 -2.36 -18.53
C6 NAG SB . -49.77 -1.71 -19.65
C7 NAG SB . -53.00 -1.95 -13.83
C8 NAG SB . -53.49 -2.64 -12.61
N2 NAG SB . -52.71 -2.69 -14.88
O3 NAG SB . -54.16 -2.15 -17.18
O4 NAG SB . -52.68 -2.22 -19.66
O5 NAG SB . -49.90 -1.97 -17.31
O6 NAG SB . -50.58 -1.53 -20.80
O7 NAG SB . -52.87 -0.73 -13.86
C1 NAG TB . -33.68 -25.81 -17.86
C2 NAG TB . -33.65 -26.08 -16.38
C3 NAG TB . -33.21 -27.46 -16.09
C4 NAG TB . -34.27 -28.40 -16.77
C5 NAG TB . -34.31 -28.12 -18.30
C6 NAG TB . -35.34 -28.98 -18.99
C7 NAG TB . -33.03 -24.61 -14.58
C8 NAG TB . -32.19 -23.47 -14.13
N2 NAG TB . -32.76 -25.12 -15.74
O3 NAG TB . -33.15 -27.65 -14.65
O4 NAG TB . -33.92 -29.72 -16.52
O5 NAG TB . -34.69 -26.76 -18.52
O6 NAG TB . -35.57 -30.20 -18.29
O7 NAG TB . -33.94 -25.07 -13.88
C1 NAG UB . -10.37 -11.46 -53.57
C2 NAG UB . -11.58 -12.30 -53.94
C3 NAG UB . -11.16 -13.70 -54.24
C4 NAG UB . -10.19 -13.61 -55.47
C5 NAG UB . -8.95 -12.72 -55.11
C6 NAG UB . -8.05 -12.56 -56.30
C7 NAG UB . -13.81 -12.20 -53.12
C8 NAG UB . -14.71 -12.05 -51.95
N2 NAG UB . -12.53 -12.28 -52.86
O3 NAG UB . -12.31 -14.53 -54.51
O4 NAG UB . -9.78 -14.89 -55.79
O5 NAG UB . -9.41 -11.41 -54.78
O6 NAG UB . -8.09 -13.70 -57.15
O7 NAG UB . -14.23 -12.27 -54.27
C1 NAG VB . -35.42 -11.69 -55.27
C2 NAG VB . -36.75 -11.76 -55.98
C3 NAG VB . -37.27 -13.13 -55.97
C4 NAG VB . -36.25 -14.06 -56.71
C5 NAG VB . -34.88 -13.99 -55.96
C6 NAG VB . -33.82 -14.81 -56.65
C7 NAG VB . -38.24 -9.85 -55.87
C8 NAG VB . -39.15 -9.02 -55.02
N2 NAG VB . -37.71 -10.91 -55.30
O3 NAG VB . -38.58 -13.17 -56.60
O4 NAG VB . -36.73 -15.36 -56.73
O5 NAG VB . -34.43 -12.64 -55.96
O6 NAG VB . -34.36 -16.00 -57.22
O7 NAG VB . -38.00 -9.56 -57.05
C1 NAG WB . -25.91 -10.19 -60.51
C2 NAG WB . -26.24 -9.17 -61.58
C3 NAG WB . -27.47 -9.53 -62.30
C4 NAG WB . -27.24 -10.94 -62.96
C5 NAG WB . -26.91 -11.98 -61.85
C6 NAG WB . -26.66 -13.35 -62.42
C7 NAG WB . -25.57 -6.88 -61.22
C8 NAG WB . -25.78 -5.64 -60.42
N2 NAG WB . -26.40 -7.87 -60.97
O3 NAG WB . -27.79 -8.50 -63.26
O4 NAG WB . -28.38 -11.30 -63.65
O5 NAG WB . -25.72 -11.57 -61.17
O6 NAG WB . -27.56 -13.66 -63.47
O7 NAG WB . -24.67 -6.98 -62.06
#